data_8FE3
#
_entry.id   8FE3
#
loop_
_entity.id
_entity.type
_entity.pdbx_description
1 polymer 'prM12 Fab Heavy Chain'
2 polymer 'prM12 Fab Light Chain'
3 polymer 'Envelope protein E'
4 polymer 'prM protein'
#
loop_
_entity_poly.entity_id
_entity_poly.type
_entity_poly.pdbx_seq_one_letter_code
_entity_poly.pdbx_strand_id
1 'polypeptide(L)'
;EVQLQESGPELVKPGTSVKMSCKASGYTFTDYNIHWVKQSHGKSLEWIGYINPNNGGNKYTQKFEGRATLTVGKSSSTAY
MELRSLTSEDSAVYYCARSPMYFYYDGSYYFDYWGQGTSLSVSSAKTTAPSVYPLAPVCGGTTGSSVTLGCLVKGYFPEP
VTLTWNSGSLSSGVHTFPALLQSGLYTLSSSVTVTSNTWPSQTITCNVAHPASSTKVDKKIEPRVPI
;
H,M,O
2 'polypeptide(L)'
;DIVLTQSPASLAVSLGQRATISYRASKSVSTSGYSYMHWNQQKPGQPPRLLIYLVSNLESGVPARFSGSGSGTDFTLNIH
PVEEEDAATYYCQHIRELTFGAAPSAAARADAAPTVSIFPPSSEQLTSGGASVVCFLNNFYPKDINVKWKIDGSERQNGV
LNSWTDQDSKDSTYSMSSTLTLTKDEYERHNSYTCEATHKTSTSPIVKSFNRNEC
;
L,N,P
3 'polypeptide(L)'
;MRCIGMSNRDFVEGVSGGSWVDIVLEHGSCVTTMAKNKPTLDFELIKTEAKQPATLRKYCIEAKLTNTTTESRCPTQGEP
SLNEEQDKRFVCKHSMVDRGWGNGCGLFGKGGIVTCAMFRCKKNMEGKVVQPENLEYTIVITPHSGEEHAVGNDTGKHGK
EIKITPQSSITEAELTGYGTVTMECSPRTGLDFNEMVLLQMENKAWLVHRQWFLDLPLPWLPGADTQGSNWIQKETLVTF
KNPHAKKQDVVVLGSQEGAMHTALTGATEIQMSSGNLLFTGHLKCRLRMDKLQLKGMSYSMCTGKFKVVKEIAETQHGTI
VIRVQYEGDGSPCKIPFEIMDLEKRHVLGRLITVNPIVTEKDSPVNIEAEPPFGDSYIIIGVEPGQLKLNWFKK
;
A,C,E
4 'polypeptide(L)'
;FHLTTRNGEPHMIVSRQEKGKSLLFKTEDGVNMCTLMAMDLGELCEDTITYKCPLLRQNEPEDIDCWCNSTSTWVTYGTC
T
;
B,D,F
#
# COMPACT_ATOMS: atom_id res chain seq x y z
N GLU A 1 -52.48 -18.10 -11.86
CA GLU A 1 -53.88 -18.17 -11.44
C GLU A 1 -54.41 -16.82 -10.95
N VAL A 2 -53.60 -16.16 -10.10
CA VAL A 2 -53.79 -14.89 -9.40
C VAL A 2 -55.23 -14.34 -9.32
N GLN A 3 -55.93 -14.62 -8.22
CA GLN A 3 -57.29 -14.11 -7.99
C GLN A 3 -57.43 -13.36 -6.64
N LEU A 4 -58.44 -12.50 -6.64
CA LEU A 4 -59.01 -11.85 -5.48
C LEU A 4 -60.51 -12.06 -5.47
N GLN A 5 -61.07 -12.32 -4.29
CA GLN A 5 -62.41 -12.88 -4.12
C GLN A 5 -63.02 -12.18 -2.89
N GLU A 6 -63.93 -11.26 -3.19
CA GLU A 6 -64.49 -10.38 -2.19
C GLU A 6 -65.68 -10.99 -1.43
N SER A 7 -66.14 -10.31 -0.36
CA SER A 7 -67.49 -10.60 0.19
C SER A 7 -68.62 -10.46 -0.84
N GLY A 8 -69.86 -10.74 -0.40
CA GLY A 8 -71.08 -10.44 -1.16
C GLY A 8 -71.64 -9.03 -0.87
N PRO A 9 -72.59 -8.55 -1.68
CA PRO A 9 -73.29 -7.30 -1.41
C PRO A 9 -74.00 -7.24 -0.05
N GLU A 10 -74.07 -6.05 0.54
CA GLU A 10 -74.43 -5.83 1.95
C GLU A 10 -75.26 -4.53 2.10
N LEU A 11 -76.30 -4.55 2.94
CA LEU A 11 -77.44 -3.60 2.90
C LEU A 11 -77.72 -2.89 4.24
N VAL A 12 -76.69 -2.22 4.74
CA VAL A 12 -76.63 -1.60 6.06
C VAL A 12 -77.54 -0.39 6.27
N LYS A 13 -77.79 -0.16 7.56
CA LYS A 13 -78.53 0.95 8.15
C LYS A 13 -77.56 2.05 8.66
N PRO A 14 -77.89 3.35 8.46
CA PRO A 14 -77.10 4.45 8.97
C PRO A 14 -76.69 4.31 10.44
N GLY A 15 -75.47 4.78 10.71
CA GLY A 15 -74.77 4.64 11.97
C GLY A 15 -74.07 3.30 12.17
N THR A 16 -74.54 2.22 11.54
CA THR A 16 -73.87 0.92 11.71
C THR A 16 -72.49 0.85 11.05
N SER A 17 -71.85 -0.32 11.20
CA SER A 17 -70.59 -0.66 10.53
C SER A 17 -70.80 -1.81 9.53
N VAL A 18 -69.84 -1.98 8.62
CA VAL A 18 -69.74 -3.13 7.71
C VAL A 18 -68.29 -3.61 7.62
N LYS A 19 -68.04 -4.87 7.20
CA LYS A 19 -66.71 -5.48 7.34
C LYS A 19 -66.28 -6.47 6.24
N MET A 20 -66.04 -5.96 5.04
CA MET A 20 -65.90 -6.73 3.79
C MET A 20 -64.59 -7.52 3.63
N SER A 21 -64.63 -8.82 3.27
CA SER A 21 -63.41 -9.62 3.05
C SER A 21 -62.95 -9.69 1.56
N CYS A 22 -61.82 -10.37 1.24
CA CYS A 22 -61.04 -10.11 0.03
C CYS A 22 -60.28 -11.31 -0.60
N LYS A 23 -60.18 -12.42 0.13
CA LYS A 23 -59.54 -13.70 -0.21
C LYS A 23 -58.69 -13.76 -1.51
N ALA A 24 -57.37 -13.65 -1.35
CA ALA A 24 -56.38 -13.89 -2.37
C ALA A 24 -56.09 -15.38 -2.56
N SER A 25 -55.74 -15.72 -3.81
CA SER A 25 -55.14 -17.00 -4.18
C SER A 25 -54.21 -16.81 -5.38
N GLY A 26 -53.38 -17.83 -5.66
CA GLY A 26 -52.49 -17.84 -6.81
C GLY A 26 -51.18 -17.06 -6.65
N TYR A 27 -50.94 -16.47 -5.48
CA TYR A 27 -49.69 -15.78 -5.16
C TYR A 27 -49.38 -15.86 -3.65
N THR A 28 -48.21 -15.41 -3.20
CA THR A 28 -47.73 -15.67 -1.83
C THR A 28 -48.50 -14.96 -0.70
N PHE A 29 -49.43 -14.05 -1.05
CA PHE A 29 -50.12 -13.08 -0.19
C PHE A 29 -49.23 -12.09 0.57
N THR A 30 -48.13 -12.55 1.15
CA THR A 30 -47.23 -11.80 2.04
C THR A 30 -46.10 -11.04 1.32
N ASP A 31 -46.25 -10.89 0.01
CA ASP A 31 -45.28 -10.41 -0.98
C ASP A 31 -45.78 -9.18 -1.72
N TYR A 32 -47.05 -8.82 -1.54
CA TYR A 32 -47.69 -7.67 -2.17
C TYR A 32 -48.47 -6.82 -1.16
N ASN A 33 -49.13 -5.77 -1.64
CA ASN A 33 -49.80 -4.76 -0.80
C ASN A 33 -51.22 -4.50 -1.33
N ILE A 34 -52.24 -4.42 -0.48
CA ILE A 34 -53.63 -4.68 -0.91
C ILE A 34 -54.51 -3.43 -0.69
N HIS A 35 -54.63 -2.65 -1.75
CA HIS A 35 -55.53 -1.50 -2.02
C HIS A 35 -56.98 -1.76 -1.61
N TRP A 36 -57.80 -0.70 -1.46
CA TRP A 36 -59.24 -0.78 -1.23
C TRP A 36 -60.01 0.40 -1.87
N VAL A 37 -60.13 0.44 -3.19
CA VAL A 37 -60.75 1.54 -3.96
C VAL A 37 -62.28 1.53 -3.98
N LYS A 38 -62.92 2.55 -3.44
CA LYS A 38 -64.35 2.82 -3.63
C LYS A 38 -64.64 3.32 -5.06
N GLN A 39 -65.85 3.10 -5.56
CA GLN A 39 -66.47 3.94 -6.59
C GLN A 39 -67.93 4.16 -6.22
N SER A 40 -68.31 5.43 -6.03
CA SER A 40 -69.73 5.77 -5.88
C SER A 40 -70.40 5.90 -7.24
N HIS A 41 -71.72 5.79 -7.24
CA HIS A 41 -72.58 5.95 -8.39
C HIS A 41 -72.27 7.25 -9.12
N GLY A 42 -71.90 7.15 -10.41
CA GLY A 42 -71.57 8.31 -11.23
C GLY A 42 -70.33 9.12 -10.80
N LYS A 43 -69.52 8.57 -9.90
CA LYS A 43 -68.29 9.18 -9.38
C LYS A 43 -67.07 8.43 -9.88
N SER A 44 -65.91 9.05 -9.74
CA SER A 44 -64.62 8.40 -10.00
C SER A 44 -64.33 7.26 -9.02
N LEU A 45 -63.25 6.54 -9.29
CA LEU A 45 -62.48 5.83 -8.28
C LEU A 45 -62.04 6.78 -7.15
N GLU A 46 -61.87 6.22 -5.95
CA GLU A 46 -61.51 6.91 -4.71
C GLU A 46 -60.82 5.92 -3.77
N TRP A 47 -59.49 5.92 -3.83
CA TRP A 47 -58.63 5.08 -3.00
C TRP A 47 -58.99 5.17 -1.50
N ILE A 48 -59.34 4.04 -0.87
CA ILE A 48 -58.94 3.76 0.51
C ILE A 48 -57.68 2.89 0.48
N GLY A 49 -56.87 3.00 1.52
CA GLY A 49 -55.56 2.38 1.74
C GLY A 49 -55.33 0.85 1.39
N TYR A 50 -54.11 0.36 1.67
CA TYR A 50 -53.47 -0.71 0.92
C TYR A 50 -52.56 -1.69 1.68
N ILE A 51 -52.98 -2.05 2.92
CA ILE A 51 -52.24 -2.84 3.92
C ILE A 51 -51.23 -3.88 3.35
N ASN A 52 -50.04 -3.88 3.95
CA ASN A 52 -48.99 -4.87 3.75
C ASN A 52 -49.29 -6.13 4.59
N PRO A 53 -49.52 -7.31 4.00
CA PRO A 53 -49.74 -8.52 4.78
C PRO A 53 -48.52 -9.12 5.45
N ASN A 54 -47.31 -8.60 5.20
CA ASN A 54 -46.10 -9.11 5.84
C ASN A 54 -45.93 -8.56 7.26
N ASN A 55 -45.96 -7.24 7.43
CA ASN A 55 -45.84 -6.57 8.72
C ASN A 55 -47.15 -6.03 9.33
N GLY A 56 -48.24 -6.04 8.57
CA GLY A 56 -49.54 -5.51 8.98
C GLY A 56 -49.68 -3.99 8.85
N GLY A 57 -48.59 -3.30 8.49
CA GLY A 57 -48.57 -1.84 8.35
C GLY A 57 -49.45 -1.38 7.20
N ASN A 58 -50.14 -0.27 7.43
CA ASN A 58 -51.22 0.20 6.58
C ASN A 58 -51.19 1.72 6.51
N LYS A 59 -51.53 2.27 5.34
CA LYS A 59 -51.54 3.71 5.09
C LYS A 59 -52.85 4.11 4.45
N TYR A 60 -53.66 4.82 5.22
CA TYR A 60 -54.96 5.34 4.80
C TYR A 60 -54.83 6.63 3.99
N THR A 61 -55.79 6.86 3.12
CA THR A 61 -56.16 8.17 2.57
C THR A 61 -56.72 9.07 3.67
N GLN A 62 -56.30 10.35 3.71
CA GLN A 62 -56.72 11.28 4.77
C GLN A 62 -58.25 11.28 4.99
N LYS A 63 -59.02 11.47 3.91
CA LYS A 63 -60.50 11.47 3.90
C LYS A 63 -61.20 10.22 4.46
N PHE A 64 -60.48 9.13 4.67
CA PHE A 64 -61.01 7.89 5.25
C PHE A 64 -60.26 7.42 6.51
N GLU A 65 -59.20 8.13 6.93
CA GLU A 65 -58.71 8.06 8.31
C GLU A 65 -59.88 8.25 9.31
N GLY A 66 -59.82 7.54 10.43
CA GLY A 66 -60.93 7.44 11.38
C GLY A 66 -62.05 6.47 10.95
N ARG A 67 -62.46 6.50 9.67
CA ARG A 67 -63.69 5.83 9.21
C ARG A 67 -63.46 4.42 8.69
N ALA A 68 -62.25 4.12 8.24
CA ALA A 68 -61.83 2.78 7.85
C ALA A 68 -60.82 2.18 8.81
N THR A 69 -60.67 0.86 8.78
CA THR A 69 -59.61 0.10 9.45
C THR A 69 -59.31 -1.15 8.61
N LEU A 70 -58.07 -1.28 8.17
CA LEU A 70 -57.62 -2.38 7.32
C LEU A 70 -56.86 -3.40 8.15
N THR A 71 -57.16 -4.67 7.90
CA THR A 71 -56.60 -5.80 8.66
C THR A 71 -56.35 -6.98 7.72
N VAL A 72 -55.50 -7.91 8.17
CA VAL A 72 -55.08 -9.07 7.39
C VAL A 72 -55.02 -10.29 8.31
N GLY A 73 -55.51 -11.41 7.81
CA GLY A 73 -55.40 -12.73 8.41
C GLY A 73 -54.53 -13.60 7.53
N LYS A 74 -53.21 -13.52 7.76
CA LYS A 74 -52.17 -14.22 6.98
C LYS A 74 -52.48 -15.70 6.75
N SER A 75 -52.81 -16.44 7.81
CA SER A 75 -53.16 -17.86 7.73
C SER A 75 -54.55 -18.18 7.13
N SER A 76 -55.24 -17.19 6.56
CA SER A 76 -56.44 -17.40 5.74
C SER A 76 -56.30 -16.70 4.37
N SER A 77 -55.11 -16.17 4.05
CA SER A 77 -54.80 -15.28 2.93
C SER A 77 -55.93 -14.30 2.59
N THR A 78 -56.45 -13.64 3.63
CA THR A 78 -57.65 -12.81 3.54
C THR A 78 -57.37 -11.44 4.11
N ALA A 79 -57.63 -10.39 3.33
CA ALA A 79 -57.71 -9.04 3.86
C ALA A 79 -59.18 -8.69 4.15
N TYR A 80 -59.34 -7.71 5.04
CA TYR A 80 -60.59 -7.25 5.62
C TYR A 80 -60.59 -5.74 5.76
N MET A 81 -61.66 -5.08 5.31
CA MET A 81 -61.87 -3.65 5.53
C MET A 81 -63.13 -3.43 6.37
N GLU A 82 -62.94 -2.83 7.54
CA GLU A 82 -64.04 -2.33 8.37
C GLU A 82 -64.31 -0.85 8.08
N LEU A 83 -65.59 -0.49 8.08
CA LEU A 83 -66.07 0.84 7.72
C LEU A 83 -67.21 1.22 8.67
N ARG A 84 -67.00 2.32 9.40
CA ARG A 84 -67.73 2.62 10.65
C ARG A 84 -68.51 3.91 10.51
N SER A 85 -69.54 4.09 11.34
CA SER A 85 -70.41 5.26 11.30
C SER A 85 -70.94 5.56 9.90
N LEU A 86 -71.51 4.54 9.26
CA LEU A 86 -71.89 4.59 7.85
C LEU A 86 -73.04 5.57 7.60
N THR A 87 -72.95 6.24 6.47
CA THR A 87 -73.81 7.34 6.02
C THR A 87 -74.30 7.04 4.62
N SER A 88 -75.30 7.77 4.11
CA SER A 88 -75.70 7.60 2.72
C SER A 88 -74.53 7.75 1.72
N GLU A 89 -73.61 8.71 1.93
CA GLU A 89 -72.43 8.89 1.05
C GLU A 89 -71.58 7.63 0.95
N ASP A 90 -71.55 6.79 1.99
CA ASP A 90 -70.77 5.55 1.96
C ASP A 90 -71.24 4.54 0.90
N SER A 91 -72.50 4.64 0.46
CA SER A 91 -73.06 3.74 -0.56
C SER A 91 -72.25 3.78 -1.86
N ALA A 92 -71.64 2.64 -2.18
CA ALA A 92 -70.63 2.52 -3.23
C ALA A 92 -70.27 1.06 -3.51
N VAL A 93 -69.51 0.78 -4.58
CA VAL A 93 -68.63 -0.38 -4.60
C VAL A 93 -67.37 -0.12 -3.79
N TYR A 94 -66.80 -1.14 -3.18
CA TYR A 94 -65.44 -1.15 -2.63
C TYR A 94 -64.65 -2.28 -3.28
N TYR A 95 -63.36 -2.05 -3.50
CA TYR A 95 -62.51 -2.91 -4.32
C TYR A 95 -61.11 -3.19 -3.78
N CYS A 96 -60.88 -4.38 -3.23
CA CYS A 96 -59.52 -4.74 -2.85
C CYS A 96 -58.59 -5.00 -4.04
N ALA A 97 -57.31 -4.61 -3.91
CA ALA A 97 -56.41 -4.62 -5.06
C ALA A 97 -54.92 -4.87 -4.86
N ARG A 98 -54.41 -5.89 -5.56
CA ARG A 98 -52.99 -6.25 -5.56
C ARG A 98 -52.17 -5.16 -6.25
N SER A 99 -51.32 -4.52 -5.47
CA SER A 99 -50.05 -3.95 -5.95
C SER A 99 -49.25 -5.06 -6.61
N PRO A 100 -48.84 -4.94 -7.87
CA PRO A 100 -47.82 -5.80 -8.41
C PRO A 100 -46.45 -5.32 -7.94
N MET A 101 -45.43 -5.91 -8.57
CA MET A 101 -44.04 -5.51 -8.46
C MET A 101 -43.50 -5.57 -7.04
N TYR A 102 -42.21 -5.33 -6.89
CA TYR A 102 -41.63 -5.13 -5.57
C TYR A 102 -40.28 -4.43 -5.63
N PHE A 103 -40.31 -3.11 -5.83
CA PHE A 103 -39.23 -2.26 -5.36
C PHE A 103 -39.54 -1.50 -4.06
N TYR A 104 -38.53 -1.33 -3.20
CA TYR A 104 -38.75 -0.73 -1.87
C TYR A 104 -39.16 0.76 -1.94
N ASP A 106 -40.40 1.57 -5.23
CA ASP A 106 -41.13 1.46 -6.49
C ASP A 106 -42.08 2.65 -6.62
N GLY A 107 -42.82 2.86 -5.52
CA GLY A 107 -44.08 3.58 -5.54
C GLY A 107 -44.94 3.17 -6.72
N SER A 108 -44.81 1.91 -7.17
CA SER A 108 -45.41 1.36 -8.39
C SER A 108 -46.83 1.85 -8.53
N TYR A 109 -47.52 1.82 -7.39
CA TYR A 109 -48.90 2.19 -7.13
C TYR A 109 -49.93 1.61 -8.09
N TYR A 110 -49.47 0.78 -9.02
CA TYR A 110 -50.31 0.05 -9.91
C TYR A 110 -51.25 -0.87 -9.14
N PHE A 111 -52.35 -1.18 -9.80
CA PHE A 111 -53.43 -1.99 -9.28
C PHE A 111 -53.59 -3.13 -10.28
N ASP A 112 -52.66 -4.10 -10.29
CA ASP A 112 -52.57 -5.03 -11.40
C ASP A 112 -53.66 -6.11 -11.44
N TYR A 113 -54.19 -6.45 -10.26
CA TYR A 113 -55.32 -7.34 -10.11
C TYR A 113 -56.36 -6.74 -9.16
N TRP A 114 -57.61 -6.79 -9.59
CA TRP A 114 -58.76 -6.21 -8.92
C TRP A 114 -59.74 -7.30 -8.52
N GLY A 115 -60.34 -7.17 -7.33
CA GLY A 115 -61.48 -8.02 -6.99
C GLY A 115 -62.74 -7.71 -7.81
N GLN A 116 -63.77 -8.55 -7.62
CA GLN A 116 -65.08 -8.41 -8.26
C GLN A 116 -65.87 -7.15 -7.86
N GLY A 117 -65.48 -6.54 -6.75
CA GLY A 117 -66.15 -5.45 -6.08
C GLY A 117 -67.31 -5.89 -5.19
N THR A 118 -67.53 -5.14 -4.12
CA THR A 118 -68.59 -5.42 -3.13
C THR A 118 -69.48 -4.20 -3.02
N SER A 119 -70.77 -4.37 -3.34
CA SER A 119 -71.75 -3.29 -3.32
C SER A 119 -72.35 -3.12 -1.92
N LEU A 120 -72.00 -2.01 -1.29
CA LEU A 120 -72.60 -1.50 -0.06
C LEU A 120 -73.72 -0.52 -0.37
N SER A 121 -74.88 -0.72 0.25
CA SER A 121 -75.96 0.27 0.26
C SER A 121 -76.45 0.57 1.67
N VAL A 122 -76.49 1.86 1.99
CA VAL A 122 -76.74 2.47 3.29
C VAL A 122 -78.08 3.18 3.27
N SER A 123 -79.07 2.56 3.90
CA SER A 123 -80.49 2.92 3.75
C SER A 123 -81.20 2.92 5.09
N SER A 124 -82.09 3.89 5.28
CA SER A 124 -82.89 3.93 6.50
C SER A 124 -84.34 3.71 6.07
N ALA A 125 -84.59 3.97 4.79
CA ALA A 125 -85.86 3.71 4.15
C ALA A 125 -86.26 2.26 4.24
N LYS A 126 -87.44 2.01 4.81
CA LYS A 126 -87.95 0.66 4.92
C LYS A 126 -88.49 0.22 3.57
N THR A 127 -88.62 -1.10 3.42
CA THR A 127 -89.13 -1.66 2.17
C THR A 127 -90.48 -1.04 1.85
N THR A 128 -90.58 -0.47 0.64
CA THR A 128 -91.75 0.29 0.23
C THR A 128 -92.03 -0.03 -1.23
N ALA A 129 -93.23 -0.52 -1.50
CA ALA A 129 -93.65 -0.79 -2.87
C ALA A 129 -93.85 0.52 -3.62
N PRO A 130 -93.57 0.56 -4.92
CA PRO A 130 -93.72 1.80 -5.67
C PRO A 130 -95.18 2.17 -5.91
N SER A 131 -95.41 3.47 -6.03
CA SER A 131 -96.62 3.97 -6.67
C SER A 131 -96.34 4.01 -8.18
N VAL A 132 -97.27 3.51 -8.96
CA VAL A 132 -97.08 3.38 -10.41
C VAL A 132 -98.17 4.19 -11.11
N TYR A 133 -97.76 5.17 -11.90
CA TYR A 133 -98.70 6.11 -12.48
C TYR A 133 -98.64 6.02 -13.99
N PRO A 134 -99.76 5.75 -14.67
CA PRO A 134 -99.78 5.80 -16.13
C PRO A 134 -99.77 7.24 -16.62
N LEU A 135 -98.96 7.52 -17.65
CA LEU A 135 -98.87 8.87 -18.20
C LEU A 135 -99.37 8.87 -19.64
N ALA A 136 -100.61 9.28 -19.82
CA ALA A 136 -101.17 9.46 -21.14
C ALA A 136 -100.75 10.81 -21.70
N PRO A 137 -100.81 11.00 -23.02
CA PRO A 137 -100.45 12.29 -23.60
C PRO A 137 -101.36 13.41 -23.09
N VAL A 138 -100.96 14.64 -23.36
CA VAL A 138 -101.79 15.80 -23.05
C VAL A 138 -103.21 15.58 -23.57
N CYS A 139 -104.18 16.13 -22.83
CA CYS A 139 -105.59 15.93 -23.19
C CYS A 139 -105.84 16.46 -24.60
N GLY A 140 -106.53 15.65 -25.40
CA GLY A 140 -106.76 16.00 -26.79
C GLY A 140 -105.71 15.45 -27.73
N GLY A 141 -104.68 14.80 -27.20
CA GLY A 141 -103.71 14.12 -28.04
C GLY A 141 -102.70 15.05 -28.65
N THR A 142 -101.78 14.43 -29.39
CA THR A 142 -100.67 15.13 -30.00
C THR A 142 -100.77 14.98 -31.52
N THR A 143 -100.13 15.92 -32.23
CA THR A 143 -100.01 15.78 -33.66
C THR A 143 -98.88 14.81 -33.99
N GLY A 144 -98.90 14.29 -35.20
CA GLY A 144 -97.82 13.46 -35.68
C GLY A 144 -98.21 11.99 -35.77
N SER A 145 -97.35 11.25 -36.45
CA SER A 145 -97.61 9.87 -36.81
C SER A 145 -97.22 8.90 -35.73
N SER A 146 -96.50 9.35 -34.70
CA SER A 146 -96.19 8.50 -33.57
C SER A 146 -96.66 9.19 -32.29
N VAL A 147 -96.79 8.38 -31.24
CA VAL A 147 -97.28 8.85 -29.95
C VAL A 147 -96.39 8.28 -28.87
N THR A 148 -96.13 9.07 -27.83
CA THR A 148 -95.29 8.66 -26.73
C THR A 148 -96.13 8.59 -25.45
N LEU A 149 -96.02 7.48 -24.75
CA LEU A 149 -96.69 7.25 -23.48
C LEU A 149 -95.62 7.10 -22.40
N GLY A 150 -96.03 7.28 -21.14
CA GLY A 150 -95.09 7.21 -20.05
C GLY A 150 -95.64 6.41 -18.88
N CYS A 151 -94.71 6.06 -17.99
CA CYS A 151 -95.05 5.36 -16.77
C CYS A 151 -94.10 5.89 -15.71
N LEU A 152 -94.65 6.39 -14.61
CA LEU A 152 -93.88 7.00 -13.54
C LEU A 152 -93.94 6.08 -12.33
N VAL A 153 -92.78 5.72 -11.80
CA VAL A 153 -92.67 4.75 -10.71
C VAL A 153 -92.03 5.49 -9.54
N LYS A 154 -92.81 5.75 -8.50
CA LYS A 154 -92.37 6.71 -7.49
C LYS A 154 -92.39 6.11 -6.10
N GLY A 155 -91.36 6.42 -5.30
CA GLY A 155 -91.39 6.13 -3.89
C GLY A 155 -91.15 4.70 -3.45
N TYR A 156 -90.20 4.01 -4.07
CA TYR A 156 -89.94 2.62 -3.68
C TYR A 156 -88.56 2.45 -3.04
N PHE A 157 -88.44 1.38 -2.29
CA PHE A 157 -87.17 0.97 -1.70
C PHE A 157 -87.25 -0.50 -1.37
N PRO A 158 -86.17 -1.27 -1.58
CA PRO A 158 -84.91 -0.93 -2.24
C PRO A 158 -85.01 -1.07 -3.77
N GLU A 159 -83.94 -0.74 -4.48
CA GLU A 159 -83.81 -1.14 -5.88
C GLU A 159 -83.65 -2.66 -5.89
N PRO A 160 -83.99 -3.31 -7.02
CA PRO A 160 -84.52 -2.74 -8.25
C PRO A 160 -86.02 -2.93 -8.41
N VAL A 161 -86.57 -2.28 -9.42
CA VAL A 161 -87.84 -2.68 -10.00
C VAL A 161 -87.55 -3.22 -11.39
N THR A 162 -88.50 -3.97 -11.93
CA THR A 162 -88.48 -4.38 -13.31
C THR A 162 -89.72 -3.81 -13.99
N LEU A 163 -89.51 -2.90 -14.92
CA LEU A 163 -90.59 -2.29 -15.68
C LEU A 163 -90.63 -2.88 -17.08
N THR A 164 -91.82 -3.28 -17.51
CA THR A 164 -92.04 -3.74 -18.86
C THR A 164 -93.26 -3.04 -19.43
N TRP A 165 -93.43 -3.18 -20.74
CA TRP A 165 -94.60 -2.70 -21.44
C TRP A 165 -95.27 -3.87 -22.13
N ASN A 166 -96.58 -4.00 -21.95
CA ASN A 166 -97.33 -5.15 -22.47
C ASN A 166 -96.63 -6.47 -22.15
N SER A 167 -96.22 -6.60 -20.89
CA SER A 167 -95.62 -7.83 -20.38
C SER A 167 -94.35 -8.23 -21.14
N GLY A 168 -93.63 -7.24 -21.67
CA GLY A 168 -92.42 -7.46 -22.42
C GLY A 168 -92.60 -7.64 -23.91
N SER A 169 -93.85 -7.71 -24.38
CA SER A 169 -94.07 -7.85 -25.81
C SER A 169 -93.84 -6.54 -26.56
N LEU A 170 -93.88 -5.42 -25.85
CA LEU A 170 -93.56 -4.11 -26.41
C LEU A 170 -92.21 -3.73 -25.83
N SER A 171 -91.14 -3.94 -26.61
CA SER A 171 -89.78 -3.69 -26.16
C SER A 171 -89.04 -2.67 -27.00
N SER A 172 -89.42 -2.51 -28.26
CA SER A 172 -88.80 -1.48 -29.10
C SER A 172 -89.41 -0.13 -28.77
N GLY A 173 -88.63 0.92 -29.01
CA GLY A 173 -89.14 2.26 -28.79
C GLY A 173 -89.29 2.65 -27.33
N VAL A 174 -88.65 1.90 -26.41
CA VAL A 174 -88.78 2.14 -24.98
C VAL A 174 -87.52 2.82 -24.46
N HIS A 175 -87.69 3.76 -23.54
CA HIS A 175 -86.58 4.32 -22.79
C HIS A 175 -86.93 4.24 -21.32
N THR A 176 -86.18 3.45 -20.56
CA THR A 176 -86.38 3.34 -19.12
C THR A 176 -85.20 3.97 -18.41
N PHE A 177 -85.47 4.98 -17.64
CA PHE A 177 -84.42 5.83 -17.11
C PHE A 177 -83.90 5.33 -15.77
N PRO A 178 -82.63 5.60 -15.47
CA PRO A 178 -82.07 5.20 -14.19
C PRO A 178 -82.84 5.84 -13.04
N ALA A 179 -82.99 5.09 -11.97
CA ALA A 179 -83.67 5.57 -10.79
C ALA A 179 -82.83 6.62 -10.06
N LEU A 180 -83.52 7.58 -9.45
CA LEU A 180 -82.89 8.59 -8.61
C LEU A 180 -83.56 8.61 -7.24
N LEU A 181 -82.80 9.03 -6.24
CA LEU A 181 -83.37 9.16 -4.90
C LEU A 181 -84.15 10.46 -4.76
N GLN A 182 -85.28 10.36 -4.07
CA GLN A 182 -86.16 11.48 -3.82
C GLN A 182 -86.62 11.31 -2.37
N SER A 183 -85.96 12.01 -1.46
CA SER A 183 -86.25 11.93 -0.02
C SER A 183 -86.14 10.49 0.49
N GLY A 184 -85.06 9.82 0.13
CA GLY A 184 -84.80 8.48 0.61
C GLY A 184 -85.50 7.37 -0.15
N LEU A 185 -86.35 7.68 -1.11
CA LEU A 185 -87.03 6.66 -1.89
C LEU A 185 -86.70 6.85 -3.37
N TYR A 186 -86.72 5.76 -4.11
CA TYR A 186 -86.35 5.79 -5.52
C TYR A 186 -87.53 6.13 -6.40
N THR A 187 -87.23 6.81 -7.51
CA THR A 187 -88.20 7.12 -8.55
C THR A 187 -87.53 6.87 -9.89
N LEU A 188 -88.28 6.27 -10.81
CA LEU A 188 -87.84 6.21 -12.20
C LEU A 188 -89.04 6.39 -13.08
N SER A 189 -88.77 6.53 -14.37
CA SER A 189 -89.86 6.60 -15.34
C SER A 189 -89.42 5.87 -16.60
N SER A 190 -90.42 5.58 -17.43
CA SER A 190 -90.16 4.97 -18.71
C SER A 190 -91.09 5.57 -19.75
N SER A 191 -90.58 5.71 -20.97
CA SER A 191 -91.39 6.14 -22.10
C SER A 191 -91.44 5.02 -23.13
N VAL A 192 -92.56 4.95 -23.84
CA VAL A 192 -92.66 4.07 -25.00
C VAL A 192 -93.25 4.87 -26.15
N THR A 193 -92.72 4.68 -27.33
CA THR A 193 -93.17 5.38 -28.53
C THR A 193 -93.64 4.35 -29.54
N VAL A 194 -94.86 4.54 -30.03
CA VAL A 194 -95.47 3.65 -31.02
C VAL A 194 -96.08 4.50 -32.11
N THR A 195 -96.33 3.88 -33.26
CA THR A 195 -97.07 4.61 -34.29
C THR A 195 -98.50 4.84 -33.83
N SER A 196 -99.08 5.96 -34.27
CA SER A 196 -100.35 6.42 -33.72
C SER A 196 -101.54 5.52 -34.07
N ASN A 197 -101.41 4.68 -35.10
CA ASN A 197 -102.44 3.69 -35.41
C ASN A 197 -102.52 2.57 -34.37
N THR A 198 -101.51 2.46 -33.51
CA THR A 198 -101.40 1.38 -32.53
C THR A 198 -102.09 1.72 -31.21
N TRP A 199 -102.14 3.00 -30.85
CA TRP A 199 -102.68 3.42 -29.56
C TRP A 199 -103.46 4.72 -29.75
N PRO A 200 -104.64 4.86 -29.13
CA PRO A 200 -105.23 3.96 -28.12
C PRO A 200 -106.08 2.81 -28.68
N SER A 201 -106.08 2.60 -30.00
CA SER A 201 -106.93 1.54 -30.53
C SER A 201 -106.53 0.17 -30.00
N GLN A 202 -105.25 -0.04 -29.68
CA GLN A 202 -104.81 -1.24 -28.99
C GLN A 202 -104.24 -0.86 -27.65
N THR A 203 -104.33 -1.77 -26.69
CA THR A 203 -103.98 -1.41 -25.33
C THR A 203 -102.48 -1.42 -25.12
N ILE A 204 -102.01 -0.49 -24.30
CA ILE A 204 -100.64 -0.45 -23.82
C ILE A 204 -100.68 -0.33 -22.31
N THR A 205 -99.97 -1.21 -21.63
CA THR A 205 -99.99 -1.29 -20.18
C THR A 205 -98.56 -1.32 -19.69
N CYS A 206 -98.25 -0.52 -18.67
CA CYS A 206 -96.99 -0.57 -17.95
C CYS A 206 -97.10 -1.61 -16.84
N ASN A 207 -96.11 -2.49 -16.72
CA ASN A 207 -96.06 -3.48 -15.65
C ASN A 207 -94.82 -3.21 -14.82
N VAL A 208 -94.99 -3.18 -13.50
CA VAL A 208 -93.87 -2.89 -12.61
C VAL A 208 -93.82 -3.94 -11.53
N ALA A 209 -92.74 -4.72 -11.51
CA ALA A 209 -92.49 -5.70 -10.47
C ALA A 209 -91.48 -5.13 -9.49
N HIS A 210 -91.75 -5.30 -8.20
CA HIS A 210 -90.83 -4.88 -7.15
C HIS A 210 -90.56 -6.09 -6.27
N PRO A 211 -89.50 -6.85 -6.55
CA PRO A 211 -89.28 -8.12 -5.83
C PRO A 211 -89.28 -8.00 -4.32
N ALA A 212 -88.71 -6.92 -3.78
CA ALA A 212 -88.53 -6.82 -2.33
C ALA A 212 -89.86 -6.73 -1.60
N SER A 213 -90.87 -6.13 -2.22
CA SER A 213 -92.20 -6.09 -1.64
C SER A 213 -93.12 -7.16 -2.21
N SER A 214 -92.61 -8.01 -3.11
CA SER A 214 -93.38 -9.09 -3.74
C SER A 214 -94.58 -8.54 -4.52
N THR A 215 -94.47 -7.34 -5.06
CA THR A 215 -95.59 -6.70 -5.76
C THR A 215 -95.37 -6.71 -7.26
N LYS A 216 -96.48 -6.74 -7.99
CA LYS A 216 -96.51 -6.64 -9.43
C LYS A 216 -97.76 -5.86 -9.78
N VAL A 217 -97.60 -4.69 -10.38
CA VAL A 217 -98.72 -3.80 -10.66
C VAL A 217 -98.79 -3.53 -12.15
N ASP A 218 -100.00 -3.49 -12.69
CA ASP A 218 -100.25 -3.15 -14.08
C ASP A 218 -101.07 -1.87 -14.15
N LYS A 219 -100.65 -0.94 -14.99
CA LYS A 219 -101.40 0.29 -15.23
C LYS A 219 -101.60 0.47 -16.73
N LYS A 220 -102.84 0.32 -17.18
CA LYS A 220 -103.17 0.58 -18.57
C LYS A 220 -103.14 2.08 -18.85
N ILE A 221 -102.56 2.49 -19.97
CA ILE A 221 -102.54 3.91 -20.31
C ILE A 221 -103.87 4.26 -20.97
N GLU A 222 -104.60 5.20 -20.38
CA GLU A 222 -105.93 5.60 -20.87
C GLU A 222 -105.90 7.06 -21.29
N PRO A 223 -106.41 7.39 -22.48
CA PRO A 223 -106.48 8.80 -22.90
C PRO A 223 -107.12 9.67 -21.83
N ARG A 224 -106.56 10.86 -21.67
CA ARG A 224 -107.12 11.83 -20.75
C ARG A 224 -108.43 12.37 -21.31
N VAL A 225 -109.28 12.83 -20.41
CA VAL A 225 -110.55 13.47 -20.77
C VAL A 225 -110.61 14.82 -20.08
N PRO A 226 -111.50 15.71 -20.54
CA PRO A 226 -111.60 17.04 -19.92
C PRO A 226 -112.08 16.94 -18.47
N ILE A 227 -111.95 18.07 -17.78
CA ILE A 227 -112.41 18.17 -16.39
C ILE A 227 -113.93 18.12 -16.30
N ASP B 1 -49.25 15.02 -0.17
CA ASP B 1 -50.39 14.95 -1.10
C ASP B 1 -49.94 15.05 -2.57
N ILE B 2 -50.75 14.48 -3.46
CA ILE B 2 -50.57 14.57 -4.91
C ILE B 2 -51.97 14.61 -5.53
N VAL B 3 -52.20 15.52 -6.48
CA VAL B 3 -53.54 15.90 -6.95
C VAL B 3 -53.62 15.73 -8.46
N LEU B 4 -54.31 14.67 -8.85
CA LEU B 4 -54.26 14.00 -10.14
C LEU B 4 -55.32 14.59 -11.09
N THR B 5 -54.93 15.29 -12.15
CA THR B 5 -55.92 16.18 -12.81
C THR B 5 -56.08 15.67 -14.22
N GLN B 6 -57.15 14.90 -14.42
CA GLN B 6 -57.44 14.35 -15.72
C GLN B 6 -58.34 15.30 -16.51
N SER B 7 -58.16 15.19 -17.83
CA SER B 7 -58.62 16.23 -18.72
C SER B 7 -58.89 15.69 -20.20
N PRO B 8 -60.04 15.72 -20.97
CA PRO B 8 -61.53 16.07 -20.84
C PRO B 8 -62.19 15.13 -19.83
N ALA B 9 -63.21 15.61 -19.12
CA ALA B 9 -64.03 14.77 -18.23
C ALA B 9 -64.81 13.69 -19.03
N SER B 10 -65.24 14.04 -20.24
CA SER B 10 -65.71 13.09 -21.23
C SER B 10 -65.25 13.48 -22.62
N LEU B 11 -64.82 12.48 -23.37
CA LEU B 11 -64.52 12.55 -24.78
C LEU B 11 -65.46 11.60 -25.52
N ALA B 12 -65.92 12.12 -26.66
CA ALA B 12 -66.64 11.43 -27.72
C ALA B 12 -65.80 11.49 -29.00
N VAL B 13 -65.64 10.35 -29.67
CA VAL B 13 -64.62 10.16 -30.71
C VAL B 13 -65.07 9.09 -31.70
N SER B 14 -64.93 9.38 -33.00
CA SER B 14 -65.38 8.49 -34.08
C SER B 14 -64.45 7.27 -34.22
N LEU B 15 -64.97 6.12 -34.65
CA LEU B 15 -64.11 4.95 -34.90
C LEU B 15 -63.04 5.23 -35.96
N GLY B 16 -61.84 4.70 -35.71
CA GLY B 16 -60.63 4.96 -36.48
C GLY B 16 -59.94 6.29 -36.15
N GLN B 17 -60.60 7.19 -35.41
CA GLN B 17 -60.02 8.44 -34.93
C GLN B 17 -59.15 8.21 -33.69
N ARG B 18 -58.34 9.20 -33.35
CA ARG B 18 -57.30 9.11 -32.32
C ARG B 18 -57.69 9.92 -31.09
N ALA B 19 -57.96 9.23 -29.99
CA ALA B 19 -58.19 9.88 -28.71
C ALA B 19 -56.87 10.20 -28.01
N THR B 20 -56.91 11.26 -27.20
CA THR B 20 -55.81 11.64 -26.30
C THR B 20 -56.39 12.23 -25.03
N ILE B 21 -55.84 11.78 -23.91
CA ILE B 21 -56.41 11.87 -22.58
C ILE B 21 -55.30 12.30 -21.64
N SER B 22 -55.41 13.48 -21.04
CA SER B 22 -54.33 14.09 -20.25
C SER B 22 -54.60 13.91 -18.75
N TYR B 23 -53.56 14.19 -17.99
CA TYR B 23 -53.31 13.86 -16.60
C TYR B 23 -52.28 14.88 -16.10
N ARG B 24 -52.51 15.61 -15.01
CA ARG B 24 -51.55 16.63 -14.56
C ARG B 24 -51.30 16.51 -13.06
N ALA B 25 -50.05 16.35 -12.64
CA ALA B 25 -49.75 15.68 -11.38
C ALA B 25 -49.85 16.50 -10.09
N SER B 26 -49.78 17.83 -10.17
CA SER B 26 -49.48 18.75 -9.05
C SER B 26 -48.02 18.64 -8.55
N LYS B 27 -47.53 17.44 -8.23
CA LYS B 27 -46.17 17.15 -7.73
C LYS B 27 -45.52 16.06 -8.60
N SER B 28 -44.26 16.27 -8.96
CA SER B 28 -43.50 15.45 -9.90
C SER B 28 -43.30 14.00 -9.44
N VAL B 29 -44.16 13.09 -9.91
CA VAL B 29 -44.21 11.63 -9.57
C VAL B 29 -43.06 10.79 -10.14
N SER B 30 -41.92 11.43 -10.36
CA SER B 30 -40.74 10.81 -10.95
C SER B 30 -39.70 10.55 -9.89
N THR B 31 -39.23 9.31 -9.87
CA THR B 31 -38.29 8.80 -8.86
C THR B 31 -37.21 8.01 -9.58
N SER B 32 -35.95 8.38 -9.37
CA SER B 32 -34.77 7.65 -9.90
C SER B 32 -34.65 7.55 -11.43
N GLY B 33 -35.48 8.29 -12.18
CA GLY B 33 -35.59 8.24 -13.64
C GLY B 33 -36.91 7.66 -14.14
N TYR B 34 -37.54 6.82 -13.32
CA TYR B 34 -38.88 6.31 -13.57
C TYR B 34 -39.94 7.39 -13.34
N SER B 35 -41.16 7.14 -13.80
CA SER B 35 -42.34 7.90 -13.38
C SER B 35 -43.45 6.92 -13.03
N TYR B 36 -44.15 7.15 -11.94
CA TYR B 36 -45.03 6.14 -11.31
C TYR B 36 -46.50 6.52 -11.53
N MET B 37 -46.89 6.48 -12.80
CA MET B 37 -48.22 6.81 -13.28
C MET B 37 -48.85 5.61 -13.98
N HIS B 38 -50.19 5.52 -13.91
CA HIS B 38 -50.90 4.26 -14.08
C HIS B 38 -52.31 4.41 -14.69
N TRP B 39 -52.39 4.03 -15.97
CA TRP B 39 -53.59 4.19 -16.79
C TRP B 39 -54.46 2.93 -16.80
N ASN B 40 -55.77 3.12 -16.62
CA ASN B 40 -56.71 2.10 -16.13
C ASN B 40 -58.09 2.23 -16.82
N GLN B 41 -58.37 1.24 -17.66
CA GLN B 41 -59.70 1.12 -18.26
C GLN B 41 -60.74 0.83 -17.18
N GLN B 42 -62.01 1.23 -17.35
CA GLN B 42 -63.06 0.50 -16.62
C GLN B 42 -64.36 0.53 -17.40
N LYS B 43 -64.80 -0.65 -17.85
CA LYS B 43 -66.13 -0.84 -18.42
C LYS B 43 -67.20 -0.77 -17.31
N PRO B 44 -68.37 -0.18 -17.58
CA PRO B 44 -69.50 -0.30 -16.68
C PRO B 44 -69.87 -1.79 -16.53
N GLY B 45 -69.97 -2.25 -15.29
CA GLY B 45 -70.20 -3.66 -14.99
C GLY B 45 -68.95 -4.53 -14.84
N GLN B 46 -67.74 -3.96 -14.91
CA GLN B 46 -66.49 -4.69 -14.70
C GLN B 46 -65.57 -3.94 -13.73
N PRO B 47 -64.65 -4.63 -13.04
CA PRO B 47 -63.52 -4.01 -12.36
C PRO B 47 -62.64 -3.18 -13.30
N PRO B 48 -61.77 -2.32 -12.75
CA PRO B 48 -60.74 -1.69 -13.54
C PRO B 48 -59.75 -2.71 -14.09
N ARG B 49 -59.24 -2.44 -15.29
CA ARG B 49 -58.14 -3.19 -15.90
C ARG B 49 -56.90 -2.30 -15.99
N LEU B 50 -55.74 -2.86 -15.67
CA LEU B 50 -54.46 -2.19 -15.93
C LEU B 50 -54.16 -2.16 -17.43
N LEU B 51 -53.95 -0.94 -17.95
CA LEU B 51 -53.50 -0.72 -19.32
C LEU B 51 -52.00 -0.43 -19.39
N ILE B 52 -51.57 0.60 -18.64
CA ILE B 52 -50.20 1.13 -18.80
C ILE B 52 -49.57 1.54 -17.47
N TYR B 53 -48.56 0.77 -17.07
CA TYR B 53 -47.78 0.95 -15.86
C TYR B 53 -46.53 1.79 -16.11
N LEU B 54 -46.09 2.53 -15.09
CA LEU B 54 -44.82 3.26 -15.11
C LEU B 54 -44.75 4.21 -16.32
N VAL B 55 -45.90 4.83 -16.59
CA VAL B 55 -46.25 5.82 -17.64
C VAL B 55 -46.26 5.37 -19.08
N SER B 56 -45.51 4.34 -19.44
CA SER B 56 -45.28 3.95 -20.83
C SER B 56 -45.17 2.45 -21.08
N ASN B 57 -45.32 1.61 -20.05
CA ASN B 57 -45.15 0.17 -20.14
C ASN B 57 -46.50 -0.53 -20.28
N LEU B 58 -46.80 -0.90 -21.52
CA LEU B 58 -47.99 -1.61 -21.96
C LEU B 58 -48.10 -2.98 -21.27
N GLU B 59 -49.11 -3.15 -20.43
CA GLU B 59 -49.32 -4.40 -19.69
C GLU B 59 -49.64 -5.57 -20.64
N SER B 60 -49.30 -6.76 -20.17
CA SER B 60 -49.58 -8.04 -20.78
C SER B 60 -51.02 -8.16 -21.28
N GLY B 61 -51.17 -8.48 -22.57
CA GLY B 61 -52.48 -8.65 -23.19
C GLY B 61 -53.25 -7.36 -23.43
N VAL B 62 -52.62 -6.18 -23.35
CA VAL B 62 -53.24 -4.91 -23.75
C VAL B 62 -52.86 -4.59 -25.19
N PRO B 63 -53.81 -4.25 -26.08
CA PRO B 63 -53.48 -4.05 -27.48
C PRO B 63 -52.68 -2.78 -27.75
N ALA B 64 -51.70 -2.88 -28.65
CA ALA B 64 -50.75 -1.81 -29.02
C ALA B 64 -51.38 -0.53 -29.62
N ARG B 65 -52.71 -0.45 -29.74
CA ARG B 65 -53.43 0.82 -29.94
C ARG B 65 -53.31 1.78 -28.76
N PHE B 66 -53.19 1.23 -27.55
CA PHE B 66 -52.90 1.99 -26.33
C PHE B 66 -51.41 2.32 -26.26
N SER B 67 -51.11 3.56 -25.89
CA SER B 67 -49.74 4.02 -25.69
C SER B 67 -49.70 5.15 -24.67
N GLY B 68 -48.74 5.12 -23.76
CA GLY B 68 -48.62 6.10 -22.69
C GLY B 68 -47.28 6.80 -22.79
N SER B 69 -47.30 8.12 -22.58
CA SER B 69 -46.08 8.89 -22.51
C SER B 69 -46.25 10.21 -21.78
N GLY B 70 -45.17 10.63 -21.14
CA GLY B 70 -45.10 11.85 -20.36
C GLY B 70 -43.85 11.87 -19.50
N SER B 71 -43.73 12.90 -18.68
CA SER B 71 -42.67 12.96 -17.70
C SER B 71 -43.02 13.97 -16.61
N GLY B 72 -42.43 13.79 -15.44
CA GLY B 72 -42.50 14.73 -14.34
C GLY B 72 -43.88 14.87 -13.74
N THR B 73 -44.64 15.85 -14.25
CA THR B 73 -46.03 16.12 -13.89
C THR B 73 -47.02 15.68 -14.96
N ASP B 74 -46.62 15.69 -16.24
CA ASP B 74 -47.59 15.76 -17.33
C ASP B 74 -47.53 14.48 -18.13
N PHE B 75 -48.66 13.76 -18.12
CA PHE B 75 -48.78 12.47 -18.77
C PHE B 75 -50.05 12.39 -19.61
N THR B 76 -49.92 11.58 -20.66
CA THR B 76 -50.90 11.37 -21.72
C THR B 76 -51.05 9.90 -22.04
N LEU B 77 -52.31 9.46 -22.07
CA LEU B 77 -52.74 8.23 -22.72
C LEU B 77 -53.24 8.57 -24.13
N ASN B 78 -52.88 7.72 -25.06
CA ASN B 78 -53.16 7.84 -26.46
C ASN B 78 -53.83 6.54 -26.89
N ILE B 79 -54.91 6.65 -27.66
CA ILE B 79 -55.59 5.48 -28.21
C ILE B 79 -55.71 5.73 -29.71
N HIS B 80 -55.03 4.91 -30.51
CA HIS B 80 -54.58 5.36 -31.83
C HIS B 80 -55.61 5.21 -32.95
N PRO B 81 -55.98 4.02 -33.45
CA PRO B 81 -57.33 3.78 -33.94
C PRO B 81 -58.21 3.42 -32.73
N VAL B 82 -59.18 4.26 -32.39
CA VAL B 82 -60.24 3.78 -31.47
C VAL B 82 -61.14 2.76 -32.15
N GLU B 83 -61.48 1.70 -31.43
CA GLU B 83 -62.50 0.72 -31.80
C GLU B 83 -63.66 0.74 -30.79
N GLU B 84 -64.83 0.13 -31.10
CA GLU B 84 -65.97 0.27 -30.17
C GLU B 84 -65.69 -0.35 -28.78
N GLU B 85 -64.88 -1.42 -28.75
CA GLU B 85 -64.34 -2.04 -27.53
C GLU B 85 -63.66 -1.04 -26.57
N ASP B 86 -63.10 0.06 -27.06
CA ASP B 86 -62.48 1.09 -26.22
C ASP B 86 -63.45 1.81 -25.26
N ALA B 87 -64.76 1.81 -25.53
CA ALA B 87 -65.70 2.69 -24.84
C ALA B 87 -65.80 2.39 -23.33
N ALA B 88 -65.26 3.28 -22.48
CA ALA B 88 -65.01 3.02 -21.06
C ALA B 88 -64.50 4.27 -20.31
N THR B 89 -64.43 4.27 -18.97
CA THR B 89 -63.57 5.26 -18.26
C THR B 89 -62.09 4.82 -18.29
N TYR B 90 -61.13 5.61 -17.77
CA TYR B 90 -59.71 5.50 -18.14
C TYR B 90 -58.62 5.79 -17.07
N TYR B 91 -58.99 6.10 -15.83
CA TYR B 91 -58.19 6.76 -14.78
C TYR B 91 -56.66 6.48 -14.61
N CYS B 92 -55.90 7.41 -14.03
CA CYS B 92 -54.46 7.64 -14.25
C CYS B 92 -53.56 7.43 -13.01
N GLN B 93 -54.11 7.22 -11.81
CA GLN B 93 -53.43 6.73 -10.60
C GLN B 93 -51.88 6.82 -10.47
N HIS B 94 -51.37 7.64 -9.55
CA HIS B 94 -49.96 7.61 -9.19
C HIS B 94 -49.71 6.51 -8.16
N ILE B 95 -48.48 6.03 -8.12
CA ILE B 95 -47.99 5.01 -7.19
C ILE B 95 -46.81 5.63 -6.43
N ARG B 96 -47.14 6.67 -5.66
CA ARG B 96 -46.26 7.33 -4.69
C ARG B 96 -47.00 7.51 -3.37
N GLU B 97 -48.21 8.06 -3.43
CA GLU B 97 -49.33 7.74 -2.54
C GLU B 97 -50.23 6.75 -3.31
N LEU B 98 -51.52 6.69 -2.99
CA LEU B 98 -52.53 6.19 -3.94
C LEU B 98 -53.62 7.22 -4.12
N THR B 99 -53.41 8.10 -5.10
CA THR B 99 -54.42 9.05 -5.59
C THR B 99 -54.78 8.69 -7.03
N PHE B 100 -56.05 8.83 -7.35
CA PHE B 100 -56.62 8.57 -8.67
C PHE B 100 -57.04 9.90 -9.29
N GLY B 101 -57.02 9.98 -10.62
CA GLY B 101 -57.57 11.14 -11.30
C GLY B 101 -59.06 10.97 -11.56
N ALA B 102 -59.76 12.10 -11.66
CA ALA B 102 -61.17 12.12 -12.01
C ALA B 102 -61.38 11.63 -13.45
N ALA B 103 -61.86 10.39 -13.58
CA ALA B 103 -61.73 9.58 -14.77
C ALA B 103 -62.43 10.14 -16.03
N PRO B 104 -61.68 10.39 -17.11
CA PRO B 104 -62.21 10.53 -18.45
C PRO B 104 -63.06 9.33 -18.84
N SER B 105 -64.30 9.65 -19.23
CA SER B 105 -65.15 8.83 -20.09
C SER B 105 -64.69 8.97 -21.55
N ALA B 106 -64.93 7.91 -22.33
CA ALA B 106 -64.58 7.78 -23.73
C ALA B 106 -65.72 7.00 -24.37
N ALA B 107 -66.46 7.72 -25.20
CA ALA B 107 -67.61 7.26 -25.95
C ALA B 107 -67.26 7.22 -27.44
N ALA B 108 -67.81 6.25 -28.16
CA ALA B 108 -67.67 6.15 -29.61
C ALA B 108 -68.15 7.41 -30.34
N ARG B 109 -71.78 10.48 -33.33
CA ARG B 109 -72.64 10.22 -34.47
C ARG B 109 -73.16 11.57 -34.95
N ALA B 110 -73.96 11.56 -36.02
CA ALA B 110 -74.54 12.80 -36.50
C ALA B 110 -75.45 13.41 -35.43
N ASP B 111 -75.46 14.75 -35.37
CA ASP B 111 -76.37 15.44 -34.46
C ASP B 111 -77.80 14.98 -34.72
N ALA B 112 -78.59 14.91 -33.65
CA ALA B 112 -80.00 14.53 -33.74
C ALA B 112 -80.77 15.33 -32.70
N ALA B 113 -81.83 15.99 -33.13
CA ALA B 113 -82.67 16.76 -32.22
C ALA B 113 -83.47 15.82 -31.33
N PRO B 114 -83.69 16.18 -30.07
CA PRO B 114 -84.55 15.36 -29.21
C PRO B 114 -85.99 15.40 -29.68
N THR B 115 -86.70 14.30 -29.47
CA THR B 115 -88.14 14.27 -29.58
C THR B 115 -88.69 14.51 -28.18
N VAL B 116 -89.45 15.59 -28.01
CA VAL B 116 -89.86 16.06 -26.69
C VAL B 116 -91.36 15.83 -26.52
N SER B 117 -91.74 15.27 -25.37
CA SER B 117 -93.13 15.01 -25.06
C SER B 117 -93.36 15.40 -23.60
N ILE B 118 -94.49 16.06 -23.32
CA ILE B 118 -94.80 16.55 -21.99
C ILE B 118 -96.01 15.82 -21.44
N PHE B 119 -95.98 15.52 -20.15
CA PHE B 119 -97.01 14.71 -19.49
C PHE B 119 -97.47 15.40 -18.22
N PRO B 120 -98.71 15.86 -18.16
CA PRO B 120 -99.26 16.37 -16.90
C PRO B 120 -99.31 15.26 -15.87
N PRO B 121 -99.42 15.61 -14.59
CA PRO B 121 -99.63 14.59 -13.56
C PRO B 121 -100.81 13.70 -13.91
N SER B 122 -100.67 12.42 -13.59
CA SER B 122 -101.79 11.50 -13.75
C SER B 122 -102.84 11.77 -12.69
N SER B 123 -104.09 11.43 -13.02
CA SER B 123 -105.14 11.57 -12.04
C SER B 123 -104.81 10.80 -10.77
N GLU B 124 -104.17 9.63 -10.92
CA GLU B 124 -103.84 8.82 -9.75
C GLU B 124 -102.81 9.52 -8.86
N GLN B 125 -101.80 10.15 -9.45
CA GLN B 125 -100.86 10.88 -8.60
C GLN B 125 -101.53 12.07 -7.90
N LEU B 126 -102.51 12.72 -8.55
CA LEU B 126 -103.15 13.88 -7.94
C LEU B 126 -104.04 13.54 -6.77
N THR B 127 -104.22 12.27 -6.45
CA THR B 127 -104.84 11.96 -5.16
C THR B 127 -103.88 12.14 -4.00
N SER B 128 -102.57 12.24 -4.29
CA SER B 128 -101.50 12.12 -3.30
C SER B 128 -101.07 13.43 -2.66
N GLY B 129 -101.44 14.58 -3.22
CA GLY B 129 -100.86 15.80 -2.69
C GLY B 129 -99.51 16.16 -3.27
N GLY B 130 -98.90 15.28 -4.05
CA GLY B 130 -97.77 15.64 -4.90
C GLY B 130 -98.17 15.60 -6.36
N ALA B 131 -97.45 16.33 -7.21
CA ALA B 131 -97.76 16.38 -8.63
C ALA B 131 -96.45 16.43 -9.39
N SER B 132 -96.26 15.52 -10.34
CA SER B 132 -95.06 15.52 -11.17
C SER B 132 -95.45 15.78 -12.60
N VAL B 133 -94.76 16.73 -13.22
CA VAL B 133 -94.89 17.00 -14.65
C VAL B 133 -93.63 16.44 -15.29
N VAL B 134 -93.80 15.59 -16.31
CA VAL B 134 -92.67 14.88 -16.89
C VAL B 134 -92.46 15.35 -18.33
N CYS B 135 -91.21 15.65 -18.68
CA CYS B 135 -90.83 15.78 -20.07
C CYS B 135 -89.83 14.69 -20.43
N PHE B 136 -90.11 13.96 -21.49
CA PHE B 136 -89.13 13.05 -22.07
C PHE B 136 -88.49 13.75 -23.26
N LEU B 137 -87.16 13.63 -23.34
CA LEU B 137 -86.38 14.21 -24.43
C LEU B 137 -85.59 13.04 -25.00
N ASN B 138 -86.05 12.50 -26.12
CA ASN B 138 -85.61 11.17 -26.54
C ASN B 138 -84.78 11.18 -27.81
N ASN B 139 -83.76 10.32 -27.83
CA ASN B 139 -83.00 9.97 -29.03
C ASN B 139 -82.25 11.18 -29.62
N PHE B 140 -81.47 11.86 -28.78
CA PHE B 140 -80.75 13.04 -29.23
C PHE B 140 -79.25 12.82 -29.21
N TYR B 141 -78.54 13.68 -29.93
CA TYR B 141 -77.09 13.68 -29.94
C TYR B 141 -76.66 15.10 -30.35
N PRO B 142 -75.65 15.67 -29.66
CA PRO B 142 -74.85 15.14 -28.56
C PRO B 142 -75.55 15.18 -27.21
N LYS B 143 -74.87 14.67 -26.18
CA LYS B 143 -75.48 14.52 -24.87
C LYS B 143 -75.78 15.87 -24.22
N ASP B 144 -75.02 16.91 -24.53
CA ASP B 144 -75.21 18.20 -23.87
C ASP B 144 -76.58 18.76 -24.19
N ILE B 145 -77.37 19.00 -23.15
CA ILE B 145 -78.74 19.48 -23.30
C ILE B 145 -79.10 20.15 -21.99
N ASN B 146 -79.93 21.18 -22.07
CA ASN B 146 -80.38 21.87 -20.88
C ASN B 146 -81.90 22.04 -20.91
N VAL B 147 -82.54 21.77 -19.79
CA VAL B 147 -83.99 21.87 -19.69
C VAL B 147 -84.33 22.97 -18.70
N LYS B 148 -85.23 23.87 -19.12
CA LYS B 148 -85.72 24.93 -18.26
C LYS B 148 -87.22 24.74 -18.12
N TRP B 149 -87.71 24.72 -16.89
CA TRP B 149 -89.13 24.57 -16.61
C TRP B 149 -89.73 25.91 -16.25
N LYS B 150 -90.97 26.14 -16.70
CA LYS B 150 -91.73 27.32 -16.34
C LYS B 150 -93.13 26.94 -15.90
N ILE B 151 -93.65 27.70 -14.95
CA ILE B 151 -95.03 27.58 -14.49
C ILE B 151 -95.63 28.97 -14.64
N ASP B 152 -96.65 29.09 -15.48
CA ASP B 152 -97.31 30.38 -15.74
C ASP B 152 -96.27 31.48 -16.02
N GLY B 153 -95.26 31.12 -16.82
CA GLY B 153 -94.26 32.05 -17.29
C GLY B 153 -93.04 32.20 -16.40
N SER B 154 -93.10 31.72 -15.17
CA SER B 154 -92.04 31.91 -14.20
C SER B 154 -91.18 30.66 -14.14
N GLU B 155 -89.86 30.82 -14.29
CA GLU B 155 -88.97 29.68 -14.19
C GLU B 155 -89.05 29.04 -12.81
N ARG B 156 -89.02 27.70 -12.79
CA ARG B 156 -88.94 26.94 -11.56
C ARG B 156 -87.72 26.03 -11.64
N GLN B 157 -86.81 26.19 -10.68
CA GLN B 157 -85.61 25.35 -10.60
C GLN B 157 -85.68 24.30 -9.51
N ASN B 158 -86.25 24.63 -8.35
CA ASN B 158 -86.36 23.64 -7.28
C ASN B 158 -87.38 22.58 -7.67
N GLY B 159 -87.08 21.34 -7.31
CA GLY B 159 -87.99 20.25 -7.57
C GLY B 159 -87.85 19.61 -8.92
N VAL B 160 -86.81 19.96 -9.69
CA VAL B 160 -86.54 19.36 -11.00
C VAL B 160 -85.54 18.23 -10.82
N LEU B 161 -85.87 17.07 -11.33
CA LEU B 161 -84.98 15.90 -11.31
C LEU B 161 -84.78 15.39 -12.73
N ASN B 162 -83.52 15.29 -13.13
CA ASN B 162 -83.18 14.84 -14.47
C ASN B 162 -82.47 13.50 -14.41
N SER B 163 -82.83 12.61 -15.32
CA SER B 163 -82.20 11.30 -15.40
C SER B 163 -81.90 10.99 -16.85
N TRP B 164 -80.71 10.48 -17.12
CA TRP B 164 -80.24 10.23 -18.47
C TRP B 164 -79.98 8.74 -18.66
N THR B 165 -80.39 8.21 -19.81
CA THR B 165 -79.93 6.88 -20.16
C THR B 165 -78.46 6.90 -20.57
N ASP B 166 -77.81 5.75 -20.46
CA ASP B 166 -76.49 5.60 -21.06
C ASP B 166 -76.63 5.69 -22.58
N GLN B 167 -75.54 6.05 -23.25
CA GLN B 167 -75.56 6.11 -24.70
C GLN B 167 -76.05 4.78 -25.27
N ASP B 168 -77.00 4.84 -26.19
CA ASP B 168 -77.62 3.60 -26.67
C ASP B 168 -76.62 2.76 -27.45
N SER B 169 -76.64 1.45 -27.19
CA SER B 169 -75.65 0.56 -27.78
C SER B 169 -75.85 0.37 -29.28
N LYS B 170 -77.01 0.69 -29.81
CA LYS B 170 -77.28 0.51 -31.23
C LYS B 170 -77.30 1.81 -32.01
N ASP B 171 -77.99 2.83 -31.50
CA ASP B 171 -78.20 4.05 -32.26
C ASP B 171 -77.33 5.21 -31.81
N SER B 172 -76.53 5.03 -30.75
CA SER B 172 -75.57 6.01 -30.25
C SER B 172 -76.22 7.30 -29.76
N THR B 173 -77.53 7.32 -29.56
CA THR B 173 -78.17 8.51 -29.02
C THR B 173 -78.28 8.46 -27.50
N TYR B 174 -78.73 9.58 -26.95
CA TYR B 174 -79.05 9.72 -25.54
C TYR B 174 -80.53 10.02 -25.41
N SER B 175 -81.07 9.70 -24.22
CA SER B 175 -82.41 10.13 -23.87
C SER B 175 -82.40 10.62 -22.43
N MET B 176 -83.38 11.45 -22.09
CA MET B 176 -83.42 12.10 -20.79
C MET B 176 -84.87 12.22 -20.35
N SER B 177 -85.11 12.04 -19.06
CA SER B 177 -86.36 12.42 -18.44
C SER B 177 -86.09 13.62 -17.56
N SER B 178 -86.96 14.62 -17.63
CA SER B 178 -86.89 15.77 -16.74
C SER B 178 -88.24 15.85 -16.04
N THR B 179 -88.23 15.81 -14.71
CA THR B 179 -89.47 15.74 -13.94
C THR B 179 -89.53 16.90 -12.97
N LEU B 180 -90.56 17.72 -13.09
CA LEU B 180 -90.81 18.81 -12.17
C LEU B 180 -91.83 18.34 -11.14
N THR B 181 -91.43 18.29 -9.88
CA THR B 181 -92.35 17.89 -8.83
C THR B 181 -92.70 19.08 -7.97
N LEU B 182 -94.00 19.26 -7.74
CA LEU B 182 -94.51 20.33 -6.89
C LEU B 182 -95.65 19.78 -6.07
N THR B 183 -96.17 20.58 -5.15
CA THR B 183 -97.32 20.10 -4.41
C THR B 183 -98.54 20.11 -5.30
N LYS B 184 -99.50 19.24 -4.99
CA LYS B 184 -100.76 19.27 -5.73
C LYS B 184 -101.42 20.62 -5.58
N ASP B 185 -101.37 21.21 -4.38
CA ASP B 185 -102.00 22.52 -4.18
C ASP B 185 -101.40 23.56 -5.12
N GLU B 186 -100.07 23.60 -5.22
CA GLU B 186 -99.48 24.56 -6.15
C GLU B 186 -99.83 24.24 -7.59
N TYR B 187 -99.83 22.95 -7.94
CA TYR B 187 -100.12 22.56 -9.32
C TYR B 187 -101.50 23.05 -9.76
N GLU B 188 -102.49 22.97 -8.87
CA GLU B 188 -103.84 23.37 -9.25
C GLU B 188 -104.08 24.87 -9.17
N ARG B 189 -103.08 25.65 -8.75
CA ARG B 189 -103.16 27.11 -8.74
C ARG B 189 -102.58 27.73 -10.00
N HIS B 190 -102.13 26.92 -10.95
CA HIS B 190 -101.52 27.45 -12.17
C HIS B 190 -102.08 26.72 -13.37
N ASN B 191 -101.97 27.35 -14.54
CA ASN B 191 -102.49 26.71 -15.74
C ASN B 191 -101.41 26.28 -16.72
N SER B 192 -100.41 27.11 -16.98
CA SER B 192 -99.43 26.82 -18.02
C SER B 192 -98.18 26.17 -17.44
N TYR B 193 -97.76 25.08 -18.06
CA TYR B 193 -96.56 24.34 -17.69
C TYR B 193 -95.74 24.14 -18.95
N THR B 194 -94.44 24.43 -18.86
CA THR B 194 -93.58 24.40 -20.03
C THR B 194 -92.24 23.78 -19.68
N CYS B 195 -91.76 22.88 -20.54
CA CYS B 195 -90.36 22.49 -20.52
C CYS B 195 -89.68 22.93 -21.80
N GLU B 196 -88.54 23.60 -21.68
CA GLU B 196 -87.81 24.13 -22.83
C GLU B 196 -86.46 23.45 -22.90
N ALA B 197 -86.14 22.88 -24.06
CA ALA B 197 -84.88 22.13 -24.23
C ALA B 197 -83.92 22.90 -25.13
N THR B 198 -82.79 23.33 -24.57
CA THR B 198 -81.72 23.94 -25.35
C THR B 198 -80.76 22.86 -25.82
N HIS B 199 -80.51 22.82 -27.12
CA HIS B 199 -79.68 21.78 -27.70
C HIS B 199 -79.08 22.34 -28.98
N LYS B 200 -77.88 21.88 -29.34
CA LYS B 200 -77.17 22.49 -30.46
C LYS B 200 -77.91 22.32 -31.79
N THR B 201 -78.89 21.41 -31.87
CA THR B 201 -79.60 21.16 -33.12
C THR B 201 -80.65 22.21 -33.44
N SER B 202 -80.87 23.19 -32.57
CA SER B 202 -81.81 24.26 -32.87
C SER B 202 -81.26 25.57 -32.34
N THR B 203 -81.53 26.65 -33.07
CA THR B 203 -81.04 27.95 -32.64
C THR B 203 -81.81 28.47 -31.44
N SER B 204 -83.07 28.07 -31.30
CA SER B 204 -83.86 28.33 -30.12
C SER B 204 -84.35 27.03 -29.52
N PRO B 205 -84.62 26.98 -28.22
CA PRO B 205 -85.04 25.72 -27.60
C PRO B 205 -86.31 25.14 -28.21
N ILE B 206 -86.43 23.81 -28.13
CA ILE B 206 -87.72 23.16 -28.35
C ILE B 206 -88.61 23.41 -27.13
N VAL B 207 -89.84 23.85 -27.37
CA VAL B 207 -90.78 24.19 -26.31
C VAL B 207 -91.94 23.20 -26.35
N LYS B 208 -92.16 22.47 -25.26
CA LYS B 208 -93.41 21.75 -25.06
C LYS B 208 -94.15 22.35 -23.87
N SER B 209 -95.43 22.63 -24.05
CA SER B 209 -96.21 23.31 -23.03
C SER B 209 -97.65 22.79 -23.09
N PHE B 210 -98.33 22.82 -21.96
CA PHE B 210 -99.77 22.56 -21.94
C PHE B 210 -100.44 23.53 -20.99
N ASN B 211 -101.72 23.77 -21.24
CA ASN B 211 -102.60 24.42 -20.27
C ASN B 211 -103.40 23.35 -19.54
N ARG B 212 -103.26 23.35 -18.22
CA ARG B 212 -103.83 22.30 -17.37
C ARG B 212 -105.33 22.10 -17.63
N ASN B 213 -106.08 23.17 -17.81
CA ASN B 213 -107.53 23.06 -17.89
C ASN B 213 -108.06 22.93 -19.32
N GLU B 214 -107.19 22.70 -20.30
CA GLU B 214 -107.60 22.60 -21.70
C GLU B 214 -107.60 21.16 -22.20
N CYS B 215 -108.37 20.95 -23.26
CA CYS B 215 -108.36 19.67 -23.94
C CYS B 215 -108.57 19.83 -25.44
N MET C 1 13.58 -67.79 -14.90
CA MET C 1 14.70 -67.10 -14.30
C MET C 1 14.29 -66.29 -13.06
N ARG C 2 13.12 -65.68 -13.12
CA ARG C 2 12.66 -64.86 -12.02
C ARG C 2 12.76 -65.63 -10.69
N CYS C 3 12.25 -66.85 -10.67
CA CYS C 3 12.26 -67.64 -9.45
C CYS C 3 13.66 -68.08 -9.05
N ILE C 4 14.52 -68.32 -10.03
CA ILE C 4 15.88 -68.73 -9.73
C ILE C 4 16.64 -67.59 -9.05
N GLY C 5 16.31 -66.37 -9.45
CA GLY C 5 16.97 -65.21 -8.88
C GLY C 5 16.44 -64.80 -7.54
N MET C 6 15.41 -65.47 -7.07
CA MET C 6 14.85 -65.14 -5.77
C MET C 6 15.53 -65.89 -4.64
N SER C 7 15.72 -65.22 -3.51
CA SER C 7 16.35 -65.84 -2.37
C SER C 7 15.36 -66.75 -1.65
N ASN C 8 14.10 -66.33 -1.61
CA ASN C 8 13.07 -67.14 -0.98
C ASN C 8 12.40 -68.03 -2.02
N ARG C 9 12.88 -69.26 -2.11
CA ARG C 9 12.35 -70.21 -3.07
C ARG C 9 12.17 -71.59 -2.44
N ASP C 10 10.95 -72.11 -2.47
CA ASP C 10 10.64 -73.44 -1.93
C ASP C 10 10.56 -74.49 -3.04
N PHE C 11 11.05 -75.69 -2.77
CA PHE C 11 10.96 -76.78 -3.72
C PHE C 11 9.99 -77.77 -3.16
N VAL C 12 8.89 -78.00 -3.88
CA VAL C 12 7.87 -78.93 -3.43
C VAL C 12 7.67 -80.05 -4.44
N GLU C 13 7.36 -81.25 -3.94
CA GLU C 13 7.13 -82.39 -4.81
C GLU C 13 6.08 -83.32 -4.20
N GLY C 14 5.23 -83.90 -5.04
CA GLY C 14 4.19 -84.78 -4.52
C GLY C 14 4.69 -86.18 -4.22
N VAL C 15 4.39 -86.68 -3.02
CA VAL C 15 4.83 -88.03 -2.61
C VAL C 15 3.89 -89.11 -3.18
N SER C 16 2.92 -88.71 -3.98
CA SER C 16 1.97 -89.64 -4.54
C SER C 16 1.83 -89.36 -6.04
N GLY C 17 0.77 -89.87 -6.65
CA GLY C 17 0.53 -89.66 -8.07
C GLY C 17 -0.91 -89.28 -8.26
N GLY C 18 -1.17 -88.15 -8.90
CA GLY C 18 -2.54 -87.71 -9.10
C GLY C 18 -3.05 -87.07 -7.83
N SER C 19 -2.22 -87.07 -6.80
CA SER C 19 -2.57 -86.49 -5.51
C SER C 19 -2.46 -84.97 -5.51
N TRP C 20 -2.91 -84.35 -4.43
CA TRP C 20 -2.82 -82.90 -4.28
C TRP C 20 -1.49 -82.60 -3.60
N VAL C 21 -0.88 -81.48 -3.97
CA VAL C 21 0.37 -81.07 -3.35
C VAL C 21 0.10 -79.70 -2.72
N ASP C 22 0.53 -79.52 -1.48
CA ASP C 22 0.32 -78.24 -0.81
C ASP C 22 1.53 -77.32 -0.97
N ILE C 23 1.26 -76.03 -1.08
CA ILE C 23 2.31 -75.03 -1.19
C ILE C 23 1.84 -73.79 -0.47
N VAL C 24 2.78 -72.98 -0.03
CA VAL C 24 2.49 -71.73 0.66
C VAL C 24 3.03 -70.59 -0.19
N LEU C 25 2.15 -69.66 -0.55
CA LEU C 25 2.55 -68.52 -1.37
C LEU C 25 2.66 -67.24 -0.54
N GLU C 26 3.77 -66.51 -0.74
CA GLU C 26 4.06 -65.27 -0.04
C GLU C 26 4.57 -64.22 -1.03
N HIS C 27 4.37 -62.94 -0.72
CA HIS C 27 4.85 -61.86 -1.58
C HIS C 27 6.37 -61.85 -1.50
N GLY C 28 7.03 -61.78 -2.65
CA GLY C 28 8.48 -61.76 -2.69
C GLY C 28 9.14 -63.12 -2.69
N SER C 29 8.34 -64.18 -2.70
CA SER C 29 8.88 -65.53 -2.71
C SER C 29 8.27 -66.29 -3.88
N CYS C 30 8.80 -67.47 -4.16
CA CYS C 30 8.24 -68.29 -5.21
C CYS C 30 8.38 -69.73 -4.81
N VAL C 31 7.57 -70.57 -5.42
CA VAL C 31 7.60 -71.99 -5.14
C VAL C 31 7.74 -72.75 -6.44
N THR C 32 8.67 -73.70 -6.47
CA THR C 32 8.91 -74.52 -7.64
C THR C 32 8.39 -75.93 -7.36
N THR C 33 7.49 -76.41 -8.20
CA THR C 33 6.96 -77.75 -8.02
C THR C 33 7.48 -78.71 -9.07
N MET C 34 7.68 -79.95 -8.66
CA MET C 34 8.18 -80.97 -9.57
C MET C 34 7.44 -82.28 -9.37
N ALA C 35 7.40 -83.09 -10.42
CA ALA C 35 6.74 -84.38 -10.37
C ALA C 35 7.25 -85.21 -11.52
N LYS C 36 7.26 -86.52 -11.33
CA LYS C 36 7.72 -87.48 -12.34
C LYS C 36 6.92 -87.29 -13.64
N ASN C 37 7.62 -87.11 -14.74
CA ASN C 37 6.99 -86.95 -16.04
C ASN C 37 6.02 -85.78 -16.16
N LYS C 38 6.28 -84.74 -15.40
CA LYS C 38 5.45 -83.55 -15.40
C LYS C 38 6.38 -82.35 -15.49
N PRO C 39 5.95 -81.26 -16.11
CA PRO C 39 6.89 -80.14 -16.16
C PRO C 39 7.01 -79.51 -14.79
N THR C 40 8.13 -78.83 -14.58
CA THR C 40 8.38 -78.16 -13.34
C THR C 40 7.74 -76.80 -13.50
N LEU C 41 7.03 -76.34 -12.48
CA LEU C 41 6.34 -75.06 -12.52
C LEU C 41 6.79 -74.09 -11.43
N ASP C 42 6.66 -72.80 -11.70
CA ASP C 42 7.01 -71.76 -10.74
C ASP C 42 5.72 -71.01 -10.37
N PHE C 43 5.54 -70.78 -9.09
CA PHE C 43 4.36 -70.07 -8.58
C PHE C 43 4.76 -68.84 -7.77
N GLU C 44 4.09 -67.73 -8.05
CA GLU C 44 4.36 -66.49 -7.32
C GLU C 44 3.08 -65.69 -7.10
N LEU C 45 2.90 -65.20 -5.88
CA LEU C 45 1.76 -64.36 -5.56
C LEU C 45 2.28 -62.94 -5.74
N ILE C 46 1.85 -62.25 -6.80
CA ILE C 46 2.33 -60.90 -7.06
C ILE C 46 1.45 -59.75 -6.60
N LYS C 47 0.14 -59.93 -6.60
CA LYS C 47 -0.74 -58.86 -6.13
C LYS C 47 -1.88 -59.30 -5.23
N THR C 48 -2.21 -58.44 -4.27
CA THR C 48 -3.30 -58.68 -3.33
C THR C 48 -4.02 -57.35 -3.13
N GLU C 49 -5.17 -57.19 -3.78
CA GLU C 49 -5.90 -55.94 -3.67
C GLU C 49 -7.39 -56.09 -3.43
N ALA C 50 -7.95 -55.11 -2.72
CA ALA C 50 -9.37 -55.09 -2.44
C ALA C 50 -10.02 -54.30 -3.57
N LYS C 51 -11.07 -54.87 -4.15
CA LYS C 51 -11.79 -54.21 -5.24
C LYS C 51 -13.12 -53.68 -4.73
N GLN C 52 -13.34 -52.39 -4.98
CA GLN C 52 -14.56 -51.70 -4.58
C GLN C 52 -15.10 -52.06 -3.20
N PRO C 53 -14.32 -51.81 -2.14
CA PRO C 53 -14.75 -52.12 -0.77
C PRO C 53 -15.76 -51.08 -0.30
N ALA C 54 -16.69 -51.52 0.55
CA ALA C 54 -17.75 -50.65 1.05
C ALA C 54 -17.25 -49.35 1.70
N THR C 55 -17.82 -48.24 1.26
CA THR C 55 -17.46 -46.92 1.80
C THR C 55 -18.28 -46.69 3.06
N LEU C 56 -17.59 -46.49 4.17
CA LEU C 56 -18.24 -46.29 5.46
C LEU C 56 -18.72 -44.86 5.69
N ARG C 57 -17.81 -43.90 5.58
CA ARG C 57 -18.17 -42.52 5.84
C ARG C 57 -17.27 -41.54 5.11
N LYS C 58 -17.87 -40.48 4.55
CA LYS C 58 -17.12 -39.45 3.86
C LYS C 58 -16.97 -38.26 4.81
N TYR C 59 -15.73 -37.85 5.05
CA TYR C 59 -15.48 -36.70 5.92
C TYR C 59 -15.04 -35.50 5.12
N CYS C 60 -15.65 -34.36 5.39
CA CYS C 60 -15.27 -33.14 4.71
C CYS C 60 -14.07 -32.58 5.49
N ILE C 61 -13.01 -32.16 4.79
CA ILE C 61 -11.85 -31.61 5.50
C ILE C 61 -11.54 -30.16 5.11
N GLU C 62 -12.35 -29.62 4.22
CA GLU C 62 -12.18 -28.25 3.76
C GLU C 62 -13.48 -27.78 3.13
N ALA C 63 -13.95 -26.61 3.57
CA ALA C 63 -15.22 -26.10 3.03
C ALA C 63 -15.24 -24.60 2.86
N LYS C 64 -16.29 -24.13 2.21
CA LYS C 64 -16.49 -22.72 1.99
C LYS C 64 -17.92 -22.39 2.43
N LEU C 65 -18.19 -21.11 2.67
CA LEU C 65 -19.50 -20.65 3.08
C LEU C 65 -19.98 -19.59 2.11
N THR C 66 -21.27 -19.59 1.83
CA THR C 66 -21.85 -18.58 0.95
C THR C 66 -23.23 -18.22 1.49
N ASN C 67 -23.84 -17.19 0.91
CA ASN C 67 -25.16 -16.72 1.31
C ASN C 67 -25.45 -16.86 2.81
N THR C 68 -24.74 -16.08 3.61
CA THR C 68 -24.94 -16.07 5.03
C THR C 68 -26.14 -15.15 5.27
N THR C 69 -27.15 -15.64 5.99
CA THR C 69 -28.34 -14.84 6.26
C THR C 69 -28.72 -14.78 7.72
N THR C 70 -29.12 -13.60 8.18
CA THR C 70 -29.50 -13.44 9.58
C THR C 70 -30.91 -12.91 9.79
N GLU C 71 -31.57 -13.43 10.82
CA GLU C 71 -32.92 -13.03 11.17
C GLU C 71 -33.00 -12.94 12.69
N SER C 72 -33.68 -11.93 13.21
CA SER C 72 -33.79 -11.81 14.66
C SER C 72 -35.08 -11.13 15.10
N ARG C 73 -35.59 -11.52 16.27
CA ARG C 73 -36.82 -10.91 16.79
C ARG C 73 -36.61 -10.19 18.11
N CYS C 74 -37.53 -9.29 18.44
CA CYS C 74 -37.45 -8.51 19.67
C CYS C 74 -37.75 -9.33 20.90
N PRO C 75 -37.41 -8.80 22.08
CA PRO C 75 -37.70 -9.56 23.30
C PRO C 75 -39.22 -9.75 23.34
N THR C 76 -39.67 -10.93 23.75
CA THR C 76 -41.12 -11.19 23.85
C THR C 76 -41.79 -11.84 22.64
N GLN C 77 -41.16 -11.80 21.48
CA GLN C 77 -41.81 -12.35 20.29
C GLN C 77 -41.33 -13.70 19.77
N GLY C 78 -40.91 -14.57 20.68
CA GLY C 78 -40.48 -15.90 20.29
C GLY C 78 -39.23 -16.05 19.44
N GLU C 79 -38.93 -17.30 19.08
CA GLU C 79 -37.78 -17.66 18.27
C GLU C 79 -37.95 -17.41 16.78
N PRO C 80 -37.05 -16.62 16.17
CA PRO C 80 -37.16 -16.33 14.74
C PRO C 80 -36.80 -17.58 13.94
N SER C 81 -37.08 -17.55 12.65
CA SER C 81 -36.76 -18.70 11.82
C SER C 81 -36.50 -18.30 10.39
N LEU C 82 -35.79 -19.17 9.69
CA LEU C 82 -35.45 -18.96 8.29
C LEU C 82 -35.78 -20.28 7.62
N ASN C 83 -36.42 -20.21 6.45
CA ASN C 83 -36.79 -21.45 5.76
C ASN C 83 -35.57 -22.27 5.34
N GLU C 84 -34.45 -21.59 5.06
CA GLU C 84 -33.23 -22.31 4.68
C GLU C 84 -32.75 -23.16 5.86
N GLU C 85 -33.39 -22.99 6.99
CA GLU C 85 -33.06 -23.75 8.19
C GLU C 85 -33.58 -25.17 7.99
N GLN C 86 -34.27 -25.37 6.87
CA GLN C 86 -34.86 -26.66 6.48
C GLN C 86 -34.12 -27.25 5.29
N ASP C 87 -33.18 -26.48 4.75
CA ASP C 87 -32.36 -26.89 3.61
C ASP C 87 -31.11 -27.53 4.18
N LYS C 88 -30.95 -28.83 3.96
CA LYS C 88 -29.80 -29.57 4.48
C LYS C 88 -28.41 -29.11 4.05
N ARG C 89 -28.33 -28.18 3.11
CA ARG C 89 -27.03 -27.69 2.67
C ARG C 89 -26.53 -26.53 3.54
N PHE C 90 -27.36 -26.05 4.47
CA PHE C 90 -26.97 -24.93 5.33
C PHE C 90 -26.60 -25.33 6.75
N VAL C 91 -25.78 -24.49 7.38
CA VAL C 91 -25.37 -24.70 8.75
C VAL C 91 -26.03 -23.51 9.41
N CYS C 92 -26.70 -23.74 10.54
CA CYS C 92 -27.39 -22.67 11.23
C CYS C 92 -27.19 -22.76 12.73
N LYS C 93 -27.42 -21.65 13.42
CA LYS C 93 -27.28 -21.61 14.86
C LYS C 93 -28.35 -20.68 15.42
N HIS C 94 -28.85 -21.00 16.60
CA HIS C 94 -29.83 -20.15 17.25
C HIS C 94 -29.12 -19.55 18.44
N SER C 95 -29.39 -18.28 18.70
CA SER C 95 -28.77 -17.58 19.83
C SER C 95 -29.70 -16.49 20.35
N MET C 96 -29.23 -15.76 21.34
CA MET C 96 -29.96 -14.65 21.94
C MET C 96 -29.02 -13.47 21.87
N VAL C 97 -29.55 -12.29 21.61
CA VAL C 97 -28.73 -11.09 21.55
C VAL C 97 -29.52 -9.91 22.14
N ASP C 98 -28.81 -8.96 22.73
CA ASP C 98 -29.47 -7.80 23.31
C ASP C 98 -30.18 -7.04 22.21
N ARG C 99 -31.32 -6.47 22.52
CA ARG C 99 -32.12 -5.69 21.58
C ARG C 99 -32.62 -4.44 22.30
N GLY C 100 -33.29 -3.54 21.60
CA GLY C 100 -33.77 -2.33 22.26
C GLY C 100 -34.16 -1.24 21.29
N TRP C 101 -34.41 -0.04 21.81
CA TRP C 101 -34.82 1.09 20.98
C TRP C 101 -33.83 1.42 19.87
N GLY C 102 -32.56 1.21 20.16
CA GLY C 102 -31.53 1.50 19.16
C GLY C 102 -31.56 0.62 17.93
N ASN C 103 -32.26 -0.51 17.97
CA ASN C 103 -32.32 -1.37 16.82
C ASN C 103 -33.69 -1.87 16.44
N GLY C 104 -34.70 -1.04 16.66
CA GLY C 104 -36.06 -1.38 16.27
C GLY C 104 -36.99 -2.11 17.21
N CYS C 105 -36.63 -2.23 18.49
CA CYS C 105 -37.50 -2.92 19.41
C CYS C 105 -38.13 -2.00 20.45
N GLY C 106 -39.33 -2.35 20.89
CA GLY C 106 -40.02 -1.54 21.88
C GLY C 106 -39.43 -1.69 23.28
N LEU C 107 -39.01 -2.91 23.60
CA LEU C 107 -38.45 -3.26 24.90
C LEU C 107 -36.96 -3.55 24.84
N PHE C 108 -36.27 -3.31 25.95
CA PHE C 108 -34.85 -3.63 26.01
C PHE C 108 -34.86 -5.03 26.62
N GLY C 109 -34.00 -5.91 26.11
CA GLY C 109 -33.95 -7.26 26.62
C GLY C 109 -33.37 -8.18 25.56
N LYS C 110 -33.24 -9.45 25.91
CA LYS C 110 -32.69 -10.42 24.98
C LYS C 110 -33.71 -10.81 23.92
N GLY C 111 -33.24 -10.95 22.69
CA GLY C 111 -34.11 -11.33 21.59
C GLY C 111 -33.56 -12.55 20.88
N GLY C 112 -34.41 -13.25 20.16
CA GLY C 112 -33.95 -14.42 19.44
C GLY C 112 -33.37 -14.09 18.07
N ILE C 113 -32.23 -14.68 17.77
CA ILE C 113 -31.56 -14.44 16.50
C ILE C 113 -31.13 -15.78 15.91
N VAL C 114 -31.14 -15.87 14.59
CA VAL C 114 -30.75 -17.10 13.90
C VAL C 114 -29.93 -16.73 12.65
N THR C 115 -28.92 -17.53 12.35
CA THR C 115 -28.05 -17.26 11.21
C THR C 115 -27.74 -18.54 10.46
N CYS C 116 -27.80 -18.49 9.13
CA CYS C 116 -27.52 -19.67 8.33
C CYS C 116 -26.59 -19.30 7.19
N ALA C 117 -25.78 -20.26 6.78
CA ALA C 117 -24.84 -20.06 5.69
C ALA C 117 -24.81 -21.36 4.91
N MET C 118 -24.76 -21.25 3.58
CA MET C 118 -24.69 -22.46 2.78
C MET C 118 -23.30 -23.04 2.98
N PHE C 119 -23.23 -24.34 3.21
CA PHE C 119 -21.99 -25.05 3.45
C PHE C 119 -21.61 -25.82 2.19
N ARG C 120 -20.44 -25.54 1.63
CA ARG C 120 -19.97 -26.21 0.43
C ARG C 120 -18.62 -26.87 0.66
N CYS C 121 -18.61 -28.21 0.68
CA CYS C 121 -17.38 -28.95 0.90
C CYS C 121 -16.50 -28.87 -0.35
N LYS C 122 -15.21 -28.56 -0.16
CA LYS C 122 -14.29 -28.42 -1.28
C LYS C 122 -13.26 -29.56 -1.38
N LYS C 123 -13.07 -30.28 -0.28
CA LYS C 123 -12.12 -31.39 -0.25
C LYS C 123 -12.49 -32.31 0.89
N ASN C 124 -12.70 -33.58 0.56
CA ASN C 124 -13.09 -34.57 1.56
C ASN C 124 -12.22 -35.81 1.48
N MET C 125 -12.34 -36.65 2.50
CA MET C 125 -11.62 -37.90 2.56
C MET C 125 -12.66 -38.96 2.86
N GLU C 126 -12.36 -40.23 2.54
CA GLU C 126 -13.31 -41.29 2.82
C GLU C 126 -12.63 -42.54 3.36
N GLY C 127 -13.27 -43.14 4.35
CA GLY C 127 -12.72 -44.35 4.94
C GLY C 127 -13.52 -45.53 4.45
N LYS C 128 -12.83 -46.59 4.04
CA LYS C 128 -13.51 -47.78 3.53
C LYS C 128 -13.29 -49.00 4.41
N VAL C 129 -14.20 -49.96 4.27
CA VAL C 129 -14.11 -51.19 5.02
C VAL C 129 -13.79 -52.34 4.06
N VAL C 130 -12.65 -52.97 4.28
CA VAL C 130 -12.19 -54.07 3.45
C VAL C 130 -12.67 -55.40 4.01
N GLN C 131 -13.44 -56.15 3.22
CA GLN C 131 -13.94 -57.46 3.63
C GLN C 131 -12.93 -58.52 3.20
N PRO C 132 -12.61 -59.49 4.08
CA PRO C 132 -11.67 -60.55 3.74
C PRO C 132 -12.02 -61.16 2.39
N GLU C 133 -13.33 -61.36 2.17
CA GLU C 133 -13.80 -61.88 0.91
C GLU C 133 -13.66 -60.71 -0.05
N ASN C 134 -13.94 -60.92 -1.33
CA ASN C 134 -13.84 -59.82 -2.29
C ASN C 134 -12.40 -59.29 -2.40
N LEU C 135 -11.46 -59.93 -1.69
CA LEU C 135 -10.06 -59.54 -1.81
C LEU C 135 -9.64 -60.35 -3.03
N GLU C 136 -8.76 -59.82 -3.85
CA GLU C 136 -8.38 -60.53 -5.06
C GLU C 136 -6.87 -60.74 -5.17
N TYR C 137 -6.46 -62.01 -5.14
CA TYR C 137 -5.04 -62.35 -5.23
C TYR C 137 -4.65 -62.70 -6.66
N THR C 138 -3.50 -62.16 -7.10
CA THR C 138 -3.01 -62.45 -8.45
C THR C 138 -1.83 -63.41 -8.33
N ILE C 139 -1.92 -64.52 -9.05
CA ILE C 139 -0.86 -65.53 -9.00
C ILE C 139 -0.37 -65.85 -10.38
N VAL C 140 0.95 -65.88 -10.55
CA VAL C 140 1.54 -66.19 -11.84
C VAL C 140 2.12 -67.60 -11.79
N ILE C 141 1.77 -68.40 -12.78
CA ILE C 141 2.23 -69.77 -12.88
C ILE C 141 3.09 -69.81 -14.11
N THR C 142 4.40 -69.93 -13.90
CA THR C 142 5.36 -69.95 -15.00
C THR C 142 5.99 -71.31 -15.23
N PRO C 143 6.00 -71.79 -16.47
CA PRO C 143 6.60 -73.10 -16.80
C PRO C 143 8.13 -72.95 -16.67
N HIS C 144 8.76 -73.87 -15.93
CA HIS C 144 10.21 -73.84 -15.74
C HIS C 144 10.83 -74.61 -16.91
N SER C 145 11.04 -73.91 -18.01
CA SER C 145 11.55 -74.50 -19.23
C SER C 145 12.94 -74.03 -19.58
N GLY C 146 13.25 -72.78 -19.25
CA GLY C 146 14.55 -72.22 -19.57
C GLY C 146 14.55 -71.51 -20.92
N GLU C 147 13.45 -71.57 -21.66
CA GLU C 147 13.34 -70.91 -22.95
C GLU C 147 13.72 -69.45 -22.85
N GLU C 148 14.07 -68.80 -23.95
CA GLU C 148 14.47 -67.40 -23.87
C GLU C 148 13.58 -66.31 -24.37
N HIS C 149 13.87 -65.12 -23.86
CA HIS C 149 13.21 -63.85 -24.23
C HIS C 149 14.11 -62.61 -24.23
N ALA C 150 14.46 -61.96 -23.10
CA ALA C 150 15.33 -60.70 -23.14
C ALA C 150 14.64 -59.45 -22.50
N GLY C 156 5.82 -62.33 -24.37
CA GLY C 156 5.69 -63.37 -25.37
C GLY C 156 5.83 -64.76 -24.79
N LYS C 157 6.32 -64.84 -23.57
CA LYS C 157 6.46 -66.12 -22.87
C LYS C 157 6.05 -66.00 -21.42
N HIS C 158 5.14 -65.06 -21.13
CA HIS C 158 4.62 -64.89 -19.78
C HIS C 158 4.07 -66.20 -19.22
N GLY C 159 4.27 -66.41 -17.93
CA GLY C 159 3.48 -67.37 -17.18
C GLY C 159 2.02 -66.97 -17.10
N LYS C 160 1.13 -67.96 -17.03
CA LYS C 160 -0.29 -67.72 -16.93
C LYS C 160 -0.57 -66.91 -15.68
N GLU C 161 -1.39 -65.87 -15.83
CA GLU C 161 -1.75 -65.04 -14.70
C GLU C 161 -3.19 -65.40 -14.39
N ILE C 162 -3.50 -65.61 -13.10
CA ILE C 162 -4.86 -65.94 -12.71
C ILE C 162 -5.22 -65.14 -11.45
N LYS C 163 -6.46 -64.67 -11.40
CA LYS C 163 -6.95 -63.89 -10.26
C LYS C 163 -8.03 -64.67 -9.57
N ILE C 164 -7.94 -64.78 -8.26
CA ILE C 164 -8.94 -65.53 -7.53
C ILE C 164 -9.40 -64.79 -6.28
N THR C 165 -10.51 -65.28 -5.71
CA THR C 165 -11.11 -64.68 -4.51
C THR C 165 -11.40 -65.80 -3.52
N PRO C 166 -11.37 -65.51 -2.22
CA PRO C 166 -11.65 -66.60 -1.29
C PRO C 166 -13.04 -67.20 -1.52
N GLN C 167 -13.80 -66.60 -2.43
CA GLN C 167 -15.14 -67.10 -2.73
C GLN C 167 -15.23 -67.78 -4.10
N SER C 168 -14.16 -67.66 -4.90
CA SER C 168 -14.16 -68.29 -6.21
C SER C 168 -13.90 -69.79 -6.07
N SER C 169 -14.35 -70.57 -7.04
CA SER C 169 -14.17 -72.02 -6.98
C SER C 169 -12.79 -72.46 -7.49
N ILE C 170 -12.54 -73.76 -7.42
CA ILE C 170 -11.26 -74.30 -7.86
C ILE C 170 -10.94 -73.85 -9.28
N THR C 171 -9.72 -73.37 -9.46
CA THR C 171 -9.27 -72.86 -10.74
C THR C 171 -8.59 -73.90 -11.60
N GLU C 172 -8.87 -73.83 -12.91
CA GLU C 172 -8.25 -74.71 -13.88
C GLU C 172 -7.49 -73.80 -14.84
N ALA C 173 -6.19 -73.65 -14.60
CA ALA C 173 -5.37 -72.78 -15.43
C ALA C 173 -4.69 -73.49 -16.58
N GLU C 174 -4.82 -72.92 -17.76
CA GLU C 174 -4.22 -73.50 -18.94
C GLU C 174 -2.82 -72.94 -19.15
N LEU C 175 -1.87 -73.82 -19.40
CA LEU C 175 -0.51 -73.45 -19.69
C LEU C 175 -0.22 -73.89 -21.11
N THR C 176 -0.22 -72.92 -22.04
CA THR C 176 0.02 -73.19 -23.44
C THR C 176 1.16 -74.18 -23.65
N GLY C 177 0.78 -75.33 -24.20
CA GLY C 177 1.73 -76.38 -24.48
C GLY C 177 1.81 -77.52 -23.48
N TYR C 178 1.38 -77.31 -22.24
CA TYR C 178 1.52 -78.37 -21.25
C TYR C 178 0.23 -78.93 -20.69
N GLY C 179 -0.88 -78.25 -20.95
CA GLY C 179 -2.17 -78.70 -20.44
C GLY C 179 -2.71 -77.70 -19.43
N THR C 180 -3.35 -78.19 -18.38
CA THR C 180 -3.88 -77.29 -17.37
C THR C 180 -3.43 -77.75 -16.01
N VAL C 181 -3.45 -76.83 -15.06
CA VAL C 181 -3.06 -77.17 -13.70
C VAL C 181 -4.26 -76.74 -12.89
N THR C 182 -4.65 -77.54 -11.90
CA THR C 182 -5.81 -77.19 -11.11
C THR C 182 -5.38 -76.86 -9.70
N MET C 183 -5.88 -75.74 -9.17
CA MET C 183 -5.51 -75.33 -7.83
C MET C 183 -6.60 -74.55 -7.10
N GLU C 184 -6.56 -74.60 -5.78
CA GLU C 184 -7.51 -73.89 -4.93
C GLU C 184 -6.74 -73.23 -3.80
N CYS C 185 -7.13 -72.02 -3.44
CA CYS C 185 -6.43 -71.32 -2.38
C CYS C 185 -7.29 -70.81 -1.25
N SER C 186 -6.65 -70.58 -0.11
CA SER C 186 -7.33 -70.06 1.06
C SER C 186 -6.47 -68.92 1.60
N PRO C 187 -7.11 -67.79 1.93
CA PRO C 187 -6.42 -66.61 2.47
C PRO C 187 -5.86 -66.88 3.85
N ARG C 188 -5.66 -68.16 4.16
CA ARG C 188 -5.17 -68.55 5.48
C ARG C 188 -4.30 -67.51 6.18
N THR C 189 -4.86 -66.97 7.26
CA THR C 189 -4.26 -65.96 8.10
C THR C 189 -2.97 -65.34 7.56
N LEU C 191 -4.02 -61.17 8.51
CA LEU C 191 -4.78 -60.13 7.82
C LEU C 191 -6.10 -59.84 8.55
N ASP C 192 -6.21 -58.65 9.15
CA ASP C 192 -7.42 -58.28 9.89
C ASP C 192 -8.19 -57.14 9.22
N PHE C 193 -9.51 -57.16 9.37
CA PHE C 193 -10.38 -56.13 8.79
C PHE C 193 -11.72 -56.07 9.51
N GLU C 195 -11.71 -55.28 13.21
CA GLU C 195 -12.41 -54.00 13.16
C GLU C 195 -11.47 -52.84 12.87
N MET C 196 -11.13 -52.68 11.59
CA MET C 196 -10.25 -51.60 11.16
C MET C 196 -10.90 -50.86 10.01
N VAL C 197 -10.24 -49.80 9.54
CA VAL C 197 -10.76 -48.99 8.45
C VAL C 197 -9.61 -48.46 7.61
N LEU C 198 -9.87 -48.22 6.33
CA LEU C 198 -8.84 -47.68 5.45
C LEU C 198 -9.20 -46.27 4.97
N LEU C 199 -8.45 -45.31 5.51
CA LEU C 199 -8.62 -43.89 5.23
C LEU C 199 -7.93 -43.43 3.95
N GLN C 200 -8.69 -42.78 3.07
CA GLN C 200 -8.15 -42.28 1.82
C GLN C 200 -8.15 -40.74 1.71
N MET C 201 -6.94 -40.16 1.73
CA MET C 201 -6.79 -38.72 1.60
C MET C 201 -6.14 -38.38 0.27
N GLU C 202 -6.95 -38.37 -0.78
CA GLU C 202 -6.48 -38.03 -2.12
C GLU C 202 -5.39 -38.97 -2.64
N ASN C 203 -5.81 -40.17 -3.01
CA ASN C 203 -4.91 -41.19 -3.55
C ASN C 203 -3.83 -41.73 -2.63
N LYS C 204 -3.84 -41.32 -1.38
CA LYS C 204 -2.87 -41.82 -0.41
C LYS C 204 -3.72 -42.38 0.71
N ALA C 205 -3.48 -43.64 1.10
CA ALA C 205 -4.29 -44.26 2.14
C ALA C 205 -3.53 -44.74 3.38
N TRP C 206 -4.29 -45.02 4.42
CA TRP C 206 -3.76 -45.50 5.70
C TRP C 206 -4.74 -46.49 6.30
N LEU C 207 -4.25 -47.35 7.18
CA LEU C 207 -5.11 -48.31 7.86
C LEU C 207 -5.28 -47.72 9.25
N VAL C 208 -6.52 -47.47 9.65
CA VAL C 208 -6.79 -46.89 10.96
C VAL C 208 -7.82 -47.70 11.72
N HIS C 209 -7.79 -47.60 13.06
CA HIS C 209 -8.75 -48.33 13.87
C HIS C 209 -10.11 -47.66 13.79
N ARG C 210 -11.16 -48.46 13.97
CA ARG C 210 -12.51 -47.93 13.92
C ARG C 210 -12.75 -47.20 15.25
N GLN C 211 -13.90 -46.56 15.39
CA GLN C 211 -14.23 -45.82 16.60
C GLN C 211 -13.34 -44.60 16.76
N TRP C 212 -12.29 -44.52 15.97
CA TRP C 212 -11.40 -43.38 15.98
C TRP C 212 -11.81 -42.60 14.74
N PHE C 213 -12.02 -43.37 13.67
CA PHE C 213 -12.45 -42.83 12.40
C PHE C 213 -13.85 -42.27 12.63
N LEU C 214 -14.68 -43.04 13.32
CA LEU C 214 -16.06 -42.67 13.62
C LEU C 214 -16.19 -41.52 14.63
N ASP C 215 -15.12 -41.23 15.34
CA ASP C 215 -15.14 -40.16 16.32
C ASP C 215 -14.58 -38.84 15.80
N LEU C 216 -13.92 -38.90 14.65
CA LEU C 216 -13.35 -37.69 14.06
C LEU C 216 -14.34 -36.53 14.04
N PRO C 217 -13.92 -35.38 14.59
CA PRO C 217 -14.76 -34.18 14.64
C PRO C 217 -14.70 -33.43 13.32
N LEU C 218 -15.43 -33.94 12.34
CA LEU C 218 -15.47 -33.32 11.03
C LEU C 218 -16.81 -33.61 10.41
N PRO C 219 -17.26 -32.75 9.49
CA PRO C 219 -18.56 -32.99 8.85
C PRO C 219 -18.47 -34.28 8.05
N TRP C 220 -19.54 -35.08 8.04
CA TRP C 220 -19.52 -36.34 7.32
C TRP C 220 -20.86 -36.69 6.68
N LEU C 221 -20.84 -37.74 5.87
CA LEU C 221 -22.02 -38.21 5.18
C LEU C 221 -22.00 -39.74 5.17
N PRO C 222 -23.17 -40.37 5.33
CA PRO C 222 -23.20 -41.84 5.33
C PRO C 222 -22.59 -42.33 4.01
N GLY C 223 -21.82 -43.42 4.09
CA GLY C 223 -21.17 -43.97 2.92
C GLY C 223 -21.96 -44.03 1.61
N ALA C 224 -23.18 -44.53 1.66
CA ALA C 224 -24.00 -44.68 0.46
C ALA C 224 -24.62 -43.39 -0.07
N ASP C 225 -23.86 -42.30 -0.08
CA ASP C 225 -24.35 -41.03 -0.57
C ASP C 225 -23.76 -40.67 -1.92
N THR C 226 -24.37 -39.73 -2.60
CA THR C 226 -23.89 -39.28 -3.90
C THR C 226 -24.21 -37.80 -4.10
N GLN C 227 -25.06 -37.27 -3.21
CA GLN C 227 -25.42 -35.86 -3.26
C GLN C 227 -24.17 -35.08 -2.89
N GLY C 228 -23.59 -35.45 -1.76
CA GLY C 228 -22.39 -34.78 -1.28
C GLY C 228 -22.71 -33.39 -0.76
N SER C 229 -23.98 -33.17 -0.40
CA SER C 229 -24.40 -31.87 0.08
C SER C 229 -24.89 -31.81 1.52
N ASN C 230 -25.70 -32.79 1.91
CA ASN C 230 -26.30 -32.84 3.25
C ASN C 230 -25.45 -33.23 4.46
N TRP C 231 -24.26 -32.65 4.52
CA TRP C 231 -23.30 -32.93 5.60
C TRP C 231 -23.85 -32.90 7.02
N ILE C 232 -23.31 -33.81 7.84
CA ILE C 232 -23.69 -33.94 9.24
C ILE C 232 -22.63 -33.33 10.14
N GLN C 233 -23.09 -32.53 11.11
CA GLN C 233 -22.23 -31.81 12.06
C GLN C 233 -21.24 -30.88 11.37
N LYS C 234 -21.80 -29.97 10.58
CA LYS C 234 -21.04 -28.97 9.86
C LYS C 234 -20.40 -27.98 10.83
N GLU C 235 -21.02 -27.79 12.00
CA GLU C 235 -20.49 -26.86 13.00
C GLU C 235 -19.04 -27.18 13.35
N THR C 236 -18.60 -28.39 13.06
CA THR C 236 -17.22 -28.76 13.35
C THR C 236 -16.23 -27.90 12.55
N LEU C 237 -16.64 -27.44 11.37
CA LEU C 237 -15.78 -26.59 10.53
C LEU C 237 -16.32 -25.17 10.47
N VAL C 238 -17.29 -24.87 11.31
CA VAL C 238 -17.87 -23.53 11.29
C VAL C 238 -17.86 -22.90 12.65
N THR C 239 -17.66 -21.59 12.68
CA THR C 239 -17.64 -20.85 13.91
C THR C 239 -18.56 -19.67 13.77
N PHE C 240 -19.46 -19.52 14.73
CA PHE C 240 -20.40 -18.41 14.73
C PHE C 240 -19.88 -17.39 15.75
N LYS C 241 -19.54 -16.20 15.28
CA LYS C 241 -19.05 -15.13 16.15
C LYS C 241 -20.22 -14.67 17.02
N ASN C 242 -19.91 -13.87 18.05
CA ASN C 242 -20.97 -13.35 18.92
C ASN C 242 -21.89 -12.55 18.02
N PRO C 243 -23.19 -12.72 18.19
CA PRO C 243 -24.14 -11.99 17.34
C PRO C 243 -24.31 -10.51 17.68
N HIS C 244 -24.97 -9.79 16.78
CA HIS C 244 -25.27 -8.38 16.97
C HIS C 244 -26.79 -8.31 16.76
N ALA C 245 -27.38 -7.20 17.17
CA ALA C 245 -28.81 -7.03 17.06
C ALA C 245 -29.46 -7.58 15.77
N LYS C 246 -28.86 -7.32 14.61
CA LYS C 246 -29.46 -7.76 13.35
C LYS C 246 -28.56 -8.57 12.43
N LYS C 247 -27.28 -8.72 12.75
CA LYS C 247 -26.37 -9.49 11.91
C LYS C 247 -25.41 -10.27 12.77
N GLN C 248 -24.82 -11.29 12.17
CA GLN C 248 -23.88 -12.14 12.86
C GLN C 248 -22.93 -12.70 11.81
N ASP C 249 -21.66 -12.75 12.14
CA ASP C 249 -20.68 -13.26 11.19
C ASP C 249 -20.46 -14.73 11.40
N VAL C 250 -20.14 -15.43 10.32
CA VAL C 250 -19.87 -16.85 10.41
C VAL C 250 -18.62 -17.11 9.57
N VAL C 251 -17.63 -17.77 10.17
CA VAL C 251 -16.39 -18.08 9.46
C VAL C 251 -16.15 -19.57 9.52
N VAL C 252 -15.49 -20.09 8.49
CA VAL C 252 -15.18 -21.50 8.43
C VAL C 252 -13.71 -21.72 8.71
N LEU C 253 -13.41 -22.82 9.40
CA LEU C 253 -12.01 -23.15 9.70
C LEU C 253 -11.28 -23.36 8.39
N GLY C 254 -9.96 -23.39 8.44
CA GLY C 254 -9.20 -23.63 7.22
C GLY C 254 -9.08 -25.11 6.97
N SER C 255 -8.51 -25.49 5.83
CA SER C 255 -8.36 -26.90 5.49
C SER C 255 -7.78 -27.70 6.66
N GLN C 256 -8.16 -28.96 6.75
CA GLN C 256 -7.68 -29.81 7.82
C GLN C 256 -6.80 -30.93 7.26
N GLU C 257 -6.52 -30.88 5.96
CA GLU C 257 -5.68 -31.89 5.33
C GLU C 257 -4.38 -32.00 6.13
N GLY C 258 -3.81 -30.84 6.47
CA GLY C 258 -2.57 -30.83 7.23
C GLY C 258 -2.73 -31.38 8.63
N ALA C 259 -3.73 -30.89 9.36
CA ALA C 259 -3.96 -31.37 10.72
C ALA C 259 -4.14 -32.88 10.68
N MET C 260 -4.67 -33.37 9.57
CA MET C 260 -4.91 -34.81 9.41
C MET C 260 -3.59 -35.54 9.16
N HIS C 261 -2.87 -35.13 8.13
CA HIS C 261 -1.59 -35.73 7.78
C HIS C 261 -0.69 -35.92 9.00
N THR C 262 -0.27 -34.81 9.59
CA THR C 262 0.59 -34.88 10.76
C THR C 262 -0.13 -35.48 11.97
N ALA C 263 -1.29 -36.08 11.73
CA ALA C 263 -2.06 -36.73 12.80
C ALA C 263 -2.07 -38.24 12.57
N LEU C 264 -1.85 -38.63 11.31
CA LEU C 264 -1.83 -40.02 10.91
C LEU C 264 -0.44 -40.63 11.00
N THR C 265 0.59 -39.80 11.20
CA THR C 265 1.94 -40.31 11.31
C THR C 265 1.93 -41.41 12.39
N GLY C 266 2.43 -42.59 12.04
CA GLY C 266 2.46 -43.68 13.00
C GLY C 266 1.64 -44.88 12.52
N ALA C 267 0.45 -44.61 12.02
CA ALA C 267 -0.44 -45.67 11.51
C ALA C 267 0.11 -46.25 10.20
N THR C 268 0.02 -47.57 10.06
CA THR C 268 0.52 -48.24 8.86
C THR C 268 -0.02 -47.66 7.56
N GLU C 269 0.88 -47.17 6.72
CA GLU C 269 0.50 -46.60 5.44
C GLU C 269 0.18 -47.72 4.45
N ILE C 270 -0.86 -47.53 3.66
CA ILE C 270 -1.26 -48.54 2.69
C ILE C 270 -1.12 -48.05 1.26
N GLN C 271 -0.39 -48.80 0.46
CA GLN C 271 -0.17 -48.46 -0.93
C GLN C 271 -1.50 -48.62 -1.67
N MET C 272 -1.56 -48.09 -2.89
CA MET C 272 -2.77 -48.20 -3.70
C MET C 272 -2.58 -47.65 -5.10
N SER C 273 -3.49 -48.01 -5.99
CA SER C 273 -3.43 -47.53 -7.37
C SER C 273 -4.76 -47.82 -8.05
N SER C 274 -5.11 -46.98 -9.01
CA SER C 274 -6.37 -47.14 -9.74
C SER C 274 -7.54 -47.18 -8.76
N GLY C 275 -7.39 -46.48 -7.65
CA GLY C 275 -8.44 -46.43 -6.64
C GLY C 275 -8.50 -47.65 -5.75
N ASN C 276 -7.79 -48.71 -6.13
CA ASN C 276 -7.79 -49.94 -5.34
C ASN C 276 -6.68 -49.94 -4.29
N LEU C 277 -6.96 -50.56 -3.15
CA LEU C 277 -5.99 -50.65 -2.07
C LEU C 277 -5.20 -51.94 -2.27
N LEU C 278 -3.91 -51.90 -1.93
CA LEU C 278 -3.06 -53.07 -2.09
C LEU C 278 -2.54 -53.54 -0.74
N PHE C 279 -2.38 -54.85 -0.60
CA PHE C 279 -1.86 -55.40 0.65
C PHE C 279 -0.88 -56.48 0.29
N THR C 280 -0.18 -56.96 1.30
CA THR C 280 0.77 -58.04 1.12
C THR C 280 0.06 -59.26 1.70
N GLY C 281 -0.59 -60.03 0.82
CA GLY C 281 -1.32 -61.20 1.25
C GLY C 281 -0.52 -62.46 1.53
N HIS C 282 -1.22 -63.44 2.09
CA HIS C 282 -0.63 -64.73 2.44
C HIS C 282 -1.60 -65.83 1.99
N LEU C 283 -1.14 -66.75 1.16
CA LEU C 283 -2.00 -67.82 0.69
C LEU C 283 -1.48 -69.22 0.93
N LYS C 284 -2.43 -70.15 1.05
CA LYS C 284 -2.16 -71.58 1.20
C LYS C 284 -2.95 -72.17 0.04
N CYS C 285 -2.31 -72.96 -0.80
CA CYS C 285 -3.02 -73.54 -1.91
C CYS C 285 -2.68 -75.00 -2.07
N ARG C 286 -3.52 -75.69 -2.84
CA ARG C 286 -3.32 -77.10 -3.13
C ARG C 286 -3.50 -77.22 -4.64
N LEU C 287 -2.60 -77.94 -5.30
CA LEU C 287 -2.72 -78.08 -6.73
C LEU C 287 -2.58 -79.52 -7.18
N ARG C 288 -3.15 -79.82 -8.33
CA ARG C 288 -3.13 -81.16 -8.91
C ARG C 288 -2.56 -81.03 -10.32
N MET C 289 -1.69 -81.96 -10.70
CA MET C 289 -1.04 -81.93 -12.00
C MET C 289 -1.44 -83.06 -12.97
N ASP C 290 -2.48 -83.80 -12.61
CA ASP C 290 -2.92 -84.90 -13.47
C ASP C 290 -3.26 -84.47 -14.89
N LYS C 291 -3.52 -83.19 -15.12
CA LYS C 291 -3.83 -82.72 -16.47
C LYS C 291 -2.67 -82.01 -17.17
N LEU C 292 -1.49 -82.07 -16.55
CA LEU C 292 -0.29 -81.47 -17.13
C LEU C 292 0.53 -82.55 -17.81
N GLN C 293 1.28 -82.17 -18.82
CA GLN C 293 2.14 -83.14 -19.47
C GLN C 293 3.30 -82.41 -20.07
N LEU C 294 4.39 -83.12 -20.36
CA LEU C 294 5.57 -82.51 -20.92
C LEU C 294 5.39 -82.00 -22.34
N LYS C 295 5.82 -80.77 -22.59
CA LYS C 295 5.72 -80.17 -23.91
C LYS C 295 6.90 -80.62 -24.76
N GLY C 296 6.65 -81.41 -25.80
CA GLY C 296 7.74 -81.84 -26.64
C GLY C 296 8.04 -83.32 -26.66
N MET C 297 7.33 -84.11 -25.88
CA MET C 297 7.58 -85.55 -25.90
C MET C 297 7.40 -85.99 -27.35
N SER C 298 8.06 -87.08 -27.72
CA SER C 298 7.99 -87.61 -29.08
C SER C 298 8.67 -86.71 -30.10
N TYR C 299 9.95 -86.44 -29.84
CA TYR C 299 10.78 -85.65 -30.73
C TYR C 299 11.96 -86.56 -30.95
N SER C 300 13.03 -86.02 -31.51
CA SER C 300 14.24 -86.78 -31.74
C SER C 300 15.24 -86.38 -30.66
N MET C 301 16.25 -87.22 -30.41
CA MET C 301 17.26 -86.91 -29.40
C MET C 301 18.38 -86.18 -30.15
N CYS C 302 18.45 -84.85 -29.99
CA CYS C 302 19.45 -84.05 -30.68
C CYS C 302 20.67 -84.87 -30.95
N THR C 303 21.12 -84.89 -32.19
CA THR C 303 22.33 -85.61 -32.50
C THR C 303 23.23 -84.54 -33.10
N GLY C 304 23.92 -83.76 -32.25
CA GLY C 304 24.77 -82.71 -32.76
C GLY C 304 25.69 -82.02 -31.77
N LYS C 305 25.86 -80.70 -31.86
CA LYS C 305 26.74 -79.94 -30.96
C LYS C 305 26.20 -78.72 -30.24
N PHE C 306 26.82 -78.46 -29.08
CA PHE C 306 26.46 -77.31 -28.27
C PHE C 306 27.71 -76.61 -27.77
N LYS C 307 27.63 -75.28 -27.76
CA LYS C 307 28.73 -74.47 -27.27
C LYS C 307 28.18 -73.71 -26.07
N VAL C 308 28.72 -73.98 -24.89
CA VAL C 308 28.26 -73.29 -23.70
C VAL C 308 28.33 -71.79 -23.99
N VAL C 309 27.16 -71.16 -24.12
CA VAL C 309 27.09 -69.74 -24.43
C VAL C 309 28.00 -68.87 -23.55
N LYS C 310 28.01 -69.11 -22.25
CA LYS C 310 28.88 -68.34 -21.36
C LYS C 310 29.17 -69.10 -20.07
N GLU C 311 29.75 -68.39 -19.10
CA GLU C 311 30.11 -68.98 -17.81
C GLU C 311 28.96 -69.65 -17.07
N ILE C 312 29.14 -70.93 -16.76
CA ILE C 312 28.14 -71.68 -16.01
C ILE C 312 27.88 -70.89 -14.74
N ALA C 313 26.62 -70.80 -14.33
CA ALA C 313 26.27 -70.04 -13.15
C ALA C 313 25.78 -70.89 -11.98
N GLU C 314 26.09 -70.43 -10.78
CA GLU C 314 25.69 -71.08 -9.54
C GLU C 314 24.54 -70.26 -8.97
N THR C 315 23.45 -70.92 -8.61
CA THR C 315 22.30 -70.23 -8.05
C THR C 315 22.40 -70.23 -6.53
N GLN C 316 21.43 -69.58 -5.90
CA GLN C 316 21.39 -69.53 -4.45
C GLN C 316 20.77 -70.81 -3.90
N HIS C 317 20.47 -71.76 -4.77
CA HIS C 317 19.81 -72.98 -4.31
C HIS C 317 20.46 -74.31 -4.62
N GLY C 318 21.78 -74.36 -4.53
CA GLY C 318 22.46 -75.61 -4.78
C GLY C 318 22.24 -76.14 -6.18
N THR C 319 22.00 -75.23 -7.12
CA THR C 319 21.77 -75.66 -8.49
C THR C 319 22.58 -74.80 -9.45
N ILE C 320 22.63 -75.25 -10.70
CA ILE C 320 23.38 -74.53 -11.71
C ILE C 320 22.55 -74.24 -12.95
N VAL C 321 22.90 -73.17 -13.67
CA VAL C 321 22.18 -72.81 -14.88
C VAL C 321 23.15 -72.84 -16.07
N ILE C 322 23.05 -73.85 -16.92
CA ILE C 322 23.94 -73.96 -18.07
C ILE C 322 23.30 -73.49 -19.38
N ARG C 323 23.86 -72.44 -19.98
CA ARG C 323 23.37 -71.93 -21.26
C ARG C 323 24.04 -72.72 -22.39
N VAL C 324 23.27 -73.20 -23.36
CA VAL C 324 23.86 -73.95 -24.45
C VAL C 324 23.05 -73.65 -25.70
N GLN C 325 23.66 -73.81 -26.87
CA GLN C 325 22.95 -73.56 -28.11
C GLN C 325 23.46 -74.52 -29.15
N TYR C 326 22.54 -75.17 -29.86
CA TYR C 326 22.91 -76.12 -30.90
C TYR C 326 23.81 -75.40 -31.88
N GLY C 328 24.22 -76.14 -34.34
CA GLY C 328 24.32 -77.60 -34.25
C GLY C 328 23.44 -78.47 -35.16
N ASP C 329 23.89 -79.70 -35.42
CA ASP C 329 23.25 -80.75 -36.25
C ASP C 329 21.81 -81.26 -36.07
N GLY C 330 20.79 -80.44 -36.13
CA GLY C 330 19.49 -81.06 -35.92
C GLY C 330 18.21 -80.26 -35.83
N SER C 331 17.13 -81.02 -35.70
CA SER C 331 15.78 -80.54 -35.61
C SER C 331 15.67 -79.76 -34.31
N PRO C 332 14.52 -79.14 -34.07
CA PRO C 332 14.27 -78.38 -32.84
C PRO C 332 14.18 -79.68 -32.03
N CYS C 333 15.16 -79.97 -31.18
CA CYS C 333 15.16 -81.27 -30.49
C CYS C 333 15.35 -81.34 -28.99
N LYS C 334 15.22 -82.57 -28.48
CA LYS C 334 15.40 -82.88 -27.07
C LYS C 334 16.90 -82.75 -26.81
N ILE C 335 17.45 -82.63 -25.96
CA ILE C 335 18.83 -82.50 -25.54
C ILE C 335 19.26 -83.69 -24.68
N PRO C 336 20.19 -84.19 -24.79
CA PRO C 336 20.71 -85.24 -23.90
C PRO C 336 21.48 -84.65 -22.72
N PHE C 337 20.82 -84.57 -21.58
CA PHE C 337 21.46 -84.04 -20.40
C PHE C 337 21.60 -85.19 -19.46
N GLU C 338 22.68 -85.20 -18.69
CA GLU C 338 22.88 -86.27 -17.75
C GLU C 338 24.08 -85.96 -16.88
N ILE C 339 23.87 -86.00 -15.57
CA ILE C 339 24.93 -85.73 -14.62
C ILE C 339 25.38 -87.04 -13.97
N MET C 340 26.60 -87.45 -14.25
CA MET C 340 27.10 -88.70 -13.69
C MET C 340 28.30 -88.47 -12.79
N ASP C 341 28.88 -89.57 -12.32
CA ASP C 341 30.07 -89.49 -11.48
C ASP C 341 31.31 -89.31 -12.37
N LEU C 342 32.48 -89.19 -11.74
CA LEU C 342 33.72 -89.01 -12.49
C LEU C 342 33.98 -90.16 -13.44
N GLU C 343 33.46 -91.33 -13.10
CA GLU C 343 33.65 -92.51 -13.93
C GLU C 343 32.56 -92.71 -14.96
N LYS C 344 31.57 -91.84 -14.97
CA LYS C 344 30.47 -91.96 -15.92
C LYS C 344 29.77 -93.33 -15.79
N ARG C 345 29.72 -93.87 -14.58
CA ARG C 345 29.08 -95.17 -14.35
C ARG C 345 27.61 -95.06 -13.93
N HIS C 346 27.33 -94.26 -12.91
CA HIS C 346 25.96 -94.09 -12.46
C HIS C 346 25.46 -92.64 -12.63
N VAL C 347 24.14 -92.48 -12.61
CA VAL C 347 23.54 -91.16 -12.75
C VAL C 347 23.45 -90.52 -11.37
N LEU C 348 23.79 -89.25 -11.30
CA LEU C 348 23.73 -88.52 -10.04
C LEU C 348 22.96 -87.21 -10.29
N GLY C 349 22.58 -86.52 -9.23
CA GLY C 349 21.85 -85.27 -9.40
C GLY C 349 20.57 -85.42 -10.22
N ARG C 350 19.97 -84.29 -10.58
CA ARG C 350 18.74 -84.27 -11.36
C ARG C 350 18.47 -82.90 -11.96
N LEU C 351 17.60 -82.90 -12.96
CA LEU C 351 17.21 -81.68 -13.66
C LEU C 351 16.03 -81.02 -13.00
N ILE C 352 16.04 -79.68 -13.00
CA ILE C 352 14.94 -78.87 -12.48
C ILE C 352 14.19 -78.47 -13.77
N THR C 353 14.97 -78.24 -14.82
CA THR C 353 14.45 -77.97 -16.15
C THR C 353 14.20 -79.40 -16.59
N VAL C 354 13.05 -79.70 -17.15
CA VAL C 354 12.82 -81.09 -17.52
C VAL C 354 12.52 -81.13 -19.00
N ASN C 355 12.90 -82.23 -19.65
CA ASN C 355 12.76 -82.40 -21.10
C ASN C 355 13.22 -81.14 -21.78
N PRO C 356 14.46 -80.72 -21.47
CA PRO C 356 15.06 -79.53 -22.05
C PRO C 356 15.10 -79.71 -23.55
N ILE C 357 14.75 -78.67 -24.29
CA ILE C 357 14.71 -78.79 -25.74
C ILE C 357 15.17 -77.51 -26.44
N VAL C 358 15.57 -77.66 -27.70
CA VAL C 358 16.02 -76.53 -28.51
C VAL C 358 14.94 -76.16 -29.52
N THR C 359 14.59 -74.88 -29.56
CA THR C 359 13.56 -74.41 -30.49
C THR C 359 14.16 -73.86 -31.77
N GLU C 360 15.33 -73.23 -31.65
CA GLU C 360 15.99 -72.64 -32.81
C GLU C 360 17.49 -72.86 -32.84
N LYS C 361 18.06 -72.72 -34.03
CA LYS C 361 19.50 -72.83 -34.21
C LYS C 361 19.97 -71.48 -33.69
N ASP C 362 20.93 -71.49 -32.77
CA ASP C 362 21.41 -70.25 -32.18
C ASP C 362 20.30 -69.60 -31.35
N SER C 363 19.88 -70.31 -30.32
CA SER C 363 18.84 -69.87 -29.40
C SER C 363 19.27 -70.38 -28.02
N PRO C 364 20.05 -69.57 -27.28
CA PRO C 364 20.52 -69.96 -25.96
C PRO C 364 19.45 -70.65 -25.09
N VAL C 365 19.64 -71.94 -24.86
CA VAL C 365 18.67 -72.67 -24.05
C VAL C 365 19.17 -72.87 -22.64
N ASN C 366 18.78 -71.97 -21.74
CA ASN C 366 19.20 -72.08 -20.35
C ASN C 366 18.65 -73.39 -19.75
N ILE C 367 19.44 -74.01 -18.89
CA ILE C 367 19.05 -75.25 -18.24
C ILE C 367 19.47 -75.22 -16.78
N GLU C 368 18.51 -75.38 -15.87
CA GLU C 368 18.84 -75.40 -14.45
C GLU C 368 18.87 -76.84 -14.00
N ALA C 369 19.97 -77.22 -13.35
CA ALA C 369 20.12 -78.58 -12.88
C ALA C 369 20.69 -78.60 -11.47
N GLU C 370 20.52 -79.74 -10.82
CA GLU C 370 21.04 -79.90 -9.48
C GLU C 370 22.14 -80.97 -9.48
N PRO C 371 23.41 -80.55 -9.37
CA PRO C 371 24.53 -81.49 -9.36
C PRO C 371 24.66 -82.10 -7.97
N PRO C 372 25.12 -83.35 -7.86
CA PRO C 372 25.24 -83.91 -6.51
C PRO C 372 26.34 -83.14 -5.79
N PHE C 373 26.51 -83.37 -4.50
CA PHE C 373 27.55 -82.69 -3.78
C PHE C 373 28.89 -83.31 -4.17
N GLY C 374 29.93 -82.50 -4.26
CA GLY C 374 31.22 -83.04 -4.64
C GLY C 374 31.49 -82.95 -6.15
N ASP C 375 32.09 -84.00 -6.69
CA ASP C 375 32.45 -84.08 -8.10
C ASP C 375 31.44 -84.80 -8.98
N SER C 376 31.27 -84.29 -10.19
CA SER C 376 30.35 -84.87 -11.16
C SER C 376 30.63 -84.38 -12.60
N TYR C 377 30.25 -85.17 -13.58
CA TYR C 377 30.43 -84.82 -14.97
C TYR C 377 29.10 -84.37 -15.57
N ILE C 378 29.10 -83.20 -16.19
CA ILE C 378 27.87 -82.74 -16.81
C ILE C 378 27.98 -83.09 -18.29
N ILE C 379 27.28 -84.16 -18.67
CA ILE C 379 27.29 -84.65 -20.04
C ILE C 379 26.17 -84.14 -20.93
N ILE C 380 26.46 -83.10 -21.71
CA ILE C 380 25.49 -82.51 -22.63
C ILE C 380 25.76 -82.96 -24.06
N GLY C 381 24.76 -83.59 -24.69
CA GLY C 381 24.92 -83.97 -26.08
C GLY C 381 25.22 -85.42 -26.40
N VAL C 382 25.64 -85.65 -27.65
CA VAL C 382 25.95 -87.00 -28.11
C VAL C 382 27.32 -87.20 -28.73
N GLU C 383 27.57 -88.41 -29.23
CA GLU C 383 28.86 -88.85 -29.79
C GLU C 383 29.82 -88.23 -30.81
N PRO C 384 29.74 -86.92 -31.05
CA PRO C 384 30.72 -86.35 -31.99
C PRO C 384 31.50 -85.77 -30.82
N GLY C 385 30.86 -84.82 -30.12
CA GLY C 385 31.45 -84.21 -28.94
C GLY C 385 30.56 -84.19 -27.69
N GLN C 386 30.25 -85.35 -27.11
CA GLN C 386 29.44 -85.39 -25.89
C GLN C 386 30.25 -84.46 -24.97
N LEU C 387 29.61 -83.40 -24.48
CA LEU C 387 30.27 -82.37 -23.66
C LEU C 387 30.57 -82.65 -22.20
N LYS C 388 31.71 -83.27 -21.89
CA LYS C 388 32.04 -83.54 -20.49
C LYS C 388 32.52 -82.29 -19.76
N LEU C 389 31.69 -81.76 -18.88
CA LEU C 389 32.05 -80.57 -18.10
C LEU C 389 32.20 -81.00 -16.65
N ASN C 390 33.38 -80.79 -16.07
CA ASN C 390 33.59 -81.17 -14.68
C ASN C 390 32.91 -80.16 -13.78
N TRP C 391 32.39 -80.63 -12.64
CA TRP C 391 31.77 -79.73 -11.70
C TRP C 391 31.96 -80.17 -10.26
N PHE C 392 32.20 -79.19 -9.40
CA PHE C 392 32.40 -79.45 -7.99
C PHE C 392 31.42 -78.59 -7.19
N LYS C 393 30.56 -79.25 -6.43
CA LYS C 393 29.57 -78.53 -5.63
C LYS C 393 29.98 -78.53 -4.16
N LYS C 394 30.27 -77.33 -3.64
CA LYS C 394 30.69 -77.15 -2.26
C LYS C 394 29.53 -76.59 -1.44
N PHE D 1 -28.08 0.27 -6.79
CA PHE D 1 -28.48 -1.06 -6.23
C PHE D 1 -29.73 -1.61 -6.90
N HIS D 2 -29.84 -2.94 -6.93
CA HIS D 2 -31.00 -3.60 -7.51
C HIS D 2 -32.10 -3.76 -6.45
N LEU D 3 -33.27 -3.21 -6.72
CA LEU D 3 -34.37 -3.33 -5.78
C LEU D 3 -35.25 -4.52 -6.15
N THR D 4 -35.39 -5.46 -5.22
CA THR D 4 -36.18 -6.67 -5.40
C THR D 4 -36.99 -6.86 -4.10
N THR D 5 -37.46 -8.08 -3.82
CA THR D 5 -38.21 -8.32 -2.59
C THR D 5 -37.85 -9.64 -1.92
N ARG D 6 -38.20 -9.76 -0.63
CA ARG D 6 -37.96 -10.99 0.12
C ARG D 6 -39.17 -11.16 1.03
N ASN D 7 -40.14 -11.95 0.56
CA ASN D 7 -41.34 -12.20 1.32
C ASN D 7 -42.15 -10.90 1.50
N GLY D 8 -42.46 -10.26 0.38
CA GLY D 8 -43.25 -9.04 0.43
C GLY D 8 -42.50 -7.81 0.86
N GLU D 9 -41.34 -8.00 1.47
CA GLU D 9 -40.55 -6.87 1.94
C GLU D 9 -39.47 -6.45 0.94
N PRO D 10 -39.18 -5.14 0.88
CA PRO D 10 -38.16 -4.68 -0.05
C PRO D 10 -36.77 -5.21 0.29
N HIS D 11 -35.98 -5.55 -0.73
CA HIS D 11 -34.64 -6.10 -0.56
C HIS D 11 -33.64 -5.33 -1.43
N MET D 12 -32.54 -4.89 -0.84
CA MET D 12 -31.53 -4.14 -1.58
C MET D 12 -30.24 -4.89 -1.86
N ILE D 13 -29.93 -5.08 -3.14
CA ILE D 13 -28.69 -5.75 -3.53
C ILE D 13 -27.76 -4.57 -3.76
N VAL D 14 -26.88 -4.30 -2.80
CA VAL D 14 -25.97 -3.17 -2.86
C VAL D 14 -24.59 -3.51 -3.41
N SER D 15 -24.16 -2.76 -4.42
CA SER D 15 -22.85 -3.00 -5.02
C SER D 15 -21.80 -2.12 -4.38
N ARG D 16 -20.55 -2.34 -4.74
CA ARG D 16 -19.41 -1.63 -4.18
C ARG D 16 -19.40 -0.11 -4.36
N GLN D 17 -19.83 0.35 -5.52
CA GLN D 17 -19.81 1.79 -5.80
C GLN D 17 -20.83 2.60 -5.04
N GLU D 18 -21.59 1.96 -4.15
CA GLU D 18 -22.61 2.71 -3.41
C GLU D 18 -22.22 2.95 -1.96
N LYS D 19 -21.06 2.42 -1.57
CA LYS D 19 -20.54 2.59 -0.22
C LYS D 19 -20.49 4.08 0.10
N GLY D 20 -21.08 4.48 1.21
CA GLY D 20 -21.03 5.87 1.59
C GLY D 20 -22.11 6.78 1.05
N LYS D 21 -23.09 6.23 0.35
CA LYS D 21 -24.15 7.09 -0.15
C LYS D 21 -25.53 6.64 0.27
N SER D 22 -26.36 7.63 0.58
CA SER D 22 -27.73 7.45 1.01
C SER D 22 -28.52 6.61 0.00
N LEU D 23 -29.21 5.59 0.47
CA LEU D 23 -29.97 4.72 -0.42
C LEU D 23 -31.46 5.11 -0.41
N LEU D 24 -31.94 5.62 -1.55
CA LEU D 24 -33.32 6.04 -1.67
C LEU D 24 -34.15 5.27 -2.68
N PHE D 25 -35.35 4.87 -2.29
CA PHE D 25 -36.25 4.17 -3.19
C PHE D 25 -37.70 4.41 -2.79
N LYS D 26 -38.49 4.79 -3.77
CA LYS D 26 -39.92 5.10 -3.63
C LYS D 26 -40.75 3.89 -3.17
N THR D 27 -41.74 4.17 -2.34
CA THR D 27 -42.67 3.15 -1.82
C THR D 27 -44.02 3.81 -1.57
N GLU D 28 -45.08 3.02 -1.77
CA GLU D 28 -46.45 3.50 -1.56
C GLU D 28 -46.55 4.49 -0.39
N ASP D 29 -45.82 4.22 0.68
CA ASP D 29 -45.85 5.05 1.88
C ASP D 29 -44.83 6.20 1.82
N GLY D 30 -44.55 6.69 0.63
CA GLY D 30 -43.60 7.78 0.48
C GLY D 30 -42.21 7.27 0.12
N VAL D 31 -41.23 8.17 0.22
CA VAL D 31 -39.85 7.86 -0.11
C VAL D 31 -39.10 7.28 1.08
N ASN D 32 -38.45 6.14 0.87
CA ASN D 32 -37.69 5.48 1.94
C ASN D 32 -36.19 5.77 1.85
N MET D 33 -35.58 6.13 2.97
CA MET D 33 -34.16 6.41 3.01
C MET D 33 -33.43 5.46 3.96
N CYS D 34 -32.70 4.49 3.41
CA CYS D 34 -31.96 3.57 4.25
C CYS D 34 -30.55 4.08 4.33
N THR D 35 -29.90 3.82 5.44
CA THR D 35 -28.54 4.26 5.65
C THR D 35 -27.65 3.03 5.84
N LEU D 36 -26.65 2.89 4.99
CA LEU D 36 -25.74 1.76 5.06
C LEU D 36 -24.40 2.26 5.59
N MET D 37 -23.98 1.66 6.70
CA MET D 37 -22.74 2.02 7.38
C MET D 37 -21.80 0.83 7.47
N ALA D 38 -22.12 -0.27 6.80
CA ALA D 38 -21.29 -1.48 6.85
C ALA D 38 -19.84 -1.24 6.43
N ASP D 40 -17.47 -3.47 6.26
CA ASP D 40 -17.04 -4.58 5.41
C ASP D 40 -17.70 -4.68 4.03
N LEU D 41 -18.47 -3.66 3.66
CA LEU D 41 -19.13 -3.63 2.36
C LEU D 41 -18.07 -3.67 1.24
N GLY D 42 -18.10 -4.70 0.41
CA GLY D 42 -17.13 -4.81 -0.65
C GLY D 42 -17.70 -5.01 -2.04
N GLU D 43 -17.13 -5.95 -2.79
CA GLU D 43 -17.60 -6.24 -4.14
C GLU D 43 -18.64 -7.35 -4.12
N LEU D 44 -19.65 -7.25 -4.96
CA LEU D 44 -20.67 -8.27 -5.00
C LEU D 44 -20.08 -9.55 -5.54
N CYS D 45 -20.13 -10.61 -4.74
CA CYS D 45 -19.60 -11.90 -5.18
C CYS D 45 -20.36 -13.06 -4.57
N GLU D 46 -19.67 -14.20 -4.42
CA GLU D 46 -20.30 -15.40 -3.85
C GLU D 46 -20.45 -15.25 -2.35
N ASP D 47 -19.50 -14.56 -1.74
CA ASP D 47 -19.54 -14.35 -0.31
C ASP D 47 -20.45 -13.17 -0.01
N THR D 48 -21.75 -13.43 0.08
CA THR D 48 -22.72 -12.40 0.36
C THR D 48 -23.12 -12.37 1.82
N ILE D 49 -23.57 -11.47 2.33
CA ILE D 49 -24.34 -11.55 3.56
C ILE D 49 -25.65 -10.77 3.45
N THR D 50 -26.61 -11.15 4.02
CA THR D 50 -27.97 -10.67 3.91
C THR D 50 -28.62 -10.54 5.27
N TYR D 51 -29.16 -9.36 5.56
CA TYR D 51 -29.80 -9.12 6.83
C TYR D 51 -30.74 -7.91 6.77
N LYS D 52 -31.43 -7.65 7.86
CA LYS D 52 -32.40 -6.56 7.88
C LYS D 52 -32.02 -5.23 8.49
N CYS D 53 -32.47 -4.18 7.82
CA CYS D 53 -32.25 -2.81 8.23
C CYS D 53 -33.55 -2.34 8.85
N PRO D 54 -33.62 -2.28 10.18
CA PRO D 54 -34.82 -1.87 10.89
C PRO D 54 -35.29 -0.44 10.68
N LEU D 55 -36.57 -0.23 10.96
CA LEU D 55 -37.17 1.08 10.87
C LEU D 55 -36.79 1.75 12.17
N LEU D 56 -36.36 2.99 12.07
CA LEU D 56 -35.95 3.75 13.24
C LEU D 56 -36.54 5.14 13.20
N ARG D 57 -37.49 5.38 14.10
CA ARG D 57 -38.15 6.66 14.23
C ARG D 57 -37.62 7.34 15.49
N GLN D 58 -37.06 8.53 15.31
CA GLN D 58 -36.51 9.32 16.43
C GLN D 58 -35.89 8.49 17.56
N ASN D 59 -34.96 7.61 17.19
CA ASN D 59 -34.23 6.77 18.13
C ASN D 59 -32.84 6.71 17.56
N GLU D 60 -31.84 6.77 18.42
CA GLU D 60 -30.46 6.70 17.95
C GLU D 60 -30.15 5.22 17.65
N PRO D 61 -29.34 4.95 16.61
CA PRO D 61 -29.02 3.55 16.29
C PRO D 61 -28.03 2.96 17.29
N GLU D 62 -28.19 1.68 17.58
CA GLU D 62 -27.30 1.01 18.51
C GLU D 62 -27.06 -0.43 18.07
N ASP D 63 -25.79 -0.81 18.01
CA ASP D 63 -25.40 -2.15 17.61
C ASP D 63 -25.90 -2.57 16.21
N ILE D 64 -25.90 -1.62 15.27
CA ILE D 64 -26.31 -1.88 13.89
C ILE D 64 -25.60 -0.95 12.90
N ASP D 65 -25.51 -1.38 11.65
CA ASP D 65 -24.85 -0.57 10.62
C ASP D 65 -25.75 -0.34 9.43
N CYS D 66 -27.03 -0.65 9.58
CA CYS D 66 -28.01 -0.44 8.53
C CYS D 66 -29.38 -0.17 9.15
N TRP D 67 -30.08 0.81 8.58
CA TRP D 67 -31.41 1.16 9.05
C TRP D 67 -32.08 2.08 8.08
N CYS D 68 -33.40 2.02 8.03
CA CYS D 68 -34.19 2.85 7.14
C CYS D 68 -35.10 3.69 8.03
N ASN D 69 -35.70 4.74 7.48
CA ASN D 69 -36.55 5.60 8.30
C ASN D 69 -38.01 5.63 7.90
N SER D 70 -38.46 4.68 7.08
CA SER D 70 -39.86 4.72 6.68
C SER D 70 -40.43 3.32 6.54
N THR D 71 -39.58 2.39 6.12
CA THR D 71 -40.03 1.02 5.96
C THR D 71 -38.85 0.05 6.03
N SER D 72 -38.91 -0.84 7.01
CA SER D 72 -37.87 -1.86 7.21
C SER D 72 -37.49 -2.48 5.88
N THR D 73 -36.20 -2.63 5.62
CA THR D 73 -35.72 -3.19 4.36
C THR D 73 -34.62 -4.22 4.55
N TRP D 74 -34.59 -5.23 3.69
CA TRP D 74 -33.55 -6.24 3.76
C TRP D 74 -32.41 -5.70 2.91
N VAL D 75 -31.17 -6.08 3.23
CA VAL D 75 -30.02 -5.64 2.44
C VAL D 75 -29.08 -6.81 2.22
N THR D 76 -28.42 -6.79 1.06
CA THR D 76 -27.46 -7.82 0.69
C THR D 76 -26.28 -7.21 -0.06
N TYR D 77 -25.08 -7.62 0.32
CA TYR D 77 -23.87 -7.13 -0.34
C TYR D 77 -22.74 -8.13 -0.19
N GLY D 78 -21.77 -8.08 -1.09
CA GLY D 78 -20.65 -8.99 -1.01
C GLY D 78 -19.54 -8.39 -0.15
N THR D 79 -18.59 -9.23 0.26
CA THR D 79 -17.48 -8.76 1.09
C THR D 79 -16.13 -8.81 0.35
N CYS D 80 -16.12 -9.38 -0.85
CA CYS D 80 -14.92 -9.49 -1.67
C CYS D 80 -14.28 -8.13 -1.92
N THR D 81 -13.02 -8.13 -2.36
CA THR D 81 -12.34 -6.86 -2.66
C THR D 81 -11.48 -6.99 -3.91
N MET E 1 -20.83 -13.43 83.41
CA MET E 1 -21.66 -14.50 82.88
C MET E 1 -21.08 -15.08 81.59
N ARG E 2 -20.53 -14.21 80.74
CA ARG E 2 -19.99 -14.67 79.47
C ARG E 2 -19.05 -15.85 79.67
N CYS E 3 -18.11 -15.73 80.60
CA CYS E 3 -17.14 -16.79 80.83
C CYS E 3 -17.77 -18.03 81.45
N ILE E 4 -18.79 -17.84 82.28
CA ILE E 4 -19.46 -18.98 82.90
C ILE E 4 -20.17 -19.80 81.85
N GLY E 5 -20.68 -19.12 80.82
CA GLY E 5 -21.40 -19.81 79.77
C GLY E 5 -20.50 -20.46 78.74
N MET E 6 -19.20 -20.26 78.88
CA MET E 6 -18.29 -20.88 77.93
C MET E 6 -17.86 -22.27 78.35
N SER E 7 -17.73 -23.16 77.38
CA SER E 7 -17.32 -24.53 77.66
C SER E 7 -15.82 -24.59 77.91
N ASN E 8 -15.07 -23.77 77.20
CA ASN E 8 -13.63 -23.73 77.39
C ASN E 8 -13.27 -22.64 78.38
N ARG E 9 -13.12 -23.04 79.63
CA ARG E 9 -12.80 -22.11 80.70
C ARG E 9 -11.72 -22.68 81.63
N ASP E 10 -10.61 -21.96 81.76
CA ASP E 10 -9.52 -22.38 82.65
C ASP E 10 -9.55 -21.61 83.97
N PHE E 11 -9.23 -22.30 85.06
CA PHE E 11 -9.17 -21.66 86.37
C PHE E 11 -7.71 -21.62 86.77
N VAL E 12 -7.17 -20.42 86.94
CA VAL E 12 -5.79 -20.26 87.31
C VAL E 12 -5.65 -19.52 88.63
N GLU E 13 -4.63 -19.87 89.41
CA GLU E 13 -4.41 -19.22 90.69
C GLU E 13 -2.91 -19.17 90.99
N GLY E 14 -2.45 -18.06 91.59
CA GLY E 14 -1.03 -17.95 91.88
C GLY E 14 -0.61 -18.69 93.14
N VAL E 15 0.45 -19.50 93.05
CA VAL E 15 0.94 -20.26 94.19
C VAL E 15 1.82 -19.41 95.12
N SER E 16 1.94 -18.13 94.79
CA SER E 16 2.77 -17.23 95.58
C SER E 16 1.98 -15.95 95.87
N GLY E 17 2.69 -14.89 96.26
CA GLY E 17 2.03 -13.63 96.54
C GLY E 17 2.82 -12.52 95.89
N GLY E 18 2.17 -11.70 95.07
CA GLY E 18 2.88 -10.64 94.39
C GLY E 18 3.61 -11.22 93.19
N SER E 19 3.53 -12.53 93.02
CA SER E 19 4.20 -13.21 91.92
C SER E 19 3.43 -13.07 90.62
N TRP E 20 4.04 -13.54 89.53
CA TRP E 20 3.39 -13.51 88.22
C TRP E 20 2.62 -14.81 88.06
N VAL E 21 1.50 -14.75 87.38
CA VAL E 21 0.71 -15.95 87.11
C VAL E 21 0.62 -16.07 85.60
N ASP E 22 0.85 -17.27 85.08
CA ASP E 22 0.78 -17.47 83.63
C ASP E 22 -0.60 -17.97 83.22
N ILE E 23 -1.04 -17.54 82.04
CA ILE E 23 -2.31 -17.97 81.49
C ILE E 23 -2.16 -18.06 79.99
N VAL E 24 -3.00 -18.88 79.36
CA VAL E 24 -2.97 -19.04 77.92
C VAL E 24 -4.32 -18.57 77.38
N LEU E 25 -4.28 -17.62 76.46
CA LEU E 25 -5.50 -17.08 75.87
C LEU E 25 -5.73 -17.61 74.46
N GLU E 26 -6.97 -18.03 74.20
CA GLU E 26 -7.38 -18.59 72.91
C GLU E 26 -8.73 -17.99 72.51
N HIS E 27 -9.00 -17.92 71.21
CA HIS E 27 -10.28 -17.41 70.71
C HIS E 27 -11.35 -18.42 71.08
N GLY E 28 -12.45 -17.92 71.64
CA GLY E 28 -13.54 -18.81 72.03
C GLY E 28 -13.42 -19.40 73.42
N SER E 29 -12.36 -19.05 74.13
CA SER E 29 -12.17 -19.57 75.48
C SER E 29 -11.97 -18.40 76.43
N CYS E 30 -11.98 -18.67 77.73
CA CYS E 30 -11.74 -17.62 78.69
C CYS E 30 -10.99 -18.23 79.85
N VAL E 31 -10.32 -17.37 80.61
CA VAL E 31 -9.57 -17.80 81.76
C VAL E 31 -10.00 -16.99 82.97
N THR E 32 -10.28 -17.69 84.07
CA THR E 32 -10.67 -17.04 85.31
C THR E 32 -9.53 -17.14 86.30
N THR E 33 -9.07 -15.99 86.80
CA THR E 33 -7.99 -16.00 87.78
C THR E 33 -8.49 -15.64 89.17
N MET E 34 -7.87 -16.26 90.16
CA MET E 34 -8.24 -16.02 91.54
C MET E 34 -7.01 -15.89 92.43
N ALA E 35 -7.16 -15.16 93.52
CA ALA E 35 -6.07 -14.98 94.46
C ALA E 35 -6.67 -14.52 95.78
N LYS E 36 -5.98 -14.86 96.86
CA LYS E 36 -6.40 -14.51 98.21
C LYS E 36 -6.56 -12.99 98.32
N ASN E 37 -7.72 -12.55 98.79
CA ASN E 37 -8.01 -11.12 98.97
C ASN E 37 -7.88 -10.27 97.72
N LYS E 38 -8.14 -10.88 96.57
CA LYS E 38 -8.07 -10.18 95.30
C LYS E 38 -9.34 -10.53 94.53
N PRO E 39 -9.83 -9.63 93.68
CA PRO E 39 -11.05 -10.02 92.98
C PRO E 39 -10.71 -11.06 91.93
N THR E 40 -11.72 -11.83 91.55
CA THR E 40 -11.58 -12.85 90.55
C THR E 40 -11.80 -12.13 89.24
N LEU E 41 -10.96 -12.41 88.25
CA LEU E 41 -11.06 -11.77 86.95
C LEU E 41 -11.25 -12.76 85.79
N ASP E 42 -11.88 -12.28 84.72
CA ASP E 42 -12.10 -13.09 83.53
C ASP E 42 -11.32 -12.46 82.39
N PHE E 43 -10.62 -13.31 81.63
CA PHE E 43 -9.82 -12.87 80.50
C PHE E 43 -10.25 -13.56 79.21
N GLU E 44 -10.40 -12.78 78.14
CA GLU E 44 -10.78 -13.33 76.85
C GLU E 44 -10.09 -12.59 75.71
N LEU E 45 -9.55 -13.36 74.77
CA LEU E 45 -8.93 -12.78 73.59
C LEU E 45 -10.03 -12.75 72.54
N ILE E 46 -10.57 -11.58 72.23
CA ILE E 46 -11.67 -11.49 71.26
C ILE E 46 -11.29 -11.14 69.83
N LYS E 47 -10.25 -10.34 69.63
CA LYS E 47 -9.86 -10.01 68.26
C LYS E 47 -8.36 -10.05 68.00
N THR E 48 -8.01 -10.46 66.78
CA THR E 48 -6.62 -10.53 66.34
C THR E 48 -6.60 -10.06 64.90
N GLU E 49 -6.15 -8.82 64.69
CA GLU E 49 -6.11 -8.28 63.34
C GLU E 49 -4.84 -7.56 62.97
N ALA E 50 -4.50 -7.62 61.69
CA ALA E 50 -3.33 -6.94 61.17
C ALA E 50 -3.78 -5.55 60.73
N LYS E 51 -3.06 -4.54 61.17
CA LYS E 51 -3.39 -3.16 60.80
C LYS E 51 -2.39 -2.64 59.78
N GLN E 52 -2.93 -2.13 58.68
CA GLN E 52 -2.14 -1.59 57.58
C GLN E 52 -0.87 -2.37 57.22
N PRO E 53 -1.03 -3.64 56.81
CA PRO E 53 0.13 -4.46 56.44
C PRO E 53 0.66 -4.04 55.07
N ALA E 54 1.97 -4.18 54.88
CA ALA E 54 2.61 -3.79 53.63
C ALA E 54 2.00 -4.41 52.37
N THR E 55 1.68 -3.56 51.40
CA THR E 55 1.11 -4.02 50.13
C THR E 55 2.26 -4.44 49.21
N LEU E 56 2.22 -5.71 48.81
CA LEU E 56 3.27 -6.26 47.96
C LEU E 56 3.10 -5.94 46.48
N ARG E 57 1.94 -6.29 45.92
CA ARG E 57 1.72 -6.07 44.50
C ARG E 57 0.25 -5.94 44.15
N LYS E 58 -0.07 -4.98 43.28
CA LYS E 58 -1.43 -4.77 42.84
C LYS E 58 -1.59 -5.42 41.47
N TYR E 59 -2.55 -6.32 41.34
CA TYR E 59 -2.81 -6.99 40.08
C TYR E 59 -4.09 -6.49 39.44
N CYS E 60 -4.01 -6.14 38.17
CA CYS E 60 -5.19 -5.69 37.46
C CYS E 60 -5.91 -6.97 36.98
N ILE E 61 -7.23 -7.03 37.16
CA ILE E 61 -7.98 -8.21 36.73
C ILE E 61 -9.05 -7.90 35.69
N GLU E 62 -9.16 -6.63 35.32
CA GLU E 62 -10.12 -6.20 34.34
C GLU E 62 -9.70 -4.84 33.80
N ALA E 63 -9.65 -4.72 32.48
CA ALA E 63 -9.24 -3.46 31.89
C ALA E 63 -9.98 -3.10 30.63
N LYS E 64 -9.75 -1.88 30.17
CA LYS E 64 -10.35 -1.38 28.96
C LYS E 64 -9.22 -0.78 28.11
N LEU E 65 -9.48 -0.63 26.81
CA LEU E 65 -8.52 -0.05 25.89
C LEU E 65 -9.14 1.15 25.20
N THR E 66 -8.33 2.17 24.95
CA THR E 66 -8.80 3.34 24.23
C THR E 66 -7.67 3.83 23.33
N ASN E 67 -7.99 4.81 22.49
CA ASN E 67 -7.02 5.37 21.55
C ASN E 67 -5.98 4.40 21.02
N THR E 68 -6.45 3.45 20.21
CA THR E 68 -5.58 2.47 19.62
C THR E 68 -4.99 3.16 18.38
N THR E 69 -3.67 3.17 18.27
CA THR E 69 -3.02 3.82 17.13
C THR E 69 -2.01 2.93 16.41
N THR E 70 -2.01 3.00 15.09
CA THR E 70 -1.09 2.18 14.32
C THR E 70 -0.18 2.97 13.37
N GLU E 71 1.05 2.52 13.26
CA GLU E 71 2.05 3.15 12.40
C GLU E 71 2.84 2.03 11.73
N SER E 72 3.16 2.20 10.45
CA SER E 72 3.94 1.17 9.76
C SER E 72 4.80 1.73 8.64
N ARG E 73 5.95 1.10 8.38
CA ARG E 73 6.83 1.56 7.32
C ARG E 73 7.03 0.50 6.24
N CYS E 74 7.48 0.94 5.07
CA CYS E 74 7.70 0.07 3.93
C CYS E 74 8.91 -0.81 4.09
N PRO E 75 9.03 -1.86 3.27
CA PRO E 75 10.21 -2.73 3.40
C PRO E 75 11.42 -1.83 3.14
N THR E 76 12.50 -2.04 3.89
CA THR E 76 13.72 -1.24 3.69
C THR E 76 13.88 0.01 4.55
N GLN E 77 12.81 0.52 5.13
CA GLN E 77 12.93 1.76 5.89
C GLN E 77 12.92 1.67 7.42
N GLY E 78 13.47 0.59 7.95
CA GLY E 78 13.54 0.43 9.40
C GLY E 78 12.27 0.29 10.19
N GLU E 79 12.42 0.21 11.50
CA GLU E 79 11.32 0.05 12.46
C GLU E 79 10.57 1.35 12.75
N PRO E 80 9.25 1.37 12.54
CA PRO E 80 8.47 2.58 12.80
C PRO E 80 8.36 2.80 14.30
N SER E 81 7.88 3.96 14.70
CA SER E 81 7.74 4.25 16.11
C SER E 81 6.63 5.24 16.37
N LEU E 82 6.15 5.20 17.61
CA LEU E 82 5.10 6.11 18.05
C LEU E 82 5.58 6.65 19.38
N ASN E 83 5.42 7.96 19.60
CA ASN E 83 5.89 8.54 20.86
C ASN E 83 5.14 7.98 22.06
N GLU E 84 3.88 7.61 21.88
CA GLU E 84 3.12 7.04 22.99
C GLU E 84 3.74 5.71 23.42
N GLU E 85 4.73 5.27 22.66
CA GLU E 85 5.43 4.03 22.97
C GLU E 85 6.35 4.31 24.15
N GLN E 86 6.38 5.58 24.58
CA GLN E 86 7.19 6.05 25.70
C GLN E 86 6.29 6.42 26.89
N ASP E 87 4.98 6.37 26.66
CA ASP E 87 3.99 6.68 27.67
C ASP E 87 3.64 5.36 28.37
N LYS E 88 4.00 5.25 29.64
CA LYS E 88 3.76 4.04 30.41
C LYS E 88 2.31 3.56 30.55
N ARG E 89 1.35 4.37 30.11
CA ARG E 89 -0.05 3.97 30.20
C ARG E 89 -0.49 3.15 28.98
N PHE E 90 0.38 3.01 27.98
CA PHE E 90 0.03 2.27 26.77
C PHE E 90 0.67 0.89 26.68
N VAL E 91 0.01 0.02 25.92
CA VAL E 91 0.51 -1.33 25.69
C VAL E 91 0.79 -1.26 24.20
N CYS E 92 1.97 -1.74 23.81
CA CYS E 92 2.35 -1.70 22.40
C CYS E 92 3.01 -2.99 21.97
N LYS E 93 3.03 -3.21 20.66
CA LYS E 93 3.65 -4.41 20.11
C LYS E 93 4.30 -4.05 18.79
N HIS E 94 5.42 -4.70 18.48
CA HIS E 94 6.09 -4.45 17.22
C HIS E 94 5.92 -5.73 16.43
N SER E 95 5.66 -5.58 15.13
CA SER E 95 5.48 -6.74 14.25
C SER E 95 5.94 -6.40 12.84
N MET E 96 5.76 -7.36 11.94
CA MET E 96 6.12 -7.21 10.54
C MET E 96 4.86 -7.58 9.77
N VAL E 97 4.60 -6.88 8.68
CA VAL E 97 3.42 -7.18 7.87
C VAL E 97 3.78 -6.98 6.40
N ASP E 98 3.13 -7.74 5.52
CA ASP E 98 3.39 -7.61 4.09
C ASP E 98 3.00 -6.22 3.65
N ARG E 99 3.75 -5.66 2.71
CA ARG E 99 3.50 -4.33 2.17
C ARG E 99 3.68 -4.41 0.66
N GLY E 100 3.40 -3.33 -0.06
CA GLY E 100 3.55 -3.36 -1.51
C GLY E 100 2.85 -2.21 -2.21
N TRP E 101 2.76 -2.29 -3.54
CA TRP E 101 2.13 -1.23 -4.33
C TRP E 101 0.70 -0.97 -3.92
N GLY E 102 0.00 -2.00 -3.50
CA GLY E 102 -1.39 -1.83 -3.10
C GLY E 102 -1.60 -0.99 -1.86
N ASN E 103 -0.56 -0.75 -1.07
CA ASN E 103 -0.72 0.06 0.12
C ASN E 103 0.31 1.14 0.33
N GLY E 104 0.79 1.71 -0.78
CA GLY E 104 1.73 2.80 -0.68
C GLY E 104 3.23 2.56 -0.66
N CYS E 105 3.67 1.34 -0.93
CA CYS E 105 5.10 1.07 -0.92
C CYS E 105 5.67 0.80 -2.31
N GLY E 106 6.93 1.15 -2.48
CA GLY E 106 7.58 0.93 -3.76
C GLY E 106 7.94 -0.53 -4.01
N PHE E 108 7.71 -4.78 -2.74
CA PHE E 108 6.85 -5.75 -2.08
C PHE E 108 7.79 -6.41 -1.08
N GLY E 109 7.30 -6.68 0.12
CA GLY E 109 8.13 -7.29 1.13
C GLY E 109 7.58 -6.97 2.51
N LYS E 110 8.22 -7.51 3.53
CA LYS E 110 7.78 -7.26 4.89
C LYS E 110 8.16 -5.86 5.37
N GLY E 111 7.24 -5.22 6.08
CA GLY E 111 7.50 -3.90 6.60
C GLY E 111 7.27 -3.87 8.10
N GLY E 112 7.84 -2.87 8.76
CA GLY E 112 7.66 -2.77 10.20
C GLY E 112 6.38 -2.03 10.58
N ILE E 113 5.65 -2.60 11.52
CA ILE E 113 4.41 -2.00 11.99
C ILE E 113 4.39 -2.00 13.51
N VAL E 114 3.76 -0.99 14.09
CA VAL E 114 3.68 -0.88 15.55
C VAL E 114 2.27 -0.37 15.92
N THR E 115 1.74 -0.89 17.03
CA THR E 115 0.40 -0.52 17.46
C THR E 115 0.36 -0.30 18.96
N CYS E 116 -0.29 0.77 19.40
CA CYS E 116 -0.39 1.03 20.83
C CYS E 116 -1.82 1.39 21.18
N ALA E 117 -2.19 1.06 22.42
CA ALA E 117 -3.53 1.34 22.91
C ALA E 117 -3.37 1.76 24.37
N MET E 118 -4.13 2.74 24.79
CA MET E 118 -4.05 3.16 26.18
C MET E 118 -4.71 2.06 26.99
N PHE E 119 -4.05 1.65 28.08
CA PHE E 119 -4.53 0.60 28.96
C PHE E 119 -5.10 1.22 30.22
N ARG E 120 -6.37 0.96 30.50
CA ARG E 120 -7.03 1.51 31.68
C ARG E 120 -7.61 0.39 32.55
N CYS E 121 -7.00 0.18 33.72
CA CYS E 121 -7.46 -0.86 34.63
C CYS E 121 -8.79 -0.44 35.27
N LYS E 122 -9.77 -1.34 35.28
CA LYS E 122 -11.08 -1.04 35.85
C LYS E 122 -11.36 -1.76 37.16
N LYS E 123 -10.63 -2.83 37.44
CA LYS E 123 -10.82 -3.59 38.65
C LYS E 123 -9.54 -4.37 38.93
N ASN E 124 -8.99 -4.16 40.13
CA ASN E 124 -7.76 -4.83 40.51
C ASN E 124 -7.87 -5.48 41.87
N MET E 125 -6.89 -6.30 42.19
CA MET E 125 -6.83 -6.98 43.47
C MET E 125 -5.43 -6.72 44.01
N GLU E 126 -5.25 -6.83 45.33
CA GLU E 126 -3.94 -6.60 45.90
C GLU E 126 -3.59 -7.61 46.98
N GLY E 127 -2.35 -8.07 46.97
CA GLY E 127 -1.90 -9.03 47.95
C GLY E 127 -1.04 -8.32 48.97
N LYS E 128 -1.28 -8.58 50.25
CA LYS E 128 -0.52 -7.93 51.30
C LYS E 128 0.32 -8.91 52.11
N VAL E 129 1.34 -8.37 52.76
CA VAL E 129 2.22 -9.19 53.59
C VAL E 129 2.00 -8.80 55.06
N VAL E 130 1.57 -9.77 55.84
CA VAL E 130 1.30 -9.57 57.25
C VAL E 130 2.54 -9.90 58.08
N GLN E 131 3.02 -8.90 58.83
CA GLN E 131 4.19 -9.10 59.70
C GLN E 131 3.71 -9.54 61.08
N PRO E 132 4.36 -10.56 61.68
CA PRO E 132 3.96 -11.03 63.00
C PRO E 132 3.81 -9.85 63.96
N GLU E 133 4.74 -8.91 63.86
CA GLU E 133 4.67 -7.71 64.68
C GLU E 133 3.56 -6.88 64.05
N ASN E 134 3.21 -5.76 64.65
CA ASN E 134 2.15 -4.94 64.07
C ASN E 134 0.80 -5.68 64.04
N LEU E 135 0.75 -6.89 64.59
CA LEU E 135 -0.50 -7.62 64.67
C LEU E 135 -1.07 -7.06 65.97
N GLU E 136 -2.38 -6.89 66.05
CA GLU E 136 -2.95 -6.31 67.25
C GLU E 136 -4.02 -7.19 67.89
N TYR E 137 -3.74 -7.65 69.10
CA TYR E 137 -4.68 -8.52 69.83
C TYR E 137 -5.55 -7.71 70.79
N THR E 138 -6.84 -8.00 70.80
CA THR E 138 -7.77 -7.31 71.70
C THR E 138 -8.14 -8.27 72.82
N ILE E 139 -7.95 -7.82 74.06
CA ILE E 139 -8.25 -8.66 75.21
C ILE E 139 -9.17 -7.94 76.16
N VAL E 140 -10.21 -8.64 76.62
CA VAL E 140 -11.15 -8.06 77.55
C VAL E 140 -10.93 -8.66 78.92
N ILE E 141 -10.82 -7.78 79.92
CA ILE E 141 -10.58 -8.19 81.29
C ILE E 141 -11.83 -7.78 82.03
N THR E 142 -12.64 -8.78 82.41
CA THR E 142 -13.90 -8.54 83.11
C THR E 142 -13.86 -8.95 84.57
N PRO E 143 -14.29 -8.06 85.48
CA PRO E 143 -14.31 -8.36 86.91
C PRO E 143 -15.43 -9.39 87.16
N HIS E 144 -15.11 -10.48 87.86
CA HIS E 144 -16.09 -11.54 88.16
C HIS E 144 -16.79 -11.13 89.45
N SER E 145 -17.82 -10.31 89.31
CA SER E 145 -18.56 -9.77 90.43
C SER E 145 -19.97 -10.30 90.54
N GLY E 146 -20.58 -10.57 89.39
CA GLY E 146 -21.95 -11.06 89.37
C GLY E 146 -22.96 -9.93 89.25
N GLU E 147 -22.50 -8.68 89.30
CA GLU E 147 -23.38 -7.51 89.18
C GLU E 147 -24.27 -7.62 87.94
N GLU E 148 -25.38 -6.91 87.90
CA GLU E 148 -26.25 -7.03 86.74
C GLU E 148 -26.34 -5.93 85.73
N HIS E 149 -26.83 -6.33 84.55
CA HIS E 149 -27.11 -5.46 83.40
C HIS E 149 -28.32 -5.84 82.55
N ALA E 150 -28.29 -6.85 81.64
CA ALA E 150 -29.52 -7.17 80.78
C ALA E 150 -29.24 -7.06 79.24
N GLY E 156 -22.44 -0.54 80.09
CA GLY E 156 -22.40 0.16 81.35
C GLY E 156 -21.58 -0.56 82.40
N LYS E 157 -21.27 -1.82 82.14
CA LYS E 157 -20.44 -2.61 83.03
C LYS E 157 -19.45 -3.48 82.26
N HIS E 158 -19.06 -3.00 81.08
CA HIS E 158 -18.06 -3.69 80.27
C HIS E 158 -16.79 -3.95 81.06
N GLY E 159 -16.18 -5.11 80.81
CA GLY E 159 -14.78 -5.32 81.15
C GLY E 159 -13.85 -4.42 80.37
N LYS E 160 -12.72 -4.06 80.98
CA LYS E 160 -11.74 -3.21 80.34
C LYS E 160 -11.26 -3.89 79.05
N GLU E 161 -11.20 -3.12 77.99
CA GLU E 161 -10.73 -3.65 76.72
C GLU E 161 -9.34 -3.04 76.53
N ILE E 162 -8.38 -3.86 76.14
CA ILE E 162 -7.03 -3.37 75.90
C ILE E 162 -6.46 -4.00 74.63
N LYS E 163 -5.75 -3.20 73.84
CA LYS E 163 -5.17 -3.67 72.59
C LYS E 163 -3.67 -3.63 72.71
N ILE E 164 -3.01 -4.72 72.34
CA ILE E 164 -1.57 -4.76 72.45
C ILE E 164 -0.92 -5.32 71.20
N THR E 165 0.40 -5.14 71.10
CA THR E 165 1.19 -5.60 69.96
C THR E 165 2.40 -6.34 70.48
N PRO E 166 2.91 -7.33 69.74
CA PRO E 166 4.10 -8.02 70.28
C PRO E 166 5.26 -7.06 70.51
N GLN E 167 5.09 -5.80 70.12
CA GLN E 167 6.14 -4.81 70.31
C GLN E 167 5.80 -3.79 71.41
N SER E 168 4.57 -3.82 71.90
CA SER E 168 4.17 -2.90 72.96
C SER E 168 4.73 -3.39 74.30
N SER E 169 4.91 -2.47 75.24
CA SER E 169 5.45 -2.83 76.55
C SER E 169 4.38 -3.35 77.49
N ILE E 170 4.81 -3.75 78.69
CA ILE E 170 3.89 -4.28 79.69
C ILE E 170 2.73 -3.32 79.92
N THR E 171 1.54 -3.88 79.89
CA THR E 171 0.32 -3.11 80.05
C THR E 171 -0.16 -3.01 81.49
N GLU E 172 -0.65 -1.82 81.85
CA GLU E 172 -1.21 -1.58 83.17
C GLU E 172 -2.67 -1.19 82.94
N ALA E 173 -3.56 -2.16 83.08
CA ALA E 173 -4.97 -1.92 82.84
C ALA E 173 -5.74 -1.56 84.09
N GLU E 174 -6.51 -0.48 84.00
CA GLU E 174 -7.29 -0.03 85.13
C GLU E 174 -8.68 -0.66 85.09
N LEU E 175 -9.10 -1.18 86.24
CA LEU E 175 -10.43 -1.76 86.38
C LEU E 175 -11.16 -0.90 87.40
N THR E 176 -12.07 -0.07 86.90
CA THR E 176 -12.85 0.84 87.74
C THR E 176 -13.34 0.15 89.00
N GLY E 177 -12.83 0.64 90.12
CA GLY E 177 -13.20 0.12 91.41
C GLY E 177 -12.23 -0.86 92.06
N TYR E 178 -11.38 -1.52 91.29
CA TYR E 178 -10.50 -2.51 91.88
C TYR E 178 -9.01 -2.21 91.82
N GLY E 179 -8.65 -1.22 91.00
CA GLY E 179 -7.24 -0.88 90.85
C GLY E 179 -6.77 -1.18 89.45
N THR E 180 -5.55 -1.66 89.30
CA THR E 180 -5.04 -1.97 87.97
C THR E 180 -4.47 -3.37 87.98
N VAL E 181 -4.38 -3.97 86.80
CA VAL E 181 -3.82 -5.30 86.68
C VAL E 181 -2.72 -5.12 85.67
N THR E 182 -1.58 -5.74 85.89
CA THR E 182 -0.47 -5.58 84.96
C THR E 182 -0.21 -6.88 84.25
N MET E 183 -0.08 -6.82 82.93
CA MET E 183 0.16 -8.03 82.15
C MET E 183 0.98 -7.80 80.89
N GLU E 184 1.64 -8.85 80.44
CA GLU E 184 2.45 -8.81 79.23
C GLU E 184 2.17 -10.08 78.43
N CYS E 185 2.11 -9.94 77.11
CA CYS E 185 1.82 -11.10 76.29
C CYS E 185 2.81 -11.36 75.17
N SER E 186 2.81 -12.59 74.70
CA SER E 186 3.68 -13.00 73.61
C SER E 186 2.81 -13.79 72.64
N PRO E 187 2.94 -13.50 71.33
CA PRO E 187 2.19 -14.17 70.28
C PRO E 187 2.61 -15.62 70.14
N ARG E 188 3.19 -16.16 71.20
CA ARG E 188 3.67 -17.54 71.18
C ARG E 188 2.92 -18.47 70.24
N THR E 189 3.66 -18.88 69.20
CA THR E 189 3.19 -19.76 68.14
C THR E 189 1.69 -20.07 68.15
N LEU E 191 1.09 -19.55 63.82
CA LEU E 191 0.82 -18.41 62.96
C LEU E 191 2.03 -18.10 62.06
N ASP E 192 1.88 -18.33 60.76
CA ASP E 192 2.98 -18.09 59.81
C ASP E 192 2.70 -16.93 58.86
N PHE E 193 3.74 -16.23 58.45
CA PHE E 193 3.62 -15.09 57.53
C PHE E 193 4.94 -14.82 56.83
N GLU E 195 6.48 -17.56 54.72
CA GLU E 195 6.40 -16.91 53.41
C GLU E 195 5.04 -17.10 52.76
N MET E 196 4.06 -16.31 53.21
CA MET E 196 2.72 -16.37 52.65
C MET E 196 2.27 -14.97 52.26
N VAL E 197 1.08 -14.88 51.68
CA VAL E 197 0.54 -13.60 51.25
C VAL E 197 -0.97 -13.60 51.42
N LEU E 198 -1.55 -12.42 51.63
CA LEU E 198 -3.00 -12.31 51.75
C LEU E 198 -3.61 -11.51 50.60
N LEU E 199 -4.31 -12.26 49.75
CA LEU E 199 -4.98 -11.74 48.57
C LEU E 199 -6.34 -11.12 48.83
N GLN E 200 -6.52 -9.88 48.38
CA GLN E 200 -7.78 -9.19 48.56
C GLN E 200 -8.53 -8.89 47.25
N MET E 201 -9.65 -9.57 47.06
CA MET E 201 -10.49 -9.36 45.89
C MET E 201 -11.80 -8.69 46.27
N GLU E 202 -11.74 -7.38 46.43
CA GLU E 202 -12.93 -6.60 46.77
C GLU E 202 -13.58 -7.01 48.10
N ASN E 203 -12.93 -6.64 49.19
CA ASN E 203 -13.40 -6.91 50.54
C ASN E 203 -13.48 -8.38 50.97
N LYS E 204 -13.01 -9.28 50.12
CA LYS E 204 -13.01 -10.71 50.45
C LYS E 204 -11.55 -11.11 50.30
N ALA E 205 -10.96 -11.73 51.32
CA ALA E 205 -9.56 -12.11 51.25
C ALA E 205 -9.28 -13.60 51.41
N TRP E 206 -8.05 -13.98 51.05
CA TRP E 206 -7.57 -15.36 51.13
C TRP E 206 -6.11 -15.34 51.51
N LEU E 207 -5.62 -16.45 52.05
CA LEU E 207 -4.21 -16.57 52.42
C LEU E 207 -3.64 -17.46 51.33
N VAL E 208 -2.65 -16.95 50.61
CA VAL E 208 -2.04 -17.71 49.52
C VAL E 208 -0.52 -17.77 49.66
N HIS E 209 0.09 -18.80 49.07
CA HIS E 209 1.54 -18.93 49.15
C HIS E 209 2.20 -17.93 48.22
N ARG E 210 3.41 -17.52 48.57
CA ARG E 210 4.14 -16.58 47.75
C ARG E 210 4.67 -17.35 46.53
N GLN E 211 5.30 -16.65 45.60
CA GLN E 211 5.83 -17.27 44.39
C GLN E 211 4.70 -17.77 43.49
N TRP E 212 3.49 -17.81 44.02
CA TRP E 212 2.33 -18.22 43.24
C TRP E 212 1.65 -16.90 42.92
N PHE E 213 1.61 -16.06 43.94
CA PHE E 213 1.03 -14.73 43.84
C PHE E 213 1.92 -13.95 42.87
N LEU E 214 3.23 -14.08 43.06
CA LEU E 214 4.23 -13.40 42.24
C LEU E 214 4.32 -13.93 40.81
N ASP E 215 3.77 -15.10 40.57
CA ASP E 215 3.81 -15.70 39.25
C ASP E 215 2.55 -15.46 38.44
N LEU E 216 1.49 -14.99 39.10
CA LEU E 216 0.24 -14.73 38.42
C LEU E 216 0.43 -13.93 37.13
N PRO E 217 -0.11 -14.44 36.02
CA PRO E 217 0.00 -13.80 34.72
C PRO E 217 -1.06 -12.72 34.57
N LEU E 218 -0.80 -11.57 35.19
CA LEU E 218 -1.73 -10.46 35.14
C LEU E 218 -0.92 -9.18 35.27
N PRO E 219 -1.44 -8.08 34.73
CA PRO E 219 -0.72 -6.82 34.83
C PRO E 219 -0.61 -6.44 36.31
N TRP E 220 0.52 -5.87 36.72
CA TRP E 220 0.71 -5.50 38.11
C TRP E 220 1.51 -4.23 38.30
N LEU E 221 1.55 -3.75 39.54
CA LEU E 221 2.28 -2.56 39.90
C LEU E 221 2.94 -2.77 41.26
N PRO E 222 4.17 -2.26 41.44
CA PRO E 222 4.84 -2.45 42.73
C PRO E 222 3.94 -1.89 43.83
N GLY E 223 3.91 -2.58 44.97
CA GLY E 223 3.08 -2.16 46.08
C GLY E 223 3.01 -0.68 46.42
N ALA E 224 4.17 -0.02 46.51
CA ALA E 224 4.22 1.40 46.87
C ALA E 224 3.82 2.37 45.76
N ASP E 225 2.77 2.05 45.02
CA ASP E 225 2.31 2.92 43.94
C ASP E 225 1.03 3.64 44.32
N THR E 226 0.70 4.68 43.57
CA THR E 226 -0.52 5.44 43.81
C THR E 226 -1.05 6.00 42.48
N GLN E 227 -0.21 5.92 41.46
CA GLN E 227 -0.59 6.38 40.13
C GLN E 227 -1.67 5.43 39.64
N GLY E 228 -1.37 4.14 39.69
CA GLY E 228 -2.29 3.12 39.24
C GLY E 228 -2.42 3.11 37.74
N SER E 229 -1.41 3.66 37.05
CA SER E 229 -1.42 3.75 35.60
C SER E 229 -0.36 2.94 34.87
N ASN E 230 0.88 3.01 35.35
CA ASN E 230 2.02 2.35 34.72
C ASN E 230 2.18 0.83 34.84
N TRP E 231 1.09 0.11 34.63
CA TRP E 231 1.07 -1.34 34.72
C TRP E 231 2.18 -2.10 34.01
N ILE E 232 2.62 -3.19 34.65
CA ILE E 232 3.68 -4.04 34.13
C ILE E 232 3.07 -5.31 33.52
N GLN E 233 3.55 -5.67 32.33
CA GLN E 233 3.09 -6.83 31.57
C GLN E 233 1.58 -6.78 31.27
N LYS E 234 1.19 -5.70 30.62
CA LYS E 234 -0.19 -5.48 30.21
C LYS E 234 -0.60 -6.48 29.16
N GLU E 235 0.37 -6.97 28.38
CA GLU E 235 0.07 -7.94 27.32
C GLU E 235 -0.67 -9.16 27.85
N THR E 236 -0.59 -9.38 29.16
CA THR E 236 -1.29 -10.52 29.75
C THR E 236 -2.82 -10.40 29.57
N LEU E 237 -3.33 -9.16 29.50
CA LEU E 237 -4.76 -8.95 29.31
C LEU E 237 -5.04 -8.36 27.92
N VAL E 238 -4.03 -8.35 27.07
CA VAL E 238 -4.22 -7.78 25.74
C VAL E 238 -3.81 -8.76 24.67
N THR E 239 -4.53 -8.72 23.56
CA THR E 239 -4.24 -9.58 22.44
C THR E 239 -4.17 -8.72 21.20
N PHE E 240 -3.09 -8.89 20.45
CA PHE E 240 -2.90 -8.15 19.22
C PHE E 240 -3.21 -9.11 18.07
N LYS E 241 -4.23 -8.79 17.29
CA LYS E 241 -4.63 -9.61 16.14
C LYS E 241 -3.53 -9.50 15.08
N ASN E 242 -3.58 -10.36 14.07
CA ASN E 242 -2.60 -10.31 12.99
C ASN E 242 -2.75 -8.93 12.37
N PRO E 243 -1.63 -8.27 12.11
CA PRO E 243 -1.70 -6.93 11.52
C PRO E 243 -2.06 -6.87 10.04
N HIS E 244 -2.35 -5.67 9.58
CA HIS E 244 -2.67 -5.43 8.18
C HIS E 244 -1.70 -4.32 7.78
N ALA E 245 -1.55 -4.11 6.49
CA ALA E 245 -0.63 -3.10 5.98
C ALA E 245 -0.57 -1.79 6.77
N LYS E 246 -1.73 -1.23 7.16
CA LYS E 246 -1.74 0.05 7.86
C LYS E 246 -2.50 0.09 9.18
N LYS E 247 -3.20 -0.98 9.53
CA LYS E 247 -3.95 -1.01 10.78
C LYS E 247 -3.87 -2.38 11.40
N GLN E 248 -4.15 -2.43 12.70
CA GLN E 248 -4.11 -3.66 13.45
C GLN E 248 -5.09 -3.52 14.59
N ASP E 249 -5.84 -4.58 14.86
CA ASP E 249 -6.81 -4.54 15.94
C ASP E 249 -6.20 -5.05 17.22
N VAL E 250 -6.67 -4.50 18.34
CA VAL E 250 -6.20 -4.93 19.64
C VAL E 250 -7.42 -5.10 20.53
N VAL E 251 -7.55 -6.27 21.14
CA VAL E 251 -8.68 -6.54 22.03
C VAL E 251 -8.16 -6.95 23.39
N VAL E 252 -8.94 -6.64 24.42
CA VAL E 252 -8.56 -6.98 25.78
C VAL E 252 -9.39 -8.14 26.26
N LEU E 253 -8.77 -9.02 27.05
CA LEU E 253 -9.50 -10.16 27.61
C LEU E 253 -10.61 -9.64 28.50
N GLY E 254 -11.54 -10.50 28.87
CA GLY E 254 -12.61 -10.08 29.74
C GLY E 254 -12.16 -10.17 31.19
N SER E 255 -12.99 -9.70 32.11
CA SER E 255 -12.65 -9.73 33.54
C SER E 255 -12.12 -11.10 33.95
N GLN E 256 -11.21 -11.10 34.92
CA GLN E 256 -10.64 -12.34 35.39
C GLN E 256 -11.08 -12.62 36.84
N GLU E 257 -11.97 -11.79 37.37
CA GLU E 257 -12.45 -11.97 38.73
C GLU E 257 -12.94 -13.41 38.88
N GLY E 258 -13.71 -13.87 37.88
CA GLY E 258 -14.24 -15.22 37.91
C GLY E 258 -13.16 -16.27 37.83
N ALA E 259 -12.27 -16.15 36.85
CA ALA E 259 -11.19 -17.11 36.69
C ALA E 259 -10.39 -17.18 37.98
N MET E 260 -10.35 -16.07 38.70
CA MET E 260 -9.62 -16.00 39.96
C MET E 260 -10.38 -16.73 41.06
N HIS E 261 -11.63 -16.33 41.28
CA HIS E 261 -12.48 -16.94 42.30
C HIS E 261 -12.42 -18.46 42.25
N THR E 262 -12.93 -19.03 41.16
CA THR E 262 -12.93 -20.48 41.00
C THR E 262 -11.51 -21.04 40.89
N ALA E 263 -10.52 -20.22 41.18
CA ALA E 263 -9.11 -20.65 41.14
C ALA E 263 -8.55 -20.67 42.56
N LEU E 264 -9.18 -19.90 43.44
CA LEU E 264 -8.78 -19.80 44.83
C LEU E 264 -9.48 -20.83 45.72
N THR E 265 -10.50 -21.50 45.18
CA THR E 265 -11.20 -22.50 45.97
C THR E 265 -10.16 -23.48 46.51
N GLY E 266 -10.17 -23.69 47.82
CA GLY E 266 -9.21 -24.59 48.43
C GLY E 266 -8.32 -23.88 49.45
N ALA E 267 -7.82 -22.71 49.09
CA ALA E 267 -6.96 -21.92 49.97
C ALA E 267 -7.76 -21.33 51.12
N THR E 268 -7.19 -21.36 52.31
CA THR E 268 -7.87 -20.85 53.51
C THR E 268 -8.40 -19.43 53.34
N GLU E 269 -9.71 -19.27 53.48
CA GLU E 269 -10.33 -17.96 53.36
C GLU E 269 -10.10 -17.17 54.64
N ILE E 270 -9.83 -15.87 54.50
CA ILE E 270 -9.58 -15.02 55.65
C ILE E 270 -10.63 -13.95 55.79
N GLN E 271 -11.24 -13.89 56.97
CA GLN E 271 -12.27 -12.90 57.25
C GLN E 271 -11.61 -11.53 57.32
N MET E 272 -12.43 -10.48 57.30
CA MET E 272 -11.90 -9.12 57.37
C MET E 272 -13.00 -8.08 57.48
N SER E 273 -12.63 -6.88 57.88
CA SER E 273 -13.59 -5.79 58.01
C SER E 273 -12.83 -4.48 58.15
N SER E 274 -13.45 -3.40 57.68
CA SER E 274 -12.83 -2.07 57.76
C SER E 274 -11.45 -2.11 57.11
N GLY E 275 -11.30 -2.96 56.10
CA GLY E 275 -10.04 -3.07 55.39
C GLY E 275 -9.00 -3.90 56.11
N ASN E 276 -9.23 -4.20 57.38
CA ASN E 276 -8.28 -4.97 58.16
C ASN E 276 -8.55 -6.47 58.07
N LEU E 277 -7.49 -7.26 58.10
CA LEU E 277 -7.60 -8.71 58.04
C LEU E 277 -7.72 -9.23 59.47
N LEU E 278 -8.49 -10.29 59.65
CA LEU E 278 -8.68 -10.86 60.98
C LEU E 278 -8.16 -12.28 61.03
N PHE E 279 -7.62 -12.68 62.16
CA PHE E 279 -7.12 -14.03 62.31
C PHE E 279 -7.53 -14.52 63.68
N THR E 280 -7.31 -15.81 63.90
CA THR E 280 -7.63 -16.41 65.19
C THR E 280 -6.25 -16.58 65.86
N GLY E 281 -5.88 -15.61 66.69
CA GLY E 281 -4.60 -15.64 67.35
C GLY E 281 -4.48 -16.53 68.58
N HIS E 282 -3.24 -16.68 69.04
CA HIS E 282 -2.92 -17.49 70.22
C HIS E 282 -1.95 -16.69 71.09
N LEU E 283 -2.30 -16.48 72.34
CA LEU E 283 -1.42 -15.72 73.22
C LEU E 283 -1.06 -16.43 74.52
N LYS E 284 0.12 -16.06 75.03
CA LYS E 284 0.64 -16.54 76.31
C LYS E 284 0.90 -15.25 77.06
N CYS E 285 0.34 -15.10 78.25
CA CYS E 285 0.56 -13.88 79.00
C CYS E 285 0.88 -14.19 80.44
N ARG E 286 1.41 -13.17 81.10
CA ARG E 286 1.75 -13.26 82.52
C ARG E 286 1.16 -12.01 83.15
N LEU E 287 0.49 -12.17 84.29
CA LEU E 287 -0.11 -11.01 84.92
C LEU E 287 0.22 -10.95 86.40
N ARG E 288 0.19 -9.74 86.96
CA ARG E 288 0.47 -9.50 88.36
C ARG E 288 -0.73 -8.75 88.94
N MET E 289 -1.14 -9.13 90.15
CA MET E 289 -2.30 -8.53 90.80
C MET E 289 -1.99 -7.70 92.05
N ASP E 290 -0.72 -7.42 92.29
CA ASP E 290 -0.35 -6.65 93.47
C ASP E 290 -1.02 -5.28 93.54
N LYS E 291 -1.50 -4.77 92.42
CA LYS E 291 -2.19 -3.46 92.44
C LYS E 291 -3.71 -3.54 92.39
N LEU E 292 -4.24 -4.76 92.53
CA LEU E 292 -5.68 -4.99 92.55
C LEU E 292 -6.14 -5.13 93.99
N GLN E 293 -7.38 -4.76 94.25
CA GLN E 293 -7.91 -4.94 95.59
C GLN E 293 -9.40 -5.09 95.48
N LEU E 294 -10.02 -5.65 96.51
CA LEU E 294 -11.46 -5.88 96.52
C LEU E 294 -12.27 -4.59 96.56
N LYS E 295 -13.27 -4.50 95.69
CA LYS E 295 -14.14 -3.32 95.64
C LYS E 295 -15.24 -3.48 96.68
N GLY E 296 -15.22 -2.63 97.71
CA GLY E 296 -16.26 -2.72 98.71
C GLY E 296 -15.83 -3.10 100.11
N MET E 297 -14.55 -3.37 100.31
CA MET E 297 -14.11 -3.71 101.65
C MET E 297 -14.52 -2.54 102.54
N SER E 298 -14.71 -2.82 103.83
CA SER E 298 -15.11 -1.81 104.80
C SER E 298 -16.54 -1.32 104.58
N TYR E 299 -17.46 -2.28 104.59
CA TYR E 299 -18.88 -2.01 104.47
C TYR E 299 -19.45 -2.70 105.67
N SER E 300 -20.76 -2.85 105.70
CA SER E 300 -21.42 -3.54 106.79
C SER E 300 -21.79 -4.94 106.29
N MET E 301 -22.02 -5.88 107.22
CA MET E 301 -22.39 -7.24 106.84
C MET E 301 -23.91 -7.26 106.78
N CYS E 302 -24.48 -7.23 105.57
CA CYS E 302 -25.93 -7.22 105.40
C CYS E 302 -26.59 -7.88 106.55
N THR E 303 -27.54 -7.22 107.18
CA THR E 303 -28.27 -7.83 108.26
C THR E 303 -29.72 -7.78 107.78
N GLY E 304 -30.13 -8.76 106.97
CA GLY E 304 -31.50 -8.74 106.46
C GLY E 304 -31.98 -9.99 105.73
N LYS E 305 -32.73 -9.82 104.64
CA LYS E 305 -33.25 -10.96 103.88
C LYS E 305 -33.04 -11.01 102.37
N PHE E 306 -33.01 -12.25 101.87
CA PHE E 306 -32.86 -12.49 100.45
C PHE E 306 -33.83 -13.56 99.97
N LYS E 307 -34.35 -13.34 98.77
CA LYS E 307 -35.28 -14.28 98.17
C LYS E 307 -34.60 -14.75 96.89
N VAL E 308 -34.27 -16.03 96.83
CA VAL E 308 -33.64 -16.57 95.65
C VAL E 308 -34.51 -16.19 94.45
N VAL E 309 -34.01 -15.27 93.62
CA VAL E 309 -34.74 -14.78 92.46
C VAL E 309 -35.34 -15.90 91.61
N LYS E 310 -34.58 -16.95 91.33
CA LYS E 310 -35.11 -18.06 90.54
C LYS E 310 -34.33 -19.35 90.80
N GLU E 311 -34.57 -20.35 89.97
CA GLU E 311 -33.91 -21.65 90.09
C GLU E 311 -32.39 -21.60 90.08
N ILE E 312 -31.79 -22.13 91.15
CA ILE E 312 -30.33 -22.18 91.24
C ILE E 312 -29.85 -22.90 89.99
N ALA E 313 -28.75 -22.40 89.42
CA ALA E 313 -28.23 -23.00 88.20
C ALA E 313 -26.89 -23.71 88.38
N GLU E 314 -26.71 -24.76 87.59
CA GLU E 314 -25.49 -25.55 87.57
C GLU E 314 -24.73 -25.17 86.33
N THR E 315 -23.45 -24.86 86.48
CA THR E 315 -22.63 -24.47 85.33
C THR E 315 -21.92 -25.70 84.78
N GLN E 316 -21.19 -25.50 83.70
CA GLN E 316 -20.44 -26.58 83.09
C GLN E 316 -19.13 -26.80 83.84
N HIS E 317 -18.91 -26.08 84.92
CA HIS E 317 -17.65 -26.18 85.65
C HIS E 317 -17.69 -26.54 87.13
N GLY E 318 -18.59 -27.44 87.50
CA GLY E 318 -18.66 -27.85 88.88
C GLY E 318 -18.97 -26.70 89.82
N THR E 319 -19.68 -25.70 89.31
CA THR E 319 -20.03 -24.56 90.15
C THR E 319 -21.50 -24.22 89.99
N ILE E 320 -21.98 -23.34 90.87
CA ILE E 320 -23.37 -22.92 90.83
C ILE E 320 -23.52 -21.41 90.81
N VAL E 321 -24.62 -20.94 90.24
CA VAL E 321 -24.88 -19.50 90.20
C VAL E 321 -26.19 -19.20 90.92
N ILE E 322 -26.10 -18.62 92.12
CA ILE E 322 -27.29 -18.30 92.89
C ILE E 322 -27.70 -16.83 92.82
N ARG E 323 -28.88 -16.58 92.27
CA ARG E 323 -29.41 -15.21 92.17
C ARG E 323 -30.12 -14.88 93.49
N VAL E 324 -29.84 -13.72 94.06
CA VAL E 324 -30.50 -13.33 95.31
C VAL E 324 -30.67 -11.83 95.30
N GLN E 325 -31.65 -11.34 96.05
CA GLN E 325 -31.87 -9.91 96.11
C GLN E 325 -32.35 -9.55 97.50
N TYR E 326 -31.75 -8.53 98.09
CA TYR E 326 -32.12 -8.09 99.43
C TYR E 326 -33.61 -7.80 99.41
N GLY E 328 -34.84 -6.26 101.11
CA GLY E 328 -34.22 -6.60 102.40
C GLY E 328 -33.64 -5.48 103.28
N ASP E 329 -33.55 -5.73 104.58
CA ASP E 329 -33.03 -4.83 105.64
C ASP E 329 -31.67 -4.15 105.63
N GLY E 330 -31.31 -3.35 104.65
CA GLY E 330 -29.98 -2.79 104.76
C GLY E 330 -29.35 -1.95 103.68
N SER E 331 -28.15 -1.49 104.01
CA SER E 331 -27.32 -0.64 103.17
C SER E 331 -26.94 -1.46 101.95
N PRO E 332 -26.25 -0.85 101.01
CA PRO E 332 -25.79 -1.53 99.80
C PRO E 332 -24.71 -2.29 100.61
N CYS E 333 -24.87 -3.59 100.83
CA CYS E 333 -23.94 -4.30 101.71
C CYS E 333 -23.27 -5.58 101.24
N LYS E 334 -22.36 -6.06 102.09
CA LYS E 334 -21.63 -7.31 101.88
C LYS E 334 -22.67 -8.42 102.08
N ILE E 335 -22.67 -9.40 101.81
CA ILE E 335 -23.53 -10.57 101.90
C ILE E 335 -22.89 -11.67 102.74
N PRO E 336 -23.39 -12.23 103.47
CA PRO E 336 -22.85 -13.38 104.20
C PRO E 336 -23.07 -14.69 103.45
N PHE E 337 -22.04 -15.14 102.76
CA PHE E 337 -22.14 -16.38 102.01
C PHE E 337 -21.24 -17.36 102.71
N GLU E 338 -21.65 -18.62 102.72
CA GLU E 338 -20.83 -19.62 103.36
C GLU E 338 -21.40 -20.98 103.08
N ILE E 339 -20.56 -21.87 102.56
CA ILE E 339 -20.97 -23.23 102.24
C ILE E 339 -20.37 -24.19 103.27
N MET E 340 -21.23 -24.79 104.08
CA MET E 340 -20.75 -25.71 105.10
C MET E 340 -21.27 -27.12 104.89
N ASP E 341 -20.98 -27.99 105.85
CA ASP E 341 -21.44 -29.37 105.78
C ASP E 341 -22.89 -29.43 106.29
N LEU E 342 -23.48 -30.62 106.26
CA LEU E 342 -24.86 -30.79 106.72
C LEU E 342 -25.02 -30.38 108.18
N GLU E 343 -23.93 -30.50 108.95
CA GLU E 343 -23.97 -30.14 110.35
C GLU E 343 -23.62 -28.69 110.62
N LYS E 344 -23.28 -27.95 109.59
CA LYS E 344 -22.90 -26.55 109.77
C LYS E 344 -21.71 -26.41 110.73
N ARG E 345 -20.81 -27.39 110.73
CA ARG E 345 -19.64 -27.33 111.61
C ARG E 345 -18.40 -26.74 110.95
N HIS E 346 -18.03 -27.24 109.78
CA HIS E 346 -16.87 -26.69 109.09
C HIS E 346 -17.25 -26.06 107.73
N VAL E 347 -16.35 -25.23 107.22
CA VAL E 347 -16.56 -24.56 105.95
C VAL E 347 -16.07 -25.47 104.83
N LEU E 348 -16.85 -25.56 103.78
CA LEU E 348 -16.50 -26.39 102.63
C LEU E 348 -16.65 -25.54 101.36
N GLY E 349 -16.14 -26.03 100.24
CA GLY E 349 -16.25 -25.26 99.01
C GLY E 349 -15.67 -23.86 99.10
N ARG E 350 -15.91 -23.04 98.08
CA ARG E 350 -15.42 -21.67 98.02
C ARG E 350 -16.14 -20.85 96.97
N LEU E 351 -16.01 -19.54 97.11
CA LEU E 351 -16.63 -18.59 96.20
C LEU E 351 -15.73 -18.26 95.03
N ILE E 352 -16.34 -18.08 93.85
CA ILE E 352 -15.63 -17.69 92.64
C ILE E 352 -15.91 -16.18 92.59
N THR E 353 -17.13 -15.82 92.98
CA THR E 353 -17.55 -14.43 93.12
C THR E 353 -16.94 -14.14 94.49
N VAL E 354 -16.25 -13.03 94.65
CA VAL E 354 -15.66 -12.80 95.94
C VAL E 354 -16.19 -11.48 96.47
N ASN E 355 -16.30 -11.37 97.79
CA ASN E 355 -16.85 -10.18 98.45
C ASN E 355 -18.12 -9.78 97.73
N PRO E 356 -19.04 -10.73 97.57
CA PRO E 356 -20.32 -10.49 96.91
C PRO E 356 -21.03 -9.39 97.66
N ILE E 357 -21.62 -8.46 96.93
CA ILE E 357 -22.29 -7.34 97.57
C ILE E 357 -23.55 -6.90 96.84
N VAL E 358 -24.42 -6.21 97.57
CA VAL E 358 -25.66 -5.70 96.99
C VAL E 358 -25.56 -4.20 96.76
N THR E 359 -25.89 -3.76 95.55
CA THR E 359 -25.83 -2.34 95.21
C THR E 359 -27.18 -1.65 95.37
N GLU E 360 -28.25 -2.39 95.09
CA GLU E 360 -29.59 -1.83 95.19
C GLU E 360 -30.62 -2.77 95.81
N LYS E 361 -31.71 -2.18 96.29
CA LYS E 361 -32.79 -2.95 96.86
C LYS E 361 -33.48 -3.46 95.59
N ASP E 362 -33.72 -4.77 95.51
CA ASP E 362 -34.32 -5.35 94.32
C ASP E 362 -33.37 -5.20 93.13
N SER E 363 -32.21 -5.84 93.25
CA SER E 363 -31.18 -5.84 92.23
C SER E 363 -30.56 -7.24 92.27
N PRO E 364 -31.11 -8.17 91.47
CA PRO E 364 -30.60 -9.55 91.44
C PRO E 364 -29.07 -9.64 91.44
N VAL E 365 -28.51 -10.12 92.54
CA VAL E 365 -27.06 -10.24 92.62
C VAL E 365 -26.62 -11.67 92.38
N ASN E 366 -26.28 -11.98 91.14
CA ASN E 366 -25.81 -13.33 90.83
C ASN E 366 -24.53 -13.64 91.59
N ILE E 367 -24.39 -14.88 92.03
CA ILE E 367 -23.22 -15.31 92.77
C ILE E 367 -22.78 -16.69 92.30
N GLU E 368 -21.54 -16.82 91.83
CA GLU E 368 -21.05 -18.11 91.40
C GLU E 368 -20.20 -18.68 92.51
N ALA E 369 -20.50 -19.92 92.89
CA ALA E 369 -19.76 -20.57 93.95
C ALA E 369 -19.44 -22.01 93.58
N GLU E 370 -18.48 -22.57 94.29
CA GLU E 370 -18.10 -23.95 94.06
C GLU E 370 -18.42 -24.77 95.32
N PRO E 371 -19.48 -25.59 95.25
CA PRO E 371 -19.88 -26.43 96.39
C PRO E 371 -18.99 -27.66 96.43
N PRO E 372 -18.72 -28.21 97.62
CA PRO E 372 -17.87 -29.41 97.62
C PRO E 372 -18.64 -30.53 96.97
N PHE E 373 -18.00 -31.66 96.74
CA PHE E 373 -18.71 -32.78 96.14
C PHE E 373 -19.61 -33.40 97.20
N GLY E 374 -20.78 -33.87 96.81
CA GLY E 374 -21.68 -34.45 97.78
C GLY E 374 -22.69 -33.45 98.35
N ASP E 375 -22.93 -33.55 99.65
CA ASP E 375 -23.88 -32.70 100.35
C ASP E 375 -23.26 -31.49 101.05
N SER E 376 -23.99 -30.38 101.02
CA SER E 376 -23.56 -29.13 101.65
C SER E 376 -24.72 -28.15 101.84
N TYR E 377 -24.58 -27.26 102.81
CA TYR E 377 -25.59 -26.25 103.08
C TYR E 377 -25.13 -24.90 102.55
N ILE E 378 -25.96 -24.26 101.76
CA ILE E 378 -25.59 -22.95 101.24
C ILE E 378 -26.27 -21.94 102.14
N ILE E 379 -25.47 -21.35 103.04
CA ILE E 379 -25.96 -20.38 104.01
C ILE E 379 -25.82 -18.91 103.59
N ILE E 380 -26.89 -18.35 103.05
CA ILE E 380 -26.93 -16.97 102.61
C ILE E 380 -27.64 -16.09 103.64
N GLY E 381 -26.96 -15.07 104.15
CA GLY E 381 -27.61 -14.16 105.07
C GLY E 381 -27.35 -14.30 106.56
N VAL E 382 -28.19 -13.63 107.36
CA VAL E 382 -28.05 -13.66 108.79
C VAL E 382 -29.29 -14.07 109.58
N GLU E 383 -29.17 -14.01 110.91
CA GLU E 383 -30.21 -14.44 111.86
C GLU E 383 -31.72 -14.16 111.97
N PRO E 384 -32.37 -13.74 110.89
CA PRO E 384 -33.81 -13.56 111.01
C PRO E 384 -34.06 -14.87 110.26
N GLY E 385 -33.65 -14.86 108.99
CA GLY E 385 -33.76 -16.05 108.16
C GLY E 385 -32.48 -16.46 107.43
N GLN E 386 -31.43 -16.88 108.14
CA GLN E 386 -30.19 -17.32 107.48
C GLN E 386 -30.74 -18.40 106.53
N LEU E 387 -30.49 -18.23 105.23
CA LEU E 387 -31.01 -19.12 104.19
C LEU E 387 -30.36 -20.48 103.95
N LYS E 388 -30.76 -21.51 104.70
CA LYS E 388 -30.17 -22.83 104.50
C LYS E 388 -30.71 -23.52 103.24
N LEU E 389 -29.89 -23.60 102.20
CA LEU E 389 -30.29 -24.26 100.96
C LEU E 389 -29.47 -25.53 100.84
N ASN E 390 -30.12 -26.69 100.74
CA ASN E 390 -29.39 -27.94 100.61
C ASN E 390 -28.88 -28.07 99.18
N TRP E 391 -27.72 -28.69 99.02
CA TRP E 391 -27.18 -28.89 97.70
C TRP E 391 -26.39 -30.18 97.60
N PHE E 392 -26.56 -30.86 96.46
CA PHE E 392 -25.86 -32.10 96.20
C PHE E 392 -25.12 -31.99 94.88
N LYS E 393 -23.81 -32.13 94.93
CA LYS E 393 -23.00 -32.03 93.72
C LYS E 393 -22.55 -33.42 93.27
N LYS E 394 -23.03 -33.82 92.11
CA LYS E 394 -22.71 -35.13 91.53
C LYS E 394 -21.69 -34.95 90.41
N PHE F 1 -16.65 15.82 8.84
CA PHE F 1 -15.48 15.45 9.69
C PHE F 1 -14.65 16.67 10.09
N HIS F 2 -13.99 16.57 11.24
CA HIS F 2 -13.14 17.64 11.73
C HIS F 2 -11.73 17.49 11.18
N LEU F 3 -11.25 18.51 10.47
CA LEU F 3 -9.91 18.46 9.91
C LEU F 3 -8.92 19.12 10.87
N THR F 4 -7.93 18.36 11.30
CA THR F 4 -6.89 18.81 12.23
C THR F 4 -5.55 18.29 11.67
N THR F 5 -4.51 18.20 12.51
CA THR F 5 -3.22 17.69 12.05
C THR F 5 -2.55 16.77 13.06
N ARG F 6 -1.59 15.98 12.59
CA ARG F 6 -0.83 15.07 13.45
C ARG F 6 0.60 15.11 12.92
N ASN F 7 1.43 15.96 13.54
CA ASN F 7 2.81 16.09 13.12
C ASN F 7 2.91 16.64 11.70
N GLY F 8 2.27 17.79 11.46
CA GLY F 8 2.33 18.41 10.16
C GLY F 8 1.46 17.77 9.11
N GLU F 9 1.01 16.55 9.36
CA GLU F 9 0.16 15.86 8.41
C GLU F 9 -1.33 16.02 8.71
N PRO F 10 -2.16 16.08 7.66
CA PRO F 10 -3.60 16.22 7.88
C PRO F 10 -4.21 15.00 8.61
N HIS F 11 -5.15 15.26 9.51
CA HIS F 11 -5.80 14.22 10.30
C HIS F 11 -7.33 14.38 10.23
N MET F 12 -8.03 13.29 9.91
CA MET F 12 -9.49 13.34 9.81
C MET F 12 -10.24 12.65 10.93
N ILE F 13 -11.02 13.41 11.68
CA ILE F 13 -11.84 12.84 12.74
C ILE F 13 -13.17 12.61 12.05
N VAL F 14 -13.44 11.36 11.68
CA VAL F 14 -14.65 11.00 10.95
C VAL F 14 -15.79 10.52 11.85
N SER F 15 -16.95 11.13 11.68
CA SER F 15 -18.12 10.74 12.48
C SER F 15 -18.94 9.71 11.74
N ARG F 16 -19.94 9.19 12.43
CA ARG F 16 -20.81 8.15 11.90
C ARG F 16 -21.59 8.49 10.62
N GLN F 17 -22.08 9.71 10.53
CA GLN F 17 -22.89 10.11 9.39
C GLN F 17 -22.11 10.28 8.09
N GLU F 18 -20.82 9.97 8.11
CA GLU F 18 -20.03 10.14 6.90
C GLU F 18 -19.68 8.82 6.23
N LYS F 19 -20.09 7.73 6.87
CA LYS F 19 -19.85 6.39 6.34
C LYS F 19 -20.39 6.31 4.92
N GLY F 20 -19.57 5.89 3.98
CA GLY F 20 -20.04 5.75 2.62
C GLY F 20 -19.93 6.98 1.73
N LYS F 21 -19.32 8.04 2.22
CA LYS F 21 -19.19 9.21 1.36
C LYS F 21 -17.76 9.69 1.21
N SER F 22 -17.44 10.11 0.00
CA SER F 22 -16.13 10.60 -0.38
C SER F 22 -15.70 11.75 0.54
N LEU F 23 -14.49 11.67 1.06
CA LEU F 23 -14.00 12.71 1.95
C LEU F 23 -13.08 13.70 1.22
N LEU F 24 -13.54 14.94 1.06
CA LEU F 24 -12.77 15.95 0.35
C LEU F 24 -12.35 17.14 1.20
N PHE F 25 -11.08 17.53 1.08
CA PHE F 25 -10.56 18.69 1.79
C PHE F 25 -9.41 19.31 1.02
N LYS F 26 -9.50 20.63 0.85
CA LYS F 26 -8.52 21.43 0.14
C LYS F 26 -7.14 21.43 0.80
N THR F 27 -6.10 21.44 -0.04
CA THR F 27 -4.71 21.48 0.41
C THR F 27 -3.88 22.23 -0.62
N GLU F 28 -2.86 22.93 -0.15
CA GLU F 28 -1.96 23.68 -1.02
C GLU F 28 -1.72 22.99 -2.37
N ASP F 29 -1.59 21.66 -2.33
CA ASP F 29 -1.33 20.88 -3.53
C ASP F 29 -2.62 20.46 -4.25
N GLY F 30 -3.66 21.27 -4.16
CA GLY F 30 -4.92 20.94 -4.79
C GLY F 30 -5.90 20.28 -3.84
N VAL F 31 -6.96 19.73 -4.40
CA VAL F 31 -8.01 19.07 -3.62
C VAL F 31 -7.69 17.60 -3.37
N ASN F 32 -7.76 17.20 -2.10
CA ASN F 32 -7.48 15.81 -1.72
C ASN F 32 -8.76 14.99 -1.53
N MET F 33 -8.78 13.79 -2.11
CA MET F 33 -9.93 12.92 -1.98
C MET F 33 -9.56 11.60 -1.30
N CYS F 34 -9.93 11.44 -0.04
CA CYS F 34 -9.64 10.19 0.65
C CYS F 34 -10.86 9.34 0.56
N THR F 35 -10.64 8.04 0.54
CA THR F 35 -11.74 7.08 0.44
C THR F 35 -11.74 6.22 1.70
N LEU F 36 -12.85 6.23 2.42
CA LEU F 36 -12.96 5.45 3.64
C LEU F 36 -13.89 4.27 3.36
N MET F 37 -13.37 3.07 3.59
CA MET F 37 -14.09 1.82 3.35
C MET F 37 -14.21 1.01 4.62
N ALA F 38 -13.81 1.58 5.76
CA ALA F 38 -13.86 0.85 7.03
C ALA F 38 -15.25 0.30 7.38
N ASP F 40 -16.07 -1.36 10.06
CA ASP F 40 -16.33 -1.13 11.49
C ASP F 40 -16.51 0.33 11.91
N LEU F 41 -16.59 1.24 10.94
CA LEU F 41 -16.79 2.66 11.24
C LEU F 41 -18.12 2.84 11.98
N GLY F 42 -18.05 3.36 13.21
CA GLY F 42 -19.26 3.56 13.97
C GLY F 42 -19.46 4.96 14.52
N GLU F 43 -19.85 5.05 15.80
CA GLU F 43 -20.07 6.33 16.44
C GLU F 43 -18.79 6.81 17.13
N LEU F 44 -18.52 8.10 17.08
CA LEU F 44 -17.34 8.64 17.73
C LEU F 44 -17.47 8.50 19.23
N CYS F 45 -16.55 7.77 19.83
CA CYS F 45 -16.59 7.59 21.28
C CYS F 45 -15.19 7.43 21.88
N GLU F 46 -15.10 6.73 23.01
CA GLU F 46 -13.83 6.51 23.68
C GLU F 46 -13.01 5.47 22.94
N ASP F 47 -13.70 4.50 22.35
CA ASP F 47 -13.03 3.46 21.61
C ASP F 47 -12.75 3.98 20.20
N THR F 48 -11.63 4.67 20.05
CA THR F 48 -11.25 5.21 18.77
C THR F 48 -10.21 4.33 18.06
N ILE F 49 -10.02 4.35 16.96
CA ILE F 49 -8.79 3.86 16.35
C ILE F 49 -8.24 4.88 15.35
N THR F 50 -7.08 4.98 15.21
CA THR F 50 -6.35 5.99 14.45
C THR F 50 -5.24 5.36 13.63
N TYR F 51 -5.22 5.64 12.34
CA TYR F 51 -4.20 5.09 11.46
C TYR F 51 -4.10 5.89 10.17
N LYS F 52 -3.13 5.52 9.32
CA LYS F 52 -2.91 6.27 8.09
C LYS F 52 -3.48 5.74 6.78
N CYS F 53 -3.96 6.68 5.99
CA CYS F 53 -4.53 6.43 4.68
C CYS F 53 -3.46 6.83 3.68
N PRO F 54 -2.76 5.85 3.11
CA PRO F 54 -1.70 6.10 2.14
C PRO F 54 -2.10 6.77 0.83
N LEU F 55 -1.11 7.37 0.19
CA LEU F 55 -1.32 8.01 -1.09
C LEU F 55 -1.23 6.86 -2.08
N LEU F 56 -2.15 6.84 -3.03
CA LEU F 56 -2.19 5.80 -4.02
C LEU F 56 -2.40 6.38 -5.41
N ARG F 57 -1.35 6.32 -6.21
CA ARG F 57 -1.37 6.81 -7.58
C ARG F 57 -1.42 5.61 -8.51
N GLN F 58 -2.46 5.55 -9.35
CA GLN F 58 -2.64 4.47 -10.31
C GLN F 58 -2.15 3.10 -9.85
N ASN F 59 -2.62 2.68 -8.68
CA ASN F 59 -2.29 1.39 -8.09
C ASN F 59 -3.58 0.95 -7.44
N GLU F 60 -3.91 -0.34 -7.54
CA GLU F 60 -5.12 -0.83 -6.93
C GLU F 60 -4.83 -1.01 -5.43
N PRO F 61 -5.84 -0.76 -4.57
CA PRO F 61 -5.62 -0.90 -3.13
C PRO F 61 -5.57 -2.36 -2.71
N GLU F 62 -4.73 -2.67 -1.75
CA GLU F 62 -4.60 -4.04 -1.26
C GLU F 62 -4.37 -4.05 0.25
N ASP F 63 -5.15 -4.85 0.94
CA ASP F 63 -5.05 -4.97 2.40
C ASP F 63 -5.21 -3.65 3.17
N ILE F 64 -6.11 -2.78 2.68
CA ILE F 64 -6.40 -1.49 3.32
C ILE F 64 -7.85 -1.04 3.08
N ASP F 65 -8.36 -0.20 3.95
CA ASP F 65 -9.73 0.29 3.82
C ASP F 65 -9.78 1.81 3.83
N CYS F 66 -8.62 2.43 3.69
CA CYS F 66 -8.54 3.89 3.65
C CYS F 66 -7.35 4.30 2.80
N TRP F 67 -7.56 5.30 1.94
CA TRP F 67 -6.50 5.81 1.10
C TRP F 67 -6.92 7.12 0.47
N CYS F 68 -5.95 7.97 0.19
CA CYS F 68 -6.21 9.27 -0.42
C CYS F 68 -5.45 9.26 -1.75
N ASN F 69 -5.76 10.21 -2.64
CA ASN F 69 -5.11 10.23 -3.93
C ASN F 69 -4.25 11.45 -4.21
N SER F 70 -3.92 12.23 -3.19
CA SER F 70 -3.11 13.41 -3.45
C SER F 70 -2.15 13.68 -2.31
N THR F 71 -2.56 13.35 -1.11
CA THR F 71 -1.71 13.55 0.05
C THR F 71 -2.10 12.62 1.20
N SER F 72 -1.16 11.78 1.60
CA SER F 72 -1.35 10.85 2.69
C SER F 72 -2.03 11.55 3.87
N THR F 73 -3.05 10.92 4.44
CA THR F 73 -3.80 11.51 5.55
C THR F 73 -4.03 10.53 6.69
N TRP F 74 -4.06 11.04 7.92
CA TRP F 74 -4.32 10.19 9.07
C TRP F 74 -5.83 10.22 9.23
N VAL F 75 -6.41 9.14 9.78
CA VAL F 75 -7.86 9.10 10.01
C VAL F 75 -8.14 8.51 11.39
N THR F 76 -9.22 9.00 11.99
CA THR F 76 -9.65 8.54 13.29
C THR F 76 -11.18 8.47 13.37
N TYR F 77 -11.68 7.36 13.91
CA TYR F 77 -13.11 7.19 14.07
C TYR F 77 -13.41 6.23 15.21
N GLY F 78 -14.63 6.33 15.75
CA GLY F 78 -14.99 5.44 16.85
C GLY F 78 -15.63 4.18 16.29
N THR F 79 -15.74 3.15 17.12
CA THR F 79 -16.35 1.88 16.70
C THR F 79 -17.69 1.60 17.40
N CYS F 80 -18.05 2.45 18.36
CA CYS F 80 -19.32 2.31 19.10
C CYS F 80 -20.52 2.30 18.18
N THR F 81 -21.66 1.85 18.68
CA THR F 81 -22.87 1.83 17.87
C THR F 81 -24.09 2.25 18.69
N GLU G 1 6.88 32.35 20.34
CA GLU G 1 8.15 32.90 19.85
C GLU G 1 8.17 33.03 18.32
N VAL G 2 7.73 31.96 17.64
CA VAL G 2 7.66 31.71 16.20
C VAL G 2 8.51 32.63 15.30
N GLN G 3 9.71 32.18 14.92
CA GLN G 3 10.59 32.92 14.02
C GLN G 3 11.05 32.07 12.81
N LEU G 4 11.39 32.84 11.77
CA LEU G 4 12.12 32.37 10.59
C LEU G 4 13.33 33.28 10.36
N GLN G 5 14.46 32.68 9.99
CA GLN G 5 15.77 33.30 10.06
C GLN G 5 16.53 32.84 8.79
N GLU G 6 16.64 33.77 7.86
CA GLU G 6 17.17 33.47 6.54
C GLU G 6 18.70 33.54 6.45
N SER G 7 19.28 33.10 5.33
CA SER G 7 20.67 33.47 5.02
C SER G 7 20.92 34.99 4.96
N GLY G 8 22.17 35.38 4.70
CA GLY G 8 22.55 36.77 4.40
C GLY G 8 22.47 37.09 2.90
N PRO G 9 22.55 38.38 2.52
CA PRO G 9 22.64 38.78 1.12
C PRO G 9 23.83 38.18 0.36
N GLU G 10 23.64 37.94 -0.94
CA GLU G 10 24.53 37.11 -1.77
C GLU G 10 24.63 37.70 -3.21
N LEU G 11 25.84 37.69 -3.79
CA LEU G 11 26.23 38.57 -4.92
C LEU G 11 26.79 37.81 -6.14
N VAL G 12 26.00 36.88 -6.64
CA VAL G 12 26.35 35.91 -7.68
C VAL G 12 26.58 36.49 -9.08
N LYS G 13 27.32 35.67 -9.84
CA LYS G 13 27.67 35.85 -11.25
C LYS G 13 26.73 35.01 -12.15
N PRO G 14 26.28 35.55 -13.30
CA PRO G 14 25.47 34.81 -14.26
C PRO G 14 25.98 33.40 -14.59
N GLY G 15 25.02 32.51 -14.77
CA GLY G 15 25.22 31.07 -14.94
C GLY G 15 25.40 30.30 -13.64
N THR G 16 25.92 30.92 -12.56
CA THR G 16 26.09 30.20 -11.30
C THR G 16 24.77 29.84 -10.61
N SER G 17 24.89 29.16 -9.47
CA SER G 17 23.79 28.84 -8.56
C SER G 17 23.94 29.57 -7.22
N VAL G 18 22.86 29.66 -6.46
CA VAL G 18 22.83 30.14 -5.07
C VAL G 18 21.94 29.23 -4.22
N LYS G 19 22.10 29.22 -2.88
CA LYS G 19 21.47 28.19 -2.03
C LYS G 19 21.03 28.63 -0.62
N MET G 20 20.02 29.49 -0.54
CA MET G 20 19.61 30.25 0.65
C MET G 20 18.94 29.45 1.77
N SER G 21 19.36 29.57 3.03
CA SER G 21 18.71 28.87 4.16
C SER G 21 17.64 29.71 4.92
N CYS G 22 16.96 29.17 5.94
CA CYS G 22 15.65 29.65 6.40
C CYS G 22 15.31 29.49 7.90
N LYS G 23 16.12 28.71 8.64
CA LYS G 23 16.04 28.39 10.08
C LYS G 23 14.78 28.85 10.85
N ALA G 24 13.84 27.93 11.04
CA ALA G 24 12.71 28.06 11.92
C ALA G 24 13.05 27.82 13.39
N SER G 25 12.32 28.50 14.27
CA SER G 25 12.25 28.25 15.70
C SER G 25 10.87 28.62 16.25
N GLY G 26 10.59 28.18 17.47
CA GLY G 26 9.34 28.51 18.18
C GLY G 26 8.12 27.68 17.78
N TYR G 27 8.27 26.70 16.88
CA TYR G 27 7.21 25.77 16.49
C TYR G 27 7.80 24.41 16.07
N THR G 28 6.96 23.40 15.81
CA THR G 28 7.44 22.01 15.65
C THR G 28 8.27 21.72 14.38
N PHE G 29 8.36 22.70 13.46
CA PHE G 29 8.87 22.60 12.09
C PHE G 29 8.16 21.60 11.16
N THR G 30 7.86 20.40 11.66
CA THR G 30 7.32 19.26 10.89
C THR G 30 5.78 19.22 10.81
N ASP G 31 5.16 20.33 11.14
CA ASP G 31 3.72 20.56 11.35
C ASP G 31 3.15 21.63 10.42
N TYR G 32 4.01 22.32 9.68
CA TYR G 32 3.64 23.37 8.73
C TYR G 32 4.35 23.19 7.39
N ASN G 33 4.12 24.12 6.45
CA ASN G 33 4.59 24.04 5.07
C ASN G 33 5.24 25.37 4.65
N ILE G 34 6.39 25.36 3.97
CA ILE G 34 7.31 26.52 3.99
C ILE G 34 7.51 27.07 2.57
N HIS G 35 6.69 28.08 2.25
CA HIS G 35 6.70 29.00 1.08
C HIS G 35 8.09 29.56 0.76
N TRP G 36 8.29 30.10 -0.45
CA TRP G 36 9.52 30.80 -0.87
C TRP G 36 9.22 31.95 -1.88
N VAL G 37 8.60 33.04 -1.43
CA VAL G 37 8.18 34.17 -2.29
C VAL G 37 9.29 35.14 -2.68
N LYS G 38 9.58 35.27 -3.98
CA LYS G 38 10.42 36.34 -4.54
C LYS G 38 9.67 37.68 -4.50
N GLN G 39 10.40 38.79 -4.44
CA GLN G 39 9.95 40.09 -4.96
C GLN G 39 11.11 40.75 -5.69
N SER G 40 10.92 41.01 -6.99
CA SER G 40 11.88 41.83 -7.73
C SER G 40 11.62 43.32 -7.52
N HIS G 41 12.63 44.13 -7.78
CA HIS G 41 12.60 45.58 -7.73
C HIS G 41 11.41 46.12 -8.50
N GLY G 42 10.53 46.85 -7.82
CA GLY G 42 9.35 47.44 -8.44
C GLY G 42 8.31 46.46 -8.99
N LYS G 43 8.41 45.18 -8.62
CA LYS G 43 7.51 44.11 -9.03
C LYS G 43 6.69 43.63 -7.83
N SER G 44 5.63 42.88 -8.11
CA SER G 44 4.84 42.19 -7.09
C SER G 44 5.66 41.10 -6.38
N LEU G 45 5.03 40.53 -5.35
CA LEU G 45 5.30 39.17 -4.90
C LEU G 45 5.14 38.16 -6.05
N GLU G 46 5.88 37.06 -5.97
CA GLU G 46 5.95 35.97 -6.95
C GLU G 46 6.37 34.69 -6.24
N TRP G 47 5.36 33.89 -5.86
CA TRP G 47 5.53 32.59 -5.19
C TRP G 47 6.52 31.69 -5.95
N ILE G 48 7.60 31.26 -5.30
CA ILE G 48 8.15 29.91 -5.47
C ILE G 48 7.59 29.03 -4.33
N GLY G 49 7.47 27.73 -4.60
CA GLY G 49 6.92 26.67 -3.79
C GLY G 49 7.24 26.58 -2.24
N TYR G 50 6.72 25.53 -1.58
CA TYR G 50 6.34 25.57 -0.17
C TYR G 50 6.51 24.27 0.64
N ILE G 51 7.61 23.53 0.39
CA ILE G 51 7.93 22.19 0.91
C ILE G 51 7.37 21.86 2.31
N ASN G 52 6.81 20.65 2.40
CA ASN G 52 6.38 20.01 3.64
C ASN G 52 7.59 19.38 4.35
N PRO G 53 7.98 19.81 5.55
CA PRO G 53 9.09 19.18 6.26
C PRO G 53 8.81 17.81 6.87
N ASN G 54 7.56 17.32 6.84
CA ASN G 54 7.22 16.02 7.37
C ASN G 54 7.58 14.89 6.40
N ASN G 55 7.09 14.97 5.15
CA ASN G 55 7.37 13.98 4.11
C ASN G 55 8.40 14.41 3.04
N GLY G 56 8.82 15.67 3.04
CA GLY G 56 9.74 16.24 2.06
C GLY G 56 9.09 16.63 0.73
N GLY G 57 7.80 16.34 0.55
CA GLY G 57 7.07 16.63 -0.67
C GLY G 57 6.91 18.13 -0.88
N ASN G 58 7.04 18.54 -2.14
CA ASN G 58 7.19 19.93 -2.53
C ASN G 58 6.45 20.18 -3.84
N LYS G 59 5.85 21.38 -3.96
CA LYS G 59 5.09 21.77 -5.14
C LYS G 59 5.54 23.14 -5.60
N TYR G 60 6.21 23.15 -6.75
CA TYR G 60 6.70 24.35 -7.41
C TYR G 60 5.63 25.07 -8.20
N THR G 61 5.78 26.38 -8.32
CA THR G 61 5.19 27.21 -9.38
C THR G 61 5.75 26.84 -10.74
N GLN G 62 4.90 26.73 -11.77
CA GLN G 62 5.32 26.30 -13.11
C GLN G 62 6.56 27.09 -13.62
N LYS G 63 6.48 28.42 -13.58
CA LYS G 63 7.56 29.36 -14.00
C LYS G 63 8.93 29.19 -13.29
N PHE G 64 8.99 28.42 -12.20
CA PHE G 64 10.23 28.12 -11.48
C PHE G 64 10.54 26.62 -11.34
N GLU G 65 9.66 25.75 -11.83
CA GLU G 65 10.04 24.37 -12.18
C GLU G 65 11.33 24.36 -13.03
N GLY G 66 12.17 23.36 -12.82
CA GLY G 66 13.51 23.30 -13.39
C GLY G 66 14.55 24.20 -12.69
N ARG G 67 14.18 25.44 -12.34
CA ARG G 67 15.15 26.46 -11.91
C ARG G 67 15.35 26.52 -10.39
N ALA G 68 14.36 26.08 -9.63
CA ALA G 68 14.46 25.93 -8.19
C ALA G 68 14.46 24.47 -7.75
N THR G 69 14.95 24.23 -6.53
CA THR G 69 14.85 22.94 -5.82
C THR G 69 14.77 23.22 -4.33
N LEU G 70 13.68 22.77 -3.70
CA LEU G 70 13.41 23.00 -2.28
C LEU G 70 13.73 21.74 -1.48
N THR G 71 14.41 21.93 -0.35
CA THR G 71 14.88 20.84 0.51
C THR G 71 14.75 21.24 1.98
N VAL G 72 14.77 20.24 2.85
CA VAL G 72 14.58 20.41 4.30
C VAL G 72 15.55 19.50 5.04
N GLY G 73 16.16 20.04 6.09
CA GLY G 73 16.99 19.32 7.05
C GLY G 73 16.28 19.33 8.40
N LYS G 74 15.40 18.33 8.60
CA LYS G 74 14.54 18.21 9.80
C LYS G 74 15.33 18.36 11.10
N SER G 75 16.44 17.64 11.26
CA SER G 75 17.29 17.73 12.45
C SER G 75 18.14 19.01 12.58
N SER G 76 17.92 20.02 11.74
CA SER G 76 18.46 21.36 11.91
C SER G 76 17.36 22.43 11.86
N SER G 77 16.08 22.00 11.83
CA SER G 77 14.88 22.81 11.56
C SER G 77 15.10 23.91 10.52
N THR G 78 15.71 23.53 9.40
CA THR G 78 16.18 24.46 8.36
C THR G 78 15.64 24.04 7.02
N ALA G 79 14.97 24.94 6.31
CA ALA G 79 14.70 24.78 4.89
C ALA G 79 15.76 25.52 4.08
N TYR G 80 15.89 25.07 2.83
CA TYR G 80 16.90 25.47 1.86
C TYR G 80 16.29 25.57 0.48
N MET G 81 16.56 26.67 -0.22
CA MET G 81 16.18 26.84 -1.63
C MET G 81 17.44 27.00 -2.50
N GLU G 82 17.64 26.08 -3.42
CA GLU G 82 18.63 26.19 -4.48
C GLU G 82 18.02 26.78 -5.74
N LEU G 83 18.79 27.64 -6.42
CA LEU G 83 18.37 28.39 -7.58
C LEU G 83 19.52 28.43 -8.59
N ARG G 84 19.25 27.89 -9.78
CA ARG G 84 20.29 27.43 -10.72
C ARG G 84 20.20 28.19 -12.02
N SER G 85 21.30 28.23 -12.78
CA SER G 85 21.40 28.96 -14.04
C SER G 85 20.93 30.42 -13.91
N LEU G 86 21.48 31.12 -12.92
CA LEU G 86 21.02 32.45 -12.53
C LEU G 86 21.29 33.49 -13.62
N THR G 87 20.36 34.41 -13.75
CA THR G 87 20.26 35.44 -14.79
C THR G 87 20.04 36.79 -14.12
N SER G 88 20.18 37.90 -14.85
CA SER G 88 19.84 39.20 -14.27
C SER G 88 18.41 39.25 -13.71
N GLU G 89 17.40 38.64 -14.38
CA GLU G 89 16.01 38.61 -13.88
C GLU G 89 15.89 37.99 -12.48
N ASP G 90 16.78 37.05 -12.14
CA ASP G 90 16.76 36.42 -10.82
C ASP G 90 17.00 37.39 -9.66
N SER G 91 17.66 38.52 -9.91
CA SER G 91 17.95 39.53 -8.89
C SER G 91 16.67 40.03 -8.20
N ALA G 92 16.57 39.74 -6.91
CA ALA G 92 15.35 39.90 -6.12
C ALA G 92 15.59 39.68 -4.63
N VAL G 93 14.62 40.00 -3.78
CA VAL G 93 14.49 39.29 -2.50
C VAL G 93 13.86 37.94 -2.70
N TYR G 94 14.22 36.96 -1.87
CA TYR G 94 13.50 35.68 -1.70
C TYR G 94 13.10 35.54 -0.24
N TYR G 95 11.93 34.95 0.00
CA TYR G 95 11.26 34.93 1.30
C TYR G 95 10.66 33.59 1.72
N CYS G 96 11.30 32.86 2.62
CA CYS G 96 10.66 31.67 3.16
C CYS G 96 9.48 31.96 4.11
N ALA G 97 8.44 31.13 4.07
CA ALA G 97 7.19 31.45 4.75
C ALA G 97 6.31 30.33 5.31
N ARG G 98 6.05 30.40 6.61
CA ARG G 98 5.17 29.48 7.32
C ARG G 98 3.72 29.65 6.84
N SER G 99 3.20 28.61 6.22
CA SER G 99 1.78 28.27 6.24
C SER G 99 1.36 28.12 7.69
N PRO G 100 0.35 28.86 8.18
CA PRO G 100 -0.29 28.51 9.44
C PRO G 100 -1.27 27.36 9.19
N MET G 101 -2.08 27.13 10.23
CA MET G 101 -3.22 26.23 10.22
C MET G 101 -2.86 24.79 9.88
N TYR G 102 -3.84 23.91 9.97
CA TYR G 102 -3.67 22.57 9.44
C TYR G 102 -5.01 21.86 9.21
N PHE G 103 -5.68 22.22 8.12
CA PHE G 103 -6.61 21.31 7.48
C PHE G 103 -6.05 20.60 6.24
N TYR G 104 -6.42 19.34 6.03
CA TYR G 104 -5.87 18.55 4.92
C TYR G 104 -6.26 19.05 3.54
N TYR G 105 -7.41 19.72 3.47
CA TYR G 105 -7.86 20.51 2.34
C TYR G 105 -8.20 21.93 2.80
N ASP G 106 -7.41 22.46 3.73
CA ASP G 106 -7.47 23.88 4.11
C ASP G 106 -7.36 24.73 2.85
N GLY G 107 -6.35 24.38 2.04
CA GLY G 107 -5.76 25.28 1.07
C GLY G 107 -5.56 26.68 1.64
N SER G 108 -5.31 26.76 2.97
CA SER G 108 -5.25 27.99 3.76
C SER G 108 -4.51 29.06 2.99
N TYR G 109 -3.40 28.60 2.39
CA TYR G 109 -2.43 29.31 1.59
C TYR G 109 -1.90 30.61 2.19
N TYR G 110 -2.33 30.92 3.40
CA TYR G 110 -1.86 32.04 4.16
C TYR G 110 -0.36 31.90 4.42
N PHE G 111 0.25 33.05 4.64
CA PHE G 111 1.67 33.21 4.86
C PHE G 111 1.79 33.92 6.21
N ASP G 112 1.54 33.22 7.31
CA ASP G 112 1.32 33.89 8.60
C ASP G 112 2.58 34.44 9.25
N TYR G 113 3.72 33.81 8.97
CA TYR G 113 5.04 34.28 9.38
C TYR G 113 6.01 34.27 8.21
N TRP G 114 6.73 35.38 8.07
CA TRP G 114 7.66 35.66 7.00
C TRP G 114 9.07 35.81 7.54
N GLY G 115 10.06 35.29 6.81
CA GLY G 115 11.45 35.61 7.11
C GLY G 115 11.82 37.07 6.81
N GLN G 116 13.03 37.46 7.19
CA GLN G 116 13.61 38.79 6.96
C GLN G 116 13.83 39.14 5.48
N GLY G 117 13.84 38.13 4.62
CA GLY G 117 14.18 38.18 3.22
C GLY G 117 15.69 38.17 2.96
N THR G 118 16.06 37.58 1.82
CA THR G 118 17.46 37.44 1.40
C THR G 118 17.63 38.08 0.04
N SER G 119 18.49 39.11 -0.04
CA SER G 119 18.73 39.85 -1.27
C SER G 119 19.82 39.17 -2.12
N LEU G 120 19.38 38.63 -3.25
CA LEU G 120 20.21 38.13 -4.33
C LEU G 120 20.44 39.21 -5.38
N SER G 121 21.70 39.42 -5.76
CA SER G 121 22.05 40.23 -6.93
C SER G 121 22.99 39.47 -7.87
N VAL G 122 22.63 39.44 -9.15
CA VAL G 122 23.20 38.68 -10.24
C VAL G 122 23.84 39.62 -11.22
N SER G 123 25.17 39.68 -11.20
CA SER G 123 25.88 40.61 -12.07
C SER G 123 27.24 40.10 -12.50
N SER G 124 27.52 40.17 -13.80
CA SER G 124 28.83 39.80 -14.30
C SER G 124 29.75 41.03 -14.37
N ALA G 125 29.13 42.21 -14.27
CA ALA G 125 29.83 43.49 -14.21
C ALA G 125 30.84 43.54 -13.07
N LYS G 126 32.01 44.10 -13.34
CA LYS G 126 33.06 44.16 -12.34
C LYS G 126 32.96 45.47 -11.57
N THR G 127 33.56 45.48 -10.39
CA THR G 127 33.56 46.67 -9.55
C THR G 127 34.09 47.85 -10.35
N THR G 128 33.30 48.92 -10.41
CA THR G 128 33.60 50.07 -11.25
C THR G 128 33.21 51.33 -10.49
N ALA G 129 34.17 52.22 -10.28
CA ALA G 129 33.89 53.49 -9.63
C ALA G 129 33.07 54.38 -10.56
N PRO G 130 32.18 55.21 -10.02
CA PRO G 130 31.35 56.06 -10.88
C PRO G 130 32.13 57.20 -11.50
N SER G 131 31.66 57.63 -12.67
CA SER G 131 31.99 58.94 -13.19
C SER G 131 31.00 59.93 -12.59
N VAL G 132 31.51 61.05 -12.09
CA VAL G 132 30.68 62.02 -11.38
C VAL G 132 30.77 63.34 -12.12
N TYR G 133 29.61 63.84 -12.57
CA TYR G 133 29.59 65.01 -13.44
C TYR G 133 28.81 66.13 -12.76
N PRO G 134 29.40 67.29 -12.58
CA PRO G 134 28.65 68.44 -12.06
C PRO G 134 27.74 69.01 -13.15
N LEU G 135 26.50 69.35 -12.78
CA LEU G 135 25.54 69.91 -13.74
C LEU G 135 25.17 71.33 -13.31
N ALA G 136 25.80 72.30 -13.97
CA ALA G 136 25.46 73.68 -13.76
C ALA G 136 24.26 74.04 -14.63
N PRO G 137 23.55 75.11 -14.31
CA PRO G 137 22.41 75.53 -15.13
C PRO G 137 22.85 75.85 -16.55
N VAL G 138 21.86 75.98 -17.43
CA VAL G 138 22.10 76.43 -18.80
C VAL G 138 22.97 77.68 -18.80
N CYS G 139 23.82 77.79 -19.81
CA CYS G 139 24.75 78.92 -19.90
C CYS G 139 23.98 80.23 -19.90
N GLY G 140 24.43 81.17 -19.07
CA GLY G 140 23.74 82.42 -18.90
C GLY G 140 22.74 82.42 -17.77
N GLY G 141 22.55 81.28 -17.11
CA GLY G 141 21.71 81.22 -15.94
C GLY G 141 20.23 81.19 -16.24
N THR G 142 19.46 81.10 -15.17
CA THR G 142 18.02 80.99 -15.24
C THR G 142 17.38 82.19 -14.58
N THR G 143 16.13 82.46 -14.95
CA THR G 143 15.38 83.48 -14.24
C THR G 143 14.81 82.89 -12.95
N GLY G 144 14.43 83.77 -12.04
CA GLY G 144 13.77 83.34 -10.83
C GLY G 144 14.67 83.45 -9.60
N SER G 145 14.02 83.34 -8.46
CA SER G 145 14.65 83.58 -7.17
C SER G 145 15.36 82.37 -6.61
N SER G 146 15.15 81.19 -7.20
CA SER G 146 15.88 80.01 -6.82
C SER G 146 16.58 79.41 -8.02
N VAL G 147 17.56 78.57 -7.75
CA VAL G 147 18.37 77.96 -8.80
C VAL G 147 18.54 76.49 -8.46
N THR G 148 18.53 75.64 -9.49
CA THR G 148 18.65 74.20 -9.31
C THR G 148 19.95 73.75 -9.98
N LEU G 149 20.73 72.97 -9.24
CA LEU G 149 21.97 72.37 -9.70
C LEU G 149 21.81 70.86 -9.68
N GLY G 150 22.68 70.17 -10.43
CA GLY G 150 22.57 68.74 -10.54
C GLY G 150 23.92 68.07 -10.42
N CYS G 151 23.87 66.76 -10.19
CA CYS G 151 25.05 65.93 -10.14
C CYS G 151 24.65 64.60 -10.75
N LEU G 152 25.39 64.17 -11.76
CA LEU G 152 25.11 62.95 -12.50
C LEU G 152 26.19 61.92 -12.17
N VAL G 153 25.76 60.74 -11.74
CA VAL G 153 26.68 59.70 -11.27
C VAL G 153 26.47 58.51 -12.19
N LYS G 154 27.46 58.23 -13.03
CA LYS G 154 27.22 57.31 -14.14
C LYS G 154 28.23 56.17 -14.15
N GLY G 155 27.74 54.96 -14.44
CA GLY G 155 28.62 53.85 -14.75
C GLY G 155 29.30 53.16 -13.58
N TYR G 156 28.60 52.93 -12.47
CA TYR G 156 29.22 52.29 -11.32
C TYR G 156 28.62 50.92 -11.04
N PHE G 157 29.41 50.10 -10.35
CA PHE G 157 28.95 48.81 -9.87
C PHE G 157 29.85 48.39 -8.72
N PRO G 158 29.29 47.78 -7.66
CA PRO G 158 27.86 47.55 -7.35
C PRO G 158 27.23 48.78 -6.69
N GLU G 159 25.93 48.70 -6.41
CA GLU G 159 25.31 49.64 -5.49
C GLU G 159 25.85 49.33 -4.11
N PRO G 160 25.82 50.32 -3.19
CA PRO G 160 25.31 51.68 -3.36
C PRO G 160 26.42 52.71 -3.54
N VAL G 161 26.02 53.92 -3.88
CA VAL G 161 26.83 55.10 -3.66
C VAL G 161 26.15 55.92 -2.57
N THR G 162 26.91 56.81 -1.96
CA THR G 162 26.36 57.82 -1.05
C THR G 162 26.67 59.18 -1.65
N LEU G 163 25.63 59.90 -2.04
CA LEU G 163 25.76 61.24 -2.59
C LEU G 163 25.35 62.26 -1.54
N THR G 164 26.18 63.28 -1.35
CA THR G 164 25.86 64.39 -0.48
C THR G 164 26.15 65.68 -1.22
N TRP G 165 25.65 66.78 -0.65
CA TRP G 165 25.95 68.11 -1.12
C TRP G 165 26.60 68.90 0.00
N ASN G 166 27.71 69.56 -0.32
CA ASN G 166 28.51 70.26 0.68
C ASN G 166 28.76 69.40 1.92
N SER G 167 29.15 68.15 1.67
CA SER G 167 29.54 67.21 2.73
C SER G 167 28.40 66.95 3.72
N GLY G 168 27.15 67.05 3.24
CA GLY G 168 25.97 66.84 4.06
C GLY G 168 25.43 68.07 4.72
N SER G 169 26.13 69.21 4.64
CA SER G 169 25.62 70.43 5.24
C SER G 169 24.50 71.05 4.43
N LEU G 170 24.37 70.68 3.16
CA LEU G 170 23.27 71.10 2.32
C LEU G 170 22.41 69.86 2.12
N SER G 171 21.32 69.77 2.90
CA SER G 171 20.45 68.60 2.87
C SER G 171 19.01 68.94 2.49
N SER G 172 18.56 70.17 2.73
CA SER G 172 17.23 70.57 2.32
C SER G 172 17.23 70.88 0.83
N GLY G 173 16.07 70.73 0.21
CA GLY G 173 15.96 71.06 -1.20
C GLY G 173 16.64 70.09 -2.13
N VAL G 174 16.98 68.88 -1.66
CA VAL G 174 17.70 67.88 -2.44
C VAL G 174 16.74 66.81 -2.89
N HIS G 175 16.91 66.34 -4.13
CA HIS G 175 16.23 65.14 -4.61
C HIS G 175 17.28 64.22 -5.20
N THR G 176 17.46 63.05 -4.58
CA THR G 176 18.40 62.06 -5.09
C THR G 176 17.61 60.86 -5.60
N PHE G 177 17.76 60.58 -6.85
CA PHE G 177 16.87 59.64 -7.52
C PHE G 177 17.40 58.22 -7.45
N PRO G 178 16.50 57.23 -7.45
CA PRO G 178 16.94 55.84 -7.43
C PRO G 178 17.79 55.53 -8.65
N ALA G 179 18.80 54.69 -8.43
CA ALA G 179 19.68 54.27 -9.50
C ALA G 179 18.96 53.34 -10.48
N LEU G 180 19.35 53.43 -11.74
CA LEU G 180 18.86 52.52 -12.78
C LEU G 180 20.04 51.90 -13.51
N LEU G 181 19.82 50.71 -14.06
CA LEU G 181 20.85 50.05 -14.83
C LEU G 181 20.93 50.62 -16.24
N GLN G 182 22.15 50.76 -16.73
CA GLN G 182 22.42 51.29 -18.06
C GLN G 182 23.57 50.43 -18.59
N SER G 183 23.24 49.41 -19.38
CA SER G 183 24.23 48.48 -19.93
C SER G 183 25.06 47.81 -18.83
N GLY G 184 24.37 47.34 -17.80
CA GLY G 184 25.03 46.61 -16.73
C GLY G 184 25.65 47.47 -15.64
N LEU G 185 25.65 48.78 -15.79
CA LEU G 185 26.19 49.67 -14.76
C LEU G 185 25.12 50.62 -14.29
N TYR G 186 25.24 51.05 -13.05
CA TYR G 186 24.24 51.91 -12.44
C TYR G 186 24.50 53.38 -12.73
N THR G 187 23.41 54.14 -12.82
CA THR G 187 23.45 55.58 -12.96
C THR G 187 22.39 56.17 -12.05
N LEU G 188 22.73 57.26 -11.37
CA LEU G 188 21.73 58.03 -10.67
C LEU G 188 22.08 59.50 -10.81
N SER G 189 21.15 60.34 -10.38
CA SER G 189 21.43 61.76 -10.36
C SER G 189 20.79 62.36 -9.12
N SER G 190 21.21 63.58 -8.82
CA SER G 190 20.65 64.33 -7.71
C SER G 190 20.54 65.78 -8.10
N SER G 191 19.48 66.43 -7.63
CA SER G 191 19.30 67.86 -7.79
C SER G 191 19.31 68.52 -6.42
N VAL G 192 19.79 69.76 -6.39
CA VAL G 192 19.67 70.59 -5.20
C VAL G 192 19.16 71.96 -5.63
N THR G 193 18.23 72.51 -4.86
CA THR G 193 17.65 73.81 -5.15
C THR G 193 17.94 74.74 -3.99
N VAL G 194 18.49 75.91 -4.30
CA VAL G 194 18.84 76.91 -3.30
C VAL G 194 18.34 78.25 -3.80
N THR G 195 18.21 79.21 -2.88
CA THR G 195 17.90 80.56 -3.33
C THR G 195 19.09 81.15 -4.10
N SER G 196 18.78 82.00 -5.09
CA SER G 196 19.80 82.42 -6.05
C SER G 196 20.88 83.31 -5.45
N ASN G 197 20.64 83.90 -4.27
CA ASN G 197 21.67 84.64 -3.56
C ASN G 197 22.77 83.74 -3.00
N THR G 198 22.52 82.43 -2.95
CA THR G 198 23.43 81.46 -2.33
C THR G 198 24.45 80.93 -3.33
N TRP G 199 24.10 80.85 -4.61
CA TRP G 199 24.96 80.26 -5.63
C TRP G 199 24.85 81.08 -6.92
N PRO G 200 25.98 81.35 -7.59
CA PRO G 200 27.33 80.82 -7.35
C PRO G 200 28.18 81.60 -6.36
N SER G 201 27.61 82.59 -5.67
CA SER G 201 28.43 83.38 -4.76
C SER G 201 29.03 82.54 -3.63
N GLN G 202 28.35 81.47 -3.23
CA GLN G 202 28.90 80.50 -2.31
C GLN G 202 29.00 79.15 -3.01
N THR G 203 29.97 78.35 -2.59
CA THR G 203 30.25 77.13 -3.33
C THR G 203 29.26 76.04 -3.00
N ILE G 204 28.92 75.25 -4.01
CA ILE G 204 28.14 74.03 -3.83
C ILE G 204 28.90 72.90 -4.54
N THR G 205 29.11 71.81 -3.82
CA THR G 205 29.91 70.70 -4.32
C THR G 205 29.12 69.42 -4.09
N CYS G 206 29.06 68.57 -5.10
CA CYS G 206 28.53 67.23 -4.98
C CYS G 206 29.64 66.28 -4.52
N ASN G 207 29.37 65.45 -3.52
CA ASN G 207 30.33 64.46 -3.03
C ASN G 207 29.72 63.09 -3.25
N VAL G 208 30.50 62.18 -3.83
CA VAL G 208 30.01 60.84 -4.12
C VAL G 208 31.00 59.81 -3.59
N ALA G 209 30.55 59.02 -2.62
CA ALA G 209 31.35 57.94 -2.07
C ALA G 209 30.86 56.64 -2.68
N HIS G 210 31.80 55.79 -3.11
CA HIS G 210 31.47 54.46 -3.62
C HIS G 210 32.27 53.46 -2.81
N PRO G 211 31.68 52.89 -1.75
CA PRO G 211 32.46 52.03 -0.83
C PRO G 211 33.19 50.88 -1.52
N ALA G 212 32.55 50.26 -2.52
CA ALA G 212 33.12 49.05 -3.12
C ALA G 212 34.43 49.33 -3.84
N SER G 213 34.59 50.52 -4.41
CA SER G 213 35.84 50.90 -5.03
C SER G 213 36.71 51.77 -4.12
N SER G 214 36.24 52.02 -2.88
CA SER G 214 36.97 52.84 -1.91
C SER G 214 37.21 54.27 -2.41
N THR G 215 36.30 54.78 -3.24
CA THR G 215 36.49 56.10 -3.84
C THR G 215 35.56 57.12 -3.20
N LYS G 216 36.02 58.36 -3.21
CA LYS G 216 35.25 59.50 -2.75
C LYS G 216 35.64 60.67 -3.64
N VAL G 217 34.69 61.21 -4.40
CA VAL G 217 34.98 62.23 -5.38
C VAL G 217 34.13 63.47 -5.08
N ASP G 218 34.73 64.64 -5.24
CA ASP G 218 34.06 65.91 -5.07
C ASP G 218 34.04 66.64 -6.41
N LYS G 219 32.89 67.17 -6.79
CA LYS G 219 32.76 67.99 -7.98
C LYS G 219 32.06 69.30 -7.62
N LYS G 220 32.81 70.39 -7.67
CA LYS G 220 32.22 71.71 -7.45
C LYS G 220 31.39 72.11 -8.66
N ILE G 221 30.20 72.67 -8.43
CA ILE G 221 29.38 73.12 -9.55
C ILE G 221 29.86 74.50 -9.97
N GLU G 222 30.27 74.64 -11.23
CA GLU G 222 30.82 75.89 -11.75
C GLU G 222 29.94 76.42 -12.88
N PRO G 223 29.55 77.69 -12.85
CA PRO G 223 28.76 78.24 -13.95
C PRO G 223 29.38 77.95 -15.30
N ARG G 224 28.52 77.64 -16.26
CA ARG G 224 28.97 77.42 -17.62
C ARG G 224 29.40 78.75 -18.26
N VAL G 225 30.27 78.64 -19.24
CA VAL G 225 30.73 79.80 -20.01
C VAL G 225 30.52 79.50 -21.48
N PRO G 226 30.54 80.53 -22.33
CA PRO G 226 30.34 80.30 -23.77
C PRO G 226 31.46 79.47 -24.37
N ILE G 227 31.22 79.00 -25.59
CA ILE G 227 32.22 78.24 -26.34
C ILE G 227 33.41 79.11 -26.74
N ASP H 1 -4.35 25.99 -12.48
CA ASP H 1 -3.96 27.39 -12.38
C ASP H 1 -5.08 28.26 -11.79
N ILE H 2 -4.70 29.37 -11.17
CA ILE H 2 -5.61 30.39 -10.65
C ILE H 2 -4.92 31.74 -10.83
N VAL H 3 -5.64 32.74 -11.33
CA VAL H 3 -5.07 33.99 -11.85
C VAL H 3 -5.72 35.18 -11.15
N LEU H 4 -4.93 35.75 -10.25
CA LEU H 4 -5.33 36.63 -9.16
C LEU H 4 -5.30 38.09 -9.61
N THR H 5 -6.44 38.77 -9.72
CA THR H 5 -6.45 40.03 -10.51
C THR H 5 -6.84 41.14 -9.56
N GLN H 6 -5.80 41.85 -9.10
CA GLN H 6 -6.01 42.95 -8.20
C GLN H 6 -6.18 44.25 -8.98
N SER H 7 -6.94 45.14 -8.33
CA SER H 7 -7.52 46.26 -9.03
C SER H 7 -7.84 47.49 -8.07
N PRO H 8 -7.40 48.81 -8.12
CA PRO H 8 -6.41 49.68 -8.89
C PRO H 8 -4.98 49.19 -8.61
N ALA H 9 -4.08 49.34 -9.60
CA ALA H 9 -2.65 49.06 -9.41
C ALA H 9 -2.00 49.99 -8.36
N SER H 10 -2.48 51.24 -8.33
CA SER H 10 -2.20 52.17 -7.25
C SER H 10 -3.43 53.01 -6.93
N LEU H 11 -3.68 53.17 -5.64
CA LEU H 11 -4.66 54.08 -5.09
C LEU H 11 -3.91 55.10 -4.22
N ALA H 12 -4.39 56.35 -4.37
CA ALA H 12 -4.10 57.51 -3.55
C ALA H 12 -5.40 57.99 -2.89
N VAL H 13 -5.35 58.24 -1.58
CA VAL H 13 -6.54 58.38 -0.73
C VAL H 13 -6.24 59.27 0.46
N SER H 14 -7.13 60.22 0.75
CA SER H 14 -6.96 61.21 1.82
C SER H 14 -7.16 60.56 3.20
N LEU H 15 -6.49 61.06 4.24
CA LEU H 15 -6.71 60.56 5.60
C LEU H 15 -8.18 60.74 6.06
N GLY H 16 -8.69 59.73 6.76
CA GLY H 16 -10.09 59.60 7.14
C GLY H 16 -11.02 59.11 6.03
N GLN H 17 -10.56 59.08 4.77
CA GLN H 17 -11.30 58.52 3.65
C GLN H 17 -11.20 57.00 3.62
N ARG H 18 -12.06 56.36 2.84
CA ARG H 18 -12.25 54.91 2.81
C ARG H 18 -11.70 54.32 1.52
N ALA H 19 -10.64 53.54 1.63
CA ALA H 19 -10.10 52.79 0.50
C ALA H 19 -10.86 51.48 0.31
N THR H 20 -10.90 51.02 -0.95
CA THR H 20 -11.40 49.70 -1.32
C THR H 20 -10.60 49.17 -2.50
N ILE H 21 -10.22 47.89 -2.37
CA ILE H 21 -9.16 47.24 -3.12
C ILE H 21 -9.69 45.89 -3.54
N SER H 22 -9.83 45.67 -4.84
CA SER H 22 -10.48 44.46 -5.39
C SER H 22 -9.44 43.45 -5.88
N TYR H 23 -9.94 42.26 -6.13
CA TYR H 23 -9.27 41.00 -6.31
C TYR H 23 -10.23 40.10 -7.12
N ARG H 24 -9.82 39.51 -8.24
CA ARG H 24 -10.75 38.71 -9.05
C ARG H 24 -10.12 37.38 -9.45
N ALA H 25 -10.75 36.26 -9.12
CA ALA H 25 -10.01 35.01 -8.93
C ALA H 25 -9.66 34.19 -10.18
N SER H 26 -10.34 34.40 -11.31
CA SER H 26 -10.41 33.48 -12.45
C SER H 26 -11.16 32.17 -12.16
N LYS H 27 -10.83 31.45 -11.08
CA LYS H 27 -11.43 30.18 -10.64
C LYS H 27 -11.86 30.29 -9.18
N SER H 28 -13.07 29.81 -8.88
CA SER H 28 -13.74 29.94 -7.58
C SER H 28 -13.00 29.27 -6.43
N VAL H 29 -12.20 30.03 -5.68
CA VAL H 29 -11.35 29.60 -4.54
C VAL H 29 -12.11 29.21 -3.27
N SER H 30 -13.34 28.74 -3.44
CA SER H 30 -14.23 28.39 -2.34
C SER H 30 -14.32 26.88 -2.22
N THR H 31 -14.11 26.39 -1.00
CA THR H 31 -14.05 24.96 -0.69
C THR H 31 -14.85 24.73 0.58
N SER H 32 -15.84 23.84 0.52
CA SER H 32 -16.64 23.41 1.68
C SER H 32 -17.47 24.51 2.38
N GLY H 33 -17.58 25.70 1.79
CA GLY H 33 -18.23 26.89 2.37
C GLY H 33 -17.24 28.01 2.71
N TYR H 34 -15.99 27.65 2.96
CA TYR H 34 -14.91 28.61 3.15
C TYR H 34 -14.50 29.25 1.82
N SER H 35 -13.72 30.32 1.88
CA SER H 35 -12.99 30.83 0.73
C SER H 35 -11.56 31.13 1.16
N TYR H 36 -10.59 30.75 0.34
CA TYR H 36 -9.17 30.68 0.76
C TYR H 36 -8.37 31.82 0.10
N MET H 37 -8.72 33.02 0.52
CA MET H 37 -8.14 34.27 0.03
C MET H 37 -7.50 35.04 1.20
N HIS H 38 -6.45 35.81 0.89
CA HIS H 38 -5.44 36.20 1.87
C HIS H 38 -4.79 37.57 1.59
N TRP H 39 -5.21 38.55 2.38
CA TRP H 39 -4.82 39.95 2.24
C TRP H 39 -3.63 40.33 3.12
N ASN H 40 -2.66 41.04 2.51
CA ASN H 40 -1.27 41.10 2.97
C ASN H 40 -0.66 42.50 2.75
N GLN H 41 -0.44 43.19 3.86
CA GLN H 41 0.28 44.46 3.83
C GLN H 41 1.73 44.24 3.39
N GLN H 42 2.40 45.21 2.76
CA GLN H 42 3.85 45.20 2.84
C GLN H 42 4.39 46.63 2.75
N LYS H 43 5.02 47.08 3.85
CA LYS H 43 5.79 48.31 3.87
C LYS H 43 7.11 48.14 3.09
N PRO H 44 7.56 49.16 2.35
CA PRO H 44 8.91 49.15 1.80
C PRO H 44 9.91 49.06 2.96
N GLY H 45 10.84 48.10 2.87
CA GLY H 45 11.80 47.82 3.94
C GLY H 45 11.34 46.80 4.98
N GLN H 46 10.16 46.18 4.83
CA GLN H 46 9.68 45.13 5.73
C GLN H 46 9.17 43.92 4.96
N PRO H 47 9.16 42.72 5.56
CA PRO H 47 8.40 41.59 5.06
C PRO H 47 6.90 41.87 4.93
N PRO H 48 6.15 41.03 4.19
CA PRO H 48 4.72 41.08 4.23
C PRO H 48 4.16 40.74 5.61
N ARG H 49 3.05 41.39 5.96
CA ARG H 49 2.27 41.06 7.16
C ARG H 49 0.92 40.49 6.75
N LEU H 50 0.48 39.44 7.44
CA LEU H 50 -0.88 38.94 7.30
C LEU H 50 -1.88 39.92 7.93
N LEU H 51 -2.85 40.35 7.11
CA LEU H 51 -3.98 41.15 7.56
C LEU H 51 -5.25 40.32 7.73
N ILE H 52 -5.65 39.62 6.66
CA ILE H 52 -6.97 38.95 6.63
C ILE H 52 -6.93 37.61 5.92
N TYR H 53 -7.12 36.56 6.73
CA TYR H 53 -7.17 35.15 6.32
C TYR H 53 -8.58 34.68 6.02
N LEU H 54 -8.70 33.74 5.09
CA LEU H 54 -9.98 33.07 4.81
C LEU H 54 -11.08 34.09 4.45
N VAL H 55 -10.64 35.10 3.70
CA VAL H 55 -11.37 36.25 3.12
C VAL H 55 -11.89 37.32 4.07
N SER H 56 -12.18 36.98 5.32
CA SER H 56 -12.88 37.86 6.25
C SER H 56 -12.41 37.76 7.70
N ASN H 57 -11.40 36.94 8.01
CA ASN H 57 -10.92 36.71 9.37
C ASN H 57 -9.69 37.56 9.67
N LEU H 58 -9.95 38.66 10.39
CA LEU H 58 -8.97 39.63 10.86
C LEU H 58 -7.93 38.98 11.77
N GLU H 59 -6.68 38.94 11.33
CA GLU H 59 -5.59 38.33 12.09
C GLU H 59 -5.32 39.09 13.40
N SER H 60 -4.79 38.35 14.36
CA SER H 60 -4.32 38.82 15.65
C SER H 60 -3.47 40.08 15.55
N GLY H 61 -3.88 41.12 16.28
CA GLY H 61 -3.16 42.38 16.31
C GLY H 61 -3.30 43.24 15.05
N VAL H 62 -4.24 42.94 14.16
CA VAL H 62 -4.56 43.81 13.03
C VAL H 62 -5.73 44.73 13.40
N PRO H 63 -5.64 46.05 13.17
CA PRO H 63 -6.67 46.97 13.62
C PRO H 63 -7.98 46.85 12.82
N ALA H 64 -9.11 46.90 13.52
CA ALA H 64 -10.47 46.76 12.97
C ALA H 64 -10.90 47.79 11.90
N ARG H 65 -10.01 48.72 11.51
CA ARG H 65 -10.16 49.50 10.27
C ARG H 65 -10.07 48.65 9.02
N PHE H 66 -9.30 47.57 9.05
CA PHE H 66 -9.23 46.56 8.01
C PHE H 66 -10.43 45.62 8.10
N SER H 67 -11.02 45.32 6.95
CA SER H 67 -12.12 44.37 6.83
C SER H 67 -12.13 43.73 5.45
N GLY H 68 -12.36 42.43 5.39
CA GLY H 68 -12.34 41.66 4.15
C GLY H 68 -13.69 41.01 3.93
N SER H 69 -14.16 41.04 2.69
CA SER H 69 -15.37 40.33 2.31
C SER H 69 -15.46 40.06 0.82
N GLY H 70 -16.12 38.97 0.51
CA GLY H 70 -16.30 38.49 -0.85
C GLY H 70 -16.79 37.06 -0.85
N SER H 71 -16.93 36.49 -2.04
CA SER H 71 -17.23 35.07 -2.18
C SER H 71 -16.87 34.60 -3.58
N GLY H 72 -16.62 33.30 -3.70
CA GLY H 72 -16.42 32.64 -4.98
C GLY H 72 -15.16 33.05 -5.71
N THR H 73 -15.31 34.06 -6.58
CA THR H 73 -14.22 34.68 -7.34
C THR H 73 -13.86 36.06 -6.82
N ASP H 74 -14.81 36.80 -6.23
CA ASP H 74 -14.68 38.25 -6.14
C ASP H 74 -14.57 38.65 -4.69
N PHE H 75 -13.41 39.25 -4.37
CA PHE H 75 -13.08 39.64 -3.01
C PHE H 75 -12.54 41.06 -2.97
N THR H 76 -12.80 41.68 -1.81
CA THR H 76 -12.54 43.08 -1.49
C THR H 76 -11.92 43.22 -0.11
N LEU H 77 -10.83 43.96 -0.06
CA LEU H 77 -10.29 44.56 1.16
C LEU H 77 -10.80 46.00 1.25
N ASN H 78 -11.15 46.38 2.46
CA ASN H 78 -11.73 47.64 2.82
C ASN H 78 -10.88 48.20 3.95
N ILE H 79 -10.52 49.48 3.85
CA ILE H 79 -9.78 50.17 4.90
C ILE H 79 -10.57 51.43 5.23
N HIS H 80 -11.12 51.51 6.44
CA HIS H 80 -12.32 52.31 6.67
C HIS H 80 -12.07 53.79 6.95
N PRO H 81 -11.52 54.24 8.10
CA PRO H 81 -10.67 55.43 8.12
C PRO H 81 -9.26 54.99 7.73
N VAL H 82 -8.74 55.46 6.60
CA VAL H 82 -7.29 55.34 6.38
C VAL H 82 -6.52 56.28 7.30
N GLU H 83 -5.42 55.79 7.86
CA GLU H 83 -4.42 56.57 8.58
C GLU H 83 -3.05 56.52 7.87
N GLU H 84 -2.09 57.41 8.20
CA GLU H 84 -0.84 57.42 7.42
C GLU H 84 -0.06 56.09 7.51
N GLU H 85 -0.16 55.40 8.67
CA GLU H 85 0.36 54.06 8.89
C GLU H 85 -0.10 53.02 7.84
N ASP H 86 -1.27 53.21 7.20
CA ASP H 86 -1.73 52.31 6.14
C ASP H 86 -0.87 52.28 4.87
N ALA H 87 -0.04 53.31 4.62
CA ALA H 87 0.60 53.48 3.31
C ALA H 87 1.59 52.33 2.98
N ALA H 88 1.22 51.47 2.01
CA ALA H 88 1.88 50.18 1.77
C ALA H 88 1.34 49.47 0.52
N THR H 89 1.98 48.39 0.03
CA THR H 89 1.26 47.46 -0.88
C THR H 89 0.35 46.49 -0.08
N TYR H 90 -0.44 45.61 -0.72
CA TYR H 90 -1.61 44.99 -0.08
C TYR H 90 -2.01 43.53 -0.45
N TYR H 91 -1.23 42.85 -1.30
CA TYR H 91 -1.57 41.62 -2.06
C TYR H 91 -2.48 40.50 -1.45
N CYS H 92 -3.16 39.72 -2.31
CA CYS H 92 -4.43 39.03 -2.02
C CYS H 92 -4.37 37.47 -2.06
N GLN H 93 -3.26 36.87 -2.48
CA GLN H 93 -2.91 35.44 -2.34
C GLN H 93 -4.03 34.40 -2.03
N HIS H 94 -4.29 33.48 -2.97
CA HIS H 94 -5.12 32.32 -2.70
C HIS H 94 -4.29 31.22 -2.05
N ILE H 95 -4.96 30.36 -1.31
CA ILE H 95 -4.38 29.19 -0.63
C ILE H 95 -5.14 27.96 -1.14
N ARG H 96 -4.97 27.72 -2.45
CA ARG H 96 -5.41 26.51 -3.16
C ARG H 96 -4.27 25.99 -4.02
N GLU H 97 -3.67 26.86 -4.81
CA GLU H 97 -2.24 26.82 -5.18
C GLU H 97 -1.54 27.84 -4.27
N LEU H 98 -0.40 28.39 -4.68
CA LEU H 98 0.08 29.67 -4.15
C LEU H 98 0.32 30.66 -5.30
N THR H 99 -0.74 31.40 -5.64
CA THR H 99 -0.66 32.53 -6.56
C THR H 99 -0.98 33.80 -5.80
N PHE H 100 -0.27 34.88 -6.14
CA PHE H 100 -0.41 36.20 -5.57
C PHE H 100 -1.02 37.13 -6.62
N GLY H 101 -1.75 38.15 -6.17
CA GLY H 101 -2.22 39.19 -7.09
C GLY H 101 -1.18 40.29 -7.25
N ALA H 102 -1.22 40.96 -8.40
CA ALA H 102 -0.38 42.11 -8.67
C ALA H 102 -0.74 43.28 -7.74
N ALA H 103 0.10 43.50 -6.73
CA ALA H 103 -0.24 44.24 -5.52
C ALA H 103 -0.62 45.72 -5.73
N PRO H 104 -1.84 46.10 -5.34
CA PRO H 104 -2.20 47.48 -5.09
C PRO H 104 -1.24 48.14 -4.11
N SER H 105 -0.67 49.25 -4.58
CA SER H 105 -0.13 50.35 -3.76
C SER H 105 -1.26 51.21 -3.20
N ALA H 106 -1.02 51.81 -2.04
CA ALA H 106 -1.93 52.64 -1.28
C ALA H 106 -1.07 53.74 -0.67
N ALA H 107 -1.28 54.94 -1.19
CA ALA H 107 -0.61 56.17 -0.82
C ALA H 107 -1.61 57.10 -0.12
N ALA H 108 -1.14 57.85 0.87
CA ALA H 108 -1.94 58.86 1.55
C ALA H 108 -2.53 59.90 0.59
N ARG H 109 -2.77 64.90 -1.98
CA ARG H 109 -2.61 66.27 -1.54
C ARG H 109 -3.08 67.16 -2.69
N ALA H 110 -3.04 68.47 -2.49
CA ALA H 110 -3.42 69.38 -3.57
C ALA H 110 -2.47 69.22 -4.77
N ASP H 111 -3.03 69.36 -5.97
CA ASP H 111 -2.21 69.32 -7.17
C ASP H 111 -1.09 70.34 -7.06
N ALA H 112 0.07 70.00 -7.62
CA ALA H 112 1.22 70.89 -7.64
C ALA H 112 1.96 70.68 -8.96
N ALA H 113 2.22 71.78 -9.67
CA ALA H 113 2.96 71.70 -10.92
C ALA H 113 4.43 71.38 -10.65
N PRO H 114 5.07 70.61 -11.51
CA PRO H 114 6.51 70.36 -11.35
C PRO H 114 7.30 71.63 -11.61
N THR H 115 8.42 71.75 -10.90
CA THR H 115 9.44 72.73 -11.22
C THR H 115 10.45 72.02 -12.12
N VAL H 116 10.61 72.52 -13.34
CA VAL H 116 11.38 71.83 -14.38
C VAL H 116 12.67 72.60 -14.65
N SER H 117 13.78 71.88 -14.69
CA SER H 117 15.09 72.47 -14.97
C SER H 117 15.82 71.55 -15.93
N ILE H 118 16.48 72.12 -16.93
CA ILE H 118 17.17 71.36 -17.96
C ILE H 118 18.68 71.59 -17.85
N PHE H 119 19.45 70.52 -18.07
CA PHE H 119 20.90 70.56 -17.90
C PHE H 119 21.59 69.96 -19.11
N PRO H 120 22.32 70.75 -19.88
CA PRO H 120 23.13 70.20 -20.95
C PRO H 120 24.19 69.27 -20.39
N PRO H 121 24.78 68.42 -21.22
CA PRO H 121 25.92 67.61 -20.77
C PRO H 121 27.00 68.49 -20.16
N SER H 122 27.64 67.98 -19.12
CA SER H 122 28.78 68.66 -18.55
C SER H 122 29.97 68.54 -19.49
N SER H 123 30.87 69.52 -19.39
CA SER H 123 32.08 69.45 -20.19
C SER H 123 32.83 68.15 -19.89
N GLU H 124 32.81 67.70 -18.64
CA GLU H 124 33.53 66.50 -18.27
C GLU H 124 32.93 65.27 -18.95
N GLN H 125 31.60 65.17 -19.00
CA GLN H 125 31.01 64.04 -19.73
C GLN H 125 31.34 64.08 -21.22
N LEU H 126 31.42 65.28 -21.81
CA LEU H 126 31.68 65.38 -23.25
C LEU H 126 33.09 64.98 -23.64
N THR H 127 33.96 64.66 -22.68
CA THR H 127 35.21 64.03 -23.07
C THR H 127 35.01 62.55 -23.41
N SER H 128 33.87 61.97 -23.03
CA SER H 128 33.63 60.53 -23.01
C SER H 128 33.06 59.96 -24.29
N GLY H 129 32.54 60.77 -25.19
CA GLY H 129 31.83 60.18 -26.32
C GLY H 129 30.38 59.83 -26.05
N GLY H 130 29.93 59.92 -24.80
CA GLY H 130 28.52 59.94 -24.49
C GLY H 130 28.08 61.31 -24.01
N ALA H 131 26.79 61.61 -24.13
CA ALA H 131 26.26 62.90 -23.72
C ALA H 131 24.89 62.68 -23.11
N SER H 132 24.68 63.16 -21.90
CA SER H 132 23.38 63.05 -21.24
C SER H 132 22.81 64.44 -21.04
N VAL H 133 21.56 64.62 -21.46
CA VAL H 133 20.80 65.82 -21.18
C VAL H 133 19.80 65.45 -20.10
N VAL H 134 19.78 66.23 -19.01
CA VAL H 134 18.97 65.87 -17.85
C VAL H 134 17.88 66.91 -17.66
N CYS H 135 16.65 66.45 -17.44
CA CYS H 135 15.60 67.30 -16.92
C CYS H 135 15.18 66.80 -15.56
N PHE H 136 15.16 67.70 -14.58
CA PHE H 136 14.56 67.40 -13.28
C PHE H 136 13.16 68.01 -13.27
N LEU H 137 12.20 67.24 -12.78
CA LEU H 137 10.81 67.68 -12.66
C LEU H 137 10.46 67.45 -11.19
N ASN H 138 10.46 68.52 -10.41
CA ASN H 138 10.53 68.38 -8.96
C ASN H 138 9.26 68.84 -8.25
N ASN H 139 8.89 68.10 -7.20
CA ASN H 139 7.87 68.50 -6.23
C ASN H 139 6.49 68.66 -6.87
N PHE H 140 6.05 67.64 -7.58
CA PHE H 140 4.76 67.69 -8.26
C PHE H 140 3.76 66.70 -7.67
N TYR H 141 2.49 66.94 -7.94
CA TYR H 141 1.42 66.04 -7.56
C TYR H 141 0.25 66.29 -8.52
N PRO H 142 -0.39 65.21 -9.02
CA PRO H 142 -0.17 63.79 -8.75
C PRO H 142 1.02 63.19 -9.49
N LYS H 143 1.27 61.91 -9.25
CA LYS H 143 2.45 61.25 -9.79
C LYS H 143 2.41 61.13 -11.31
N ASP H 144 1.22 61.05 -11.90
CA ASP H 144 1.11 60.84 -13.34
C ASP H 144 1.70 62.02 -14.08
N ILE H 145 2.71 61.73 -14.91
CA ILE H 145 3.41 62.76 -15.65
C ILE H 145 4.06 62.08 -16.85
N ASN H 146 4.17 62.81 -17.95
CA ASN H 146 4.80 62.27 -19.15
C ASN H 146 5.81 63.26 -19.69
N VAL H 147 6.98 62.77 -20.06
CA VAL H 147 8.05 63.60 -20.58
C VAL H 147 8.32 63.21 -22.02
N LYS H 148 8.35 64.20 -22.90
CA LYS H 148 8.68 64.01 -24.30
C LYS H 148 9.94 64.82 -24.59
N TRP H 149 10.94 64.16 -25.18
CA TRP H 149 12.19 64.81 -25.54
C TRP H 149 12.21 65.09 -27.03
N LYS H 150 12.78 66.25 -27.40
CA LYS H 150 12.99 66.60 -28.79
C LYS H 150 14.42 67.09 -28.99
N ILE H 151 14.94 66.79 -30.17
CA ILE H 151 16.24 67.27 -30.63
C ILE H 151 15.99 67.96 -31.96
N ASP H 152 16.26 69.26 -32.02
CA ASP H 152 16.02 70.04 -33.24
C ASP H 152 14.62 69.77 -33.82
N GLY H 153 13.63 69.71 -32.92
CA GLY H 153 12.24 69.58 -33.28
C GLY H 153 11.74 68.16 -33.42
N SER H 154 12.63 67.17 -33.49
CA SER H 154 12.26 65.79 -33.75
C SER H 154 12.22 65.04 -32.42
N GLU H 155 11.11 64.35 -32.16
CA GLU H 155 11.02 63.57 -30.93
C GLU H 155 12.06 62.46 -30.91
N ARG H 156 12.66 62.24 -29.74
CA ARG H 156 13.58 61.13 -29.50
C ARG H 156 13.03 60.31 -28.35
N GLN H 157 12.80 59.02 -28.59
CA GLN H 157 12.33 58.11 -27.56
C GLN H 157 13.41 57.16 -27.07
N ASN H 158 14.27 56.67 -27.97
CA ASN H 158 15.35 55.78 -27.54
C ASN H 158 16.37 56.55 -26.72
N GLY H 159 16.89 55.92 -25.68
CA GLY H 159 17.92 56.54 -24.87
C GLY H 159 17.40 57.40 -23.75
N VAL H 160 16.09 57.39 -23.48
CA VAL H 160 15.49 58.15 -22.38
C VAL H 160 15.35 57.22 -21.18
N LEU H 161 15.86 57.66 -20.04
CA LEU H 161 15.73 56.93 -18.78
C LEU H 161 15.09 57.82 -17.73
N ASN H 162 14.02 57.34 -17.14
CA ASN H 162 13.27 58.10 -16.14
C ASN H 162 13.39 57.41 -14.79
N SER H 163 13.59 58.22 -13.76
CA SER H 163 13.67 57.69 -12.40
C SER H 163 12.85 58.59 -11.48
N TRP H 164 12.07 57.98 -10.60
CA TRP H 164 11.15 58.70 -9.74
C TRP H 164 11.52 58.47 -8.29
N THR H 165 11.46 59.54 -7.49
CA THR H 165 11.55 59.33 -6.06
C THR H 165 10.25 58.74 -5.52
N ASP H 166 10.35 58.08 -4.36
CA ASP H 166 9.14 57.71 -3.64
C ASP H 166 8.43 58.98 -3.19
N GLN H 167 7.12 58.85 -2.95
CA GLN H 167 6.37 60.00 -2.44
C GLN H 167 7.02 60.55 -1.19
N ASP H 168 7.23 61.87 -1.15
CA ASP H 168 7.99 62.44 -0.05
C ASP H 168 7.24 62.30 1.27
N SER H 169 7.98 61.93 2.32
CA SER H 169 7.34 61.64 3.61
C SER H 169 6.81 62.89 4.29
N LYS H 170 7.24 64.07 3.90
CA LYS H 170 6.79 65.32 4.53
C LYS H 170 5.83 66.10 3.67
N ASP H 171 6.14 66.29 2.39
CA ASP H 171 5.35 67.18 1.54
C ASP H 171 4.43 66.45 0.58
N SER H 172 4.47 65.11 0.55
CA SER H 172 3.59 64.26 -0.24
C SER H 172 3.72 64.47 -1.74
N THR H 173 4.78 65.13 -2.21
CA THR H 173 4.99 65.29 -3.63
C THR H 173 5.87 64.18 -4.20
N TYR H 174 5.99 64.18 -5.52
CA TYR H 174 6.87 63.32 -6.27
C TYR H 174 7.90 64.17 -7.00
N SER H 175 9.04 63.57 -7.30
CA SER H 175 10.02 64.20 -8.18
C SER H 175 10.52 63.14 -9.16
N MET H 176 11.05 63.62 -10.30
CA MET H 176 11.45 62.73 -11.37
C MET H 176 12.68 63.30 -12.05
N SER H 177 13.59 62.43 -12.45
CA SER H 177 14.66 62.79 -13.36
C SER H 177 14.38 62.11 -14.68
N SER H 178 14.53 62.85 -15.78
CA SER H 178 14.42 62.28 -17.11
C SER H 178 15.73 62.60 -17.81
N THR H 179 16.42 61.57 -18.28
CA THR H 179 17.75 61.73 -18.86
C THR H 179 17.77 61.19 -20.27
N LEU H 180 18.10 62.04 -21.22
CA LEU H 180 18.26 61.64 -22.61
C LEU H 180 19.75 61.41 -22.86
N THR H 181 20.13 60.18 -23.20
CA THR H 181 21.52 59.89 -23.49
C THR H 181 21.69 59.61 -24.98
N LEU H 182 22.67 60.27 -25.57
CA LEU H 182 22.99 60.09 -26.98
C LEU H 182 24.50 60.09 -27.12
N THR H 183 24.99 59.82 -28.32
CA THR H 183 26.44 59.89 -28.49
C THR H 183 26.87 61.35 -28.50
N LYS H 184 28.12 61.58 -28.11
CA LYS H 184 28.65 62.93 -28.20
C LYS H 184 28.61 63.42 -29.64
N ASP H 185 28.91 62.55 -30.59
CA ASP H 185 28.90 62.98 -31.99
C ASP H 185 27.51 63.47 -32.39
N GLU H 186 26.47 62.73 -32.02
CA GLU H 186 25.13 63.20 -32.36
C GLU H 186 24.80 64.49 -31.62
N TYR H 187 25.19 64.57 -30.34
CA TYR H 187 24.88 65.77 -29.56
C TYR H 187 25.44 67.03 -30.20
N GLU H 188 26.65 66.95 -30.74
CA GLU H 188 27.27 68.14 -31.31
C GLU H 188 26.81 68.43 -32.74
N ARG H 189 25.95 67.60 -33.31
CA ARG H 189 25.37 67.84 -34.62
C ARG H 189 24.02 68.54 -34.54
N HIS H 190 23.56 68.89 -33.33
CA HIS H 190 22.26 69.51 -33.17
C HIS H 190 22.37 70.68 -32.20
N ASN H 191 21.41 71.60 -32.29
CA ASN H 191 21.46 72.77 -31.42
C ASN H 191 20.36 72.78 -30.37
N SER H 192 19.12 72.47 -30.73
CA SER H 192 18.00 72.63 -29.81
C SER H 192 17.67 71.31 -29.12
N TYR H 193 17.54 71.38 -27.79
CA TYR H 193 17.18 70.24 -26.96
C TYR H 193 16.02 70.66 -26.08
N THR H 194 14.99 69.83 -26.01
CA THR H 194 13.76 70.19 -25.31
C THR H 194 13.24 69.00 -24.53
N CYS H 195 12.86 69.24 -23.27
CA CYS H 195 12.02 68.29 -22.54
C CYS H 195 10.67 68.92 -22.25
N GLU H 196 9.60 68.21 -22.58
CA GLU H 196 8.24 68.72 -22.42
C GLU H 196 7.51 67.83 -21.41
N ALA H 197 6.93 68.44 -20.38
CA ALA H 197 6.27 67.69 -19.31
C ALA H 197 4.75 67.89 -19.38
N THR H 198 4.02 66.81 -19.67
CA THR H 198 2.56 66.83 -19.63
C THR H 198 2.10 66.45 -18.23
N HIS H 199 1.28 67.29 -17.63
CA HIS H 199 0.82 67.07 -16.26
C HIS H 199 -0.52 67.75 -16.10
N LYS H 200 -1.38 67.22 -15.23
CA LYS H 200 -2.74 67.73 -15.14
C LYS H 200 -2.80 69.19 -14.69
N THR H 201 -1.72 69.74 -14.12
CA THR H 201 -1.72 71.10 -13.63
C THR H 201 -1.59 72.15 -14.71
N SER H 202 -1.42 71.76 -15.97
CA SER H 202 -1.37 72.73 -17.05
C SER H 202 -2.08 72.16 -18.27
N THR H 203 -2.74 73.04 -19.02
CA THR H 203 -3.47 72.58 -20.19
C THR H 203 -2.52 72.21 -21.32
N SER H 204 -1.35 72.83 -21.36
CA SER H 204 -0.28 72.46 -22.27
C SER H 204 0.97 72.11 -21.47
N PRO H 205 1.85 71.28 -22.01
CA PRO H 205 3.05 70.88 -21.25
C PRO H 205 3.92 72.06 -20.84
N ILE H 206 4.66 71.89 -19.73
CA ILE H 206 5.78 72.77 -19.43
C ILE H 206 6.94 72.42 -20.35
N VAL H 207 7.52 73.43 -20.99
CA VAL H 207 8.60 73.25 -21.96
C VAL H 207 9.87 73.87 -21.39
N LYS H 208 10.92 73.05 -21.22
CA LYS H 208 12.26 73.59 -21.00
C LYS H 208 13.14 73.22 -22.18
N SER H 209 13.87 74.19 -22.70
CA SER H 209 14.66 74.00 -23.91
C SER H 209 15.91 74.85 -23.83
N PHE H 210 16.98 74.41 -24.48
CA PHE H 210 18.15 75.26 -24.64
C PHE H 210 18.70 75.08 -26.04
N ASN H 211 19.42 76.10 -26.50
CA ASN H 211 20.25 76.00 -27.69
C ASN H 211 21.68 75.79 -27.24
N ARG H 212 22.27 74.68 -27.71
CA ARG H 212 23.59 74.24 -27.27
C ARG H 212 24.64 75.33 -27.40
N ASN H 213 24.62 76.10 -28.49
CA ASN H 213 25.70 77.04 -28.75
C ASN H 213 25.40 78.46 -28.23
N GLU H 214 24.37 78.64 -27.41
CA GLU H 214 24.01 79.96 -26.91
C GLU H 214 24.38 80.14 -25.44
N CYS H 215 24.50 81.41 -25.06
CA CYS H 215 24.73 81.74 -23.67
C CYS H 215 24.05 83.05 -23.29
N GLU I 1 42.03 3.59 -29.95
CA GLU I 1 42.28 3.04 -31.29
C GLU I 1 41.06 3.16 -32.20
N VAL I 2 39.90 2.77 -31.67
CA VAL I 2 38.55 2.69 -32.26
C VAL I 2 38.46 2.73 -33.79
N GLN I 3 38.39 1.55 -34.43
CA GLN I 3 38.25 1.45 -35.88
C GLN I 3 37.05 0.56 -36.30
N LEU I 4 36.60 0.86 -37.52
CA LEU I 4 35.69 0.05 -38.30
C LEU I 4 36.28 -0.20 -39.68
N GLN I 5 36.13 -1.41 -40.18
CA GLN I 5 36.90 -1.95 -41.30
C GLN I 5 35.93 -2.80 -42.15
N GLU I 6 35.55 -2.21 -43.27
CA GLU I 6 34.50 -2.76 -44.11
C GLU I 6 35.00 -3.83 -45.11
N SER I 7 34.07 -4.51 -45.79
CA SER I 7 34.46 -5.26 -47.00
C SER I 7 35.13 -4.40 -48.09
N GLY I 8 35.50 -5.04 -49.21
CA GLY I 8 35.95 -4.35 -50.42
C GLY I 8 34.79 -4.03 -51.39
N PRO I 9 35.02 -3.19 -52.40
CA PRO I 9 34.03 -2.94 -53.46
C PRO I 9 33.58 -4.20 -54.22
N GLU I 10 32.32 -4.20 -54.64
CA GLU I 10 31.59 -5.39 -55.12
C GLU I 10 30.66 -5.02 -56.31
N LEU I 11 30.59 -5.89 -57.33
CA LEU I 11 30.13 -5.54 -58.70
C LEU I 11 29.00 -6.43 -59.23
N VAL I 12 27.92 -6.48 -58.47
CA VAL I 12 26.78 -7.38 -58.66
C VAL I 12 25.91 -7.11 -59.90
N LYS I 13 25.20 -8.18 -60.25
CA LYS I 13 24.21 -8.28 -61.32
C LYS I 13 22.78 -8.15 -60.75
N PRO I 14 21.87 -7.43 -61.43
CA PRO I 14 20.47 -7.31 -61.03
C PRO I 14 19.80 -8.64 -60.66
N GLY I 15 18.95 -8.56 -59.65
CA GLY I 15 18.30 -9.67 -58.99
C GLY I 15 19.15 -10.38 -57.93
N THR I 16 20.47 -10.35 -58.03
CA THR I 16 21.30 -11.01 -57.02
C THR I 16 21.28 -10.32 -55.65
N SER I 17 22.00 -10.91 -54.70
CA SER I 17 22.25 -10.34 -53.37
C SER I 17 23.72 -9.99 -53.18
N VAL I 18 24.01 -9.16 -52.18
CA VAL I 18 25.37 -8.85 -51.71
C VAL I 18 25.41 -8.85 -50.17
N LYS I 19 26.59 -9.01 -49.54
CA LYS I 19 26.66 -9.27 -48.09
C LYS I 19 27.87 -8.70 -47.34
N MET I 20 27.93 -7.37 -47.22
CA MET I 20 29.10 -6.60 -46.79
C MET I 20 29.48 -6.68 -45.31
N SER I 21 30.74 -6.93 -44.95
CA SER I 21 31.17 -6.97 -43.53
C SER I 21 31.78 -5.64 -43.02
N CYS I 22 32.18 -5.55 -41.72
CA CYS I 22 32.29 -4.27 -40.99
C CYS I 22 33.37 -4.17 -39.88
N LYS I 23 33.96 -5.31 -39.50
CA LYS I 23 35.01 -5.51 -38.48
C LYS I 23 35.40 -4.31 -37.61
N ALA I 24 34.86 -4.27 -36.39
CA ALA I 24 35.25 -3.37 -35.33
C ALA I 24 36.52 -3.83 -34.59
N SER I 25 37.27 -2.85 -34.11
CA SER I 25 38.35 -3.01 -33.14
C SER I 25 38.47 -1.78 -32.26
N GLY I 26 39.22 -1.89 -31.16
CA GLY I 26 39.51 -0.80 -30.25
C GLY I 26 38.41 -0.46 -29.24
N TYR I 27 37.30 -1.22 -29.23
CA TYR I 27 36.22 -1.08 -28.26
C TYR I 27 35.52 -2.43 -28.01
N THR I 28 34.60 -2.50 -27.05
CA THR I 28 34.07 -3.80 -26.57
C THR I 28 33.17 -4.55 -27.57
N PHE I 29 32.82 -3.94 -28.71
CA PHE I 29 31.80 -4.34 -29.70
C PHE I 29 30.37 -4.48 -29.17
N THR I 30 30.19 -5.09 -28.00
CA THR I 30 28.90 -5.47 -27.41
C THR I 30 28.27 -4.38 -26.52
N ASP I 31 28.77 -3.16 -26.65
CA ASP I 31 28.54 -1.98 -25.83
C ASP I 31 27.98 -0.80 -26.64
N TYR I 32 27.95 -0.93 -27.97
CA TYR I 32 27.44 0.08 -28.89
C TYR I 32 26.49 -0.52 -29.93
N ASN I 33 26.01 0.31 -30.84
CA ASN I 33 24.97 -0.05 -31.82
C ASN I 33 25.39 0.40 -33.23
N ILE I 34 25.22 -0.43 -34.27
CA ILE I 34 26.03 -0.30 -35.50
C ILE I 34 25.13 -0.03 -36.72
N HIS I 35 24.98 1.27 -37.01
CA HIS I 35 24.39 1.93 -38.21
C HIS I 35 24.84 1.31 -39.53
N TRP I 36 24.10 1.56 -40.63
CA TRP I 36 24.47 1.18 -41.99
C TRP I 36 23.98 2.20 -43.05
N VAL I 37 24.59 3.39 -43.12
CA VAL I 37 24.18 4.49 -44.00
C VAL I 37 24.63 4.36 -45.46
N LYS I 38 23.70 4.27 -46.40
CA LYS I 38 23.96 4.42 -47.84
C LYS I 38 24.28 5.88 -48.19
N GLN I 39 25.03 6.11 -49.26
CA GLN I 39 24.97 7.34 -50.05
C GLN I 39 25.02 6.98 -51.53
N SER I 40 23.98 7.33 -52.28
CA SER I 40 24.02 7.21 -53.73
C SER I 40 24.72 8.41 -54.36
N HIS I 41 25.18 8.23 -55.59
CA HIS I 41 25.82 9.24 -56.42
C HIS I 41 24.96 10.51 -56.46
N GLY I 42 25.52 11.64 -56.03
CA GLY I 42 24.82 12.92 -56.01
C GLY I 42 23.59 13.02 -55.09
N LYS I 43 23.42 12.05 -54.18
CA LYS I 43 22.32 11.98 -53.22
C LYS I 43 22.84 12.21 -51.81
N SER I 44 21.92 12.47 -50.90
CA SER I 44 22.22 12.55 -49.47
C SER I 44 22.65 11.19 -48.90
N LEU I 45 23.08 11.22 -47.63
CA LEU I 45 23.00 10.08 -46.74
C LEU I 45 21.56 9.54 -46.64
N GLU I 46 21.44 8.24 -46.37
CA GLU I 46 20.19 7.47 -46.29
C GLU I 46 20.42 6.27 -45.38
N TRP I 47 20.06 6.44 -44.11
CA TRP I 47 20.15 5.42 -43.06
C TRP I 47 19.50 4.09 -43.51
N ILE I 48 20.26 3.00 -43.52
CA ILE I 48 19.76 1.68 -43.14
C ILE I 48 20.16 1.44 -41.66
N GLY I 49 19.36 0.64 -40.96
CA GLY I 49 19.41 0.30 -39.55
C GLY I 49 20.79 -0.05 -38.86
N TYR I 50 20.74 -0.40 -37.56
CA TYR I 50 21.81 -0.14 -36.59
C TYR I 50 22.02 -1.17 -35.47
N ILE I 51 21.89 -2.46 -35.82
CA ILE I 51 21.89 -3.64 -34.91
C ILE I 51 22.73 -3.50 -33.63
N ASN I 52 22.13 -3.92 -32.52
CA ASN I 52 22.76 -4.09 -31.22
C ASN I 52 23.53 -5.41 -31.16
N PRO I 53 24.86 -5.43 -31.01
CA PRO I 53 25.59 -6.68 -30.90
C PRO I 53 25.44 -7.43 -29.58
N ASN I 54 24.78 -6.86 -28.57
CA ASN I 54 24.58 -7.53 -27.30
C ASN I 54 23.42 -8.55 -27.36
N ASN I 55 22.23 -8.10 -27.78
CA ASN I 55 21.04 -8.95 -27.92
C ASN I 55 20.69 -9.38 -29.35
N GLY I 56 21.35 -8.82 -30.37
CA GLY I 56 21.08 -9.06 -31.78
C GLY I 56 19.89 -8.28 -32.35
N GLY I 57 19.17 -7.56 -31.51
CA GLY I 57 17.99 -6.78 -31.91
C GLY I 57 18.37 -5.63 -32.83
N ASN I 58 17.53 -5.42 -33.83
CA ASN I 58 17.83 -4.56 -34.97
C ASN I 58 16.55 -3.81 -35.40
N LYS I 59 16.73 -2.56 -35.83
CA LYS I 59 15.62 -1.69 -36.26
C LYS I 59 15.95 -1.07 -37.59
N TYR I 60 15.22 -1.52 -38.62
CA TYR I 60 15.35 -1.04 -39.98
C TYR I 60 14.59 0.27 -40.20
N THR I 61 15.07 1.05 -41.16
CA THR I 61 14.31 2.08 -41.88
C THR I 61 13.21 1.45 -42.72
N GLN I 62 12.00 2.02 -42.70
CA GLN I 62 10.85 1.45 -43.42
C GLN I 62 11.17 1.11 -44.89
N LYS I 63 11.73 2.09 -45.63
CA LYS I 63 12.14 1.95 -47.04
C LYS I 63 13.15 0.82 -47.37
N PHE I 64 13.77 0.22 -46.37
CA PHE I 64 14.70 -0.90 -46.53
C PHE I 64 14.31 -2.16 -45.72
N GLU I 65 13.23 -2.11 -44.95
CA GLU I 65 12.52 -3.33 -44.53
C GLU I 65 12.24 -4.24 -45.73
N GLY I 66 12.31 -5.55 -45.52
CA GLY I 66 12.29 -6.55 -46.59
C GLY I 66 13.61 -6.71 -47.35
N ARG I 67 14.28 -5.60 -47.70
CA ARG I 67 15.41 -5.61 -48.65
C ARG I 67 16.77 -5.75 -47.98
N ALA I 68 16.88 -5.37 -46.73
CA ALA I 68 18.08 -5.57 -45.91
C ALA I 68 17.86 -6.59 -44.81
N THR I 69 18.95 -7.14 -44.28
CA THR I 69 18.99 -7.97 -43.07
C THR I 69 20.33 -7.76 -42.38
N LEU I 70 20.30 -7.29 -41.14
CA LEU I 70 21.49 -6.98 -40.35
C LEU I 70 21.76 -8.10 -39.35
N THR I 71 23.02 -8.49 -39.25
CA THR I 71 23.48 -9.59 -38.41
C THR I 71 24.82 -9.27 -37.78
N VAL I 72 25.16 -9.99 -36.72
CA VAL I 72 26.38 -9.78 -35.94
C VAL I 72 26.97 -11.13 -35.56
N GLY I 73 28.29 -11.23 -35.68
CA GLY I 73 29.10 -12.35 -35.21
C GLY I 73 29.99 -11.87 -34.07
N LYS I 74 29.44 -11.91 -32.85
CA LYS I 74 30.09 -11.41 -31.62
C LYS I 74 31.54 -11.91 -31.47
N SER I 75 31.76 -13.22 -31.61
CA SER I 75 33.11 -13.80 -31.53
C SER I 75 34.05 -13.55 -32.72
N SER I 76 33.67 -12.68 -33.65
CA SER I 76 34.56 -12.15 -34.69
C SER I 76 34.55 -10.61 -34.71
N SER I 77 33.90 -9.98 -33.72
CA SER I 77 33.58 -8.55 -33.64
C SER I 77 33.23 -7.92 -35.00
N THR I 78 32.34 -8.60 -35.73
CA THR I 78 32.02 -8.27 -37.12
C THR I 78 30.52 -8.13 -37.28
N ALA I 79 30.06 -7.00 -37.80
CA ALA I 79 28.70 -6.88 -38.31
C ALA I 79 28.69 -7.13 -39.83
N TYR I 80 27.50 -7.49 -40.30
CA TYR I 80 27.21 -7.94 -41.66
C TYR I 80 25.87 -7.39 -42.11
N MET I 81 25.82 -6.80 -43.31
CA MET I 81 24.57 -6.37 -43.95
C MET I 81 24.36 -7.15 -45.25
N GLU I 82 23.27 -7.90 -45.30
CA GLU I 82 22.77 -8.53 -46.53
C GLU I 82 21.74 -7.64 -47.22
N LEU I 83 21.78 -7.60 -48.54
CA LEU I 83 20.97 -6.74 -49.38
C LEU I 83 20.54 -7.52 -50.61
N ARG I 84 19.23 -7.66 -50.79
CA ARG I 84 18.62 -8.71 -51.62
C ARG I 84 17.80 -8.09 -52.73
N SER I 85 17.57 -8.85 -53.80
CA SER I 85 16.84 -8.37 -54.99
C SER I 85 17.38 -7.04 -55.52
N LEU I 86 18.69 -6.99 -55.73
CA LEU I 86 19.40 -5.75 -56.04
C LEU I 86 19.01 -5.20 -57.43
N THR I 87 18.92 -3.89 -57.50
CA THR I 87 18.44 -3.09 -58.62
C THR I 87 19.48 -2.02 -58.94
N SER I 88 19.38 -1.34 -60.08
CA SER I 88 20.26 -0.21 -60.35
C SER I 88 20.25 0.85 -59.24
N GLU I 89 19.08 1.18 -58.65
CA GLU I 89 19.00 2.16 -57.55
C GLU I 89 19.87 1.78 -56.35
N ASP I 90 20.11 0.48 -56.12
CA ASP I 90 20.94 0.02 -55.01
C ASP I 90 22.40 0.48 -55.10
N SER I 91 22.89 0.78 -56.32
CA SER I 91 24.25 1.25 -56.54
C SER I 91 24.58 2.50 -55.72
N ALA I 92 25.53 2.34 -54.80
CA ALA I 92 25.82 3.31 -53.75
C ALA I 92 27.08 2.94 -52.96
N VAL I 93 27.57 3.85 -52.12
CA VAL I 93 28.32 3.43 -50.92
C VAL I 93 27.37 2.96 -49.84
N TYR I 94 27.80 2.01 -49.01
CA TYR I 94 27.17 1.65 -47.74
C TYR I 94 28.20 1.81 -46.62
N TYR I 95 27.74 2.24 -45.45
CA TYR I 95 28.60 2.66 -44.35
C TYR I 95 28.19 2.19 -42.95
N CYS I 96 28.88 1.19 -42.40
CA CYS I 96 28.63 0.83 -41.02
C CYS I 96 29.12 1.86 -39.99
N ALA I 97 28.38 2.04 -38.90
CA ALA I 97 28.65 3.15 -37.99
C ALA I 97 28.35 3.01 -36.50
N ARG I 98 29.39 3.22 -35.68
CA ARG I 98 29.29 3.21 -34.22
C ARG I 98 28.45 4.39 -33.73
N SER I 99 27.31 4.07 -33.14
CA SER I 99 26.69 4.86 -32.09
C SER I 99 27.71 5.03 -30.97
N PRO I 100 28.06 6.25 -30.56
CA PRO I 100 28.75 6.45 -29.29
C PRO I 100 27.73 6.38 -28.16
N MET I 101 28.22 6.77 -26.98
CA MET I 101 27.44 6.99 -25.77
C MET I 101 26.70 5.75 -25.31
N TYR I 102 26.05 5.86 -24.14
CA TYR I 102 25.13 4.83 -23.71
C TYR I 102 24.18 5.32 -22.62
N PHE I 103 23.17 6.08 -23.04
CA PHE I 103 21.93 6.15 -22.28
C PHE I 103 20.79 5.30 -22.86
N TYR I 104 19.97 4.70 -21.99
CA TYR I 104 18.92 3.79 -22.43
C TYR I 104 17.81 4.45 -23.25
N ASP I 106 18.96 7.62 -24.53
CA ASP I 106 19.83 8.63 -25.15
C ASP I 106 19.17 9.17 -26.40
N GLY I 107 18.68 8.22 -27.22
CA GLY I 107 18.45 8.44 -28.63
C GLY I 107 19.57 9.23 -29.28
N SER I 108 20.81 9.06 -28.77
CA SER I 108 22.00 9.86 -29.12
C SER I 108 22.05 10.07 -30.62
N TYR I 109 21.75 8.96 -31.31
CA TYR I 109 21.71 8.77 -32.74
C TYR I 109 22.94 9.26 -33.51
N TYR I 110 23.93 9.75 -32.79
CA TYR I 110 25.19 10.14 -33.34
C TYR I 110 25.87 8.96 -34.00
N PHE I 111 26.75 9.30 -34.93
CA PHE I 111 27.50 8.37 -35.74
C PHE I 111 28.97 8.74 -35.51
N ASP I 112 29.52 8.40 -34.34
CA ASP I 112 30.80 8.99 -33.92
C ASP I 112 32.02 8.43 -34.65
N TYR I 113 31.93 7.18 -35.09
CA TYR I 113 32.94 6.54 -35.93
C TYR I 113 32.28 5.85 -37.13
N TRP I 114 32.88 6.10 -38.29
CA TRP I 114 32.41 5.64 -39.59
C TRP I 114 33.43 4.70 -40.22
N GLY I 115 32.96 3.65 -40.88
CA GLY I 115 33.84 2.85 -41.74
C GLY I 115 34.31 3.61 -42.99
N GLN I 116 35.22 2.96 -43.73
CA GLN I 116 35.76 3.46 -45.00
C GLN I 116 34.74 3.59 -46.14
N GLY I 117 33.61 2.91 -46.00
CA GLY I 117 32.57 2.73 -46.99
C GLY I 117 32.87 1.63 -48.01
N THR I 118 31.81 0.99 -48.49
CA THR I 118 31.90 -0.11 -49.45
C THR I 118 31.08 0.24 -50.67
N SER I 119 31.72 0.33 -51.83
CA SER I 119 31.08 0.69 -53.09
C SER I 119 30.48 -0.53 -53.78
N LEU I 120 29.15 -0.56 -53.80
CA LEU I 120 28.33 -1.49 -54.57
C LEU I 120 27.97 -0.88 -55.92
N SER I 121 28.18 -1.65 -57.00
CA SER I 121 27.64 -1.31 -58.33
C SER I 121 26.88 -2.49 -58.93
N VAL I 122 25.66 -2.20 -59.38
CA VAL I 122 24.63 -3.11 -59.85
C VAL I 122 24.42 -2.91 -61.33
N SER I 123 24.93 -3.84 -62.13
CA SER I 123 24.83 -3.70 -63.58
C SER I 123 24.71 -5.03 -64.30
N SER I 124 23.71 -5.15 -65.17
CA SER I 124 23.58 -6.36 -65.98
C SER I 124 24.34 -6.19 -67.31
N ALA I 125 24.73 -4.96 -67.61
CA ALA I 125 25.54 -4.63 -68.78
C ALA I 125 26.88 -5.36 -68.79
N LYS I 126 27.35 -5.72 -69.98
CA LYS I 126 28.59 -6.46 -70.09
C LYS I 126 29.74 -5.52 -70.40
N THR I 127 30.95 -5.97 -70.13
CA THR I 127 32.14 -5.17 -70.39
C THR I 127 32.13 -4.73 -71.85
N THR I 128 32.24 -3.43 -72.06
CA THR I 128 32.11 -2.83 -73.38
C THR I 128 33.12 -1.70 -73.50
N ALA I 129 34.01 -1.80 -74.48
CA ALA I 129 34.97 -0.74 -74.74
C ALA I 129 34.25 0.50 -75.29
N PRO I 130 34.74 1.70 -74.97
CA PRO I 130 34.07 2.90 -75.47
C PRO I 130 34.28 3.14 -76.95
N SER I 131 33.30 3.81 -77.55
CA SER I 131 33.51 4.48 -78.82
C SER I 131 34.08 5.86 -78.50
N VAL I 132 35.12 6.25 -79.21
CA VAL I 132 35.84 7.49 -78.93
C VAL I 132 35.78 8.37 -80.18
N TYR I 133 35.19 9.55 -80.04
CA TYR I 133 34.92 10.40 -81.19
C TYR I 133 35.67 11.71 -81.04
N PRO I 134 36.53 12.08 -82.00
CA PRO I 134 37.16 13.40 -81.97
C PRO I 134 36.15 14.48 -82.37
N LEU I 135 36.16 15.60 -81.64
CA LEU I 135 35.24 16.71 -81.92
C LEU I 135 36.05 17.93 -82.34
N ALA I 136 36.13 18.16 -83.64
CA ALA I 136 36.73 19.36 -84.16
C ALA I 136 35.72 20.50 -84.14
N PRO I 137 36.19 21.75 -84.20
CA PRO I 137 35.24 22.88 -84.21
C PRO I 137 34.34 22.82 -85.44
N VAL I 138 33.30 23.66 -85.40
CA VAL I 138 32.42 23.82 -86.56
C VAL I 138 33.24 24.05 -87.82
N CYS I 139 32.73 23.54 -88.94
CA CYS I 139 33.45 23.64 -90.20
C CYS I 139 33.71 25.09 -90.55
N GLY I 140 34.95 25.39 -90.93
CA GLY I 140 35.36 26.75 -91.19
C GLY I 140 35.96 27.44 -89.99
N GLY I 141 35.97 26.78 -88.84
CA GLY I 141 36.65 27.31 -87.67
C GLY I 141 35.85 28.38 -86.95
N THR I 142 36.44 28.85 -85.86
CA THR I 142 35.83 29.82 -84.98
C THR I 142 36.66 31.09 -84.96
N THR I 143 36.02 32.19 -84.60
CA THR I 143 36.75 33.42 -84.39
C THR I 143 37.40 33.40 -83.01
N GLY I 144 38.39 34.24 -82.82
CA GLY I 144 39.00 34.40 -81.51
C GLY I 144 40.40 33.80 -81.46
N SER I 145 41.08 34.16 -80.39
CA SER I 145 42.50 33.84 -80.22
C SER I 145 42.71 32.47 -79.60
N SER I 146 41.67 31.83 -79.09
CA SER I 146 41.77 30.48 -78.59
C SER I 146 40.75 29.59 -79.30
N VAL I 147 40.99 28.29 -79.22
CA VAL I 147 40.14 27.31 -79.89
C VAL I 147 39.88 26.17 -78.92
N THR I 148 38.67 25.63 -78.96
CA THR I 148 38.28 24.55 -78.08
C THR I 148 38.00 23.30 -78.91
N LEU I 149 38.58 22.18 -78.50
CA LEU I 149 38.39 20.89 -79.13
C LEU I 149 37.72 19.96 -78.12
N GLY I 150 37.13 18.89 -78.61
CA GLY I 150 36.41 17.98 -77.75
C GLY I 150 36.71 16.53 -78.08
N CYS I 151 36.35 15.67 -77.13
CA CYS I 151 36.48 14.23 -77.30
C CYS I 151 35.28 13.63 -76.60
N LEU I 152 34.51 12.82 -77.31
CA LEU I 152 33.29 12.21 -76.81
C LEU I 152 33.54 10.72 -76.65
N VAL I 153 33.27 10.21 -75.46
CA VAL I 153 33.56 8.81 -75.11
C VAL I 153 32.23 8.16 -74.78
N LYS I 154 31.75 7.27 -75.64
CA LYS I 154 30.36 6.85 -75.55
C LYS I 154 30.24 5.34 -75.46
N GLY I 155 29.34 4.87 -74.60
CA GLY I 155 28.93 3.47 -74.61
C GLY I 155 29.88 2.47 -73.96
N TYR I 156 30.48 2.80 -72.81
CA TYR I 156 31.40 1.87 -72.17
C TYR I 156 30.86 1.36 -70.85
N PHE I 157 31.40 0.22 -70.44
CA PHE I 157 31.11 -0.35 -69.14
C PHE I 157 32.23 -1.32 -68.79
N PRO I 158 32.66 -1.36 -67.52
CA PRO I 158 32.33 -0.49 -66.39
C PRO I 158 33.16 0.79 -66.39
N GLU I 159 32.90 1.67 -65.43
CA GLU I 159 33.85 2.74 -65.13
C GLU I 159 35.08 2.10 -64.52
N PRO I 160 36.23 2.78 -64.60
CA PRO I 160 36.47 4.08 -65.23
C PRO I 160 37.13 3.99 -66.58
N VAL I 161 37.20 5.12 -67.27
CA VAL I 161 38.16 5.34 -68.33
C VAL I 161 39.15 6.37 -67.84
N THR I 162 40.30 6.40 -68.50
CA THR I 162 41.29 7.47 -68.29
C THR I 162 41.45 8.20 -69.62
N LEU I 163 41.04 9.46 -69.64
CA LEU I 163 41.18 10.30 -70.82
C LEU I 163 42.33 11.28 -70.63
N THR I 164 43.20 11.37 -71.63
CA THR I 164 44.26 12.35 -71.63
C THR I 164 44.28 13.03 -72.99
N TRP I 165 45.02 14.13 -73.04
CA TRP I 165 45.28 14.85 -74.28
C TRP I 165 46.77 14.88 -74.54
N ASN I 166 47.17 14.53 -75.76
CA ASN I 166 48.58 14.42 -76.11
C ASN I 166 49.36 13.60 -75.08
N SER I 167 48.78 12.46 -74.69
CA SER I 167 49.42 11.51 -73.77
C SER I 167 49.74 12.13 -72.42
N GLY I 168 48.94 13.12 -72.01
CA GLY I 168 49.13 13.81 -70.74
C GLY I 168 50.00 15.04 -70.80
N SER I 169 50.64 15.31 -71.95
CA SER I 169 51.47 16.50 -72.06
C SER I 169 50.63 17.77 -72.20
N LEU I 170 49.37 17.63 -72.59
CA LEU I 170 48.43 18.74 -72.65
C LEU I 170 47.46 18.53 -71.50
N SER I 171 47.70 19.23 -70.39
CA SER I 171 46.89 19.07 -69.19
C SER I 171 46.20 20.36 -68.74
N SER I 172 46.74 21.51 -69.09
CA SER I 172 46.08 22.77 -68.77
C SER I 172 44.96 23.02 -69.78
N GLY I 173 43.97 23.78 -69.32
CA GLY I 173 42.88 24.13 -70.21
C GLY I 173 41.94 22.99 -70.54
N VAL I 174 41.96 21.91 -69.76
CA VAL I 174 41.15 20.71 -70.00
C VAL I 174 39.99 20.69 -69.03
N HIS I 175 38.83 20.28 -69.52
CA HIS I 175 37.69 19.96 -68.65
C HIS I 175 37.19 18.58 -69.02
N THR I 176 37.29 17.63 -68.11
CA THR I 176 36.80 16.28 -68.33
C THR I 176 35.61 16.04 -67.42
N PHE I 177 34.48 15.79 -68.02
CA PHE I 177 33.23 15.80 -67.29
C PHE I 177 32.89 14.43 -66.70
N PRO I 178 32.17 14.42 -65.58
CA PRO I 178 31.77 13.14 -64.98
C PRO I 178 30.93 12.34 -65.95
N ALA I 179 31.13 11.02 -65.92
CA ALA I 179 30.36 10.12 -66.78
C ALA I 179 28.91 10.03 -66.32
N LEU I 180 28.02 9.84 -67.28
CA LEU I 180 26.60 9.61 -67.00
C LEU I 180 26.16 8.34 -67.71
N LEU I 181 25.12 7.70 -67.16
CA LEU I 181 24.57 6.51 -67.79
C LEU I 181 23.64 6.89 -68.94
N GLN I 182 23.72 6.11 -70.01
CA GLN I 182 22.91 6.32 -71.20
C GLN I 182 22.53 4.91 -71.65
N SER I 183 21.33 4.47 -71.27
CA SER I 183 20.83 3.12 -71.58
C SER I 183 21.78 2.03 -71.07
N GLY I 184 22.22 2.17 -69.82
CA GLY I 184 23.05 1.17 -69.20
C GLY I 184 24.53 1.28 -69.50
N LEU I 185 24.95 2.19 -70.37
CA LEU I 185 26.36 2.36 -70.67
C LEU I 185 26.76 3.79 -70.35
N TYR I 186 28.03 3.97 -70.02
CA TYR I 186 28.54 5.27 -69.61
C TYR I 186 28.99 6.09 -70.81
N THR I 187 28.83 7.41 -70.67
CA THR I 187 29.32 8.37 -71.64
C THR I 187 29.95 9.53 -70.88
N LEU I 188 31.08 10.00 -71.38
CA LEU I 188 31.64 11.25 -70.88
C LEU I 188 32.24 12.00 -72.04
N SER I 189 32.62 13.24 -71.77
CA SER I 189 33.31 14.02 -72.78
C SER I 189 34.37 14.86 -72.09
N SER I 190 35.28 15.38 -72.92
CA SER I 190 36.31 16.27 -72.43
C SER I 190 36.54 17.37 -73.46
N SER I 191 36.82 18.57 -72.97
CA SER I 191 37.21 19.68 -73.81
C SER I 191 38.63 20.09 -73.48
N VAL I 192 39.33 20.59 -74.50
CA VAL I 192 40.62 21.23 -74.28
C VAL I 192 40.64 22.54 -75.03
N THR I 193 41.19 23.57 -74.41
CA THR I 193 41.27 24.90 -75.01
C THR I 193 42.73 25.29 -75.11
N VAL I 194 43.14 25.70 -76.31
CA VAL I 194 44.51 26.11 -76.57
C VAL I 194 44.46 27.41 -77.36
N THR I 195 45.58 28.14 -77.36
CA THR I 195 45.64 29.30 -78.23
C THR I 195 45.64 28.86 -79.70
N SER I 196 45.05 29.69 -80.57
CA SER I 196 44.77 29.27 -81.94
C SER I 196 46.04 29.08 -82.79
N ASN I 197 47.18 29.63 -82.36
CA ASN I 197 48.45 29.36 -83.04
C ASN I 197 48.94 27.93 -82.84
N THR I 198 48.36 27.21 -81.88
CA THR I 198 48.80 25.87 -81.50
C THR I 198 48.11 24.79 -82.31
N TRP I 199 46.88 25.02 -82.75
CA TRP I 199 46.09 24.01 -83.45
C TRP I 199 45.29 24.69 -84.57
N PRO I 200 45.24 24.07 -85.77
CA PRO I 200 45.69 22.72 -86.11
C PRO I 200 47.16 22.62 -86.55
N SER I 201 47.94 23.69 -86.43
CA SER I 201 49.32 23.62 -86.90
C SER I 201 50.13 22.57 -86.14
N GLN I 202 49.79 22.33 -84.88
CA GLN I 202 50.37 21.22 -84.12
C GLN I 202 49.26 20.25 -83.76
N THR I 203 49.64 18.98 -83.61
CA THR I 203 48.61 17.97 -83.45
C THR I 203 48.09 17.93 -82.02
N ILE I 204 46.80 17.65 -81.89
CA ILE I 204 46.17 17.38 -80.60
C ILE I 204 45.39 16.09 -80.75
N THR I 205 45.63 15.15 -79.83
CA THR I 205 45.04 13.83 -79.89
C THR I 205 44.44 13.52 -78.54
N CYS I 206 43.22 13.00 -78.53
CA CYS I 206 42.58 12.46 -77.35
C CYS I 206 42.98 10.99 -77.18
N ASN I 207 43.39 10.60 -75.99
CA ASN I 207 43.73 9.21 -75.69
C ASN I 207 42.77 8.71 -74.62
N VAL I 208 42.20 7.54 -74.85
CA VAL I 208 41.22 6.98 -73.91
C VAL I 208 41.61 5.55 -73.60
N ALA I 209 41.95 5.30 -72.33
CA ALA I 209 42.23 3.96 -71.85
C ALA I 209 41.03 3.43 -71.10
N HIS I 210 40.65 2.19 -71.37
CA HIS I 210 39.57 1.53 -70.65
C HIS I 210 40.12 0.23 -70.08
N PRO I 211 40.58 0.25 -68.82
CA PRO I 211 41.27 -0.94 -68.27
C PRO I 211 40.48 -2.23 -68.39
N ALA I 212 39.17 -2.17 -68.17
CA ALA I 212 38.37 -3.39 -68.10
C ALA I 212 38.33 -4.14 -69.42
N SER I 213 38.39 -3.42 -70.54
CA SER I 213 38.47 -4.05 -71.85
C SER I 213 39.90 -4.11 -72.38
N SER I 214 40.89 -3.64 -71.61
CA SER I 214 42.29 -3.62 -72.00
C SER I 214 42.53 -2.80 -73.26
N THR I 215 41.72 -1.78 -73.50
CA THR I 215 41.83 -0.99 -74.72
C THR I 215 42.45 0.36 -74.44
N LYS I 216 43.12 0.89 -75.47
CA LYS I 216 43.70 2.22 -75.45
C LYS I 216 43.55 2.75 -76.86
N VAL I 217 42.79 3.83 -77.04
CA VAL I 217 42.48 4.36 -78.35
C VAL I 217 42.95 5.81 -78.44
N ASP I 218 43.50 6.19 -79.59
CA ASP I 218 43.92 7.54 -79.86
C ASP I 218 43.10 8.09 -81.01
N LYS I 219 42.58 9.30 -80.86
CA LYS I 219 41.87 9.99 -81.93
C LYS I 219 42.45 11.39 -82.10
N LYS I 220 43.13 11.60 -83.23
CA LYS I 220 43.64 12.92 -83.56
C LYS I 220 42.48 13.84 -83.97
N ILE I 221 42.48 15.07 -83.47
CA ILE I 221 41.43 16.02 -83.86
C ILE I 221 41.82 16.62 -85.20
N GLU I 222 40.96 16.45 -86.21
CA GLU I 222 41.22 16.93 -87.57
C GLU I 222 40.18 17.96 -87.97
N PRO I 223 40.58 19.11 -88.49
CA PRO I 223 39.61 20.10 -88.96
C PRO I 223 38.55 19.48 -89.87
N ARG I 224 37.33 19.92 -89.70
CA ARG I 224 36.25 19.48 -90.57
C ARG I 224 36.41 20.09 -91.95
N VAL I 225 35.84 19.41 -92.94
CA VAL I 225 35.84 19.89 -94.32
C VAL I 225 34.40 19.88 -94.82
N PRO I 226 34.10 20.60 -95.90
CA PRO I 226 32.73 20.62 -96.42
C PRO I 226 32.29 19.26 -96.90
N ILE I 227 30.98 19.14 -97.14
CA ILE I 227 30.40 17.91 -97.67
C ILE I 227 30.83 17.66 -99.12
N ASP J 1 7.82 8.26 -37.20
CA ASP J 1 8.61 8.93 -38.22
C ASP J 1 9.07 10.32 -37.76
N ILE J 2 10.18 10.79 -38.32
CA ILE J 2 10.71 12.14 -38.11
C ILE J 2 11.36 12.57 -39.44
N VAL J 3 11.09 13.80 -39.88
CA VAL J 3 11.36 14.25 -41.26
C VAL J 3 12.21 15.52 -41.21
N LEU J 4 13.48 15.31 -41.54
CA LEU J 4 14.62 16.18 -41.24
C LEU J 4 14.85 17.17 -42.38
N THR J 5 14.62 18.48 -42.17
CA THR J 5 14.47 19.36 -43.34
C THR J 5 15.58 20.38 -43.28
N GLN J 6 16.62 20.10 -44.07
CA GLN J 6 17.76 20.99 -44.14
C GLN J 6 17.58 22.03 -45.23
N SER J 7 18.21 23.17 -44.98
CA SER J 7 17.86 24.39 -45.68
C SER J 7 19.07 25.42 -45.72
N PRO J 8 19.72 26.03 -46.79
CA PRO J 8 19.78 25.91 -48.33
C PRO J 8 20.31 24.52 -48.72
N ALA J 9 19.87 24.01 -49.87
CA ALA J 9 20.41 22.77 -50.44
C ALA J 9 21.90 22.91 -50.82
N SER J 10 22.28 24.11 -51.28
CA SER J 10 23.65 24.52 -51.41
C SER J 10 23.83 25.98 -51.03
N LEU J 11 24.89 26.25 -50.27
CA LEU J 11 25.39 27.57 -49.95
C LEU J 11 26.80 27.70 -50.54
N ALA J 12 27.02 28.90 -51.09
CA ALA J 12 28.28 29.47 -51.52
C ALA J 12 28.57 30.72 -50.68
N VAL J 13 29.79 30.82 -50.16
CA VAL J 13 30.14 31.76 -49.09
C VAL J 13 31.62 32.13 -49.16
N SER J 14 31.92 33.42 -49.05
CA SER J 14 33.30 33.94 -49.16
C SER J 14 34.12 33.61 -47.91
N LEU J 15 35.44 33.44 -48.05
CA LEU J 15 36.30 33.22 -46.88
C LEU J 15 36.24 34.40 -45.88
N GLY J 16 36.23 34.05 -44.60
CA GLY J 16 36.02 34.98 -43.49
C GLY J 16 34.55 35.34 -43.24
N GLN J 17 33.64 35.01 -44.18
CA GLN J 17 32.21 35.20 -44.01
C GLN J 17 31.59 34.09 -43.17
N ARG J 18 30.36 34.30 -42.70
CA ARG J 18 29.68 33.44 -41.72
C ARG J 18 28.55 32.67 -42.38
N ALA J 19 28.71 31.36 -42.49
CA ALA J 19 27.65 30.48 -42.96
C ALA J 19 26.68 30.13 -41.83
N THR J 20 25.42 29.89 -42.20
CA THR J 20 24.39 29.36 -41.30
C THR J 20 23.47 28.43 -42.09
N ILE J 21 23.19 27.29 -41.48
CA ILE J 21 22.67 26.09 -42.11
C ILE J 21 21.57 25.56 -41.22
N SER J 22 20.34 25.54 -41.70
CA SER J 22 19.16 25.21 -40.89
C SER J 22 18.70 23.76 -41.17
N TYR J 23 17.82 23.30 -40.28
CA TYR J 23 17.40 21.96 -40.01
C TYR J 23 16.02 22.07 -39.35
N ARG J 24 14.97 21.41 -39.83
CA ARG J 24 13.64 21.54 -39.24
C ARG J 24 12.98 20.19 -39.03
N ALA J 25 12.58 19.86 -37.80
CA ALA J 25 12.48 18.47 -37.38
C ALA J 25 11.23 17.68 -37.77
N SER J 26 10.13 18.36 -38.10
CA SER J 26 8.75 17.80 -38.12
C SER J 26 8.20 17.44 -36.73
N LYS J 27 8.94 16.67 -35.92
CA LYS J 27 8.58 16.22 -34.57
C LYS J 27 9.70 16.58 -33.58
N SER J 28 9.33 17.11 -32.42
CA SER J 28 10.24 17.67 -31.41
C SER J 28 11.20 16.63 -30.81
N VAL J 29 12.43 16.55 -31.33
CA VAL J 29 13.51 15.59 -30.97
C VAL J 29 14.15 15.85 -29.60
N SER J 30 13.39 16.44 -28.68
CA SER J 30 13.85 16.81 -27.36
C SER J 30 13.30 15.84 -26.33
N THR J 31 14.20 15.32 -25.51
CA THR J 31 13.90 14.28 -24.51
C THR J 31 14.60 14.68 -23.22
N SER J 32 13.83 14.78 -22.13
CA SER J 32 14.35 15.04 -20.77
C SER J 32 15.10 16.38 -20.57
N GLY J 33 15.05 17.29 -21.54
CA GLY J 33 15.79 18.56 -21.55
C GLY J 33 16.87 18.60 -22.63
N TYR J 34 17.39 17.44 -23.03
CA TYR J 34 18.32 17.30 -24.14
C TYR J 34 17.61 17.49 -25.47
N SER J 35 18.36 17.65 -26.55
CA SER J 35 17.87 17.50 -27.91
C SER J 35 18.85 16.67 -28.69
N TYR J 36 18.36 15.71 -29.48
CA TYR J 36 19.18 14.62 -30.04
C TYR J 36 19.37 14.84 -31.56
N MET J 37 20.09 15.91 -31.86
CA MET J 37 20.40 16.36 -33.20
C MET J 37 21.92 16.39 -33.41
N HIS J 38 22.34 16.16 -34.67
CA HIS J 38 23.69 15.67 -34.97
C HIS J 38 24.24 16.15 -36.33
N TRP J 39 25.15 17.11 -36.24
CA TRP J 39 25.74 17.79 -37.39
C TRP J 39 27.06 17.16 -37.84
N ASN J 40 27.18 16.96 -39.17
CA ASN J 40 28.08 15.97 -39.78
C ASN J 40 28.68 16.50 -41.10
N GLN J 41 29.98 16.78 -41.05
CA GLN J 41 30.73 17.13 -42.25
C GLN J 41 30.78 15.94 -43.21
N GLN J 42 30.88 16.15 -44.53
CA GLN J 42 31.46 15.06 -45.34
C GLN J 42 32.16 15.65 -46.56
N LYS J 43 33.48 15.48 -46.61
CA LYS J 43 34.28 15.77 -47.80
C LYS J 43 34.01 14.72 -48.88
N PRO J 44 33.97 15.11 -50.17
CA PRO J 44 33.98 14.13 -51.26
C PRO J 44 35.28 13.31 -51.16
N GLY J 45 35.14 11.99 -51.18
CA GLY J 45 36.26 11.07 -51.00
C GLY J 45 36.56 10.67 -49.55
N GLN J 46 35.77 11.11 -48.58
CA GLN J 46 35.94 10.71 -47.17
C GLN J 46 34.60 10.28 -46.55
N PRO J 47 34.62 9.44 -45.50
CA PRO J 47 33.46 9.22 -44.64
C PRO J 47 32.94 10.52 -44.00
N PRO J 48 31.72 10.49 -43.44
CA PRO J 48 31.26 11.59 -42.62
C PRO J 48 32.09 11.71 -41.35
N ARG J 49 32.25 12.96 -40.88
CA ARG J 49 32.85 13.27 -39.59
C ARG J 49 31.80 13.86 -38.66
N LEU J 50 31.78 13.44 -37.40
CA LEU J 50 30.98 14.09 -36.37
C LEU J 50 31.55 15.48 -36.04
N LEU J 51 30.71 16.50 -36.16
CA LEU J 51 31.01 17.86 -35.75
C LEU J 51 30.36 18.20 -34.41
N ILE J 52 29.04 18.05 -34.33
CA ILE J 52 28.28 18.55 -33.17
C ILE J 52 27.15 17.61 -32.75
N TYR J 53 27.33 17.01 -31.58
CA TYR J 53 26.41 16.09 -30.93
C TYR J 53 25.45 16.80 -29.97
N LEU J 54 24.24 16.27 -29.82
CA LEU J 54 23.28 16.74 -28.83
C LEU J 54 23.00 18.25 -28.99
N VAL J 55 22.92 18.65 -30.26
CA VAL J 55 22.66 19.98 -30.84
C VAL J 55 23.71 21.07 -30.66
N SER J 56 24.52 21.01 -29.62
CA SER J 56 25.41 22.10 -29.22
C SER J 56 26.77 21.65 -28.66
N ASN J 57 27.05 20.35 -28.60
CA ASN J 57 28.27 19.81 -28.01
C ASN J 57 29.31 19.48 -29.09
N LEU J 58 30.26 20.42 -29.21
CA LEU J 58 31.39 20.35 -30.11
C LEU J 58 32.27 19.13 -29.84
N GLU J 59 32.33 18.20 -30.79
CA GLU J 59 33.10 16.96 -30.65
C GLU J 59 34.61 17.26 -30.57
N SER J 60 35.30 16.34 -29.91
CA SER J 60 36.74 16.29 -29.78
C SER J 60 37.48 16.54 -31.09
N GLY J 61 38.38 17.52 -31.07
CA GLY J 61 39.17 17.88 -32.25
C GLY J 61 38.40 18.59 -33.37
N VAL J 62 37.20 19.11 -33.11
CA VAL J 62 36.48 19.97 -34.06
C VAL J 62 36.77 21.43 -33.73
N PRO J 63 37.14 22.28 -34.70
CA PRO J 63 37.52 23.64 -34.39
C PRO J 63 36.34 24.53 -33.99
N ALA J 64 36.55 25.38 -32.97
CA ALA J 64 35.55 26.28 -32.38
C ALA J 64 34.92 27.32 -33.33
N ARG J 65 35.29 27.33 -34.63
CA ARG J 65 34.51 28.00 -35.67
C ARG J 65 33.13 27.39 -35.89
N PHE J 66 33.00 26.09 -35.68
CA PHE J 66 31.74 25.37 -35.67
C PHE J 66 31.01 25.60 -34.35
N SER J 67 29.70 25.86 -34.44
CA SER J 67 28.82 26.00 -33.28
C SER J 67 27.41 25.61 -33.63
N GLY J 68 26.74 24.88 -32.74
CA GLY J 68 25.39 24.38 -32.97
C GLY J 68 24.46 24.91 -31.90
N SER J 69 23.26 25.31 -32.31
CA SER J 69 22.23 25.71 -31.37
C SER J 69 20.84 25.63 -31.96
N GLY J 70 19.89 25.36 -31.08
CA GLY J 70 18.49 25.21 -31.42
C GLY J 70 17.73 24.57 -30.27
N SER J 71 16.45 24.33 -30.49
CA SER J 71 15.65 23.58 -29.54
C SER J 71 14.40 23.03 -30.22
N GLY J 72 13.86 21.95 -29.65
CA GLY J 72 12.58 21.39 -30.05
C GLY J 72 12.59 20.78 -31.44
N THR J 73 12.20 21.60 -32.42
CA THR J 73 12.20 21.26 -33.85
C THR J 73 13.34 21.93 -34.60
N ASP J 74 13.79 23.11 -34.18
CA ASP J 74 14.51 24.01 -35.08
C ASP J 74 15.95 24.16 -34.60
N PHE J 75 16.85 23.72 -35.47
CA PHE J 75 18.28 23.71 -35.17
C PHE J 75 19.08 24.30 -36.32
N THR J 76 20.21 24.88 -35.92
CA THR J 76 21.14 25.64 -36.75
C THR J 76 22.59 25.26 -36.44
N LEU J 77 23.33 24.96 -37.51
CA LEU J 77 24.77 24.96 -37.53
C LEU J 77 25.26 26.30 -38.04
N ASN J 78 26.31 26.79 -37.41
CA ASN J 78 26.92 28.08 -37.65
C ASN J 78 28.40 27.80 -37.89
N ILE J 79 28.96 28.43 -38.91
CA ILE J 79 30.40 28.34 -39.19
C ILE J 79 30.90 29.77 -39.31
N HIS J 80 31.77 30.18 -38.39
CA HIS J 80 31.85 31.60 -38.05
C HIS J 80 32.78 32.43 -38.93
N PRO J 81 34.13 32.30 -38.90
CA PRO J 81 34.92 32.51 -40.10
C PRO J 81 34.93 31.18 -40.89
N VAL J 82 34.35 31.15 -42.09
CA VAL J 82 34.62 30.03 -42.98
C VAL J 82 36.07 30.10 -43.50
N GLU J 83 36.71 28.94 -43.56
CA GLU J 83 38.00 28.72 -44.22
C GLU J 83 37.87 27.73 -45.38
N GLU J 84 38.84 27.62 -46.30
CA GLU J 84 38.63 26.74 -47.47
C GLU J 84 38.45 25.26 -47.08
N GLU J 85 39.09 24.83 -45.98
CA GLU J 85 38.92 23.53 -45.35
C GLU J 85 37.45 23.18 -45.02
N ASP J 86 36.58 24.17 -44.79
CA ASP J 86 35.15 23.93 -44.56
C ASP J 86 34.38 23.31 -45.73
N ALA J 87 34.88 23.42 -46.96
CA ALA J 87 34.08 23.10 -48.15
C ALA J 87 33.68 21.61 -48.23
N ALA J 88 32.40 21.31 -48.02
CA ALA J 88 31.89 19.95 -47.76
C ALA J 88 30.35 19.89 -47.68
N THR J 89 29.73 18.70 -47.67
CA THR J 89 28.34 18.61 -47.17
C THR J 89 28.29 18.58 -45.62
N TYR J 90 27.11 18.56 -44.97
CA TYR J 90 26.99 18.98 -43.56
C TYR J 90 25.93 18.27 -42.66
N TYR J 91 25.22 17.26 -43.16
CA TYR J 91 23.95 16.69 -42.63
C TYR J 91 23.69 16.56 -41.10
N CYS J 92 22.41 16.55 -40.68
CA CYS J 92 21.92 16.98 -39.37
C CYS J 92 21.28 15.88 -38.48
N GLN J 93 21.07 14.67 -39.00
CA GLN J 93 20.72 13.43 -38.26
C GLN J 93 20.17 13.51 -36.82
N HIS J 94 18.91 13.10 -36.62
CA HIS J 94 18.38 12.90 -35.28
C HIS J 94 18.76 11.53 -34.77
N ILE J 95 18.80 11.40 -33.45
CA ILE J 95 19.10 10.16 -32.72
C ILE J 95 17.90 9.88 -31.81
N ARG J 96 16.76 9.62 -32.47
CA ARG J 96 15.52 9.14 -31.86
C ARG J 96 14.98 7.97 -32.68
N GLU J 97 14.89 8.15 -33.99
CA GLU J 97 15.06 7.10 -35.01
C GLU J 97 16.49 7.26 -35.54
N LEU J 98 16.77 6.83 -36.76
CA LEU J 98 17.91 7.34 -37.54
C LEU J 98 17.43 7.87 -38.88
N THR J 99 17.07 9.15 -38.89
CA THR J 99 16.78 9.90 -40.12
C THR J 99 17.83 10.98 -40.29
N PHE J 100 18.23 11.22 -41.54
CA PHE J 100 19.21 12.22 -41.94
C PHE J 100 18.48 13.33 -42.70
N GLY J 101 19.02 14.55 -42.65
CA GLY J 101 18.50 15.62 -43.50
C GLY J 101 19.19 15.62 -44.85
N ALA J 102 18.47 16.15 -45.85
CA ALA J 102 19.00 16.33 -47.19
C ALA J 102 20.15 17.37 -47.19
N ALA J 103 21.38 16.88 -47.27
CA ALA J 103 22.57 17.60 -46.85
C ALA J 103 22.87 18.90 -47.63
N PRO J 104 22.92 20.05 -46.94
CA PRO J 104 23.58 21.25 -47.42
C PRO J 104 25.00 20.97 -47.87
N SER J 105 25.26 21.34 -49.12
CA SER J 105 26.59 21.67 -49.66
C SER J 105 27.02 23.07 -49.20
N ALA J 106 28.31 23.27 -49.07
CA ALA J 106 28.96 24.49 -48.64
C ALA J 106 30.24 24.60 -49.48
N ALA J 107 30.22 25.60 -50.36
CA ALA J 107 31.27 25.94 -51.29
C ALA J 107 31.88 27.29 -50.88
N ALA J 108 33.18 27.43 -51.09
CA ALA J 108 33.88 28.68 -50.85
C ALA J 108 33.29 29.86 -51.65
N ARG J 109 33.09 33.53 -55.90
CA ARG J 109 34.07 34.34 -56.59
C ARG J 109 33.29 35.32 -57.46
N ALA J 110 34.00 36.19 -58.18
CA ALA J 110 33.34 37.12 -59.08
C ALA J 110 32.60 36.36 -60.18
N ASP J 111 31.44 36.89 -60.58
CA ASP J 111 30.71 36.30 -61.69
C ASP J 111 31.61 36.18 -62.92
N ALA J 112 31.42 35.12 -63.68
CA ALA J 112 32.16 34.91 -64.92
C ALA J 112 31.24 34.25 -65.94
N ALA J 113 31.18 34.83 -67.13
CA ALA J 113 30.36 34.28 -68.20
C ALA J 113 30.98 32.99 -68.72
N PRO J 114 30.16 32.01 -69.09
CA PRO J 114 30.71 30.79 -69.71
C PRO J 114 31.29 31.09 -71.08
N THR J 115 32.33 30.33 -71.43
CA THR J 115 32.81 30.28 -72.79
C THR J 115 32.13 29.09 -73.45
N VAL J 116 31.36 29.34 -74.50
CA VAL J 116 30.47 28.33 -75.09
C VAL J 116 31.01 27.94 -76.46
N SER J 117 31.08 26.63 -76.70
CA SER J 117 31.54 26.09 -77.98
C SER J 117 30.62 24.96 -78.37
N ILE J 118 30.26 24.90 -79.65
CA ILE J 118 29.31 23.89 -80.15
C ILE J 118 30.04 22.96 -81.12
N PHE J 119 29.69 21.67 -81.05
CA PHE J 119 30.36 20.63 -81.83
C PHE J 119 29.35 19.76 -82.53
N PRO J 120 29.28 19.79 -83.85
CA PRO J 120 28.43 18.85 -84.57
C PRO J 120 28.91 17.43 -84.33
N PRO J 121 28.07 16.44 -84.61
CA PRO J 121 28.53 15.04 -84.55
C PRO J 121 29.77 14.84 -85.39
N SER J 122 30.67 14.00 -84.90
CA SER J 122 31.82 13.63 -85.67
C SER J 122 31.42 12.71 -86.81
N SER J 123 32.21 12.72 -87.88
CA SER J 123 31.94 11.80 -88.98
C SER J 123 31.93 10.36 -88.48
N GLU J 124 32.79 10.04 -87.52
CA GLU J 124 32.86 8.68 -87.02
C GLU J 124 31.58 8.29 -86.29
N GLN J 125 31.02 9.19 -85.47
CA GLN J 125 29.75 8.86 -84.84
C GLN J 125 28.63 8.70 -85.86
N LEU J 126 28.65 9.47 -86.95
CA LEU J 126 27.56 9.39 -87.93
C LEU J 126 27.57 8.10 -88.73
N THR J 127 28.56 7.23 -88.54
CA THR J 127 28.41 5.90 -89.10
C THR J 127 27.45 5.04 -88.28
N SER J 128 27.13 5.46 -87.06
CA SER J 128 26.48 4.64 -86.04
C SER J 128 24.96 4.69 -86.05
N GLY J 129 24.35 5.66 -86.71
CA GLY J 129 22.91 5.79 -86.55
C GLY J 129 22.49 6.59 -85.34
N GLY J 130 23.42 6.96 -84.47
CA GLY J 130 23.17 7.99 -83.46
C GLY J 130 23.99 9.23 -83.77
N ALA J 131 23.56 10.38 -83.26
CA ALA J 131 24.23 11.64 -83.51
C ALA J 131 24.17 12.47 -82.24
N SER J 132 25.32 12.93 -81.76
CA SER J 132 25.37 13.77 -80.57
C SER J 132 25.90 15.14 -80.95
N VAL J 133 25.18 16.18 -80.56
CA VAL J 133 25.64 17.55 -80.68
C VAL J 133 26.04 17.99 -79.29
N VAL J 134 27.27 18.50 -79.16
CA VAL J 134 27.81 18.82 -77.84
C VAL J 134 28.01 20.32 -77.73
N CYS J 135 27.57 20.89 -76.61
CA CYS J 135 27.99 22.24 -76.22
C CYS J 135 28.78 22.16 -74.93
N PHE J 136 29.97 22.76 -74.93
CA PHE J 136 30.72 22.96 -73.70
C PHE J 136 30.48 24.39 -73.24
N LEU J 137 30.24 24.54 -71.95
CA LEU J 137 30.03 25.85 -71.32
C LEU J 137 31.05 25.92 -70.19
N ASN J 138 32.14 26.63 -70.42
CA ASN J 138 33.33 26.45 -69.59
C ASN J 138 33.66 27.67 -68.74
N ASN J 139 34.11 27.39 -67.51
CA ASN J 139 34.74 28.38 -66.63
C ASN J 139 33.78 29.52 -66.26
N PHE J 140 32.60 29.15 -65.76
CA PHE J 140 31.60 30.15 -65.40
C PHE J 140 31.35 30.17 -63.89
N TYR J 141 30.76 31.27 -63.44
CA TYR J 141 30.34 31.43 -62.06
C TYR J 141 29.21 32.46 -62.04
N PRO J 142 28.13 32.20 -61.29
CA PRO J 142 27.85 31.07 -60.41
C PRO J 142 27.40 29.81 -61.16
N LYS J 143 27.17 28.74 -60.40
CA LYS J 143 26.87 27.44 -61.00
C LYS J 143 25.53 27.42 -61.72
N ASP J 144 24.58 28.25 -61.28
CA ASP J 144 23.24 28.22 -61.86
C ASP J 144 23.29 28.63 -63.34
N ILE J 145 22.84 27.72 -64.19
CA ILE J 145 22.89 27.94 -65.64
C ILE J 145 21.84 27.03 -66.23
N ASN J 146 21.24 27.48 -67.34
CA ASN J 146 20.23 26.68 -68.03
C ASN J 146 20.55 26.65 -69.52
N VAL J 147 20.45 25.46 -70.10
CA VAL J 147 20.73 25.27 -71.52
C VAL J 147 19.44 24.85 -72.22
N LYS J 148 19.12 25.53 -73.31
CA LYS J 148 17.98 25.20 -74.14
C LYS J 148 18.51 24.84 -75.52
N TRP J 149 18.10 23.69 -76.03
CA TRP J 149 18.50 23.24 -77.36
C TRP J 149 17.37 23.45 -78.35
N LYS J 150 17.73 23.84 -79.57
CA LYS J 150 16.78 23.96 -80.66
C LYS J 150 17.31 23.27 -81.91
N ILE J 151 16.38 22.71 -82.67
CA ILE J 151 16.66 22.11 -83.97
C ILE J 151 15.73 22.81 -84.94
N ASP J 152 16.30 23.51 -85.93
CA ASP J 152 15.51 24.24 -86.91
C ASP J 152 14.43 25.09 -86.24
N GLY J 153 14.80 25.74 -85.13
CA GLY J 153 13.94 26.67 -84.43
C GLY J 153 13.07 26.06 -83.36
N SER J 154 12.93 24.74 -83.33
CA SER J 154 12.02 24.07 -82.41
C SER J 154 12.81 23.54 -81.22
N GLU J 155 12.37 23.88 -80.00
CA GLU J 155 13.05 23.37 -78.82
C GLU J 155 12.98 21.85 -78.76
N ARG J 156 14.09 21.25 -78.34
CA ARG J 156 14.16 19.81 -78.10
C ARG J 156 14.61 19.60 -76.66
N GLN J 157 13.79 18.90 -75.87
CA GLN J 157 14.12 18.58 -74.49
C GLN J 157 14.53 17.14 -74.29
N ASN J 158 13.88 16.19 -74.99
CA ASN J 158 14.26 14.79 -74.85
C ASN J 158 15.63 14.56 -75.48
N GLY J 159 16.42 13.71 -74.84
CA GLY J 159 17.73 13.37 -75.37
C GLY J 159 18.84 14.31 -74.99
N VAL J 160 18.60 15.25 -74.07
CA VAL J 160 19.62 16.17 -73.59
C VAL J 160 20.20 15.61 -72.30
N LEU J 161 21.53 15.51 -72.24
CA LEU J 161 22.24 15.06 -71.06
C LEU J 161 23.26 16.11 -70.65
N ASN J 162 23.18 16.55 -69.40
CA ASN J 162 24.06 17.57 -68.89
C ASN J 162 24.97 16.99 -67.82
N SER J 163 26.23 17.37 -67.85
CA SER J 163 27.19 16.93 -66.86
C SER J 163 28.04 18.11 -66.42
N TRP J 164 28.25 18.23 -65.12
CA TRP J 164 28.95 19.38 -64.55
C TRP J 164 30.21 18.91 -63.84
N THR J 165 31.30 19.65 -64.02
CA THR J 165 32.45 19.41 -63.18
C THR J 165 32.20 19.93 -61.76
N ASP J 166 32.94 19.38 -60.81
CA ASP J 166 32.97 19.98 -59.49
C ASP J 166 33.62 21.36 -59.59
N GLN J 167 33.31 22.22 -58.61
CA GLN J 167 33.92 23.54 -58.58
C GLN J 167 35.45 23.41 -58.63
N ASP J 168 36.09 24.16 -59.52
CA ASP J 168 37.51 23.97 -59.72
C ASP J 168 38.30 24.39 -58.48
N SER J 169 39.30 23.57 -58.12
CA SER J 169 40.04 23.80 -56.89
C SER J 169 40.94 25.03 -56.96
N LYS J 170 41.24 25.54 -58.14
CA LYS J 170 42.11 26.69 -58.27
C LYS J 170 41.37 27.96 -58.64
N ASP J 171 40.48 27.89 -59.64
CA ASP J 171 39.85 29.09 -60.16
C ASP J 171 38.41 29.29 -59.69
N SER J 172 37.86 28.34 -58.93
CA SER J 172 36.53 28.43 -58.32
C SER J 172 35.40 28.51 -59.34
N THR J 173 35.66 28.21 -60.61
CA THR J 173 34.59 28.20 -61.60
C THR J 173 33.98 26.81 -61.75
N TYR J 174 32.90 26.77 -62.53
CA TYR J 174 32.24 25.55 -62.94
C TYR J 174 32.34 25.42 -64.45
N SER J 175 32.24 24.17 -64.92
CA SER J 175 32.10 23.92 -66.35
C SER J 175 31.02 22.86 -66.55
N MET J 176 30.44 22.83 -67.75
CA MET J 176 29.32 21.96 -68.03
C MET J 176 29.42 21.47 -69.47
N SER J 177 29.05 20.22 -69.69
CA SER J 177 28.81 19.72 -71.04
C SER J 177 27.32 19.49 -71.17
N SER J 178 26.75 19.92 -72.29
CA SER J 178 25.36 19.65 -72.61
C SER J 178 25.36 18.94 -73.95
N THR J 179 24.79 17.74 -73.98
CA THR J 179 24.85 16.90 -75.17
C THR J 179 23.44 16.54 -75.61
N LEU J 180 23.10 16.91 -76.84
CA LEU J 180 21.83 16.56 -77.45
C LEU J 180 22.05 15.33 -78.32
N THR J 181 21.39 14.23 -77.98
CA THR J 181 21.52 13.02 -78.78
C THR J 181 20.22 12.75 -79.51
N LEU J 182 20.33 12.50 -80.81
CA LEU J 182 19.19 12.18 -81.65
C LEU J 182 19.61 11.08 -82.61
N THR J 183 18.65 10.57 -83.39
CA THR J 183 19.05 9.58 -84.37
C THR J 183 19.80 10.26 -85.51
N LYS J 184 20.67 9.49 -86.17
CA LYS J 184 21.33 10.04 -87.35
C LYS J 184 20.31 10.46 -88.40
N ASP J 185 19.25 9.66 -88.57
CA ASP J 185 18.23 10.00 -89.56
C ASP J 185 17.61 11.35 -89.26
N GLU J 186 17.25 11.60 -88.00
CA GLU J 186 16.68 12.90 -87.68
C GLU J 186 17.72 14.01 -87.85
N TYR J 187 18.96 13.75 -87.46
CA TYR J 187 19.99 14.77 -87.56
C TYR J 187 20.17 15.24 -89.00
N GLU J 188 20.11 14.33 -89.96
CA GLU J 188 20.34 14.72 -91.35
C GLU J 188 19.10 15.28 -92.02
N ARG J 189 17.97 15.35 -91.33
CA ARG J 189 16.76 15.98 -91.83
C ARG J 189 16.63 17.44 -91.41
N HIS J 190 17.63 17.98 -90.70
CA HIS J 190 17.56 19.34 -90.22
C HIS J 190 18.89 20.04 -90.48
N ASN J 191 18.85 21.37 -90.52
CA ASN J 191 20.08 22.11 -90.77
C ASN J 191 20.58 22.90 -89.57
N SER J 192 19.71 23.59 -88.85
CA SER J 192 20.15 24.49 -87.79
C SER J 192 20.08 23.81 -86.43
N TYR J 193 21.18 23.90 -85.67
CA TYR J 193 21.29 23.36 -84.33
C TYR J 193 21.79 24.47 -83.43
N THR J 194 21.14 24.65 -82.28
CA THR J 194 21.45 25.77 -81.40
C THR J 194 21.44 25.32 -79.95
N CYS J 195 22.46 25.72 -79.19
CA CYS J 195 22.39 25.66 -77.74
C CYS J 195 22.41 27.07 -77.17
N GLU J 196 21.46 27.37 -76.28
CA GLU J 196 21.33 28.69 -75.70
C GLU J 196 21.56 28.59 -74.20
N ALA J 197 22.47 29.40 -73.67
CA ALA J 197 22.82 29.34 -72.25
C ALA J 197 22.31 30.58 -71.51
N THR J 198 21.37 30.38 -70.58
CA THR J 198 20.90 31.45 -69.72
C THR J 198 21.76 31.48 -68.47
N HIS J 199 22.31 32.65 -68.16
CA HIS J 199 23.21 32.79 -67.03
C HIS J 199 23.15 34.23 -66.57
N LYS J 200 23.37 34.46 -65.27
CA LYS J 200 23.16 35.81 -64.74
C LYS J 200 24.12 36.84 -65.32
N THR J 201 25.19 36.41 -65.98
CA THR J 201 26.18 37.33 -66.54
C THR J 201 25.73 37.99 -67.83
N SER J 202 24.58 37.63 -68.37
CA SER J 202 24.07 38.29 -69.57
C SER J 202 22.57 38.44 -69.47
N THR J 203 22.06 39.56 -70.00
CA THR J 203 20.63 39.80 -69.93
C THR J 203 19.87 38.88 -70.88
N SER J 204 20.50 38.46 -71.97
CA SER J 204 19.95 37.45 -72.86
C SER J 204 20.94 36.29 -72.96
N PRO J 205 20.45 35.08 -73.27
CA PRO J 205 21.36 33.92 -73.32
C PRO J 205 22.50 34.08 -74.32
N ILE J 206 23.61 33.41 -74.05
CA ILE J 206 24.63 33.19 -75.08
C ILE J 206 24.12 32.13 -76.06
N VAL J 207 24.20 32.41 -77.35
CA VAL J 207 23.69 31.54 -78.40
C VAL J 207 24.87 31.02 -79.21
N LYS J 208 25.06 29.69 -79.25
CA LYS J 208 25.92 29.08 -80.24
C LYS J 208 25.09 28.22 -81.16
N SER J 209 25.31 28.37 -82.47
CA SER J 209 24.49 27.70 -83.46
C SER J 209 25.36 27.37 -84.67
N PHE J 210 25.01 26.31 -85.38
CA PHE J 210 25.63 26.04 -86.67
C PHE J 210 24.57 25.56 -87.65
N ASN J 211 24.84 25.76 -88.93
CA ASN J 211 24.10 25.12 -90.01
C ASN J 211 24.90 23.91 -90.48
N ARG J 212 24.27 22.74 -90.40
CA ARG J 212 24.92 21.47 -90.68
C ARG J 212 25.63 21.45 -92.03
N ASN J 213 25.03 22.02 -93.06
CA ASN J 213 25.56 21.89 -94.40
C ASN J 213 26.47 23.06 -94.81
N GLU J 214 26.87 23.92 -93.87
CA GLU J 214 27.70 25.07 -94.18
C GLU J 214 29.15 24.89 -93.73
N CYS J 215 30.03 25.66 -94.35
CA CYS J 215 31.42 25.68 -93.93
C CYS J 215 32.02 27.07 -94.11
N MET K 1 66.66 -9.38 47.94
CA MET K 1 65.49 -9.51 48.78
C MET K 1 64.37 -10.29 48.10
N ARG K 2 64.21 -10.07 46.80
CA ARG K 2 63.15 -10.74 46.07
C ARG K 2 63.16 -12.24 46.32
N CYS K 3 64.32 -12.86 46.21
CA CYS K 3 64.43 -14.30 46.40
C CYS K 3 64.23 -14.71 47.85
N ILE K 4 64.64 -13.86 48.78
CA ILE K 4 64.46 -14.18 50.19
C ILE K 4 62.98 -14.19 50.55
N GLY K 5 62.22 -13.34 49.88
CA GLY K 5 60.79 -13.26 50.15
C GLY K 5 59.99 -14.32 49.46
N MET K 6 60.64 -15.14 48.66
CA MET K 6 59.92 -16.20 47.97
C MET K 6 59.86 -17.47 48.80
N SER K 7 58.72 -18.16 48.73
CA SER K 7 58.54 -19.39 49.46
C SER K 7 59.26 -20.53 48.75
N ASN K 8 59.25 -20.51 47.43
CA ASN K 8 59.94 -21.53 46.66
C ASN K 8 61.35 -21.06 46.32
N ARG K 9 62.30 -21.49 47.14
CA ARG K 9 63.69 -21.11 46.97
C ARG K 9 64.61 -22.31 47.19
N ASP K 10 65.42 -22.63 46.18
CA ASP K 10 66.38 -23.72 46.26
C ASP K 10 67.79 -23.21 46.53
N PHE K 11 68.55 -23.95 47.34
CA PHE K 11 69.93 -23.59 47.62
C PHE K 11 70.79 -24.62 46.96
N VAL K 12 71.61 -24.20 46.01
CA VAL K 12 72.49 -25.11 45.30
C VAL K 12 73.95 -24.73 45.48
N GLU K 13 74.82 -25.74 45.52
CA GLU K 13 76.25 -25.50 45.69
C GLU K 13 77.04 -26.55 44.93
N GLY K 14 78.16 -26.15 44.32
CA GLY K 14 78.97 -27.11 43.57
C GLY K 14 79.87 -27.95 44.45
N VAL K 15 79.84 -29.27 44.26
CA VAL K 15 80.67 -30.18 45.06
C VAL K 15 82.10 -30.26 44.51
N SER K 16 82.39 -29.47 43.50
CA SER K 16 83.71 -29.47 42.89
C SER K 16 84.20 -28.02 42.74
N GLY K 17 85.21 -27.82 41.91
CA GLY K 17 85.74 -26.48 41.68
C GLY K 17 85.92 -26.28 40.19
N GLY K 18 85.32 -25.24 39.65
CA GLY K 18 85.42 -25.00 38.21
C GLY K 18 84.45 -25.89 37.47
N SER K 19 83.75 -26.72 38.23
CA SER K 19 82.77 -27.65 37.66
C SER K 19 81.46 -26.96 37.33
N TRP K 20 80.58 -27.70 36.66
CA TRP K 20 79.26 -27.17 36.32
C TRP K 20 78.32 -27.50 37.47
N VAL K 21 77.36 -26.62 37.73
CA VAL K 21 76.37 -26.86 38.77
C VAL K 21 75.02 -26.85 38.09
N ASP K 22 74.18 -27.82 38.39
CA ASP K 22 72.85 -27.86 37.77
C ASP K 22 71.81 -27.20 38.66
N ILE K 23 70.84 -26.55 38.03
CA ILE K 23 69.75 -25.91 38.74
C ILE K 23 68.51 -26.04 37.89
N VAL K 24 67.35 -25.98 38.54
CA VAL K 24 66.08 -26.07 37.85
C VAL K 24 65.34 -24.75 38.07
N LEU K 25 64.97 -24.10 36.96
CA LEU K 25 64.26 -22.83 37.05
C LEU K 25 62.77 -22.99 36.74
N GLU K 26 61.94 -22.37 37.59
CA GLU K 26 60.49 -22.42 37.46
C GLU K 26 59.91 -21.02 37.68
N HIS K 27 58.74 -20.74 37.10
CA HIS K 27 58.08 -19.45 37.28
C HIS K 27 57.60 -19.37 38.72
N GLY K 28 57.88 -18.25 39.37
CA GLY K 28 57.47 -18.07 40.75
C GLY K 28 58.45 -18.60 41.79
N SER K 29 59.56 -19.15 41.34
CA SER K 29 60.57 -19.68 42.27
C SER K 29 61.89 -19.04 41.96
N CYS K 30 62.87 -19.26 42.82
CA CYS K 30 64.20 -18.75 42.58
C CYS K 30 65.20 -19.74 43.12
N VAL K 31 66.42 -19.65 42.62
CA VAL K 31 67.48 -20.53 43.05
C VAL K 31 68.67 -19.69 43.48
N THR K 32 69.21 -20.00 44.65
CA THR K 32 70.39 -19.29 45.16
C THR K 32 71.58 -20.22 45.08
N THR K 33 72.63 -19.78 44.39
CA THR K 33 73.84 -20.59 44.28
C THR K 33 74.97 -20.02 45.11
N MET K 34 75.79 -20.92 45.65
CA MET K 34 76.91 -20.53 46.46
C MET K 34 78.14 -21.36 46.14
N ALA K 35 79.30 -20.78 46.38
CA ALA K 35 80.56 -21.48 46.15
C ALA K 35 81.64 -20.76 46.92
N LYS K 36 82.67 -21.52 47.31
CA LYS K 36 83.79 -21.00 48.06
C LYS K 36 84.45 -19.85 47.31
N ASN K 37 84.61 -18.71 47.98
CA ASN K 37 85.24 -17.54 47.39
C ASN K 37 84.59 -17.01 46.12
N LYS K 38 83.28 -17.20 46.02
CA LYS K 38 82.51 -16.75 44.87
C LYS K 38 81.28 -16.05 45.43
N PRO K 39 80.75 -15.04 44.71
CA PRO K 39 79.57 -14.41 45.28
C PRO K 39 78.38 -15.35 45.14
N THR K 40 77.39 -15.12 46.00
CA THR K 40 76.19 -15.90 45.98
C THR K 40 75.30 -15.21 44.98
N LEU K 41 74.65 -15.99 44.12
CA LEU K 41 73.78 -15.45 43.09
C LEU K 41 72.33 -15.95 43.19
N ASP K 42 71.41 -15.14 42.68
CA ASP K 42 69.99 -15.50 42.66
C ASP K 42 69.56 -15.61 41.21
N PHE K 43 68.83 -16.68 40.89
CA PHE K 43 68.34 -16.92 39.55
C PHE K 43 66.82 -17.06 39.53
N GLU K 44 66.18 -16.38 38.57
CA GLU K 44 64.74 -16.45 38.43
C GLU K 44 64.32 -16.42 36.96
N LEU K 45 63.40 -17.30 36.60
CA LEU K 45 62.88 -17.32 35.24
C LEU K 45 61.61 -16.47 35.32
N ILE K 46 61.64 -15.27 34.76
CA ILE K 46 60.47 -14.39 34.83
C ILE K 46 59.54 -14.38 33.63
N LYS K 47 60.06 -14.59 32.42
CA LYS K 47 59.19 -14.60 31.26
C LYS K 47 59.48 -15.72 30.25
N THR K 48 58.42 -16.22 29.65
CA THR K 48 58.51 -17.27 28.63
C THR K 48 57.49 -16.92 27.55
N GLU K 49 57.97 -16.39 26.43
CA GLU K 49 57.07 -16.01 25.35
C GLU K 49 57.51 -16.44 23.96
N ALA K 50 56.52 -16.68 23.11
CA ALA K 50 56.78 -17.05 21.74
C ALA K 50 56.82 -15.76 20.94
N LYS K 51 57.85 -15.61 20.12
CA LYS K 51 58.00 -14.41 19.30
C LYS K 51 57.69 -14.76 17.84
N GLN K 52 56.78 -13.98 17.26
CA GLN K 52 56.35 -14.16 15.88
C GLN K 52 56.19 -15.60 15.41
N PRO K 53 55.27 -16.35 16.04
CA PRO K 53 55.03 -17.74 15.66
C PRO K 53 54.23 -17.80 14.36
N ALA K 54 54.48 -18.84 13.57
CA ALA K 54 53.82 -19.01 12.28
C ALA K 54 52.29 -18.96 12.33
N THR K 55 51.70 -18.11 11.49
CA THR K 55 50.24 -17.98 11.41
C THR K 55 49.70 -19.08 10.50
N LEU K 56 48.84 -19.92 11.07
CA LEU K 56 48.27 -21.03 10.32
C LEU K 56 47.09 -20.65 9.43
N ARG K 57 46.07 -20.03 10.02
CA ARG K 57 44.89 -19.69 9.25
C ARG K 57 44.13 -18.52 9.86
N LYS K 58 43.68 -17.60 9.00
CA LYS K 58 42.90 -16.46 9.44
C LYS K 58 41.42 -16.74 9.18
N TYR K 59 40.61 -16.67 10.22
CA TYR K 59 39.18 -16.91 10.10
C TYR K 59 38.40 -15.62 10.20
N CYS K 60 37.49 -15.40 9.26
CA CYS K 60 36.66 -14.22 9.29
C CYS K 60 35.49 -14.55 10.23
N ILE K 61 35.15 -13.64 11.15
CA ILE K 61 34.04 -13.90 12.07
C ILE K 61 32.91 -12.88 11.95
N GLU K 62 33.08 -11.92 11.05
CA GLU K 62 32.08 -10.90 10.83
C GLU K 62 32.33 -10.26 9.48
N ALA K 63 31.30 -10.17 8.66
CA ALA K 63 31.46 -9.59 7.33
C ALA K 63 30.27 -8.77 6.88
N LYS K 64 30.47 -8.08 5.75
CA LYS K 64 29.44 -7.28 5.15
C LYS K 64 29.37 -7.66 3.68
N LEU K 65 28.25 -7.34 3.04
CA LEU K 65 28.05 -7.61 1.63
C LEU K 65 27.73 -6.32 0.89
N THR K 66 28.22 -6.20 -0.32
CA THR K 66 27.94 -5.03 -1.13
C THR K 66 27.78 -5.49 -2.59
N ASN K 67 27.35 -4.58 -3.44
CA ASN K 67 27.14 -4.86 -4.86
C ASN K 67 26.65 -6.27 -5.16
N THR K 68 25.43 -6.56 -4.75
CA THR K 68 24.84 -7.86 -5.01
C THR K 68 24.28 -7.77 -6.44
N THR K 69 24.65 -8.73 -7.28
CA THR K 69 24.20 -8.72 -8.66
C THR K 69 23.59 -10.05 -9.12
N THR K 70 22.51 -9.97 -9.87
CA THR K 70 21.84 -11.17 -10.33
C THR K 70 21.69 -11.26 -11.85
N GLU K 71 21.85 -12.47 -12.36
CA GLU K 71 21.73 -12.74 -13.78
C GLU K 71 21.00 -14.06 -13.95
N SER K 72 20.10 -14.15 -14.93
CA SER K 72 19.38 -15.39 -15.13
C SER K 72 18.96 -15.60 -16.59
N ARG K 73 18.90 -16.87 -17.02
CA ARG K 73 18.49 -17.18 -18.38
C ARG K 73 17.23 -18.01 -18.45
N CYS K 74 16.58 -18.00 -19.61
CA CYS K 74 15.34 -18.73 -19.82
C CYS K 74 15.56 -20.23 -19.92
N PRO K 75 14.48 -21.01 -19.80
CA PRO K 75 14.65 -22.46 -19.91
C PRO K 75 15.23 -22.72 -21.30
N THR K 76 16.16 -23.66 -21.41
CA THR K 76 16.75 -24.01 -22.70
C THR K 76 18.04 -23.28 -23.11
N GLN K 77 18.35 -22.17 -22.47
CA GLN K 77 19.54 -21.42 -22.86
C GLN K 77 20.78 -21.51 -21.99
N GLY K 78 20.99 -22.67 -21.38
CA GLY K 78 22.16 -22.88 -20.55
C GLY K 78 22.32 -22.06 -19.27
N GLU K 79 23.46 -22.27 -18.61
CA GLU K 79 23.80 -21.60 -17.36
C GLU K 79 24.32 -20.18 -17.53
N PRO K 80 23.68 -19.20 -16.89
CA PRO K 80 24.11 -17.81 -17.02
C PRO K 80 25.43 -17.61 -16.27
N SER K 81 26.06 -16.48 -16.48
CA SER K 81 27.32 -16.22 -15.81
C SER K 81 27.56 -14.74 -15.61
N LEU K 82 28.40 -14.43 -14.64
CA LEU K 82 28.77 -13.07 -14.33
C LEU K 82 30.29 -13.08 -14.22
N ASN K 83 30.94 -12.08 -14.79
CA ASN K 83 32.40 -12.05 -14.75
C ASN K 83 32.93 -11.92 -13.32
N GLU K 84 32.18 -11.27 -12.45
CA GLU K 84 32.61 -11.13 -11.06
C GLU K 84 32.66 -12.50 -10.39
N GLU K 85 32.18 -13.50 -11.11
CA GLU K 85 32.19 -14.87 -10.61
C GLU K 85 33.62 -15.39 -10.69
N GLN K 86 34.51 -14.54 -11.24
CA GLN K 86 35.93 -14.84 -11.40
C GLN K 86 36.76 -13.97 -10.45
N ASP K 87 36.09 -13.05 -9.77
CA ASP K 87 36.71 -12.13 -8.82
C ASP K 87 36.64 -12.80 -7.45
N LYS K 88 37.80 -13.17 -6.92
CA LYS K 88 37.87 -13.86 -5.63
C LYS K 88 37.27 -13.13 -4.41
N ARG K 89 36.90 -11.86 -4.57
CA ARG K 89 36.31 -11.13 -3.46
C ARG K 89 34.79 -11.33 -3.36
N PHE K 90 34.20 -12.04 -4.33
CA PHE K 90 32.76 -12.26 -4.33
C PHE K 90 32.34 -13.66 -3.92
N VAL K 91 31.12 -13.76 -3.41
CA VAL K 91 30.56 -15.05 -3.02
C VAL K 91 29.44 -15.17 -4.04
N CYS K 92 29.32 -16.34 -4.64
CA CYS K 92 28.29 -16.55 -5.66
C CYS K 92 27.62 -17.90 -5.50
N LYS K 93 26.43 -18.04 -6.08
CA LYS K 93 25.71 -19.29 -6.02
C LYS K 93 24.97 -19.48 -7.35
N HIS K 94 24.85 -20.73 -7.78
CA HIS K 94 24.12 -21.02 -9.00
C HIS K 94 22.87 -21.75 -8.55
N SER K 95 21.75 -21.43 -9.18
CA SER K 95 20.47 -22.06 -8.85
C SER K 95 19.59 -22.13 -10.09
N MET K 96 18.38 -22.64 -9.89
CA MET K 96 17.38 -22.75 -10.95
C MET K 96 16.14 -22.08 -10.40
N VAL K 97 15.41 -21.37 -11.25
CA VAL K 97 14.20 -20.70 -10.82
C VAL K 97 13.16 -20.78 -11.94
N ASP K 98 11.89 -20.82 -11.58
CA ASP K 98 10.83 -20.87 -12.57
C ASP K 98 10.89 -19.62 -13.43
N ARG K 99 10.58 -19.76 -14.71
CA ARG K 99 10.59 -18.66 -15.65
C ARG K 99 9.34 -18.80 -16.54
N GLY K 100 9.08 -17.83 -17.40
CA GLY K 100 7.91 -17.93 -18.25
C GLY K 100 7.53 -16.61 -18.90
N TRP K 101 6.35 -16.57 -19.53
CA TRP K 101 5.90 -15.37 -20.22
C TRP K 101 5.83 -14.14 -19.32
N GLY K 102 5.53 -14.36 -18.05
CA GLY K 102 5.44 -13.25 -17.12
C GLY K 102 6.75 -12.54 -16.84
N ASN K 103 7.88 -13.15 -17.17
CA ASN K 103 9.16 -12.52 -16.91
C ASN K 103 10.14 -12.52 -18.06
N GLY K 104 9.62 -12.46 -19.29
CA GLY K 104 10.47 -12.39 -20.45
C GLY K 104 10.92 -13.65 -21.17
N CYS K 105 10.35 -14.80 -20.84
CA CYS K 105 10.75 -16.02 -21.52
C CYS K 105 9.68 -16.59 -22.43
N GLY K 106 10.12 -17.26 -23.49
CA GLY K 106 9.18 -17.85 -24.42
C GLY K 106 8.50 -19.10 -23.90
N LEU K 107 9.27 -19.89 -23.14
CA LEU K 107 8.81 -21.14 -22.55
C LEU K 107 8.66 -21.08 -21.04
N PHE K 108 7.76 -21.88 -20.51
CA PHE K 108 7.61 -21.95 -19.07
C PHE K 108 8.52 -23.11 -18.69
N GLY K 109 9.25 -22.96 -17.58
CA GLY K 109 10.15 -24.02 -17.15
C GLY K 109 11.24 -23.44 -16.29
N LYS K 110 12.11 -24.29 -15.79
CA LYS K 110 13.20 -23.84 -14.94
C LYS K 110 14.29 -23.18 -15.76
N GLY K 111 14.84 -22.09 -15.22
CA GLY K 111 15.91 -21.37 -15.88
C GLY K 111 17.10 -21.23 -14.96
N GLY K 112 18.26 -20.98 -15.53
CA GLY K 112 19.45 -20.82 -14.72
C GLY K 112 19.63 -19.40 -14.21
N ILE K 113 19.93 -19.28 -12.91
CA ILE K 113 20.13 -17.98 -12.31
C ILE K 113 21.39 -18.01 -11.47
N VAL K 114 22.08 -16.87 -11.39
CA VAL K 114 23.32 -16.76 -10.63
C VAL K 114 23.35 -15.41 -9.91
N THR K 115 23.87 -15.41 -8.69
CA THR K 115 23.91 -14.19 -7.89
C THR K 115 25.26 -14.05 -7.19
N CYS K 116 25.82 -12.87 -7.21
CA CYS K 116 27.11 -12.65 -6.54
C CYS K 116 27.04 -11.37 -5.71
N ALA K 117 27.81 -11.35 -4.64
CA ALA K 117 27.87 -10.21 -3.76
C ALA K 117 29.32 -10.08 -3.30
N MET K 118 29.81 -8.86 -3.23
CA MET K 118 31.18 -8.67 -2.78
C MET K 118 31.18 -8.96 -1.28
N PHE K 119 32.17 -9.75 -0.85
CA PHE K 119 32.30 -10.16 0.54
C PHE K 119 33.42 -9.34 1.18
N ARG K 120 33.09 -8.61 2.23
CA ARG K 120 34.08 -7.78 2.94
C ARG K 120 34.16 -8.15 4.42
N CYS K 121 35.28 -8.76 4.82
CA CYS K 121 35.45 -9.17 6.20
C CYS K 121 35.69 -7.93 7.07
N LYS K 122 34.99 -7.84 8.20
CA LYS K 122 35.12 -6.70 9.10
C LYS K 122 35.84 -7.02 10.41
N LYS K 123 35.89 -8.29 10.77
CA LYS K 123 36.53 -8.72 11.99
C LYS K 123 36.91 -10.18 11.87
N ASN K 124 38.19 -10.48 12.05
CA ASN K 124 38.69 -11.84 11.94
C ASN K 124 39.52 -12.24 13.14
N MET K 125 39.80 -13.53 13.21
CA MET K 125 40.63 -14.06 14.29
C MET K 125 41.68 -14.92 13.59
N GLU K 126 42.80 -15.16 14.26
CA GLU K 126 43.86 -15.98 13.67
C GLU K 126 44.47 -16.94 14.66
N GLY K 127 44.70 -18.16 14.18
CA GLY K 127 45.30 -19.18 15.03
C GLY K 127 46.76 -19.33 14.65
N LYS K 128 47.64 -19.38 15.65
CA LYS K 128 49.06 -19.52 15.36
C LYS K 128 49.64 -20.82 15.89
N VAL K 129 50.77 -21.22 15.32
CA VAL K 129 51.44 -22.43 15.74
C VAL K 129 52.76 -22.05 16.42
N VAL K 130 52.86 -22.42 17.69
CA VAL K 130 54.04 -22.13 18.49
C VAL K 130 55.05 -23.27 18.41
N GLN K 131 56.25 -22.96 17.93
CA GLN K 131 57.32 -23.96 17.82
C GLN K 131 58.13 -23.95 19.11
N PRO K 132 58.45 -25.14 19.66
CA PRO K 132 59.24 -25.22 20.90
C PRO K 132 60.47 -24.33 20.79
N GLU K 133 61.10 -24.34 19.62
CA GLU K 133 62.26 -23.50 19.39
C GLU K 133 61.66 -22.11 19.20
N ASN K 134 62.50 -21.09 19.05
CA ASN K 134 61.98 -19.74 18.87
C ASN K 134 61.17 -19.27 20.09
N LEU K 135 61.12 -20.09 21.14
CA LEU K 135 60.45 -19.67 22.37
C LEU K 135 61.57 -18.90 23.07
N GLU K 136 61.24 -17.84 23.78
CA GLU K 136 62.29 -17.06 24.42
C GLU K 136 62.09 -16.90 25.92
N TYR K 137 63.01 -17.46 26.68
CA TYR K 137 62.95 -17.39 28.14
C TYR K 137 63.79 -16.23 28.69
N THR K 138 63.21 -15.49 29.63
CA THR K 138 63.92 -14.37 30.25
C THR K 138 64.34 -14.79 31.65
N ILE K 139 65.63 -14.65 31.93
CA ILE K 139 66.16 -15.04 33.24
C ILE K 139 66.92 -13.90 33.86
N VAL K 140 66.65 -13.64 35.13
CA VAL K 140 67.35 -12.57 35.85
C VAL K 140 68.33 -13.19 36.82
N ILE K 141 69.56 -12.70 36.76
CA ILE K 141 70.63 -13.19 37.61
C ILE K 141 70.99 -12.01 38.50
N THR K 142 70.61 -12.12 39.78
CA THR K 142 70.86 -11.06 40.75
C THR K 142 71.93 -11.41 41.76
N PRO K 143 72.91 -10.51 41.97
CA PRO K 143 73.98 -10.74 42.94
C PRO K 143 73.38 -10.64 44.35
N HIS K 144 73.63 -11.64 45.20
CA HIS K 144 73.11 -11.65 46.56
C HIS K 144 74.12 -10.91 47.43
N SER K 145 73.97 -9.58 47.46
CA SER K 145 74.88 -8.71 48.18
C SER K 145 74.24 -8.05 49.38
N GLY K 146 72.96 -7.77 49.29
CA GLY K 146 72.25 -7.11 50.37
C GLY K 146 72.26 -5.59 50.24
N GLU K 147 72.97 -5.07 49.23
CA GLU K 147 73.03 -3.63 48.98
C GLU K 147 71.64 -3.02 48.91
N GLU K 148 71.49 -1.72 49.11
CA GLU K 148 70.15 -1.14 49.07
C GLU K 148 69.72 -0.30 47.91
N HIS K 149 68.39 -0.19 47.81
CA HIS K 149 67.68 0.65 46.83
C HIS K 149 66.38 1.28 47.31
N ALA K 150 65.21 0.60 47.41
CA ALA K 150 63.92 1.29 47.87
C ALA K 150 62.78 1.21 46.80
N GLY K 156 68.55 0.72 39.34
CA GLY K 156 69.92 1.14 39.57
C GLY K 156 70.80 0.02 40.08
N LYS K 157 70.17 -1.07 40.51
CA LYS K 157 70.90 -2.23 41.00
C LYS K 157 70.24 -3.52 40.50
N HIS K 158 69.58 -3.46 39.36
CA HIS K 158 68.97 -4.62 38.74
C HIS K 158 69.97 -5.76 38.59
N GLY K 159 69.51 -6.99 38.78
CA GLY K 159 70.20 -8.16 38.27
C GLY K 159 70.25 -8.18 36.75
N LYS K 160 71.30 -8.79 36.22
CA LYS K 160 71.46 -8.90 34.77
C LYS K 160 70.28 -9.68 34.21
N GLU K 161 69.71 -9.16 33.13
CA GLU K 161 68.60 -9.84 32.50
C GLU K 161 69.16 -10.42 31.21
N ILE K 162 68.84 -11.68 30.92
CA ILE K 162 69.32 -12.31 29.71
C ILE K 162 68.19 -13.12 29.06
N LYS K 163 68.11 -13.07 27.74
CA LYS K 163 67.08 -13.77 27.00
C LYS K 163 67.73 -14.85 26.17
N ILE K 164 67.20 -16.07 26.23
CA ILE K 164 67.79 -17.14 25.46
C ILE K 164 66.72 -17.97 24.75
N THR K 165 67.18 -18.79 23.81
CA THR K 165 66.32 -19.65 23.01
C THR K 165 66.89 -21.06 23.02
N PRO K 166 66.04 -22.09 22.91
CA PRO K 166 66.62 -23.44 22.93
C PRO K 166 67.63 -23.63 21.79
N GLN K 167 67.76 -22.63 20.93
CA GLN K 167 68.69 -22.71 19.81
C GLN K 167 69.91 -21.81 19.99
N SER K 168 69.88 -20.94 21.00
CA SER K 168 71.00 -20.04 21.24
C SER K 168 72.13 -20.83 21.94
N SER K 169 73.36 -20.35 21.78
CA SER K 169 74.50 -21.02 22.38
C SER K 169 74.71 -20.65 23.84
N ILE K 170 75.71 -21.25 24.47
CA ILE K 170 76.00 -20.97 25.86
C ILE K 170 76.18 -19.48 26.09
N THR K 171 75.51 -18.99 27.12
CA THR K 171 75.53 -17.58 27.46
C THR K 171 76.61 -17.20 28.46
N GLU K 172 77.22 -16.05 28.22
CA GLU K 172 78.24 -15.51 29.12
C GLU K 172 77.68 -14.17 29.62
N ALA K 173 77.08 -14.19 30.80
CA ALA K 173 76.49 -12.99 31.37
C ALA K 173 77.41 -12.21 32.28
N GLU K 174 77.51 -10.93 32.03
CA GLU K 174 78.36 -10.07 32.83
C GLU K 174 77.58 -9.49 34.00
N LEU K 175 78.19 -9.57 35.18
CA LEU K 175 77.60 -9.02 36.39
C LEU K 175 78.55 -7.92 36.85
N THR K 176 78.15 -6.67 36.61
CA THR K 176 78.95 -5.51 36.98
C THR K 176 79.56 -5.66 38.36
N GLY K 177 80.88 -5.72 38.37
CA GLY K 177 81.62 -5.84 39.60
C GLY K 177 82.11 -7.23 39.97
N TYR K 178 81.49 -8.29 39.44
CA TYR K 178 81.90 -9.63 39.85
C TYR K 178 82.49 -10.49 38.75
N GLY K 179 82.34 -10.07 37.50
CA GLY K 179 82.85 -10.84 36.39
C GLY K 179 81.72 -11.36 35.53
N THR K 180 81.82 -12.57 35.03
CA THR K 180 80.75 -13.12 34.20
C THR K 180 80.40 -14.50 34.72
N VAL K 181 79.20 -14.94 34.38
CA VAL K 181 78.75 -16.26 34.79
C VAL K 181 78.36 -16.90 33.48
N THR K 182 78.70 -18.17 33.31
CA THR K 182 78.37 -18.84 32.06
C THR K 182 77.34 -19.90 32.31
N MET K 183 76.30 -19.92 31.48
CA MET K 183 75.24 -20.90 31.65
C MET K 183 74.56 -21.30 30.35
N GLU K 184 73.98 -22.50 30.35
CA GLU K 184 73.26 -23.02 29.20
C GLU K 184 71.98 -23.67 29.68
N CYS K 185 70.90 -23.50 28.93
CA CYS K 185 69.63 -24.06 29.36
C CYS K 185 68.93 -24.92 28.33
N SER K 186 68.03 -25.76 28.82
CA SER K 186 67.25 -26.64 27.97
C SER K 186 65.81 -26.53 28.43
N PRO K 187 64.88 -26.39 27.48
CA PRO K 187 63.44 -26.27 27.75
C PRO K 187 62.89 -27.57 28.31
N ARG K 188 63.77 -28.39 28.86
CA ARG K 188 63.37 -29.68 29.40
C ARG K 188 61.92 -29.76 29.89
N THR K 189 61.14 -30.54 29.14
CA THR K 189 59.73 -30.78 29.38
C THR K 189 59.09 -29.90 30.45
N LEU K 191 55.42 -28.99 28.16
CA LEU K 191 55.07 -27.99 27.17
C LEU K 191 54.88 -28.64 25.79
N ASP K 192 53.64 -28.66 25.31
CA ASP K 192 53.32 -29.26 24.01
C ASP K 192 52.89 -28.23 22.97
N PHE K 193 53.20 -28.50 21.70
CA PHE K 193 52.85 -27.61 20.60
C PHE K 193 52.85 -28.36 19.27
N GLU K 195 50.49 -31.30 18.89
CA GLU K 195 49.63 -30.76 17.84
C GLU K 195 48.52 -29.88 18.40
N MET K 196 48.87 -28.64 18.73
CA MET K 196 47.90 -27.71 19.27
C MET K 196 47.98 -26.40 18.49
N VAL K 197 47.12 -25.45 18.82
CA VAL K 197 47.08 -24.16 18.13
C VAL K 197 46.68 -23.07 19.11
N LEU K 198 47.14 -21.85 18.85
CA LEU K 198 46.79 -20.72 19.70
C LEU K 198 45.92 -19.72 18.97
N LEU K 199 44.65 -19.69 19.37
CA LEU K 199 43.62 -18.82 18.81
C LEU K 199 43.62 -17.41 19.38
N GLN K 200 43.69 -16.41 18.49
CA GLN K 200 43.67 -15.02 18.92
C GLN K 200 42.43 -14.24 18.47
N MET K 201 41.59 -13.88 19.44
CA MET K 201 40.39 -13.10 19.17
C MET K 201 40.52 -11.71 19.76
N GLU K 202 41.22 -10.85 19.01
CA GLU K 202 41.39 -9.46 19.42
C GLU K 202 42.12 -9.31 20.76
N ASN K 203 43.43 -9.56 20.75
CA ASN K 203 44.28 -9.43 21.93
C ASN K 203 44.02 -10.40 23.08
N LYS K 204 43.10 -11.34 22.89
CA LYS K 204 42.80 -12.32 23.93
C LYS K 204 43.01 -13.66 23.23
N ALA K 205 43.83 -14.52 23.81
CA ALA K 205 44.11 -15.82 23.18
C ALA K 205 43.74 -17.05 23.99
N TRP K 206 43.72 -18.19 23.31
CA TRP K 206 43.39 -19.48 23.89
C TRP K 206 44.24 -20.55 23.23
N LEU K 207 44.42 -21.67 23.90
CA LEU K 207 45.17 -22.79 23.35
C LEU K 207 44.10 -23.79 22.95
N VAL K 208 44.05 -24.15 21.67
CA VAL K 208 43.04 -25.07 21.19
C VAL K 208 43.66 -26.22 20.41
N HIS K 209 42.97 -27.36 20.36
CA HIS K 209 43.49 -28.50 19.62
C HIS K 209 43.35 -28.27 18.13
N ARG K 210 44.24 -28.88 17.35
CA ARG K 210 44.19 -28.75 15.91
C ARG K 210 43.04 -29.62 15.41
N GLN K 211 42.76 -29.57 14.12
CA GLN K 211 41.68 -30.36 13.52
C GLN K 211 40.32 -29.86 14.01
N TRP K 212 40.32 -29.02 15.03
CA TRP K 212 39.10 -28.43 15.54
C TRP K 212 39.13 -27.03 14.97
N PHE K 213 40.30 -26.44 15.04
CA PHE K 213 40.56 -25.11 14.53
C PHE K 213 40.37 -25.19 13.00
N LEU K 214 40.94 -26.24 12.41
CA LEU K 214 40.89 -26.48 10.99
C LEU K 214 39.50 -26.86 10.47
N ASP K 215 38.63 -27.27 11.38
CA ASP K 215 37.28 -27.67 11.00
C ASP K 215 36.26 -26.57 11.16
N LEU K 216 36.63 -25.50 11.85
CA LEU K 216 35.72 -24.38 12.07
C LEU K 216 35.02 -23.95 10.78
N PRO K 217 33.68 -23.88 10.81
CA PRO K 217 32.89 -23.48 9.65
C PRO K 217 32.84 -21.96 9.55
N LEU K 218 33.92 -21.38 9.04
CA LEU K 218 34.00 -19.94 8.88
C LEU K 218 34.91 -19.66 7.71
N PRO K 219 34.72 -18.50 7.06
CA PRO K 219 35.58 -18.17 5.93
C PRO K 219 37.02 -18.02 6.44
N TRP K 220 37.99 -18.47 5.65
CA TRP K 220 39.38 -18.38 6.06
C TRP K 220 40.35 -18.11 4.93
N LEU K 221 41.59 -17.84 5.29
CA LEU K 221 42.64 -17.56 4.33
C LEU K 221 43.93 -18.22 4.80
N PRO K 222 44.72 -18.77 3.87
CA PRO K 222 45.98 -19.42 4.28
C PRO K 222 46.81 -18.41 5.07
N GLY K 223 47.47 -18.89 6.12
CA GLY K 223 48.30 -18.02 6.95
C GLY K 223 49.16 -16.97 6.29
N ALA K 224 49.91 -17.36 5.25
CA ALA K 224 50.80 -16.43 4.57
C ALA K 224 50.13 -15.44 3.62
N ASP K 225 49.00 -14.88 4.03
CA ASP K 225 48.28 -13.93 3.19
C ASP K 225 48.44 -12.51 3.71
N THR K 226 48.12 -11.53 2.88
CA THR K 226 48.20 -10.13 3.26
C THR K 226 47.13 -9.34 2.53
N GLN K 227 46.53 -9.97 1.52
CA GLN K 227 45.46 -9.34 0.76
C GLN K 227 44.27 -9.19 1.71
N GLY K 228 43.90 -10.31 2.33
CA GLY K 228 42.78 -10.33 3.25
C GLY K 228 41.46 -10.19 2.51
N SER K 229 41.48 -10.53 1.22
CA SER K 229 40.28 -10.43 0.40
C SER K 229 39.71 -11.74 -0.14
N ASN K 230 40.59 -12.59 -0.64
CA ASN K 230 40.19 -13.86 -1.26
C ASN K 230 39.73 -15.03 -0.38
N TRP K 231 38.87 -14.71 0.58
CA TRP K 231 38.35 -15.71 1.52
C TRP K 231 37.84 -17.01 0.94
N ILE K 232 38.08 -18.09 1.68
CA ILE K 232 37.67 -19.44 1.29
C ILE K 232 36.43 -19.85 2.08
N GLN K 233 35.45 -20.41 1.38
CA GLN K 233 34.17 -20.85 1.95
C GLN K 233 33.42 -19.73 2.64
N LYS K 234 33.17 -18.67 1.87
CA LYS K 234 32.43 -17.51 2.33
C LYS K 234 30.98 -17.87 2.60
N GLU K 235 30.47 -18.89 1.90
CA GLU K 235 29.08 -19.31 2.09
C GLU K 235 28.77 -19.62 3.55
N THR K 236 29.80 -19.86 4.34
CA THR K 236 29.59 -20.15 5.76
C THR K 236 28.95 -18.96 6.48
N LEU K 237 29.21 -17.73 6.01
CA LEU K 237 28.62 -16.54 6.62
C LEU K 237 27.60 -15.90 5.68
N VAL K 238 27.24 -16.61 4.63
CA VAL K 238 26.29 -16.05 3.68
C VAL K 238 25.14 -16.98 3.45
N THR K 239 23.97 -16.40 3.24
CA THR K 239 22.77 -17.17 2.99
C THR K 239 22.10 -16.60 1.77
N PHE K 240 21.79 -17.48 0.82
CA PHE K 240 21.12 -17.08 -0.40
C PHE K 240 19.65 -17.48 -0.25
N LYS K 241 18.75 -16.50 -0.27
CA LYS K 241 17.32 -16.75 -0.16
C LYS K 241 16.86 -17.43 -1.44
N ASN K 242 15.64 -17.96 -1.44
CA ASN K 242 15.11 -18.61 -2.63
C ASN K 242 15.10 -17.54 -3.70
N PRO K 243 15.54 -17.89 -4.91
CA PRO K 243 15.57 -16.91 -5.99
C PRO K 243 14.21 -16.57 -6.61
N HIS K 244 14.20 -15.52 -7.41
CA HIS K 244 13.01 -15.08 -8.13
C HIS K 244 13.47 -15.01 -9.57
N ALA K 245 12.53 -14.94 -10.49
CA ALA K 245 12.83 -14.90 -11.91
C ALA K 245 14.06 -14.07 -12.31
N LYS K 246 14.20 -12.86 -11.76
CA LYS K 246 15.31 -12.00 -12.14
C LYS K 246 16.16 -11.44 -11.01
N LYS K 247 15.77 -11.68 -9.76
CA LYS K 247 16.56 -11.18 -8.62
C LYS K 247 16.54 -12.20 -7.51
N GLN K 248 17.52 -12.07 -6.62
CA GLN K 248 17.66 -12.97 -5.50
C GLN K 248 18.33 -12.19 -4.39
N ASP K 249 17.86 -12.37 -3.16
CA ASP K 249 18.45 -11.67 -2.04
C ASP K 249 19.54 -12.49 -1.40
N VAL K 250 20.53 -11.81 -0.85
CA VAL K 250 21.62 -12.48 -0.17
C VAL K 250 21.86 -11.74 1.14
N VAL K 251 21.86 -12.47 2.25
CA VAL K 251 22.10 -11.85 3.56
C VAL K 251 23.26 -12.55 4.23
N VAL K 252 23.98 -11.79 5.05
CA VAL K 252 25.12 -12.33 5.76
C VAL K 252 24.76 -12.54 7.21
N LEU K 253 25.28 -13.62 7.81
CA LEU K 253 25.03 -13.89 9.23
C LEU K 253 25.60 -12.75 10.04
N GLY K 254 25.23 -12.68 11.31
CA GLY K 254 25.76 -11.63 12.15
C GLY K 254 27.10 -12.06 12.72
N SER K 255 27.78 -11.15 13.43
CA SER K 255 29.08 -11.46 14.01
C SER K 255 29.05 -12.79 14.74
N GLN K 256 30.20 -13.48 14.74
CA GLN K 256 30.29 -14.77 15.41
C GLN K 256 31.24 -14.68 16.61
N GLU K 257 31.70 -13.47 16.91
CA GLU K 257 32.61 -13.29 18.04
C GLU K 257 31.97 -13.91 19.29
N GLY K 258 30.67 -13.64 19.47
CA GLY K 258 29.96 -14.19 20.62
C GLY K 258 29.84 -15.70 20.56
N ALA K 259 29.38 -16.23 19.44
CA ALA K 259 29.23 -17.66 19.29
C ALA K 259 30.58 -18.33 19.56
N MET K 260 31.66 -17.61 19.26
CA MET K 260 33.00 -18.13 19.46
C MET K 260 33.37 -18.11 20.95
N HIS K 261 33.27 -16.93 21.57
CA HIS K 261 33.58 -16.76 22.99
C HIS K 261 32.93 -17.85 23.83
N THR K 262 31.61 -17.84 23.89
CA THR K 262 30.89 -18.83 24.67
C THR K 262 31.06 -20.25 24.12
N ALA K 263 32.00 -20.41 23.19
CA ALA K 263 32.28 -21.73 22.61
C ALA K 263 33.67 -22.20 23.05
N LEU K 264 34.49 -21.22 23.43
CA LEU K 264 35.86 -21.49 23.89
C LEU K 264 35.93 -21.71 25.40
N THR K 265 34.85 -21.41 26.11
CA THR K 265 34.86 -21.61 27.55
C THR K 265 35.28 -23.06 27.82
N GLY K 266 36.29 -23.23 28.65
CA GLY K 266 36.78 -24.55 28.96
C GLY K 266 38.25 -24.74 28.57
N ALA K 267 38.59 -24.29 27.37
CA ALA K 267 39.96 -24.40 26.86
C ALA K 267 40.88 -23.45 27.60
N THR K 268 42.08 -23.92 27.93
CA THR K 268 43.06 -23.10 28.65
C THR K 268 43.30 -21.74 28.02
N GLU K 269 43.03 -20.68 28.78
CA GLU K 269 43.23 -19.33 28.29
C GLU K 269 44.71 -18.98 28.36
N ILE K 270 45.22 -18.28 27.35
CA ILE K 270 46.63 -17.91 27.31
C ILE K 270 46.81 -16.42 27.36
N GLN K 271 47.61 -15.96 28.32
CA GLN K 271 47.88 -14.54 28.48
C GLN K 271 48.74 -14.09 27.31
N MET K 272 48.86 -12.78 27.14
CA MET K 272 49.66 -12.23 26.05
C MET K 272 49.78 -10.71 26.13
N SER K 273 50.74 -10.17 25.40
CA SER K 273 50.95 -8.73 25.38
C SER K 273 51.88 -8.38 24.22
N SER K 274 51.70 -7.18 23.67
CA SER K 274 52.53 -6.73 22.56
C SER K 274 52.46 -7.73 21.42
N GLY K 275 51.31 -8.40 21.30
CA GLY K 275 51.11 -9.36 20.25
C GLY K 275 51.74 -10.72 20.52
N ASN K 276 52.61 -10.78 21.52
CA ASN K 276 53.29 -12.02 21.84
C ASN K 276 52.51 -12.86 22.86
N LEU K 277 52.60 -14.17 22.72
CA LEU K 277 51.91 -15.08 23.64
C LEU K 277 52.86 -15.39 24.78
N LEU K 278 52.31 -15.56 25.98
CA LEU K 278 53.13 -15.85 27.15
C LEU K 278 52.77 -17.21 27.72
N PHE K 279 53.76 -17.90 28.26
CA PHE K 279 53.51 -19.20 28.86
C PHE K 279 54.31 -19.27 30.14
N THR K 280 54.05 -20.32 30.91
CA THR K 280 54.79 -20.54 32.13
C THR K 280 55.75 -21.68 31.79
N GLY K 281 56.98 -21.30 31.44
CA GLY K 281 57.98 -22.27 31.06
C GLY K 281 58.70 -23.00 32.19
N HIS K 282 59.48 -24.01 31.80
CA HIS K 282 60.24 -24.84 32.73
C HIS K 282 61.64 -25.03 32.14
N LEU K 283 62.66 -24.65 32.90
CA LEU K 283 64.03 -24.79 32.41
C LEU K 283 64.96 -25.58 33.31
N LYS K 284 65.95 -26.20 32.68
CA LYS K 284 67.01 -26.94 33.34
C LYS K 284 68.26 -26.25 32.82
N CYS K 285 69.13 -25.79 33.70
CA CYS K 285 70.33 -25.12 33.25
C CYS K 285 71.54 -25.60 34.01
N ARG K 286 72.70 -25.31 33.45
CA ARG K 286 73.97 -25.66 34.07
C ARG K 286 74.81 -24.38 33.99
N LEU K 287 75.47 -24.04 35.10
CA LEU K 287 76.26 -22.83 35.10
C LEU K 287 77.64 -23.06 35.67
N ARG K 288 78.59 -22.22 35.26
CA ARG K 288 79.97 -22.30 35.70
C ARG K 288 80.34 -20.94 36.26
N MET K 289 81.05 -20.92 37.38
CA MET K 289 81.43 -19.69 38.07
C MET K 289 82.94 -19.37 38.05
N ASP K 290 83.71 -20.11 37.26
CA ASP K 290 85.15 -19.90 37.21
C ASP K 290 85.53 -18.47 36.83
N LYS K 291 84.61 -17.72 36.20
CA LYS K 291 84.92 -16.34 35.82
C LYS K 291 84.31 -15.28 36.75
N LEU K 292 83.75 -15.74 37.87
CA LEU K 292 83.16 -14.84 38.86
C LEU K 292 84.16 -14.65 39.99
N GLN K 293 84.08 -13.50 40.64
CA GLN K 293 84.94 -13.28 41.78
C GLN K 293 84.27 -12.29 42.69
N LEU K 294 84.70 -12.25 43.95
CA LEU K 294 84.09 -11.36 44.93
C LEU K 294 84.37 -9.89 44.67
N LYS K 295 83.32 -9.08 44.72
CA LYS K 295 83.44 -7.64 44.51
C LYS K 295 83.87 -6.98 45.80
N GLY K 296 85.09 -6.43 45.83
CA GLY K 296 85.53 -5.76 47.04
C GLY K 296 86.70 -6.37 47.77
N MET K 297 87.22 -7.50 47.29
CA MET K 297 88.37 -8.09 47.96
C MET K 297 89.45 -7.01 47.97
N SER K 298 90.34 -7.10 48.96
CA SER K 298 91.43 -6.13 49.10
C SER K 298 90.94 -4.76 49.53
N TYR K 299 90.24 -4.75 50.65
CA TYR K 299 89.74 -3.52 51.25
C TYR K 299 90.27 -3.62 52.67
N SER K 300 89.76 -2.78 53.53
CA SER K 300 90.17 -2.79 54.93
C SER K 300 89.05 -3.48 55.73
N MET K 301 89.36 -3.97 56.92
CA MET K 301 88.36 -4.63 57.75
C MET K 301 87.76 -3.53 58.63
N CYS K 302 86.55 -3.08 58.30
CA CYS K 302 85.90 -2.02 59.05
C CYS K 302 86.37 -2.02 60.47
N THR K 303 86.83 -0.87 60.96
CA THR K 303 87.24 -0.80 62.34
C THR K 303 86.34 0.30 62.90
N GLY K 304 85.11 -0.05 63.30
CA GLY K 304 84.21 0.97 63.81
C GLY K 304 82.92 0.48 64.45
N LYS K 305 81.80 1.17 64.21
CA LYS K 305 80.51 0.79 64.80
C LYS K 305 79.29 0.64 63.89
N PHE K 306 78.38 -0.22 64.35
CA PHE K 306 77.13 -0.46 63.64
C PHE K 306 75.96 -0.47 64.59
N LYS K 307 74.85 0.09 64.12
CA LYS K 307 73.63 0.13 64.91
C LYS K 307 72.61 -0.65 64.11
N VAL K 308 72.14 -1.76 64.65
CA VAL K 308 71.15 -2.56 63.96
C VAL K 308 69.99 -1.64 63.60
N VAL K 309 69.86 -1.35 62.30
CA VAL K 309 68.81 -0.45 61.82
C VAL K 309 67.42 -0.75 62.39
N LYS K 310 67.03 -2.02 62.41
CA LYS K 310 65.73 -2.37 62.97
C LYS K 310 65.71 -3.83 63.43
N GLU K 311 64.50 -4.33 63.72
CA GLU K 311 64.31 -5.70 64.19
C GLU K 311 64.86 -6.78 63.26
N ILE K 312 65.75 -7.60 63.80
CA ILE K 312 66.33 -8.70 63.03
C ILE K 312 65.16 -9.51 62.49
N ALA K 313 65.26 -9.94 61.25
CA ALA K 313 64.18 -10.71 60.64
C ALA K 313 64.51 -12.17 60.37
N GLU K 314 63.48 -13.00 60.48
CA GLU K 314 63.58 -14.44 60.23
C GLU K 314 62.95 -14.69 58.87
N THR K 315 63.67 -15.40 58.02
CA THR K 315 63.15 -15.71 56.69
C THR K 315 62.43 -17.05 56.71
N GLN K 316 61.87 -17.42 55.57
CA GLN K 316 61.18 -18.70 55.45
C GLN K 316 62.18 -19.81 55.22
N HIS K 317 63.48 -19.50 55.24
CA HIS K 317 64.48 -20.51 54.95
C HIS K 317 65.56 -20.76 55.99
N GLY K 318 65.19 -20.73 57.26
CA GLY K 318 66.17 -21.00 58.30
C GLY K 318 67.31 -20.02 58.30
N THR K 319 67.04 -18.80 57.84
CA THR K 319 68.08 -17.78 57.81
C THR K 319 67.57 -16.48 58.38
N ILE K 320 68.49 -15.55 58.61
CA ILE K 320 68.14 -14.26 59.15
C ILE K 320 68.69 -13.11 58.32
N VAL K 321 68.01 -11.97 58.37
CA VAL K 321 68.47 -10.79 57.64
C VAL K 321 68.75 -9.65 58.62
N ILE K 322 70.02 -9.35 58.86
CA ILE K 322 70.38 -8.29 59.79
C ILE K 322 70.77 -6.98 59.10
N ARG K 323 69.99 -5.93 59.34
CA ARG K 323 70.28 -4.60 58.78
C ARG K 323 71.27 -3.89 59.71
N VAL K 324 72.33 -3.32 59.16
CA VAL K 324 73.29 -2.61 59.99
C VAL K 324 73.84 -1.45 59.18
N GLN K 325 74.33 -0.43 59.86
CA GLN K 325 74.88 0.72 59.17
C GLN K 325 76.03 1.26 59.98
N TYR K 326 77.15 1.52 59.33
CA TYR K 326 78.32 2.06 60.00
C TYR K 326 77.91 3.34 60.69
N GLY K 328 79.54 5.25 61.41
CA GLY K 328 80.69 4.53 61.94
C GLY K 328 82.10 4.85 61.40
N ASP K 329 83.12 4.59 62.21
CA ASP K 329 84.57 4.79 61.93
C ASP K 329 85.32 4.27 60.71
N GLY K 330 84.95 4.58 59.48
CA GLY K 330 85.75 4.00 58.43
C GLY K 330 85.38 4.14 56.97
N SER K 331 86.28 3.58 56.16
CA SER K 331 86.22 3.58 54.71
C SER K 331 84.99 2.77 54.33
N PRO K 332 84.69 2.71 53.03
CA PRO K 332 83.56 1.94 52.52
C PRO K 332 84.31 0.62 52.79
N CYS K 333 83.91 -0.17 53.78
CA CYS K 333 84.68 -1.35 54.13
C CYS K 333 84.01 -2.70 54.26
N LYS K 334 84.86 -3.72 54.47
CA LYS K 334 84.43 -5.10 54.68
C LYS K 334 83.78 -5.11 56.06
N ILE K 335 83.14 -5.78 56.51
CA ILE K 335 82.43 -5.95 57.77
C ILE K 335 82.93 -7.20 58.51
N PRO K 336 83.14 -7.24 59.53
CA PRO K 336 83.47 -8.44 60.30
C PRO K 336 82.22 -9.16 60.82
N PHE K 337 81.82 -10.20 60.11
CA PHE K 337 80.66 -10.95 60.51
C PHE K 337 81.16 -12.30 60.95
N GLU K 338 80.52 -12.87 61.96
CA GLU K 338 80.95 -14.16 62.42
C GLU K 338 79.94 -14.69 63.43
N ILE K 339 79.44 -15.89 63.19
CA ILE K 339 78.48 -16.51 64.08
C ILE K 339 79.17 -17.63 64.86
N MET K 340 79.30 -17.45 66.16
CA MET K 340 79.96 -18.46 66.98
C MET K 340 79.02 -19.04 68.03
N ASP K 341 79.57 -19.88 68.89
CA ASP K 341 78.78 -20.48 69.95
C ASP K 341 78.68 -19.48 71.12
N LEU K 342 77.96 -19.87 72.17
CA LEU K 342 77.79 -19.01 73.34
C LEU K 342 79.13 -18.64 73.97
N GLU K 343 80.11 -19.52 73.81
CA GLU K 343 81.42 -19.29 74.38
C GLU K 343 82.37 -18.57 73.45
N LYS K 344 81.92 -18.27 72.24
CA LYS K 344 82.77 -17.58 71.27
C LYS K 344 84.06 -18.38 71.00
N ARG K 345 83.98 -19.71 71.06
CA ARG K 345 85.16 -20.55 70.82
C ARG K 345 85.30 -21.02 69.37
N HIS K 346 84.22 -21.60 68.82
CA HIS K 346 84.27 -22.06 67.44
C HIS K 346 83.26 -21.31 66.55
N VAL K 347 83.49 -21.38 65.24
CA VAL K 347 82.62 -20.73 64.28
C VAL K 347 81.47 -21.68 63.94
N LEU K 348 80.27 -21.14 63.88
CA LEU K 348 79.10 -21.94 63.55
C LEU K 348 78.32 -21.22 62.45
N GLY K 349 77.35 -21.89 61.84
CA GLY K 349 76.59 -21.25 60.77
C GLY K 349 77.45 -20.72 59.64
N ARG K 350 76.83 -19.95 58.75
CA ARG K 350 77.52 -19.36 57.59
C ARG K 350 76.72 -18.25 56.96
N LEU K 351 77.42 -17.44 56.17
CA LEU K 351 76.82 -16.32 55.47
C LEU K 351 76.28 -16.72 54.12
N ILE K 352 75.15 -16.12 53.74
CA ILE K 352 74.54 -16.34 52.42
C ILE K 352 75.00 -15.09 51.64
N THR K 353 75.06 -13.97 52.35
CA THR K 353 75.59 -12.72 51.84
C THR K 353 77.07 -12.99 52.04
N VAL K 354 77.91 -12.74 51.06
CA VAL K 354 79.31 -13.05 51.26
C VAL K 354 80.10 -11.78 51.07
N ASN K 355 81.22 -11.65 51.78
CA ASN K 355 82.06 -10.46 51.75
C ASN K 355 81.17 -9.24 51.86
N PRO K 356 80.32 -9.21 52.90
CA PRO K 356 79.41 -8.11 53.14
C PRO K 356 80.23 -6.85 53.31
N ILE K 357 79.79 -5.75 52.70
CA ILE K 357 80.55 -4.52 52.75
C ILE K 357 79.67 -3.28 52.84
N VAL K 358 80.26 -2.19 53.33
CA VAL K 358 79.54 -0.92 53.45
C VAL K 358 79.99 0.03 52.35
N THR K 359 79.04 0.60 51.64
CA THR K 359 79.35 1.54 50.57
C THR K 359 79.29 2.99 51.03
N GLU K 360 78.38 3.27 51.95
CA GLU K 360 78.21 4.63 52.46
C GLU K 360 77.98 4.71 53.96
N LYS K 361 78.24 5.90 54.51
CA LYS K 361 78.02 6.14 55.92
C LYS K 361 76.50 6.33 55.95
N ASP K 362 75.82 5.60 56.83
CA ASP K 362 74.37 5.66 56.89
C ASP K 362 73.77 5.12 55.61
N SER K 363 74.02 3.84 55.37
CA SER K 363 73.52 3.10 54.21
C SER K 363 73.20 1.70 54.72
N PRO K 364 71.96 1.48 55.17
CA PRO K 364 71.54 0.17 55.68
C PRO K 364 72.05 -1.01 54.84
N VAL K 365 72.98 -1.78 55.39
CA VAL K 365 73.51 -2.90 54.64
C VAL K 365 72.89 -4.21 55.12
N ASN K 366 71.83 -4.65 54.44
CA ASN K 366 71.18 -5.89 54.81
C ASN K 366 72.15 -7.06 54.65
N ILE K 367 72.07 -8.03 55.55
CA ILE K 367 72.93 -9.19 55.52
C ILE K 367 72.13 -10.44 55.85
N GLU K 368 72.12 -11.42 54.93
CA GLU K 368 71.41 -12.66 55.19
C GLU K 368 72.41 -13.69 55.64
N ALA K 369 72.12 -14.33 56.77
CA ALA K 369 73.01 -15.35 57.28
C ALA K 369 72.23 -16.55 57.77
N GLU K 370 72.94 -17.66 57.93
CA GLU K 370 72.31 -18.88 58.41
C GLU K 370 72.92 -19.24 59.77
N PRO K 371 72.16 -19.03 60.86
CA PRO K 371 72.63 -19.35 62.21
C PRO K 371 72.48 -20.83 62.46
N PRO K 372 73.35 -21.44 63.26
CA PRO K 372 73.18 -22.88 63.48
C PRO K 372 71.89 -23.07 64.26
N PHE K 373 71.45 -24.31 64.44
CA PHE K 373 70.24 -24.55 65.21
C PHE K 373 70.58 -24.35 66.69
N GLY K 374 69.63 -23.81 67.44
CA GLY K 374 69.90 -23.57 68.85
C GLY K 374 70.43 -22.18 69.14
N ASP K 375 71.40 -22.10 70.05
CA ASP K 375 72.00 -20.84 70.47
C ASP K 375 73.29 -20.48 69.77
N SER K 376 73.47 -19.19 69.50
CA SER K 376 74.65 -18.66 68.84
C SER K 376 74.80 -17.15 69.02
N TYR K 377 76.03 -16.68 68.94
CA TYR K 377 76.32 -15.26 69.07
C TYR K 377 76.58 -14.65 67.69
N ILE K 378 75.88 -13.58 67.38
CA ILE K 378 76.11 -12.94 66.09
C ILE K 378 77.05 -11.78 66.36
N ILE K 379 78.33 -11.98 66.03
CA ILE K 379 79.36 -10.98 66.24
C ILE K 379 79.66 -10.07 65.06
N ILE K 380 79.05 -8.88 65.06
CA ILE K 380 79.22 -7.90 64.01
C ILE K 380 80.19 -6.80 64.45
N GLY K 381 81.28 -6.62 63.72
CA GLY K 381 82.20 -5.54 64.04
C GLY K 381 83.48 -5.86 64.78
N VAL K 382 84.13 -4.82 65.30
CA VAL K 382 85.39 -4.98 66.01
C VAL K 382 85.44 -4.38 67.41
N GLU K 383 86.63 -4.46 68.02
CA GLU K 383 86.89 -4.03 69.41
C GLU K 383 86.56 -2.74 70.18
N PRO K 384 85.58 -1.95 69.74
CA PRO K 384 85.25 -0.77 70.54
C PRO K 384 84.00 -1.48 71.06
N GLY K 385 83.07 -1.74 70.13
CA GLY K 385 81.86 -2.45 70.47
C GLY K 385 81.52 -3.63 69.56
N GLN K 386 82.33 -4.70 69.59
CA GLN K 386 82.04 -5.90 68.77
C GLN K 386 80.60 -6.22 69.22
N LEU K 387 79.66 -6.24 68.28
CA LEU K 387 78.24 -6.45 68.56
C LEU K 387 77.71 -7.84 68.88
N LYS K 388 77.78 -8.28 70.13
CA LYS K 388 77.29 -9.61 70.46
C LYS K 388 75.75 -9.67 70.52
N LEU K 389 75.13 -10.29 69.52
CA LEU K 389 73.68 -10.42 69.48
C LEU K 389 73.35 -11.89 69.70
N ASN K 390 72.57 -12.19 70.74
CA ASN K 390 72.21 -13.58 70.99
C ASN K 390 71.14 -14.00 70.00
N TRP K 391 71.16 -15.26 69.60
CA TRP K 391 70.15 -15.77 68.69
C TRP K 391 69.81 -17.23 68.94
N PHE K 392 68.53 -17.53 68.85
CA PHE K 392 68.05 -18.89 69.05
C PHE K 392 67.25 -19.31 67.83
N LYS K 393 67.69 -20.37 67.17
CA LYS K 393 67.00 -20.85 65.98
C LYS K 393 66.22 -22.12 66.32
N LYS K 394 64.90 -22.02 66.21
CA LYS K 394 63.99 -23.13 66.49
C LYS K 394 63.48 -23.72 65.18
N PHE L 1 17.28 9.64 -12.33
CA PHE L 1 18.27 8.52 -12.35
C PHE L 1 19.39 8.74 -13.35
N HIS L 2 20.55 8.16 -13.06
CA HIS L 2 21.70 8.26 -13.94
C HIS L 2 21.66 7.15 -14.98
N LEU L 3 21.66 7.52 -16.25
CA LEU L 3 21.65 6.52 -17.32
C LEU L 3 23.08 6.24 -17.79
N THR L 4 23.48 4.98 -17.68
CA THR L 4 24.81 4.52 -18.06
C THR L 4 24.60 3.20 -18.83
N THR L 5 25.64 2.36 -18.93
CA THR L 5 25.50 1.08 -19.64
C THR L 5 26.22 -0.06 -18.94
N ARG L 6 25.82 -1.29 -19.28
CA ARG L 6 26.46 -2.49 -18.72
C ARG L 6 26.53 -3.50 -19.86
N ASN L 7 27.68 -3.53 -20.54
CA ASN L 7 27.89 -4.43 -21.65
C ASN L 7 26.94 -4.08 -22.80
N GLY L 8 26.99 -2.83 -23.25
CA GLY L 8 26.17 -2.41 -24.37
C GLY L 8 24.71 -2.18 -24.03
N GLU L 9 24.28 -2.70 -22.88
CA GLU L 9 22.89 -2.53 -22.49
C GLU L 9 22.67 -1.35 -21.54
N PRO L 10 21.52 -0.68 -21.65
CA PRO L 10 21.25 0.46 -20.78
C PRO L 10 21.15 0.04 -19.30
N HIS L 11 21.69 0.88 -18.42
CA HIS L 11 21.70 0.61 -16.97
C HIS L 11 21.16 1.84 -16.21
N MET L 12 20.20 1.61 -15.31
CA MET L 12 19.62 2.72 -14.55
C MET L 12 20.02 2.74 -13.07
N ILE L 13 20.68 3.83 -12.66
CA ILE L 13 21.06 4.00 -11.26
C ILE L 13 19.91 4.83 -10.73
N VAL L 14 18.99 4.17 -10.01
CA VAL L 14 17.80 4.82 -9.47
C VAL L 14 17.95 5.30 -8.03
N SER L 15 17.66 6.57 -7.80
CA SER L 15 17.77 7.13 -6.46
C SER L 15 16.42 7.04 -5.75
N ARG L 16 16.42 7.38 -4.47
CA ARG L 16 15.26 7.32 -3.62
C ARG L 16 14.05 8.15 -4.04
N GLN L 17 14.29 9.35 -4.54
CA GLN L 17 13.21 10.24 -4.94
C GLN L 17 12.47 9.83 -6.19
N GLU L 18 12.82 8.68 -6.76
CA GLU L 18 12.14 8.25 -7.98
C GLU L 18 11.16 7.11 -7.74
N LYS L 19 11.11 6.65 -6.49
CA LYS L 19 10.21 5.57 -6.12
C LYS L 19 8.79 5.95 -6.51
N GLY L 20 8.11 5.08 -7.25
CA GLY L 20 6.74 5.37 -7.63
C GLY L 20 6.53 6.14 -8.91
N LYS L 21 7.59 6.43 -9.65
CA LYS L 21 7.40 7.15 -10.88
C LYS L 21 7.98 6.44 -12.10
N SER L 22 7.23 6.53 -13.19
CA SER L 22 7.58 5.93 -14.47
C SER L 22 8.97 6.38 -14.93
N LEU L 23 9.81 5.44 -15.31
CA LEU L 23 11.16 5.76 -15.73
C LEU L 23 11.26 5.79 -17.27
N LEU L 24 11.47 6.98 -17.83
CA LEU L 24 11.57 7.14 -19.27
C LEU L 24 12.91 7.63 -19.78
N PHE L 25 13.41 6.98 -20.83
CA PHE L 25 14.66 7.37 -21.44
C PHE L 25 14.69 6.98 -22.91
N LYS L 26 15.04 7.96 -23.74
CA LYS L 26 15.12 7.81 -25.19
C LYS L 26 16.16 6.80 -25.65
N THR L 27 15.83 6.08 -26.72
CA THR L 27 16.72 5.08 -27.32
C THR L 27 16.45 5.01 -28.81
N GLU L 28 17.49 4.74 -29.59
CA GLU L 28 17.38 4.63 -31.04
C GLU L 28 16.05 4.02 -31.49
N ASP L 29 15.59 3.01 -30.75
CA ASP L 29 14.35 2.32 -31.07
C ASP L 29 13.12 2.98 -30.44
N GLY L 30 13.16 4.29 -30.27
CA GLY L 30 12.04 5.00 -29.68
C GLY L 30 12.23 5.23 -28.18
N VAL L 31 11.15 5.64 -27.53
CA VAL L 31 11.17 5.93 -26.10
C VAL L 31 10.90 4.68 -25.26
N ASN L 32 11.78 4.42 -24.30
CA ASN L 32 11.64 3.26 -23.42
C ASN L 32 11.01 3.61 -22.07
N MET L 33 10.02 2.83 -21.65
CA MET L 33 9.36 3.06 -20.38
C MET L 33 9.54 1.87 -19.44
N CYS L 34 10.40 2.00 -18.43
CA CYS L 34 10.58 0.91 -17.49
C CYS L 34 9.72 1.20 -16.31
N THR L 35 9.25 0.15 -15.65
CA THR L 35 8.40 0.30 -14.48
C THR L 35 9.09 -0.33 -13.30
N LEU L 36 9.32 0.47 -12.26
CA LEU L 36 9.98 -0.01 -11.06
C LEU L 36 8.94 -0.14 -9.95
N MET L 37 8.83 -1.34 -9.41
CA MET L 37 7.86 -1.67 -8.37
C MET L 37 8.56 -2.19 -7.12
N ALA L 38 9.89 -2.11 -7.08
CA ALA L 38 10.64 -2.61 -5.94
C ALA L 38 10.22 -1.99 -4.60
N ASP L 40 11.52 -2.60 -1.67
CA ASP L 40 12.72 -2.30 -0.88
C ASP L 40 13.61 -1.17 -1.43
N LEU L 41 13.13 -0.47 -2.45
CA LEU L 41 13.89 0.64 -3.03
C LEU L 41 14.12 1.72 -1.96
N GLY L 42 15.39 1.99 -1.65
CA GLY L 42 15.69 2.99 -0.63
C GLY L 42 16.65 4.07 -1.08
N GLU L 43 17.62 4.38 -0.21
CA GLU L 43 18.61 5.41 -0.51
C GLU L 43 19.83 4.79 -1.18
N LEU L 44 20.41 5.49 -2.14
CA LEU L 44 21.59 4.98 -2.81
C LEU L 44 22.75 4.94 -1.84
N CYS L 45 23.30 3.75 -1.61
CA CYS L 45 24.43 3.62 -0.70
C CYS L 45 25.36 2.48 -1.11
N GLU L 46 26.06 1.91 -0.13
CA GLU L 46 26.98 0.81 -0.39
C GLU L 46 26.23 -0.47 -0.65
N ASP L 47 25.09 -0.61 0.03
CA ASP L 47 24.28 -1.81 -0.14
C ASP L 47 23.40 -1.63 -1.37
N THR L 48 23.95 -1.95 -2.53
CA THR L 48 23.23 -1.84 -3.77
C THR L 48 22.64 -3.16 -4.23
N ILE L 49 21.79 -3.26 -4.95
CA ILE L 49 21.51 -4.47 -5.71
C ILE L 49 21.28 -4.15 -7.19
N THR L 50 21.61 -4.92 -8.01
CA THR L 50 21.64 -4.75 -9.46
C THR L 50 21.09 -5.96 -10.17
N TYR L 51 20.12 -5.74 -11.04
CA TYR L 51 19.52 -6.84 -11.79
C TYR L 51 18.79 -6.34 -13.03
N LYS L 52 18.28 -7.26 -13.82
CA LYS L 52 17.62 -6.87 -15.07
C LYS L 52 16.11 -6.79 -15.13
N CYS L 53 15.64 -5.77 -15.84
CA CYS L 53 14.24 -5.51 -16.05
C CYS L 53 13.94 -5.97 -17.47
N PRO L 54 13.31 -7.15 -17.60
CA PRO L 54 12.98 -7.71 -18.90
C PRO L 54 12.00 -6.92 -19.77
N LEU L 55 12.05 -7.21 -21.05
CA LEU L 55 11.16 -6.60 -22.01
C LEU L 55 9.89 -7.43 -21.90
N LEU L 56 8.76 -6.73 -21.86
CA LEU L 56 7.49 -7.41 -21.74
C LEU L 56 6.49 -6.81 -22.72
N ARG L 57 6.15 -7.60 -23.73
CA ARG L 57 5.19 -7.20 -24.75
C ARG L 57 3.90 -7.96 -24.51
N GLN L 58 2.81 -7.23 -24.31
CA GLN L 58 1.49 -7.81 -24.06
C GLN L 58 1.50 -9.12 -23.28
N ASN L 59 2.15 -9.10 -22.12
CA ASN L 59 2.23 -10.25 -21.22
C ASN L 59 2.14 -9.63 -19.85
N GLU L 60 1.42 -10.27 -18.93
CA GLU L 60 1.30 -9.74 -17.58
C GLU L 60 2.60 -10.11 -16.84
N PRO L 61 3.06 -9.24 -15.94
CA PRO L 61 4.30 -9.53 -15.21
C PRO L 61 4.07 -10.59 -14.14
N GLU L 62 5.06 -11.43 -13.92
CA GLU L 62 4.96 -12.47 -12.91
C GLU L 62 6.30 -12.69 -12.23
N ASP L 63 6.28 -12.69 -10.91
CA ASP L 63 7.49 -12.88 -10.11
C ASP L 63 8.62 -11.88 -10.40
N ILE L 64 8.25 -10.62 -10.65
CA ILE L 64 9.20 -9.54 -10.91
C ILE L 64 8.68 -8.18 -10.47
N ASP L 65 9.57 -7.24 -10.19
CA ASP L 65 9.18 -5.92 -9.76
C ASP L 65 9.78 -4.83 -10.64
N CYS L 66 10.33 -5.24 -11.78
CA CYS L 66 10.92 -4.31 -12.72
C CYS L 66 10.79 -4.85 -14.13
N TRP L 67 10.42 -4.00 -15.07
CA TRP L 67 10.28 -4.40 -16.45
C TRP L 67 10.13 -3.17 -17.33
N CYS L 68 10.59 -3.29 -18.58
CA CYS L 68 10.51 -2.20 -19.54
C CYS L 68 9.66 -2.71 -20.69
N ASN L 69 9.19 -1.82 -21.55
CA ASN L 69 8.34 -2.24 -22.64
C ASN L 69 8.90 -2.01 -24.04
N SER L 70 10.20 -1.75 -24.15
CA SER L 70 10.74 -1.52 -25.47
C SER L 70 12.15 -2.07 -25.60
N THR L 71 12.89 -2.03 -24.50
CA THR L 71 14.24 -2.53 -24.50
C THR L 71 14.69 -2.92 -23.09
N SER L 72 15.03 -4.19 -22.93
CA SER L 72 15.50 -4.73 -21.65
C SER L 72 16.53 -3.78 -21.05
N THR L 73 16.39 -3.49 -19.76
CA THR L 73 17.29 -2.57 -19.08
C THR L 73 17.78 -3.09 -17.74
N TRP L 74 19.02 -2.78 -17.37
CA TRP L 74 19.54 -3.19 -16.08
C TRP L 74 19.16 -2.07 -15.12
N VAL L 75 18.98 -2.41 -13.83
CA VAL L 75 18.64 -1.39 -12.83
C VAL L 75 19.46 -1.62 -11.58
N THR L 76 19.79 -0.53 -10.91
CA THR L 76 20.54 -0.55 -9.66
C THR L 76 20.04 0.50 -8.69
N TYR L 77 19.87 0.09 -7.44
CA TYR L 77 19.41 1.01 -6.40
C TYR L 77 19.88 0.54 -5.04
N GLY L 78 19.95 1.47 -4.08
CA GLY L 78 20.38 1.10 -2.75
C GLY L 78 19.17 0.72 -1.90
N THR L 79 19.41 0.06 -0.77
CA THR L 79 18.33 -0.35 0.13
C THR L 79 18.33 0.41 1.45
N CYS L 80 19.35 1.23 1.67
CA CYS L 80 19.48 2.03 2.90
C CYS L 80 18.26 2.92 3.12
N THR L 81 18.10 3.44 4.33
CA THR L 81 16.98 4.33 4.62
C THR L 81 17.41 5.47 5.53
#